data_8EAK
#
_entry.id   8EAK
#
loop_
_entity.id
_entity.type
_entity.pdbx_description
1 polymer 'Minichromosome maintenance protein MCM'
2 polymer '46-mer DNA'
3 non-polymer 'ZINC ION'
4 non-polymer 'MAGNESIUM ION'
5 non-polymer [[[(2R,3S,4R,5R)-5-(6-aminopurin-9-yl)-3,4-bis(oxidanyl)oxolan-2-yl]methoxy-oxidanyl-phosphoryl]oxy-oxidanyl-phosphoryl]oxy-tris(fluoranyl)beryllium
6 water water
#
loop_
_entity_poly.entity_id
_entity_poly.type
_entity_poly.pdbx_seq_one_letter_code
_entity_poly.pdbx_strand_id
1 'polypeptide(L)'
;SLEIPSKQIDYRDVFIEFLTTFKGNNNQNKYIERINELVAYRKKSLIIEFSDVLSFNENLAYEIINNTKIILPILEGALY
DHILQLDPTYQRDIEKVHVRIVGIPRVIELRKIRSTDIGKLITIDGILVKVTPVKERIYKATYKHIHPDCMQEFEWPEDE
EMPEVLEMPTICPKCGKPGQFRLIPEKTKLIDWQKAVIQERPEEVPSGQLPRQLEIILEDDLVDSARPGDRVKVTGILDI
KQDSPVKRGSRAVFDIYMKVSSIEVSGGSGGSSEEDEKKIKDLAKDPWIRDRIISSIAPSIYGHWELKEALALALFGGVP
KVLEDTRIRGDIHILIIGDPGTAKSQMLQFISRVAPRAVYTTGKGSTAAGLTAAVVREKGTGEYYLEAGALVLADGGIAV
IDEIDKMRDEDRVAIHEAMEQQTVSIAKAGIVAKLNARAAVIAAGNPKFGRYISERPVSDNINLPPTILSRFDLIFILKD
QPGEQDRELANYILDVHSGKSTKNIIDIDTLRKYIAYARKYVTPKITSEAKNLITDFFVEMRKKSSETPDSPILITPRQL
EALIRISEAYAKMALKAEVTREDAERAINIMRLFLESVGVDMESGKIDID
;
A,B,C,D,E,F
2 'polydeoxyribonucleotide'
;(DT)(DT)(DT)(DT)(DT)(DT)(DT)(DT)(DT)(DT)(DT)(DT)(DT)(DT)(DT)(DT)(DT)(DT)(DT)(DT)
(DC)(DT)(DA)(DT)(DA)(DG)(DT)(DT)(DT)(DT)(DT)(DT)(DT)(DT)(DT)(DT)(DT)(DT)(DT)(DT)
(DT)(DT)(DT)(DT)(DT)(DT)
;
X
#
# COMPACT_ATOMS: atom_id res chain seq x y z
N ARG A 106 43.07 31.13 14.44
CA ARG A 106 43.26 30.50 13.15
C ARG A 106 41.93 30.28 12.43
N VAL A 107 41.90 30.57 11.13
CA VAL A 107 40.70 30.47 10.32
C VAL A 107 40.89 29.36 9.31
N ILE A 108 39.92 28.44 9.26
CA ILE A 108 39.96 27.31 8.34
C ILE A 108 38.60 27.20 7.66
N GLU A 109 38.61 26.89 6.37
CA GLU A 109 37.37 26.61 5.67
C GLU A 109 36.72 25.35 6.24
N LEU A 110 35.39 25.34 6.23
CA LEU A 110 34.65 24.23 6.81
C LEU A 110 34.93 22.91 6.11
N ARG A 111 35.32 22.97 4.83
CA ARG A 111 35.61 21.77 4.08
C ARG A 111 37.05 21.30 4.24
N LYS A 112 37.95 22.17 4.69
CA LYS A 112 39.36 21.86 4.78
C LYS A 112 39.77 21.32 6.14
N ILE A 113 38.82 21.08 7.05
CA ILE A 113 39.15 20.58 8.37
C ILE A 113 39.65 19.15 8.26
N ARG A 114 40.79 18.88 8.91
CA ARG A 114 41.36 17.54 8.90
C ARG A 114 41.66 17.08 10.32
N SER A 115 42.24 15.88 10.46
CA SER A 115 42.49 15.33 11.78
C SER A 115 43.49 16.16 12.57
N THR A 116 44.41 16.83 11.89
CA THR A 116 45.44 17.61 12.58
C THR A 116 44.86 18.81 13.32
N ASP A 117 43.64 19.23 13.00
CA ASP A 117 43.04 20.40 13.60
C ASP A 117 42.22 20.09 14.84
N ILE A 118 42.12 18.82 15.22
CA ILE A 118 41.30 18.45 16.38
C ILE A 118 42.01 18.90 17.65
N GLY A 119 41.26 19.53 18.55
CA GLY A 119 41.81 19.94 19.82
C GLY A 119 42.56 21.25 19.80
N LYS A 120 42.38 22.06 18.77
CA LYS A 120 43.07 23.34 18.66
C LYS A 120 42.05 24.46 18.45
N LEU A 121 42.37 25.63 18.98
CA LEU A 121 41.48 26.78 18.86
C LEU A 121 41.48 27.28 17.43
N ILE A 122 40.30 27.28 16.80
CA ILE A 122 40.16 27.66 15.40
C ILE A 122 38.94 28.54 15.25
N THR A 123 38.75 29.05 14.03
CA THR A 123 37.62 29.93 13.71
C THR A 123 36.97 29.47 12.42
N ILE A 124 35.64 29.43 12.41
CA ILE A 124 34.87 28.99 11.27
C ILE A 124 33.84 30.06 10.92
N ASP A 125 33.63 30.28 9.63
CA ASP A 125 32.61 31.20 9.13
C ASP A 125 31.57 30.41 8.37
N GLY A 126 30.30 30.68 8.65
CA GLY A 126 29.24 29.92 8.01
C GLY A 126 27.89 30.53 8.29
N ILE A 127 26.85 29.76 7.98
CA ILE A 127 25.46 30.19 8.10
C ILE A 127 24.74 29.25 9.04
N LEU A 128 24.09 29.81 10.05
CA LEU A 128 23.25 29.02 10.94
C LEU A 128 22.04 28.49 10.20
N VAL A 129 21.71 27.22 10.43
CA VAL A 129 20.58 26.61 9.74
C VAL A 129 19.59 26.01 10.72
N LYS A 130 20.06 25.63 11.91
CA LYS A 130 19.21 24.99 12.89
C LYS A 130 19.68 25.36 14.29
N VAL A 131 18.72 25.63 15.18
CA VAL A 131 18.99 25.87 16.59
C VAL A 131 17.98 25.08 17.41
N THR A 132 18.46 24.32 18.37
CA THR A 132 17.59 23.56 19.25
C THR A 132 17.15 24.41 20.43
N PRO A 133 16.02 24.06 21.05
CA PRO A 133 15.60 24.78 22.26
C PRO A 133 16.60 24.58 23.39
N VAL A 134 16.65 25.58 24.28
CA VAL A 134 17.61 25.55 25.38
C VAL A 134 17.32 24.37 26.29
N LYS A 135 18.36 23.63 26.64
CA LYS A 135 18.27 22.51 27.54
C LYS A 135 19.35 22.63 28.61
N GLU A 136 19.27 21.78 29.62
CA GLU A 136 20.19 21.82 30.75
C GLU A 136 21.05 20.57 30.77
N ARG A 137 22.33 20.76 31.07
CA ARG A 137 23.31 19.68 31.11
C ARG A 137 23.89 19.56 32.51
N ILE A 138 24.19 18.33 32.91
CA ILE A 138 24.74 18.05 34.22
C ILE A 138 26.25 18.06 34.14
N TYR A 139 26.89 18.82 35.03
CA TYR A 139 28.34 18.77 35.17
C TYR A 139 28.79 18.24 36.52
N LYS A 140 27.89 18.09 37.49
CA LYS A 140 28.23 17.49 38.77
C LYS A 140 26.93 16.92 39.36
N ALA A 141 26.75 15.62 39.24
CA ALA A 141 25.53 14.97 39.69
C ALA A 141 25.64 14.58 41.16
N THR A 142 24.48 14.35 41.78
CA THR A 142 24.39 13.92 43.16
C THR A 142 23.57 12.64 43.22
N TYR A 143 24.15 11.59 43.80
CA TYR A 143 23.54 10.28 43.81
C TYR A 143 23.31 9.81 45.25
N LYS A 144 22.22 9.08 45.44
CA LYS A 144 21.90 8.44 46.72
C LYS A 144 21.86 6.94 46.51
N HIS A 145 22.55 6.20 47.37
CA HIS A 145 22.60 4.75 47.26
C HIS A 145 21.33 4.15 47.82
N ILE A 146 20.55 3.50 46.96
CA ILE A 146 19.31 2.85 47.38
C ILE A 146 19.70 1.42 47.79
N HIS A 147 20.12 1.29 49.04
CA HIS A 147 20.45 0.01 49.64
C HIS A 147 20.05 0.06 51.10
N PRO A 148 19.18 -0.84 51.57
CA PRO A 148 18.48 -0.63 52.85
C PRO A 148 19.38 -0.29 54.03
N ASP A 149 20.69 -0.41 53.84
CA ASP A 149 21.65 -0.04 54.86
C ASP A 149 22.32 1.30 54.62
N CYS A 150 22.36 1.78 53.38
CA CYS A 150 23.27 2.89 53.06
C CYS A 150 22.68 4.26 53.44
N MET A 151 21.61 4.68 52.77
CA MET A 151 21.08 6.03 52.90
C MET A 151 22.19 7.07 52.95
N GLN A 152 22.98 7.12 51.87
CA GLN A 152 24.09 8.03 51.76
C GLN A 152 23.95 8.90 50.53
N GLU A 153 24.25 10.18 50.68
CA GLU A 153 24.21 11.15 49.59
C GLU A 153 25.63 11.53 49.20
N PHE A 154 25.90 11.58 47.90
CA PHE A 154 27.24 11.90 47.43
C PHE A 154 27.15 12.44 46.01
N GLU A 155 28.20 13.15 45.62
CA GLU A 155 28.36 13.63 44.25
C GLU A 155 29.30 12.68 43.53
N TRP A 156 28.75 11.87 42.61
CA TRP A 156 29.53 10.82 42.00
C TRP A 156 30.74 11.32 41.22
N PRO A 157 30.63 12.28 40.30
CA PRO A 157 31.85 12.73 39.60
C PRO A 157 32.73 13.54 40.52
N GLU A 158 33.39 12.87 41.47
CA GLU A 158 34.20 13.55 42.46
C GLU A 158 35.56 13.94 41.86
N ASP A 159 35.99 15.15 42.17
CA ASP A 159 37.29 15.68 41.70
C ASP A 159 37.41 15.62 40.19
N GLU A 160 36.29 15.72 39.49
CA GLU A 160 36.29 15.61 38.04
C GLU A 160 34.93 16.06 37.51
N GLU A 161 34.94 16.86 36.46
CA GLU A 161 33.71 17.27 35.81
C GLU A 161 33.02 16.06 35.18
N MET A 162 31.70 16.07 35.22
CA MET A 162 30.94 15.02 34.56
C MET A 162 31.20 15.08 33.06
N PRO A 163 31.63 13.99 32.43
CA PRO A 163 31.91 14.02 30.99
C PRO A 163 30.63 14.11 30.17
N GLU A 164 30.78 14.17 28.84
CA GLU A 164 29.60 14.18 27.98
C GLU A 164 28.79 12.91 28.16
N VAL A 165 29.46 11.77 28.26
CA VAL A 165 28.77 10.53 28.59
C VAL A 165 28.37 10.55 30.06
N LEU A 166 27.16 10.08 30.35
CA LEU A 166 26.67 10.03 31.72
C LEU A 166 27.01 8.67 32.29
N GLU A 167 27.87 8.65 33.31
CA GLU A 167 28.31 7.42 33.95
C GLU A 167 27.84 7.43 35.40
N MET A 168 27.08 6.42 35.77
CA MET A 168 26.61 6.27 37.14
C MET A 168 27.68 5.58 37.99
N PRO A 169 27.69 5.82 39.29
CA PRO A 169 28.64 5.11 40.15
C PRO A 169 28.34 3.62 40.17
N THR A 170 29.40 2.82 40.35
CA THR A 170 29.27 1.38 40.47
C THR A 170 29.40 0.90 41.90
N ILE A 171 30.31 1.50 42.67
CA ILE A 171 30.49 1.18 44.08
C ILE A 171 30.23 2.45 44.89
N CYS A 172 29.44 2.31 45.94
CA CYS A 172 29.13 3.46 46.78
C CYS A 172 30.40 4.00 47.41
N PRO A 173 30.75 5.27 47.21
CA PRO A 173 31.98 5.80 47.82
C PRO A 173 31.95 5.79 49.33
N LYS A 174 30.78 5.82 49.95
CA LYS A 174 30.68 5.87 51.40
C LYS A 174 30.55 4.48 51.99
N CYS A 175 29.52 3.73 51.59
CA CYS A 175 29.31 2.39 52.12
C CYS A 175 30.28 1.38 51.54
N GLY A 176 30.87 1.65 50.38
CA GLY A 176 31.81 0.72 49.78
C GLY A 176 31.17 -0.52 49.19
N LYS A 177 29.88 -0.49 48.92
CA LYS A 177 29.17 -1.65 48.42
C LYS A 177 28.41 -1.29 47.14
N PRO A 178 28.18 -2.26 46.28
CA PRO A 178 27.36 -2.02 45.08
C PRO A 178 25.88 -1.96 45.45
N GLY A 179 25.05 -1.85 44.44
CA GLY A 179 23.62 -1.82 44.66
C GLY A 179 22.94 -0.91 43.65
N GLN A 180 21.96 -0.17 44.14
CA GLN A 180 21.14 0.70 43.32
C GLN A 180 21.33 2.15 43.76
N PHE A 181 21.50 3.05 42.80
CA PHE A 181 21.76 4.46 43.07
C PHE A 181 20.68 5.32 42.43
N ARG A 182 20.24 6.32 43.17
CA ARG A 182 19.16 7.21 42.73
C ARG A 182 19.71 8.63 42.60
N LEU A 183 19.39 9.28 41.48
CA LEU A 183 19.81 10.65 41.25
C LEU A 183 18.90 11.61 42.01
N ILE A 184 19.50 12.67 42.56
CA ILE A 184 18.74 13.71 43.26
C ILE A 184 18.77 14.98 42.44
N PRO A 185 17.71 15.30 41.69
CA PRO A 185 17.73 16.52 40.87
C PRO A 185 17.84 17.79 41.67
N GLU A 186 17.47 17.78 42.95
CA GLU A 186 17.53 19.00 43.73
C GLU A 186 18.96 19.35 44.12
N LYS A 187 19.76 18.35 44.47
CA LYS A 187 21.12 18.60 44.92
C LYS A 187 22.11 18.77 43.77
N THR A 188 21.75 18.35 42.56
CA THR A 188 22.66 18.42 41.44
C THR A 188 22.73 19.84 40.88
N LYS A 189 23.75 20.09 40.07
CA LYS A 189 23.99 21.38 39.47
C LYS A 189 23.97 21.27 37.96
N LEU A 190 23.31 22.21 37.30
CA LEU A 190 23.09 22.18 35.87
C LEU A 190 23.78 23.35 35.19
N ILE A 191 23.73 23.33 33.86
CA ILE A 191 24.27 24.40 33.05
C ILE A 191 23.46 24.47 31.76
N ASP A 192 23.24 25.69 31.27
CA ASP A 192 22.47 25.86 30.05
C ASP A 192 23.19 25.21 28.87
N TRP A 193 22.43 24.60 27.99
CA TRP A 193 22.98 23.84 26.88
C TRP A 193 22.13 24.06 25.65
N GLN A 194 22.78 24.34 24.52
CA GLN A 194 22.08 24.55 23.26
C GLN A 194 22.91 23.98 22.12
N LYS A 195 22.23 23.44 21.12
CA LYS A 195 22.86 22.80 19.97
C LYS A 195 22.49 23.56 18.71
N ALA A 196 23.45 23.66 17.79
CA ALA A 196 23.23 24.40 16.55
C ALA A 196 24.05 23.77 15.43
N VAL A 197 23.64 24.04 14.20
CA VAL A 197 24.27 23.49 13.01
C VAL A 197 24.74 24.64 12.13
N ILE A 198 25.98 24.56 11.66
CA ILE A 198 26.59 25.59 10.82
C ILE A 198 26.79 25.00 9.43
N GLN A 199 26.40 25.76 8.41
CA GLN A 199 26.56 25.36 7.02
C GLN A 199 27.46 26.35 6.30
N GLU A 200 28.32 25.83 5.42
CA GLU A 200 29.26 26.68 4.72
C GLU A 200 28.54 27.54 3.69
N ARG A 201 29.12 28.72 3.42
CA ARG A 201 28.53 29.65 2.48
C ARG A 201 28.55 29.06 1.07
N PRO A 202 27.53 29.38 0.26
CA PRO A 202 27.46 28.78 -1.08
C PRO A 202 28.65 29.10 -1.96
N GLU A 203 29.24 30.29 -1.82
CA GLU A 203 30.41 30.63 -2.62
C GLU A 203 31.62 29.78 -2.29
N GLU A 204 31.65 29.17 -1.10
CA GLU A 204 32.75 28.31 -0.71
C GLU A 204 32.59 26.89 -1.23
N VAL A 205 31.42 26.51 -1.70
CA VAL A 205 31.18 25.13 -2.13
C VAL A 205 31.90 24.89 -3.45
N PRO A 206 32.63 23.78 -3.60
CA PRO A 206 33.23 23.46 -4.89
C PRO A 206 32.17 23.05 -5.90
N SER A 207 32.59 23.00 -7.16
CA SER A 207 31.65 22.72 -8.24
C SER A 207 31.09 21.31 -8.15
N GLY A 208 29.79 21.19 -8.38
CA GLY A 208 29.14 19.88 -8.42
C GLY A 208 29.19 19.13 -7.12
N GLN A 209 29.12 19.83 -5.99
CA GLN A 209 29.17 19.19 -4.67
C GLN A 209 28.12 19.84 -3.77
N LEU A 210 27.78 19.12 -2.73
CA LEU A 210 26.80 19.64 -1.79
C LEU A 210 27.49 20.27 -0.59
N PRO A 211 26.89 21.30 0.02
CA PRO A 211 27.53 21.97 1.14
C PRO A 211 27.66 21.05 2.35
N ARG A 212 28.74 21.25 3.10
CA ARG A 212 28.98 20.49 4.30
C ARG A 212 28.35 21.19 5.51
N GLN A 213 28.23 20.45 6.60
CA GLN A 213 27.62 20.96 7.82
C GLN A 213 28.50 20.62 9.01
N LEU A 214 28.41 21.45 10.04
CA LEU A 214 29.14 21.22 11.29
C LEU A 214 28.20 21.45 12.45
N GLU A 215 28.32 20.62 13.47
CA GLU A 215 27.51 20.73 14.68
C GLU A 215 28.29 21.48 15.75
N ILE A 216 27.68 22.52 16.30
CA ILE A 216 28.32 23.33 17.33
C ILE A 216 27.46 23.28 18.59
N ILE A 217 28.11 23.55 19.72
CA ILE A 217 27.47 23.49 21.02
C ILE A 217 27.63 24.84 21.70
N LEU A 218 26.52 25.42 22.14
CA LEU A 218 26.52 26.67 22.87
C LEU A 218 26.10 26.41 24.31
N GLU A 219 26.89 26.89 25.26
CA GLU A 219 26.64 26.65 26.66
C GLU A 219 26.67 27.96 27.43
N ASP A 220 25.97 27.96 28.56
CA ASP A 220 25.94 29.09 29.50
C ASP A 220 25.36 30.30 28.78
N ASP A 221 25.94 31.49 28.90
CA ASP A 221 25.36 32.69 28.32
C ASP A 221 25.33 32.67 26.81
N LEU A 222 26.09 31.77 26.18
CA LEU A 222 26.13 31.73 24.73
C LEU A 222 24.82 31.25 24.11
N VAL A 223 23.90 30.72 24.90
CA VAL A 223 22.64 30.23 24.36
C VAL A 223 21.84 31.41 23.80
N ASP A 224 21.11 31.14 22.71
CA ASP A 224 20.27 32.12 22.04
C ASP A 224 21.07 33.36 21.62
N SER A 225 22.33 33.17 21.26
CA SER A 225 23.13 34.29 20.80
C SER A 225 22.77 34.72 19.39
N ALA A 226 22.26 33.80 18.58
CA ALA A 226 21.88 34.12 17.20
C ALA A 226 20.69 33.28 16.80
N ARG A 227 19.99 33.76 15.78
CA ARG A 227 18.81 33.12 15.25
C ARG A 227 19.15 32.38 13.96
N PRO A 228 18.35 31.37 13.59
CA PRO A 228 18.64 30.62 12.36
C PRO A 228 18.61 31.52 11.14
N GLY A 229 19.45 31.18 10.16
CA GLY A 229 19.57 31.95 8.94
C GLY A 229 20.59 33.07 8.99
N ASP A 230 21.19 33.32 10.13
CA ASP A 230 22.17 34.39 10.25
C ASP A 230 23.54 33.93 9.78
N ARG A 231 24.43 34.91 9.58
CA ARG A 231 25.82 34.65 9.28
C ARG A 231 26.66 34.91 10.52
N VAL A 232 27.46 33.92 10.92
CA VAL A 232 28.17 33.96 12.19
C VAL A 232 29.62 33.53 11.98
N LYS A 233 30.44 33.88 12.97
CA LYS A 233 31.84 33.47 13.02
C LYS A 233 32.11 32.91 14.41
N VAL A 234 32.35 31.60 14.50
CA VAL A 234 32.48 30.92 15.78
C VAL A 234 33.94 30.65 16.05
N THR A 235 34.28 30.54 17.33
CA THR A 235 35.64 30.27 17.76
C THR A 235 35.61 29.28 18.92
N GLY A 236 36.47 28.27 18.86
CA GLY A 236 36.47 27.25 19.90
C GLY A 236 37.33 26.06 19.51
N ILE A 237 37.02 24.93 20.12
CA ILE A 237 37.84 23.73 20.05
C ILE A 237 37.01 22.61 19.43
N LEU A 238 37.59 21.91 18.46
CA LEU A 238 36.92 20.77 17.84
C LEU A 238 37.10 19.51 18.68
N ASP A 239 36.14 18.60 18.57
CA ASP A 239 36.22 17.32 19.25
C ASP A 239 35.30 16.34 18.54
N ILE A 240 35.49 15.06 18.86
CA ILE A 240 34.71 13.99 18.25
C ILE A 240 33.43 13.78 19.04
N LYS A 241 32.44 13.18 18.38
CA LYS A 241 31.13 12.96 18.96
C LYS A 241 31.00 11.51 19.44
N GLN A 242 30.50 11.34 20.66
CA GLN A 242 30.27 10.01 21.22
C GLN A 242 28.79 9.87 21.58
N ASP A 243 28.18 8.78 21.14
CA ASP A 243 26.78 8.49 21.43
C ASP A 243 26.64 7.23 22.29
N SER A 244 27.16 6.10 21.84
CA SER A 244 27.09 4.84 22.59
C SER A 244 28.39 4.09 22.39
N PRO A 245 29.46 4.51 23.08
CA PRO A 245 30.76 3.83 22.90
C PRO A 245 30.75 2.38 23.37
N VAL A 246 29.82 1.98 24.23
CA VAL A 246 29.75 0.60 24.69
C VAL A 246 29.40 -0.33 23.52
N LYS A 247 28.53 0.13 22.62
CA LYS A 247 28.10 -0.68 21.49
C LYS A 247 29.27 -0.94 20.56
N ARG A 248 29.78 -2.16 20.57
CA ARG A 248 30.86 -2.57 19.67
C ARG A 248 30.23 -3.00 18.34
N GLY A 249 31.01 -3.66 17.49
CA GLY A 249 30.50 -3.99 16.17
C GLY A 249 30.89 -2.95 15.14
N SER A 250 32.19 -2.71 15.00
CA SER A 250 32.76 -1.75 14.06
C SER A 250 32.43 -0.33 14.49
N ARG A 251 32.10 0.53 13.52
CA ARG A 251 31.83 1.94 13.78
C ARG A 251 33.00 2.61 14.50
N ALA A 252 34.22 2.25 14.09
CA ALA A 252 35.40 2.92 14.62
C ALA A 252 35.51 4.36 14.15
N VAL A 253 34.71 4.76 13.17
CA VAL A 253 34.73 6.13 12.67
C VAL A 253 33.85 7.00 13.55
N PHE A 254 34.21 8.27 13.66
CA PHE A 254 33.48 9.22 14.50
C PHE A 254 33.28 10.52 13.75
N ASP A 255 32.16 11.17 14.05
CA ASP A 255 31.94 12.53 13.58
C ASP A 255 32.62 13.51 14.53
N ILE A 256 32.72 14.76 14.09
CA ILE A 256 33.38 15.80 14.86
C ILE A 256 32.42 16.95 15.09
N TYR A 257 32.39 17.47 16.31
CA TYR A 257 31.58 18.61 16.68
C TYR A 257 32.47 19.73 17.20
N MET A 258 31.84 20.82 17.63
CA MET A 258 32.54 22.07 17.88
C MET A 258 32.04 22.69 19.17
N LYS A 259 32.96 22.99 20.08
CA LYS A 259 32.63 23.62 21.36
C LYS A 259 32.92 25.11 21.26
N VAL A 260 31.88 25.92 21.21
CA VAL A 260 32.01 27.34 20.97
C VAL A 260 32.49 28.03 22.24
N SER A 261 33.52 28.86 22.10
CA SER A 261 33.96 29.74 23.18
C SER A 261 33.52 31.18 22.99
N SER A 262 33.31 31.61 21.75
CA SER A 262 32.86 32.96 21.46
C SER A 262 32.25 32.98 20.07
N ILE A 263 31.14 33.68 19.92
CA ILE A 263 30.40 33.75 18.67
C ILE A 263 30.05 35.20 18.38
N GLU A 264 30.26 35.62 17.14
CA GLU A 264 29.85 36.93 16.67
C GLU A 264 28.94 36.76 15.48
N VAL A 265 28.07 37.75 15.27
CA VAL A 265 27.07 37.71 14.21
C VAL A 265 27.44 38.74 13.15
N SER A 266 27.52 38.30 11.90
CA SER A 266 27.87 39.15 10.77
C SER A 266 29.20 39.86 10.99
N GLN B 8 66.59 -11.35 1.08
CA GLN B 8 67.78 -10.74 1.68
C GLN B 8 68.16 -9.45 0.98
N ILE B 9 67.74 -9.31 -0.28
CA ILE B 9 68.03 -8.10 -1.04
C ILE B 9 67.19 -6.96 -0.52
N ASP B 10 67.84 -5.86 -0.17
CA ASP B 10 67.15 -4.66 0.31
C ASP B 10 66.93 -3.72 -0.87
N TYR B 11 65.70 -3.24 -0.99
CA TYR B 11 65.33 -2.34 -2.08
C TYR B 11 65.27 -0.88 -1.66
N ARG B 12 65.64 -0.57 -0.42
CA ARG B 12 65.64 0.82 0.03
C ARG B 12 66.61 1.65 -0.80
N ASP B 13 67.82 1.13 -1.02
CA ASP B 13 68.78 1.83 -1.88
C ASP B 13 68.29 1.88 -3.32
N VAL B 14 67.74 0.77 -3.82
CA VAL B 14 67.25 0.73 -5.20
C VAL B 14 66.12 1.73 -5.38
N PHE B 15 65.21 1.80 -4.41
CA PHE B 15 64.17 2.82 -4.43
C PHE B 15 64.78 4.22 -4.44
N ILE B 16 65.70 4.50 -3.52
CA ILE B 16 66.34 5.80 -3.47
C ILE B 16 67.13 6.05 -4.75
N GLU B 17 67.81 5.02 -5.25
CA GLU B 17 68.48 5.14 -6.54
C GLU B 17 67.48 5.42 -7.66
N PHE B 18 66.35 4.72 -7.66
CA PHE B 18 65.36 4.92 -8.70
C PHE B 18 64.76 6.32 -8.62
N LEU B 19 64.50 6.82 -7.42
CA LEU B 19 63.94 8.16 -7.26
C LEU B 19 64.88 9.23 -7.79
N THR B 20 66.18 9.08 -7.53
CA THR B 20 67.13 10.13 -7.87
C THR B 20 67.73 9.97 -9.25
N THR B 21 67.88 8.74 -9.72
CA THR B 21 68.63 8.44 -10.94
C THR B 21 67.74 7.87 -12.03
N PHE B 22 66.55 8.45 -12.21
CA PHE B 22 65.66 8.05 -13.29
C PHE B 22 65.68 9.11 -14.38
N LYS B 23 65.80 8.65 -15.63
CA LYS B 23 65.82 9.53 -16.79
C LYS B 23 64.48 9.42 -17.51
N GLY B 24 63.78 10.55 -17.63
CA GLY B 24 62.49 10.60 -18.28
C GLY B 24 62.61 10.80 -19.77
N ASN B 25 61.48 11.17 -20.39
CA ASN B 25 61.47 11.45 -21.82
C ASN B 25 62.36 12.64 -22.15
N ASN B 26 62.28 13.69 -21.35
CA ASN B 26 63.11 14.88 -21.55
C ASN B 26 64.44 14.79 -20.80
N ASN B 27 64.70 13.68 -20.10
CA ASN B 27 65.93 13.46 -19.35
C ASN B 27 66.15 14.59 -18.34
N GLN B 28 65.20 14.69 -17.40
CA GLN B 28 65.21 15.76 -16.41
C GLN B 28 64.98 15.25 -14.98
N ASN B 29 64.94 13.92 -14.79
CA ASN B 29 64.71 13.32 -13.47
C ASN B 29 63.39 13.82 -12.88
N LYS B 30 62.31 13.43 -13.58
CA LYS B 30 60.97 13.88 -13.20
C LYS B 30 60.66 13.56 -11.75
N TYR B 31 61.07 12.38 -11.29
CA TYR B 31 60.78 11.99 -9.91
C TYR B 31 61.50 12.90 -8.91
N ILE B 32 62.71 13.35 -9.26
CA ILE B 32 63.42 14.30 -8.41
C ILE B 32 62.64 15.61 -8.31
N GLU B 33 62.11 16.08 -9.45
CA GLU B 33 61.29 17.28 -9.42
C GLU B 33 60.03 17.08 -8.59
N ARG B 34 59.43 15.90 -8.68
CA ARG B 34 58.24 15.60 -7.89
C ARG B 34 58.54 15.69 -6.40
N ILE B 35 59.68 15.13 -5.98
CA ILE B 35 60.08 15.25 -4.58
C ILE B 35 60.28 16.72 -4.21
N ASN B 36 60.89 17.50 -5.11
CA ASN B 36 61.06 18.92 -4.86
C ASN B 36 59.71 19.61 -4.71
N GLU B 37 58.75 19.28 -5.58
CA GLU B 37 57.40 19.81 -5.44
C GLU B 37 56.76 19.33 -4.14
N LEU B 38 57.00 18.07 -3.77
CA LEU B 38 56.42 17.52 -2.56
C LEU B 38 56.87 18.29 -1.33
N VAL B 39 58.18 18.55 -1.22
CA VAL B 39 58.70 19.27 -0.08
C VAL B 39 58.24 20.73 -0.11
N ALA B 40 58.16 21.31 -1.31
CA ALA B 40 57.79 22.71 -1.43
C ALA B 40 56.36 22.96 -0.93
N TYR B 41 55.44 22.08 -1.27
CA TYR B 41 54.03 22.26 -0.94
C TYR B 41 53.54 21.36 0.17
N ARG B 42 54.41 20.53 0.74
CA ARG B 42 54.03 19.60 1.81
C ARG B 42 52.93 18.65 1.36
N LYS B 43 53.14 18.02 0.20
CA LYS B 43 52.12 17.15 -0.39
C LYS B 43 51.92 15.88 0.43
N LYS B 44 53.02 15.31 0.96
CA LYS B 44 52.99 14.12 1.80
C LYS B 44 52.67 12.87 0.98
N SER B 45 52.31 13.04 -0.29
CA SER B 45 51.94 11.94 -1.16
C SER B 45 52.80 11.96 -2.42
N LEU B 46 53.36 10.82 -2.76
CA LEU B 46 54.19 10.67 -3.96
C LEU B 46 53.50 9.72 -4.92
N ILE B 47 53.39 10.14 -6.18
CA ILE B 47 52.77 9.34 -7.23
C ILE B 47 53.88 8.73 -8.07
N ILE B 48 53.88 7.40 -8.17
CA ILE B 48 54.90 6.67 -8.92
C ILE B 48 54.21 5.78 -9.94
N GLU B 49 54.59 5.94 -11.21
CA GLU B 49 54.03 5.11 -12.27
C GLU B 49 54.75 3.77 -12.32
N PHE B 50 53.97 2.70 -12.48
CA PHE B 50 54.54 1.37 -12.57
C PHE B 50 55.28 1.17 -13.88
N SER B 51 54.94 1.95 -14.92
CA SER B 51 55.59 1.79 -16.21
C SER B 51 57.05 2.22 -16.17
N ASP B 52 57.47 2.87 -15.09
CA ASP B 52 58.85 3.30 -14.98
C ASP B 52 59.68 2.30 -14.19
N VAL B 53 59.06 1.60 -13.24
CA VAL B 53 59.81 0.78 -12.30
C VAL B 53 60.40 -0.44 -12.99
N LEU B 54 59.61 -1.11 -13.85
CA LEU B 54 60.11 -2.33 -14.47
C LEU B 54 61.27 -2.05 -15.40
N SER B 55 61.26 -0.90 -16.09
CA SER B 55 62.42 -0.51 -16.89
C SER B 55 63.64 -0.30 -16.02
N PHE B 56 63.48 0.35 -14.87
CA PHE B 56 64.59 0.55 -13.96
C PHE B 56 65.04 -0.76 -13.31
N ASN B 57 64.09 -1.56 -12.85
CA ASN B 57 64.43 -2.80 -12.16
C ASN B 57 63.23 -3.75 -12.26
N GLU B 58 63.43 -4.90 -12.90
CA GLU B 58 62.35 -5.87 -13.02
C GLU B 58 61.93 -6.43 -11.68
N ASN B 59 62.91 -6.77 -10.83
CA ASN B 59 62.59 -7.36 -9.53
C ASN B 59 61.87 -6.37 -8.62
N LEU B 60 62.27 -5.11 -8.65
CA LEU B 60 61.60 -4.10 -7.83
C LEU B 60 60.15 -3.93 -8.25
N ALA B 61 59.89 -3.92 -9.55
CA ALA B 61 58.52 -3.79 -10.04
C ALA B 61 57.70 -5.04 -9.70
N TYR B 62 58.32 -6.22 -9.75
CA TYR B 62 57.60 -7.43 -9.41
C TYR B 62 57.26 -7.49 -7.93
N GLU B 63 58.18 -7.04 -7.08
CA GLU B 63 58.01 -7.23 -5.64
C GLU B 63 56.91 -6.35 -5.07
N ILE B 64 56.79 -5.12 -5.59
CA ILE B 64 55.80 -4.20 -5.05
C ILE B 64 54.39 -4.73 -5.31
N ILE B 65 54.17 -5.37 -6.45
CA ILE B 65 52.84 -5.89 -6.78
C ILE B 65 52.49 -7.08 -5.89
N ASN B 66 53.43 -8.01 -5.71
CA ASN B 66 53.12 -9.24 -5.00
C ASN B 66 53.13 -9.04 -3.48
N ASN B 67 54.21 -8.48 -2.94
CA ASN B 67 54.38 -8.36 -1.50
C ASN B 67 53.99 -6.98 -1.00
N THR B 68 52.96 -6.39 -1.59
CA THR B 68 52.57 -5.01 -1.32
C THR B 68 52.33 -4.74 0.16
N LYS B 69 51.87 -5.75 0.91
CA LYS B 69 51.51 -5.53 2.30
C LYS B 69 52.72 -5.10 3.13
N ILE B 70 53.88 -5.70 2.89
CA ILE B 70 55.06 -5.42 3.69
C ILE B 70 56.06 -4.51 3.00
N ILE B 71 56.17 -4.54 1.67
CA ILE B 71 57.19 -3.75 1.00
C ILE B 71 56.85 -2.26 1.05
N LEU B 72 55.57 -1.90 1.01
CA LEU B 72 55.21 -0.49 1.02
C LEU B 72 55.63 0.22 2.31
N PRO B 73 55.35 -0.30 3.51
CA PRO B 73 55.85 0.39 4.72
C PRO B 73 57.36 0.50 4.73
N ILE B 74 58.06 -0.50 4.22
CA ILE B 74 59.52 -0.44 4.14
C ILE B 74 59.94 0.68 3.20
N LEU B 75 59.29 0.78 2.04
CA LEU B 75 59.65 1.82 1.08
C LEU B 75 59.33 3.21 1.60
N GLU B 76 58.37 3.32 2.52
CA GLU B 76 58.07 4.62 3.10
C GLU B 76 59.24 5.16 3.91
N GLY B 77 59.91 4.28 4.67
CA GLY B 77 61.05 4.72 5.46
C GLY B 77 62.20 5.21 4.61
N ALA B 78 62.48 4.50 3.51
CA ALA B 78 63.56 4.93 2.62
C ALA B 78 63.28 6.29 2.02
N LEU B 79 62.04 6.51 1.57
CA LEU B 79 61.66 7.81 1.03
C LEU B 79 61.71 8.89 2.11
N TYR B 80 61.20 8.58 3.30
CA TYR B 80 61.16 9.59 4.36
C TYR B 80 62.56 10.00 4.80
N ASP B 81 63.48 9.05 4.90
CA ASP B 81 64.86 9.37 5.25
C ASP B 81 65.49 10.26 4.18
N HIS B 82 65.24 9.94 2.90
CA HIS B 82 65.77 10.76 1.82
C HIS B 82 65.21 12.18 1.87
N ILE B 83 63.92 12.31 2.17
CA ILE B 83 63.33 13.64 2.32
C ILE B 83 63.85 14.32 3.59
N LEU B 84 64.02 13.54 4.66
CA LEU B 84 64.48 14.12 5.92
C LEU B 84 65.85 14.76 5.76
N GLN B 85 66.78 14.06 5.11
CA GLN B 85 68.09 14.63 4.85
C GLN B 85 68.03 15.75 3.82
N LEU B 86 67.07 15.69 2.90
CA LEU B 86 66.91 16.77 1.92
C LEU B 86 66.50 18.06 2.61
N ASP B 87 65.60 17.98 3.59
CA ASP B 87 65.15 19.15 4.32
C ASP B 87 64.71 18.76 5.72
N PRO B 88 65.52 19.09 6.74
CA PRO B 88 65.11 18.77 8.12
C PRO B 88 63.80 19.41 8.54
N THR B 89 63.42 20.54 7.94
CA THR B 89 62.21 21.24 8.34
C THR B 89 60.94 20.51 7.94
N TYR B 90 61.05 19.42 7.17
CA TYR B 90 59.87 18.63 6.83
C TYR B 90 59.21 18.07 8.09
N GLN B 91 59.99 17.83 9.13
CA GLN B 91 59.43 17.35 10.39
C GLN B 91 58.62 18.46 11.05
N ARG B 92 57.93 18.08 12.14
CA ARG B 92 57.04 18.92 12.93
C ARG B 92 55.78 19.31 12.16
N ASP B 93 55.69 18.97 10.88
CA ASP B 93 54.52 19.26 10.07
C ASP B 93 53.96 18.01 9.40
N ILE B 94 54.80 17.08 9.01
CA ILE B 94 54.38 15.82 8.41
C ILE B 94 55.11 14.69 9.13
N GLU B 95 54.34 13.79 9.76
CA GLU B 95 54.95 12.67 10.47
C GLU B 95 55.41 11.58 9.51
N LYS B 96 54.64 11.31 8.47
CA LYS B 96 55.01 10.27 7.51
C LYS B 96 54.44 10.62 6.14
N VAL B 97 55.06 10.04 5.12
CA VAL B 97 54.66 10.28 3.74
C VAL B 97 53.92 9.05 3.22
N HIS B 98 53.35 9.18 2.03
CA HIS B 98 52.66 8.08 1.37
C HIS B 98 53.18 7.95 -0.06
N VAL B 99 53.48 6.70 -0.44
CA VAL B 99 53.90 6.38 -1.80
C VAL B 99 52.78 5.57 -2.46
N ARG B 100 52.40 5.98 -3.66
CA ARG B 100 51.28 5.39 -4.37
C ARG B 100 51.74 4.90 -5.74
N ILE B 101 51.41 3.66 -6.06
CA ILE B 101 51.76 3.05 -7.34
C ILE B 101 50.52 3.03 -8.23
N VAL B 102 50.69 3.46 -9.47
CA VAL B 102 49.60 3.54 -10.43
C VAL B 102 49.98 2.74 -11.68
N GLY B 103 48.99 2.49 -12.52
CA GLY B 103 49.20 1.73 -13.74
C GLY B 103 49.56 0.28 -13.54
N ILE B 104 48.96 -0.37 -12.56
CA ILE B 104 49.23 -1.79 -12.32
C ILE B 104 48.70 -2.61 -13.50
N PRO B 105 49.44 -3.59 -14.01
CA PRO B 105 48.90 -4.44 -15.08
C PRO B 105 47.80 -5.37 -14.63
N ARG B 106 47.55 -5.49 -13.32
CA ARG B 106 46.53 -6.40 -12.79
C ARG B 106 45.19 -5.68 -12.79
N VAL B 107 44.59 -5.60 -13.96
CA VAL B 107 43.28 -4.97 -14.14
C VAL B 107 42.23 -6.06 -14.24
N ILE B 108 41.15 -5.90 -13.50
CA ILE B 108 40.07 -6.89 -13.46
C ILE B 108 38.73 -6.17 -13.54
N GLU B 109 37.81 -6.72 -14.31
CA GLU B 109 36.48 -6.14 -14.41
C GLU B 109 35.74 -6.26 -13.09
N LEU B 110 34.82 -5.31 -12.86
CA LEU B 110 34.10 -5.29 -11.59
C LEU B 110 33.25 -6.54 -11.40
N ARG B 111 32.62 -7.02 -12.47
CA ARG B 111 31.77 -8.18 -12.37
C ARG B 111 32.54 -9.49 -12.23
N LYS B 112 33.82 -9.50 -12.60
CA LYS B 112 34.59 -10.73 -12.66
C LYS B 112 35.40 -11.00 -11.40
N ILE B 113 35.19 -10.22 -10.34
CA ILE B 113 35.96 -10.43 -9.11
C ILE B 113 35.53 -11.73 -8.46
N ARG B 114 36.52 -12.55 -8.09
CA ARG B 114 36.24 -13.82 -7.44
C ARG B 114 37.02 -13.96 -6.14
N SER B 115 36.94 -15.13 -5.52
CA SER B 115 37.55 -15.31 -4.19
C SER B 115 39.07 -15.23 -4.26
N THR B 116 39.67 -15.51 -5.40
CA THR B 116 41.12 -15.51 -5.51
C THR B 116 41.73 -14.12 -5.48
N ASP B 117 40.92 -13.07 -5.65
CA ASP B 117 41.45 -11.72 -5.79
C ASP B 117 41.55 -10.96 -4.48
N ILE B 118 40.98 -11.47 -3.39
CA ILE B 118 41.08 -10.77 -2.11
C ILE B 118 42.49 -10.88 -1.58
N GLY B 119 43.04 -9.75 -1.13
CA GLY B 119 44.37 -9.69 -0.59
C GLY B 119 45.45 -9.28 -1.55
N LYS B 120 45.14 -9.17 -2.84
CA LYS B 120 46.11 -8.81 -3.85
C LYS B 120 45.88 -7.39 -4.34
N LEU B 121 46.91 -6.81 -4.92
CA LEU B 121 46.82 -5.45 -5.44
C LEU B 121 46.24 -5.47 -6.85
N ILE B 122 45.06 -4.89 -7.01
CA ILE B 122 44.36 -4.85 -8.29
C ILE B 122 43.86 -3.44 -8.53
N THR B 123 43.40 -3.21 -9.76
CA THR B 123 42.82 -1.93 -10.14
C THR B 123 41.50 -2.16 -10.85
N ILE B 124 40.59 -1.21 -10.67
CA ILE B 124 39.24 -1.29 -11.23
C ILE B 124 38.88 0.06 -11.82
N ASP B 125 38.29 0.04 -13.01
CA ASP B 125 37.83 1.25 -13.67
C ASP B 125 36.30 1.29 -13.62
N GLY B 126 35.75 2.41 -13.21
CA GLY B 126 34.32 2.52 -13.07
C GLY B 126 33.88 3.96 -12.93
N ILE B 127 32.63 4.13 -12.51
CA ILE B 127 32.02 5.44 -12.35
C ILE B 127 31.72 5.66 -10.88
N LEU B 128 32.15 6.81 -10.36
CA LEU B 128 31.87 7.16 -8.98
C LEU B 128 30.45 7.71 -8.88
N VAL B 129 29.65 7.15 -7.97
CA VAL B 129 28.24 7.51 -7.88
C VAL B 129 27.84 8.07 -6.53
N LYS B 130 28.57 7.79 -5.46
CA LYS B 130 28.18 8.26 -4.14
C LYS B 130 29.42 8.60 -3.33
N VAL B 131 29.34 9.70 -2.59
CA VAL B 131 30.40 10.14 -1.69
C VAL B 131 29.77 10.50 -0.35
N THR B 132 30.47 10.16 0.73
CA THR B 132 30.19 10.36 2.14
C THR B 132 31.03 11.50 2.69
N PRO B 133 30.50 12.32 3.60
CA PRO B 133 31.31 13.38 4.20
C PRO B 133 32.52 12.81 4.93
N VAL B 134 33.59 13.61 4.98
CA VAL B 134 34.83 13.17 5.62
C VAL B 134 34.58 12.96 7.10
N LYS B 135 35.06 11.83 7.62
CA LYS B 135 34.94 11.47 9.02
C LYS B 135 36.34 11.21 9.59
N GLU B 136 36.36 10.78 10.84
CA GLU B 136 37.61 10.49 11.54
C GLU B 136 37.57 9.07 12.07
N ARG B 137 38.63 8.31 11.82
CA ARG B 137 38.75 6.94 12.27
C ARG B 137 39.84 6.83 13.32
N ILE B 138 39.59 6.05 14.37
CA ILE B 138 40.55 5.83 15.43
C ILE B 138 41.45 4.66 15.04
N TYR B 139 42.76 4.88 15.09
CA TYR B 139 43.71 3.79 14.90
C TYR B 139 44.60 3.54 16.11
N LYS B 140 44.53 4.39 17.14
CA LYS B 140 45.21 4.11 18.40
C LYS B 140 44.50 4.89 19.48
N ALA B 141 43.74 4.21 20.32
CA ALA B 141 42.93 4.84 21.35
C ALA B 141 43.68 4.88 22.68
N THR B 142 43.12 5.64 23.62
CA THR B 142 43.65 5.74 24.97
C THR B 142 42.49 5.64 25.96
N TYR B 143 42.66 4.82 26.98
CA TYR B 143 41.61 4.56 27.94
C TYR B 143 42.10 4.86 29.35
N LYS B 144 41.16 5.25 30.21
CA LYS B 144 41.42 5.41 31.64
C LYS B 144 40.55 4.42 32.39
N HIS B 145 41.18 3.64 33.27
CA HIS B 145 40.46 2.61 34.02
C HIS B 145 39.63 3.27 35.11
N ILE B 146 38.31 3.21 34.96
CA ILE B 146 37.40 3.82 35.93
C ILE B 146 37.16 2.78 37.03
N HIS B 147 38.06 2.74 37.99
CA HIS B 147 37.96 1.89 39.16
C HIS B 147 38.77 2.55 40.27
N PRO B 148 38.15 2.91 41.39
CA PRO B 148 38.74 3.90 42.32
C PRO B 148 40.17 3.59 42.73
N ASP B 149 40.67 2.41 42.37
CA ASP B 149 42.05 2.06 42.68
C ASP B 149 43.03 2.44 41.59
N CYS B 150 42.59 2.55 40.33
CA CYS B 150 43.54 2.66 39.21
C CYS B 150 43.84 4.11 38.83
N MET B 151 42.85 4.84 38.32
CA MET B 151 43.07 6.14 37.69
C MET B 151 44.36 6.15 36.87
N GLN B 152 44.42 5.23 35.91
CA GLN B 152 45.58 5.08 35.05
C GLN B 152 45.15 5.11 33.60
N GLU B 153 45.93 5.80 32.78
CA GLU B 153 45.67 5.91 31.34
C GLU B 153 46.66 5.05 30.57
N PHE B 154 46.16 4.42 29.52
CA PHE B 154 46.98 3.53 28.70
C PHE B 154 46.39 3.47 27.31
N GLU B 155 47.25 3.47 26.30
CA GLU B 155 46.79 3.24 24.94
C GLU B 155 46.43 1.77 24.78
N TRP B 156 45.21 1.51 24.30
CA TRP B 156 44.69 0.13 24.36
C TRP B 156 45.39 -0.79 23.37
N PRO B 157 45.27 -0.60 22.05
CA PRO B 157 45.84 -1.60 21.15
C PRO B 157 47.35 -1.51 21.14
N GLU B 158 48.00 -2.45 21.81
CA GLU B 158 49.44 -2.42 22.01
C GLU B 158 50.11 -3.44 21.09
N ASP B 159 51.16 -3.01 20.41
CA ASP B 159 51.96 -3.80 19.48
C ASP B 159 51.27 -4.03 18.14
N GLU B 160 50.09 -3.48 17.93
CA GLU B 160 49.47 -3.53 16.61
C GLU B 160 48.47 -2.39 16.48
N GLU B 161 48.13 -2.07 15.23
CA GLU B 161 47.17 -1.02 14.95
C GLU B 161 45.78 -1.45 15.36
N MET B 162 44.97 -0.47 15.72
CA MET B 162 43.60 -0.76 16.13
C MET B 162 42.80 -1.23 14.92
N PRO B 163 42.10 -2.36 15.03
CA PRO B 163 41.33 -2.86 13.88
C PRO B 163 40.16 -1.96 13.57
N GLU B 164 39.55 -2.22 12.40
CA GLU B 164 38.40 -1.44 11.96
C GLU B 164 37.21 -1.60 12.89
N VAL B 165 37.20 -2.62 13.72
CA VAL B 165 36.15 -2.85 14.70
C VAL B 165 36.64 -2.35 16.04
N LEU B 166 35.87 -1.44 16.66
CA LEU B 166 36.22 -0.96 17.99
C LEU B 166 36.14 -2.10 18.99
N GLU B 167 37.19 -2.26 19.78
CA GLU B 167 37.26 -3.32 20.78
C GLU B 167 37.55 -2.72 22.15
N MET B 168 36.78 -3.14 23.14
CA MET B 168 36.85 -2.60 24.49
C MET B 168 37.72 -3.51 25.35
N PRO B 169 38.85 -3.05 25.87
CA PRO B 169 39.64 -3.88 26.78
C PRO B 169 38.84 -4.29 28.00
N THR B 170 39.04 -5.54 28.42
CA THR B 170 38.30 -6.10 29.55
C THR B 170 39.11 -6.11 30.84
N ILE B 171 40.43 -6.29 30.76
CA ILE B 171 41.29 -6.35 31.93
C ILE B 171 42.29 -5.20 31.83
N CYS B 172 42.36 -4.40 32.88
CA CYS B 172 43.27 -3.25 32.87
C CYS B 172 44.70 -3.73 32.89
N PRO B 173 45.50 -3.46 31.86
CA PRO B 173 46.91 -3.89 31.89
C PRO B 173 47.69 -3.27 33.03
N LYS B 174 47.34 -2.06 33.45
CA LYS B 174 48.11 -1.37 34.48
C LYS B 174 47.88 -1.96 35.87
N CYS B 175 46.77 -2.66 36.09
CA CYS B 175 46.50 -3.26 37.39
C CYS B 175 45.99 -4.69 37.33
N GLY B 176 45.67 -5.21 36.15
CA GLY B 176 45.18 -6.57 36.05
C GLY B 176 43.76 -6.77 36.50
N LYS B 177 43.03 -5.69 36.79
CA LYS B 177 41.68 -5.82 37.29
C LYS B 177 40.68 -5.35 36.26
N PRO B 178 39.57 -6.07 36.09
CA PRO B 178 38.50 -5.59 35.20
C PRO B 178 37.77 -4.40 35.81
N GLY B 179 36.77 -3.91 35.11
CA GLY B 179 35.99 -2.79 35.61
C GLY B 179 35.43 -1.97 34.47
N GLN B 180 35.60 -0.66 34.56
CA GLN B 180 35.08 0.29 33.58
C GLN B 180 36.22 1.12 33.02
N PHE B 181 36.14 1.43 31.73
CA PHE B 181 37.16 2.22 31.06
C PHE B 181 36.51 3.36 30.31
N ARG B 182 37.16 4.52 30.34
CA ARG B 182 36.67 5.71 29.67
C ARG B 182 37.65 6.12 28.58
N LEU B 183 37.12 6.37 27.38
CA LEU B 183 37.96 6.81 26.29
C LEU B 183 38.46 8.23 26.52
N ILE B 184 39.70 8.48 26.13
CA ILE B 184 40.28 9.82 26.26
C ILE B 184 40.50 10.39 24.87
N PRO B 185 39.60 11.26 24.38
CA PRO B 185 39.76 11.79 23.02
C PRO B 185 41.00 12.63 22.84
N GLU B 186 41.57 13.18 23.92
CA GLU B 186 42.73 14.04 23.78
C GLU B 186 43.95 13.29 23.28
N LYS B 187 44.20 12.10 23.82
CA LYS B 187 45.36 11.31 23.45
C LYS B 187 45.06 10.29 22.37
N THR B 188 43.83 10.23 21.88
CA THR B 188 43.50 9.29 20.82
C THR B 188 44.09 9.75 19.50
N LYS B 189 44.55 8.79 18.70
CA LYS B 189 45.16 9.08 17.40
C LYS B 189 44.13 8.81 16.30
N LEU B 190 43.82 9.85 15.53
CA LEU B 190 42.78 9.78 14.51
C LEU B 190 43.38 9.84 13.11
N ILE B 191 42.55 9.47 12.14
CA ILE B 191 42.93 9.52 10.73
C ILE B 191 41.67 9.79 9.91
N ASP B 192 41.84 10.54 8.83
CA ASP B 192 40.72 10.90 7.98
C ASP B 192 40.14 9.68 7.29
N TRP B 193 38.84 9.71 7.03
CA TRP B 193 38.13 8.54 6.54
C TRP B 193 36.96 8.96 5.69
N GLN B 194 36.80 8.33 4.53
CA GLN B 194 35.71 8.63 3.61
C GLN B 194 35.29 7.35 2.90
N LYS B 195 34.01 7.30 2.54
CA LYS B 195 33.42 6.15 1.86
C LYS B 195 32.85 6.58 0.52
N ALA B 196 32.98 5.71 -0.48
CA ALA B 196 32.48 6.00 -1.81
C ALA B 196 32.06 4.71 -2.47
N VAL B 197 31.23 4.84 -3.52
CA VAL B 197 30.68 3.70 -4.23
C VAL B 197 31.05 3.82 -5.70
N ILE B 198 31.51 2.72 -6.28
CA ILE B 198 31.92 2.67 -7.68
C ILE B 198 30.93 1.79 -8.44
N GLN B 199 30.46 2.29 -9.57
CA GLN B 199 29.57 1.54 -10.44
C GLN B 199 30.27 1.23 -11.75
N GLU B 200 29.99 0.05 -12.29
CA GLU B 200 30.61 -0.37 -13.53
C GLU B 200 30.06 0.43 -14.71
N ARG B 201 30.90 0.61 -15.72
CA ARG B 201 30.52 1.41 -16.87
C ARG B 201 29.41 0.72 -17.67
N PRO B 202 28.57 1.50 -18.35
CA PRO B 202 27.46 0.89 -19.11
C PRO B 202 27.91 -0.07 -20.18
N GLU B 203 29.08 0.16 -20.78
CA GLU B 203 29.55 -0.72 -21.84
C GLU B 203 29.99 -2.09 -21.33
N GLU B 204 30.06 -2.27 -20.01
CA GLU B 204 30.49 -3.54 -19.44
C GLU B 204 29.34 -4.42 -18.98
N VAL B 205 28.15 -3.85 -18.80
CA VAL B 205 27.02 -4.62 -18.26
C VAL B 205 26.59 -5.66 -19.28
N PRO B 206 26.44 -6.92 -18.89
CA PRO B 206 25.95 -7.93 -19.83
C PRO B 206 24.49 -7.69 -20.17
N SER B 207 24.06 -8.32 -21.26
CA SER B 207 22.71 -8.12 -21.75
C SER B 207 21.68 -8.57 -20.71
N GLY B 208 20.67 -7.72 -20.48
CA GLY B 208 19.57 -8.07 -19.61
C GLY B 208 19.86 -8.03 -18.14
N GLN B 209 20.99 -7.47 -17.72
CA GLN B 209 21.35 -7.39 -16.32
C GLN B 209 21.40 -5.94 -15.87
N LEU B 210 21.62 -5.76 -14.58
CA LEU B 210 21.74 -4.44 -13.98
C LEU B 210 23.17 -4.19 -13.52
N PRO B 211 23.63 -2.94 -13.55
CA PRO B 211 25.00 -2.66 -13.15
C PRO B 211 25.24 -2.98 -11.68
N ARG B 212 26.43 -3.46 -11.38
CA ARG B 212 26.81 -3.78 -10.02
C ARG B 212 27.55 -2.61 -9.38
N GLN B 213 27.72 -2.68 -8.07
CA GLN B 213 28.37 -1.63 -7.31
C GLN B 213 29.44 -2.23 -6.42
N LEU B 214 30.40 -1.38 -6.04
CA LEU B 214 31.47 -1.78 -5.14
C LEU B 214 31.79 -0.61 -4.22
N GLU B 215 31.98 -0.91 -2.95
CA GLU B 215 32.27 0.12 -1.95
C GLU B 215 33.77 0.24 -1.75
N ILE B 216 34.26 1.47 -1.74
CA ILE B 216 35.68 1.74 -1.57
C ILE B 216 35.86 2.72 -0.42
N ILE B 217 37.04 2.67 0.20
CA ILE B 217 37.36 3.49 1.37
C ILE B 217 38.56 4.35 1.04
N LEU B 218 38.42 5.65 1.25
CA LEU B 218 39.50 6.61 1.06
C LEU B 218 39.94 7.14 2.41
N GLU B 219 41.25 7.21 2.63
CA GLU B 219 41.81 7.61 3.91
C GLU B 219 42.93 8.61 3.70
N ASP B 220 43.16 9.42 4.72
CA ASP B 220 44.24 10.40 4.77
C ASP B 220 44.02 11.42 3.66
N ASP B 221 44.99 11.67 2.79
CA ASP B 221 44.88 12.74 1.81
C ASP B 221 44.07 12.36 0.59
N LEU B 222 43.64 11.10 0.47
CA LEU B 222 42.81 10.71 -0.65
C LEU B 222 41.38 11.21 -0.53
N VAL B 223 40.99 11.74 0.63
CA VAL B 223 39.62 12.20 0.81
C VAL B 223 39.36 13.41 -0.08
N ASP B 224 38.12 13.52 -0.55
CA ASP B 224 37.69 14.65 -1.38
C ASP B 224 38.55 14.82 -2.62
N SER B 225 38.97 13.70 -3.21
CA SER B 225 39.78 13.73 -4.42
C SER B 225 38.95 13.50 -5.68
N ALA B 226 37.63 13.37 -5.56
CA ALA B 226 36.79 13.14 -6.72
C ALA B 226 35.37 13.57 -6.38
N ARG B 227 34.56 13.72 -7.42
CA ARG B 227 33.18 14.14 -7.29
C ARG B 227 32.27 13.12 -7.95
N PRO B 228 31.02 13.00 -7.50
CA PRO B 228 30.11 12.02 -8.09
C PRO B 228 29.92 12.26 -9.57
N GLY B 229 29.74 11.17 -10.31
CA GLY B 229 29.61 11.23 -11.74
C GLY B 229 30.91 11.17 -12.51
N ASP B 230 32.04 11.16 -11.82
CA ASP B 230 33.34 11.12 -12.47
C ASP B 230 33.74 9.69 -12.78
N ARG B 231 34.38 9.49 -13.94
CA ARG B 231 34.94 8.19 -14.28
C ARG B 231 36.35 8.12 -13.71
N VAL B 232 36.63 7.08 -12.93
CA VAL B 232 37.88 6.99 -12.20
C VAL B 232 38.51 5.62 -12.40
N LYS B 233 39.81 5.55 -12.16
CA LYS B 233 40.55 4.30 -12.10
C LYS B 233 41.23 4.24 -10.73
N VAL B 234 40.91 3.20 -9.96
CA VAL B 234 41.30 3.11 -8.57
C VAL B 234 42.03 1.80 -8.34
N THR B 235 43.15 1.86 -7.63
CA THR B 235 43.95 0.70 -7.29
C THR B 235 43.99 0.52 -5.78
N GLY B 236 43.88 -0.72 -5.33
CA GLY B 236 43.89 -0.97 -3.90
C GLY B 236 43.88 -2.45 -3.61
N ILE B 237 43.46 -2.77 -2.38
CA ILE B 237 43.42 -4.14 -1.88
C ILE B 237 41.99 -4.47 -1.49
N LEU B 238 41.50 -5.61 -1.95
CA LEU B 238 40.16 -6.05 -1.59
C LEU B 238 40.15 -6.64 -0.19
N ASP B 239 38.99 -6.53 0.46
CA ASP B 239 38.82 -7.08 1.80
C ASP B 239 37.33 -7.27 2.05
N ILE B 240 37.01 -8.10 3.03
CA ILE B 240 35.64 -8.40 3.39
C ILE B 240 35.14 -7.36 4.39
N LYS B 241 33.84 -7.07 4.33
CA LYS B 241 33.23 -6.03 5.15
C LYS B 241 32.59 -6.66 6.37
N GLN B 242 32.81 -6.05 7.54
CA GLN B 242 32.27 -6.53 8.81
C GLN B 242 31.39 -5.45 9.40
N ASP B 243 30.17 -5.83 9.79
CA ASP B 243 29.21 -4.91 10.38
C ASP B 243 28.97 -5.18 11.86
N SER B 244 28.54 -6.40 12.21
CA SER B 244 28.30 -6.78 13.59
C SER B 244 28.92 -8.15 13.84
N PRO B 245 30.26 -8.22 13.88
CA PRO B 245 30.91 -9.53 14.08
C PRO B 245 30.54 -10.20 15.39
N VAL B 246 30.31 -9.42 16.46
CA VAL B 246 29.89 -10.00 17.73
C VAL B 246 28.52 -10.66 17.58
N LYS B 247 27.61 -10.00 16.88
CA LYS B 247 26.25 -10.52 16.72
C LYS B 247 26.26 -11.78 15.86
N ARG B 248 25.67 -12.85 16.39
CA ARG B 248 25.50 -14.09 15.64
C ARG B 248 24.20 -14.04 14.84
N GLY B 249 23.75 -15.19 14.35
CA GLY B 249 22.59 -15.22 13.48
C GLY B 249 22.91 -15.89 12.16
N SER B 250 23.89 -16.78 12.19
CA SER B 250 24.34 -17.54 11.02
C SER B 250 24.85 -16.54 9.98
N ARG B 251 24.43 -16.62 8.73
CA ARG B 251 24.85 -15.73 7.65
C ARG B 251 26.35 -15.43 7.72
N ALA B 252 27.14 -16.49 7.60
CA ALA B 252 28.58 -16.34 7.50
C ALA B 252 28.96 -15.96 6.08
N VAL B 253 28.30 -14.93 5.56
CA VAL B 253 28.46 -14.48 4.18
C VAL B 253 28.80 -13.00 4.21
N PHE B 254 29.85 -12.61 3.52
CA PHE B 254 30.35 -11.25 3.57
C PHE B 254 30.47 -10.68 2.16
N ASP B 255 30.26 -9.38 2.05
CA ASP B 255 30.55 -8.66 0.82
C ASP B 255 31.92 -8.02 0.91
N ILE B 256 32.49 -7.72 -0.24
CA ILE B 256 33.86 -7.26 -0.33
C ILE B 256 33.88 -5.75 -0.52
N TYR B 257 35.03 -5.17 -0.20
CA TYR B 257 35.26 -3.75 -0.41
C TYR B 257 36.75 -3.55 -0.66
N MET B 258 37.09 -2.39 -1.20
CA MET B 258 38.46 -2.10 -1.61
C MET B 258 39.05 -1.02 -0.72
N LYS B 259 40.28 -1.24 -0.27
CA LYS B 259 41.03 -0.23 0.48
C LYS B 259 41.88 0.54 -0.52
N VAL B 260 41.46 1.78 -0.82
CA VAL B 260 42.07 2.54 -1.90
C VAL B 260 43.48 2.95 -1.53
N SER B 261 44.41 2.78 -2.48
CA SER B 261 45.77 3.25 -2.34
C SER B 261 46.15 4.35 -3.32
N SER B 262 45.47 4.44 -4.46
CA SER B 262 45.73 5.49 -5.43
C SER B 262 44.53 5.60 -6.36
N ILE B 263 44.16 6.83 -6.69
CA ILE B 263 42.99 7.09 -7.51
C ILE B 263 43.35 8.15 -8.55
N GLU B 264 42.97 7.93 -9.79
CA GLU B 264 43.19 8.89 -10.87
C GLU B 264 41.88 9.09 -11.63
N VAL B 265 41.54 10.35 -11.88
CA VAL B 265 40.30 10.68 -12.56
C VAL B 265 40.52 10.61 -14.06
N SER B 266 39.44 10.32 -14.79
CA SER B 266 39.48 10.21 -16.25
C SER B 266 40.47 9.16 -16.72
N SER B 273 50.42 14.21 -18.81
CA SER B 273 49.87 14.63 -20.10
C SER B 273 50.61 15.86 -20.62
N GLU B 274 51.64 15.62 -21.42
CA GLU B 274 52.42 16.70 -22.02
C GLU B 274 52.50 16.63 -23.53
N GLU B 275 52.60 15.42 -24.10
CA GLU B 275 52.60 15.29 -25.55
C GLU B 275 51.26 15.72 -26.14
N ASP B 276 50.16 15.47 -25.42
CA ASP B 276 48.87 15.95 -25.87
C ASP B 276 48.80 17.47 -25.88
N GLU B 277 49.48 18.11 -24.93
CA GLU B 277 49.54 19.56 -24.92
C GLU B 277 50.15 20.09 -26.20
N LYS B 278 51.25 19.47 -26.65
CA LYS B 278 51.79 19.80 -27.97
C LYS B 278 50.82 19.41 -29.07
N LYS B 279 50.13 18.27 -28.90
CA LYS B 279 49.23 17.77 -29.94
C LYS B 279 48.04 18.67 -30.17
N ILE B 280 47.67 19.51 -29.20
CA ILE B 280 46.48 20.34 -29.35
C ILE B 280 46.89 21.75 -29.72
N LYS B 281 48.06 22.19 -29.26
CA LYS B 281 48.53 23.53 -29.58
C LYS B 281 48.86 23.66 -31.06
N ASP B 282 49.60 22.69 -31.61
CA ASP B 282 49.91 22.72 -33.03
C ASP B 282 48.64 22.55 -33.87
N LEU B 283 47.62 21.91 -33.31
CA LEU B 283 46.36 21.76 -34.03
C LEU B 283 45.70 23.11 -34.26
N ALA B 284 45.79 24.01 -33.28
CA ALA B 284 45.17 25.32 -33.42
C ALA B 284 45.87 26.22 -34.42
N LYS B 285 47.07 25.85 -34.88
CA LYS B 285 47.79 26.68 -35.84
C LYS B 285 47.09 26.76 -37.19
N ASP B 286 46.29 25.76 -37.53
CA ASP B 286 45.55 25.78 -38.79
C ASP B 286 44.54 26.93 -38.76
N PRO B 287 44.59 27.85 -39.72
CA PRO B 287 43.57 28.91 -39.76
C PRO B 287 42.17 28.38 -39.98
N TRP B 288 42.02 27.18 -40.52
CA TRP B 288 40.72 26.57 -40.74
C TRP B 288 40.33 25.62 -39.62
N ILE B 289 40.87 25.83 -38.42
CA ILE B 289 40.61 24.91 -37.32
C ILE B 289 39.13 24.94 -36.94
N ARG B 290 38.51 26.11 -36.98
CA ARG B 290 37.09 26.20 -36.63
C ARG B 290 36.23 25.43 -37.62
N ASP B 291 36.54 25.52 -38.91
CA ASP B 291 35.81 24.72 -39.90
C ASP B 291 36.04 23.24 -39.69
N ARG B 292 37.28 22.85 -39.36
CA ARG B 292 37.56 21.44 -39.13
C ARG B 292 36.82 20.91 -37.92
N ILE B 293 36.72 21.71 -36.86
CA ILE B 293 35.99 21.27 -35.67
C ILE B 293 34.52 21.05 -35.99
N ILE B 294 33.92 21.97 -36.73
CA ILE B 294 32.49 21.86 -37.04
C ILE B 294 32.21 20.61 -37.85
N SER B 295 33.07 20.33 -38.84
CA SER B 295 32.89 19.14 -39.64
C SER B 295 33.11 17.85 -38.86
N SER B 296 33.66 17.94 -37.66
CA SER B 296 33.89 16.77 -36.83
C SER B 296 32.75 16.48 -35.86
N ILE B 297 31.70 17.29 -35.87
CA ILE B 297 30.56 17.09 -34.98
C ILE B 297 29.55 16.18 -35.68
N ALA B 298 29.29 15.02 -35.07
CA ALA B 298 28.38 14.02 -35.61
C ALA B 298 28.72 13.72 -37.06
N PRO B 299 29.85 13.06 -37.32
CA PRO B 299 30.24 12.79 -38.71
C PRO B 299 29.27 11.89 -39.44
N SER B 300 28.44 11.14 -38.72
CA SER B 300 27.52 10.20 -39.33
C SER B 300 26.21 10.86 -39.74
N ILE B 301 26.04 12.15 -39.52
CA ILE B 301 24.82 12.87 -39.85
C ILE B 301 25.10 13.74 -41.07
N TYR B 302 24.25 13.61 -42.08
CA TYR B 302 24.41 14.38 -43.31
C TYR B 302 23.71 15.72 -43.18
N GLY B 303 24.39 16.79 -43.58
CA GLY B 303 23.78 18.09 -43.58
C GLY B 303 23.70 18.70 -42.18
N HIS B 304 22.72 19.59 -42.02
CA HIS B 304 22.51 20.30 -40.76
C HIS B 304 23.76 21.06 -40.33
N TRP B 305 24.38 21.73 -41.30
CA TRP B 305 25.65 22.43 -41.01
C TRP B 305 25.45 23.53 -40.00
N GLU B 306 24.38 24.32 -40.14
CA GLU B 306 24.15 25.42 -39.20
C GLU B 306 23.84 24.90 -37.81
N LEU B 307 23.25 23.72 -37.70
CA LEU B 307 23.00 23.14 -36.38
C LEU B 307 24.27 22.61 -35.74
N LYS B 308 25.13 21.97 -36.53
CA LYS B 308 26.39 21.46 -35.99
C LYS B 308 27.26 22.60 -35.48
N GLU B 309 27.27 23.72 -36.18
CA GLU B 309 28.05 24.87 -35.74
C GLU B 309 27.55 25.39 -34.40
N ALA B 310 26.23 25.43 -34.22
CA ALA B 310 25.69 25.90 -32.95
C ALA B 310 26.06 24.96 -31.80
N LEU B 311 26.03 23.65 -32.05
CA LEU B 311 26.37 22.71 -31.00
C LEU B 311 27.83 22.83 -30.59
N ALA B 312 28.71 23.19 -31.53
CA ALA B 312 30.11 23.37 -31.18
C ALA B 312 30.28 24.53 -30.20
N LEU B 313 29.51 25.60 -30.39
CA LEU B 313 29.61 26.75 -29.48
C LEU B 313 29.24 26.37 -28.07
N ALA B 314 28.15 25.61 -27.90
CA ALA B 314 27.71 25.23 -26.56
C ALA B 314 28.75 24.35 -25.88
N LEU B 315 29.52 23.58 -26.65
CA LEU B 315 30.57 22.76 -26.06
C LEU B 315 31.65 23.62 -25.42
N PHE B 316 32.02 24.72 -26.07
CA PHE B 316 33.05 25.62 -25.55
C PHE B 316 32.46 26.65 -24.60
N GLY B 317 31.46 27.40 -25.05
CA GLY B 317 30.81 28.38 -24.23
C GLY B 317 31.60 29.67 -24.10
N GLY B 318 30.97 30.67 -23.51
CA GLY B 318 31.58 31.96 -23.28
C GLY B 318 32.35 32.00 -21.98
N VAL B 319 32.62 33.21 -21.53
CA VAL B 319 33.30 33.45 -20.26
C VAL B 319 32.31 34.10 -19.31
N PRO B 320 32.11 33.57 -18.11
CA PRO B 320 31.19 34.20 -17.17
C PRO B 320 31.74 35.52 -16.66
N LYS B 321 30.85 36.48 -16.45
CA LYS B 321 31.19 37.79 -15.91
C LYS B 321 30.62 37.89 -14.51
N VAL B 322 31.50 38.10 -13.53
CA VAL B 322 31.12 38.23 -12.13
C VAL B 322 31.28 39.68 -11.74
N LEU B 323 30.18 40.30 -11.31
CA LEU B 323 30.18 41.68 -10.87
C LEU B 323 30.06 41.71 -9.35
N GLU B 324 30.16 42.93 -8.80
CA GLU B 324 30.09 43.10 -7.35
C GLU B 324 28.72 42.77 -6.78
N ASP B 325 27.68 42.75 -7.60
CA ASP B 325 26.33 42.45 -7.14
C ASP B 325 25.67 41.31 -7.88
N THR B 326 25.89 41.18 -9.18
CA THR B 326 25.25 40.16 -9.99
C THR B 326 26.30 39.40 -10.79
N ARG B 327 25.88 38.31 -11.42
CA ARG B 327 26.74 37.53 -12.29
C ARG B 327 26.07 37.38 -13.65
N ILE B 328 26.91 37.35 -14.68
CA ILE B 328 26.45 37.17 -16.05
C ILE B 328 26.74 35.73 -16.45
N ARG B 329 25.70 35.00 -16.85
CA ARG B 329 25.86 33.63 -17.27
C ARG B 329 26.78 33.54 -18.48
N GLY B 330 27.75 32.63 -18.43
CA GLY B 330 28.66 32.38 -19.52
C GLY B 330 28.36 31.15 -20.33
N ASP B 331 27.18 30.56 -20.20
CA ASP B 331 26.82 29.31 -20.86
C ASP B 331 25.71 29.56 -21.87
N ILE B 332 25.80 28.87 -23.01
CA ILE B 332 24.86 29.03 -24.11
C ILE B 332 23.83 27.92 -24.03
N HIS B 333 22.56 28.28 -24.16
CA HIS B 333 21.46 27.33 -24.16
C HIS B 333 20.90 27.20 -25.58
N ILE B 334 20.66 25.96 -26.01
CA ILE B 334 20.17 25.68 -27.34
C ILE B 334 18.88 24.88 -27.21
N LEU B 335 17.90 25.19 -28.06
CA LEU B 335 16.66 24.44 -28.15
C LEU B 335 16.46 24.02 -29.59
N ILE B 336 16.11 22.75 -29.79
CA ILE B 336 15.92 22.18 -31.12
C ILE B 336 14.50 21.67 -31.23
N ILE B 337 13.80 22.07 -32.29
CA ILE B 337 12.47 21.57 -32.61
C ILE B 337 12.51 21.05 -34.03
N GLY B 338 12.08 19.81 -34.23
CA GLY B 338 12.14 19.24 -35.56
C GLY B 338 11.14 18.12 -35.73
N ASP B 339 10.88 17.80 -37.00
CA ASP B 339 9.99 16.70 -37.31
C ASP B 339 10.60 15.38 -36.88
N PRO B 340 9.79 14.37 -36.60
CA PRO B 340 10.34 13.05 -36.24
C PRO B 340 11.19 12.49 -37.37
N GLY B 341 12.28 11.84 -36.99
CA GLY B 341 13.20 11.28 -37.95
C GLY B 341 14.25 12.22 -38.47
N THR B 342 14.47 13.36 -37.82
CA THR B 342 15.48 14.32 -38.24
C THR B 342 16.77 14.20 -37.43
N ALA B 343 16.99 13.05 -36.78
CA ALA B 343 18.24 12.75 -36.12
C ALA B 343 18.55 13.69 -34.96
N LYS B 344 17.52 14.26 -34.33
CA LYS B 344 17.76 15.11 -33.18
C LYS B 344 18.43 14.35 -32.06
N SER B 345 17.95 13.14 -31.78
CA SER B 345 18.51 12.36 -30.68
C SER B 345 19.91 11.86 -31.00
N GLN B 346 20.20 11.59 -32.27
CA GLN B 346 21.52 11.10 -32.64
C GLN B 346 22.60 12.14 -32.33
N MET B 347 22.33 13.41 -32.65
CA MET B 347 23.30 14.45 -32.34
C MET B 347 23.41 14.66 -30.83
N LEU B 348 22.28 14.60 -30.12
CA LEU B 348 22.32 14.77 -28.67
C LEU B 348 23.12 13.65 -28.02
N GLN B 349 23.00 12.43 -28.51
CA GLN B 349 23.81 11.33 -27.99
C GLN B 349 25.29 11.59 -28.25
N PHE B 350 25.63 12.12 -29.42
CA PHE B 350 27.01 12.42 -29.72
C PHE B 350 27.55 13.51 -28.79
N ILE B 351 26.74 14.52 -28.52
CA ILE B 351 27.17 15.60 -27.64
C ILE B 351 27.49 15.07 -26.25
N SER B 352 26.62 14.21 -25.73
CA SER B 352 26.84 13.65 -24.40
C SER B 352 28.06 12.74 -24.34
N ARG B 353 28.56 12.29 -25.50
CA ARG B 353 29.72 11.40 -25.51
C ARG B 353 31.03 12.14 -25.72
N VAL B 354 31.00 13.28 -26.40
CA VAL B 354 32.23 14.02 -26.66
C VAL B 354 32.51 15.09 -25.62
N ALA B 355 31.48 15.57 -24.92
CA ALA B 355 31.70 16.60 -23.92
C ALA B 355 32.51 16.05 -22.76
N PRO B 356 33.43 16.84 -22.21
CA PRO B 356 34.19 16.36 -21.04
C PRO B 356 33.32 16.02 -19.85
N ARG B 357 32.21 16.72 -19.66
CA ARG B 357 31.26 16.42 -18.58
C ARG B 357 29.85 16.71 -19.09
N ALA B 358 29.04 15.67 -19.20
CA ALA B 358 27.68 15.83 -19.71
C ALA B 358 26.77 14.80 -19.06
N VAL B 359 25.49 15.13 -19.00
CA VAL B 359 24.46 14.25 -18.46
C VAL B 359 23.32 14.19 -19.47
N TYR B 360 22.87 12.97 -19.77
CA TYR B 360 21.79 12.77 -20.74
C TYR B 360 20.55 12.28 -20.00
N THR B 361 19.46 13.04 -20.10
CA THR B 361 18.19 12.68 -19.49
C THR B 361 17.07 12.87 -20.49
N THR B 362 15.96 12.19 -20.23
CA THR B 362 14.77 12.31 -21.06
C THR B 362 13.64 12.92 -20.26
N GLY B 363 12.65 13.46 -20.98
CA GLY B 363 11.53 14.11 -20.32
C GLY B 363 10.71 13.15 -19.49
N LYS B 364 10.47 11.95 -20.00
CA LYS B 364 9.60 11.01 -19.31
C LYS B 364 10.31 10.27 -18.18
N GLY B 365 11.63 10.13 -18.24
CA GLY B 365 12.35 9.39 -17.23
C GLY B 365 12.93 10.27 -16.15
N SER B 366 12.43 11.48 -16.02
CA SER B 366 12.95 12.45 -15.06
C SER B 366 11.85 12.93 -14.13
N THR B 367 12.24 13.22 -12.90
CA THR B 367 11.36 13.82 -11.91
C THR B 367 12.02 15.09 -11.37
N ALA B 368 11.23 15.89 -10.66
CA ALA B 368 11.78 17.12 -10.08
C ALA B 368 12.87 16.81 -9.07
N ALA B 369 12.66 15.80 -8.23
CA ALA B 369 13.67 15.42 -7.25
C ALA B 369 14.92 14.91 -7.94
N GLY B 370 14.75 14.10 -8.99
CA GLY B 370 15.91 13.55 -9.69
C GLY B 370 16.67 14.57 -10.51
N LEU B 371 16.02 15.66 -10.89
CA LEU B 371 16.69 16.67 -11.71
C LEU B 371 17.52 17.63 -10.86
N THR B 372 17.10 17.90 -9.63
CA THR B 372 17.78 18.89 -8.79
C THR B 372 18.45 18.27 -7.57
N ALA B 373 17.67 17.63 -6.70
CA ALA B 373 18.18 17.04 -5.47
C ALA B 373 17.07 16.27 -4.79
N ALA B 374 17.43 15.20 -4.11
CA ALA B 374 16.48 14.34 -3.43
C ALA B 374 16.95 14.10 -2.00
N VAL B 375 16.04 14.22 -1.05
CA VAL B 375 16.37 13.96 0.35
C VAL B 375 16.27 12.47 0.61
N VAL B 376 17.17 11.95 1.44
CA VAL B 376 17.20 10.54 1.78
C VAL B 376 17.29 10.41 3.29
N ARG B 377 16.42 9.58 3.86
CA ARG B 377 16.42 9.32 5.29
C ARG B 377 17.29 8.10 5.58
N GLU B 378 18.36 8.29 6.33
CA GLU B 378 19.20 7.17 6.73
C GLU B 378 18.43 6.30 7.72
N LYS B 379 18.39 4.99 7.45
CA LYS B 379 17.63 4.08 8.31
C LYS B 379 18.23 4.02 9.71
N GLY B 380 19.56 4.00 9.81
CA GLY B 380 20.21 3.92 11.10
C GLY B 380 20.02 5.17 11.94
N THR B 381 20.50 6.31 11.45
CA THR B 381 20.44 7.54 12.22
C THR B 381 19.08 8.21 12.18
N GLY B 382 18.20 7.82 11.26
CA GLY B 382 16.94 8.51 11.10
C GLY B 382 17.08 9.96 10.72
N GLU B 383 18.05 10.28 9.88
CA GLU B 383 18.41 11.65 9.55
C GLU B 383 18.27 11.89 8.05
N TYR B 384 17.84 13.10 7.68
CA TYR B 384 17.66 13.47 6.30
C TYR B 384 18.94 14.11 5.76
N TYR B 385 19.33 13.72 4.55
CA TYR B 385 20.45 14.33 3.87
C TYR B 385 20.19 14.34 2.38
N LEU B 386 20.88 15.22 1.68
CA LEU B 386 20.61 15.48 0.27
C LEU B 386 21.39 14.53 -0.63
N GLU B 387 20.90 14.40 -1.86
CA GLU B 387 21.58 13.69 -2.93
C GLU B 387 21.61 14.57 -4.16
N ALA B 388 22.70 14.46 -4.93
CA ALA B 388 22.87 15.34 -6.08
C ALA B 388 21.94 14.90 -7.21
N GLY B 389 21.23 15.88 -7.78
CA GLY B 389 20.38 15.62 -8.93
C GLY B 389 21.14 15.72 -10.24
N ALA B 390 20.38 15.60 -11.33
CA ALA B 390 21.00 15.64 -12.65
C ALA B 390 21.64 17.00 -12.93
N LEU B 391 20.94 18.08 -12.59
CA LEU B 391 21.47 19.41 -12.87
C LEU B 391 22.68 19.72 -12.00
N VAL B 392 22.68 19.25 -10.75
CA VAL B 392 23.81 19.48 -9.88
C VAL B 392 25.04 18.73 -10.38
N LEU B 393 24.85 17.48 -10.80
CA LEU B 393 25.97 16.70 -11.32
C LEU B 393 26.56 17.30 -12.58
N ALA B 394 25.79 18.09 -13.31
CA ALA B 394 26.24 18.69 -14.56
C ALA B 394 26.89 20.04 -14.37
N ASP B 395 27.08 20.49 -13.13
CA ASP B 395 27.69 21.78 -12.87
C ASP B 395 29.05 21.87 -13.55
N GLY B 396 29.26 22.94 -14.29
CA GLY B 396 30.47 23.09 -15.07
C GLY B 396 30.50 22.28 -16.35
N GLY B 397 29.38 21.68 -16.74
CA GLY B 397 29.31 20.87 -17.94
C GLY B 397 28.07 21.19 -18.73
N ILE B 398 27.48 20.15 -19.33
CA ILE B 398 26.31 20.28 -20.18
C ILE B 398 25.24 19.31 -19.68
N ALA B 399 24.00 19.80 -19.64
CA ALA B 399 22.84 18.97 -19.33
C ALA B 399 22.01 18.82 -20.60
N VAL B 400 21.76 17.59 -21.00
CA VAL B 400 21.02 17.30 -22.22
C VAL B 400 19.66 16.74 -21.84
N ILE B 401 18.60 17.39 -22.30
CA ILE B 401 17.24 16.97 -22.03
C ILE B 401 16.60 16.63 -23.36
N ASP B 402 16.22 15.37 -23.54
CA ASP B 402 15.55 14.95 -24.75
C ASP B 402 14.05 14.81 -24.51
N GLU B 403 13.28 15.13 -25.54
CA GLU B 403 11.83 15.13 -25.46
C GLU B 403 11.34 16.01 -24.31
N ILE B 404 11.80 17.26 -24.31
CA ILE B 404 11.45 18.17 -23.23
C ILE B 404 9.96 18.46 -23.21
N ASP B 405 9.30 18.38 -24.36
CA ASP B 405 7.88 18.68 -24.43
C ASP B 405 7.01 17.61 -23.78
N LYS B 406 7.57 16.47 -23.40
CA LYS B 406 6.79 15.39 -22.80
C LYS B 406 6.84 15.37 -21.28
N MET B 407 7.80 16.05 -20.66
CA MET B 407 7.88 16.04 -19.22
C MET B 407 6.75 16.87 -18.61
N ARG B 408 6.29 16.45 -17.44
CA ARG B 408 5.21 17.14 -16.76
C ARG B 408 5.65 18.52 -16.31
N ASP B 409 4.71 19.47 -16.34
CA ASP B 409 5.04 20.85 -16.03
C ASP B 409 5.44 21.03 -14.57
N GLU B 410 4.99 20.15 -13.68
CA GLU B 410 5.44 20.22 -12.29
C GLU B 410 6.93 19.94 -12.17
N ASP B 411 7.53 19.32 -13.18
CA ASP B 411 8.97 19.13 -13.24
C ASP B 411 9.68 20.18 -14.07
N ARG B 412 9.02 20.71 -15.11
CA ARG B 412 9.64 21.70 -15.96
C ARG B 412 9.94 22.98 -15.20
N VAL B 413 9.14 23.32 -14.19
CA VAL B 413 9.36 24.55 -13.45
C VAL B 413 10.67 24.50 -12.69
N ALA B 414 11.11 23.30 -12.31
CA ALA B 414 12.34 23.17 -11.53
C ALA B 414 13.56 23.66 -12.28
N ILE B 415 13.53 23.67 -13.62
CA ILE B 415 14.68 24.11 -14.39
C ILE B 415 14.62 25.59 -14.75
N HIS B 416 13.50 26.26 -14.49
CA HIS B 416 13.42 27.69 -14.78
C HIS B 416 14.49 28.46 -14.01
N GLU B 417 14.67 28.16 -12.74
CA GLU B 417 15.69 28.82 -11.94
C GLU B 417 17.09 28.49 -12.47
N ALA B 418 17.33 27.22 -12.81
CA ALA B 418 18.65 26.83 -13.28
C ALA B 418 18.96 27.46 -14.63
N MET B 419 17.96 27.58 -15.50
CA MET B 419 18.19 28.14 -16.82
C MET B 419 18.67 29.59 -16.73
N GLU B 420 18.06 30.37 -15.84
CA GLU B 420 18.35 31.80 -15.73
C GLU B 420 19.30 32.12 -14.57
N GLN B 421 18.93 31.72 -13.36
CA GLN B 421 19.71 32.07 -12.19
C GLN B 421 20.92 31.17 -11.98
N GLN B 422 20.99 30.04 -12.69
CA GLN B 422 22.07 29.07 -12.53
C GLN B 422 22.21 28.62 -11.08
N THR B 423 21.07 28.42 -10.42
CA THR B 423 21.05 27.97 -9.03
C THR B 423 19.85 27.07 -8.83
N VAL B 424 19.90 26.29 -7.74
CA VAL B 424 18.81 25.42 -7.34
C VAL B 424 18.51 25.69 -5.87
N SER B 425 17.25 26.00 -5.57
CA SER B 425 16.83 26.30 -4.22
C SER B 425 16.09 25.10 -3.65
N ILE B 426 16.56 24.60 -2.51
CA ILE B 426 15.98 23.44 -1.85
C ILE B 426 15.48 23.86 -0.47
N ALA B 427 14.19 23.69 -0.24
CA ALA B 427 13.60 23.95 1.08
C ALA B 427 12.57 22.84 1.34
N LYS B 428 13.03 21.75 1.95
CA LYS B 428 12.13 20.64 2.24
C LYS B 428 12.77 19.77 3.31
N ALA B 429 11.91 19.13 4.12
CA ALA B 429 12.33 18.22 5.17
C ALA B 429 13.32 18.90 6.12
N GLY B 430 13.09 20.18 6.39
CA GLY B 430 13.96 20.91 7.28
C GLY B 430 15.35 21.16 6.76
N ILE B 431 15.56 21.07 5.46
CA ILE B 431 16.85 21.31 4.83
C ILE B 431 16.72 22.51 3.91
N VAL B 432 17.51 23.53 4.14
CA VAL B 432 17.51 24.75 3.34
C VAL B 432 18.90 24.98 2.80
N ALA B 433 19.01 25.09 1.48
CA ALA B 433 20.30 25.32 0.84
C ALA B 433 20.06 25.86 -0.57
N LYS B 434 21.09 26.48 -1.12
CA LYS B 434 21.08 26.95 -2.50
C LYS B 434 22.31 26.41 -3.19
N LEU B 435 22.11 25.67 -4.27
CA LEU B 435 23.18 24.96 -4.94
C LEU B 435 23.50 25.61 -6.28
N ASN B 436 24.71 25.37 -6.76
CA ASN B 436 25.16 25.91 -8.03
C ASN B 436 24.84 24.92 -9.14
N ALA B 437 24.25 25.42 -10.23
CA ALA B 437 23.87 24.60 -11.38
C ALA B 437 24.32 25.28 -12.67
N ARG B 438 25.56 25.76 -12.68
CA ARG B 438 26.10 26.46 -13.85
C ARG B 438 26.39 25.43 -14.93
N ALA B 439 25.34 25.06 -15.64
CA ALA B 439 25.43 24.06 -16.70
C ALA B 439 24.67 24.53 -17.93
N ALA B 440 25.26 24.30 -19.10
CA ALA B 440 24.56 24.58 -20.35
C ALA B 440 23.48 23.54 -20.58
N VAL B 441 22.33 23.98 -21.10
CA VAL B 441 21.19 23.12 -21.31
C VAL B 441 20.96 22.99 -22.80
N ILE B 442 20.94 21.75 -23.29
CA ILE B 442 20.62 21.45 -24.68
C ILE B 442 19.36 20.62 -24.67
N ALA B 443 18.30 21.12 -25.31
CA ALA B 443 17.00 20.47 -25.25
C ALA B 443 16.48 20.23 -26.65
N ALA B 444 15.67 19.17 -26.79
CA ALA B 444 15.05 18.84 -28.05
C ALA B 444 13.59 18.49 -27.81
N GLY B 445 12.78 18.63 -28.86
CA GLY B 445 11.37 18.32 -28.75
C GLY B 445 10.74 18.30 -30.13
N ASN B 446 9.52 17.83 -30.16
CA ASN B 446 8.76 17.76 -31.40
C ASN B 446 7.71 18.85 -31.44
N PRO B 447 7.26 19.23 -32.65
CA PRO B 447 6.17 20.20 -32.75
C PRO B 447 4.90 19.66 -32.12
N LYS B 448 3.92 20.56 -31.99
CA LYS B 448 2.66 20.19 -31.34
C LYS B 448 1.91 19.12 -32.11
N PHE B 449 1.91 19.21 -33.44
CA PHE B 449 1.17 18.29 -34.29
C PHE B 449 2.08 17.31 -35.02
N GLY B 450 3.21 16.97 -34.40
CA GLY B 450 4.13 16.03 -35.01
C GLY B 450 4.93 16.65 -36.15
N ARG B 451 4.27 16.96 -37.25
CA ARG B 451 4.91 17.62 -38.38
C ARG B 451 4.77 19.12 -38.26
N TYR B 452 5.86 19.83 -38.47
CA TYR B 452 5.85 21.28 -38.33
C TYR B 452 4.96 21.92 -39.38
N ILE B 453 4.24 22.96 -38.98
CA ILE B 453 3.40 23.75 -39.86
C ILE B 453 3.94 25.17 -39.89
N SER B 454 4.38 25.60 -41.08
CA SER B 454 5.05 26.89 -41.19
C SER B 454 4.07 28.06 -41.16
N GLU B 455 2.88 27.89 -41.74
CA GLU B 455 1.93 28.99 -41.83
C GLU B 455 1.51 29.46 -40.44
N ARG B 456 1.25 28.53 -39.54
CA ARG B 456 0.98 28.89 -38.16
C ARG B 456 2.26 29.40 -37.50
N PRO B 457 2.13 30.27 -36.49
CA PRO B 457 3.33 30.85 -35.87
C PRO B 457 4.13 29.83 -35.09
N VAL B 458 5.18 30.29 -34.41
CA VAL B 458 5.97 29.41 -33.56
C VAL B 458 5.25 29.12 -32.24
N SER B 459 4.37 30.02 -31.80
CA SER B 459 3.75 29.88 -30.49
C SER B 459 2.87 28.63 -30.41
N ASP B 460 2.11 28.35 -31.45
CA ASP B 460 1.22 27.19 -31.45
C ASP B 460 1.90 25.92 -31.95
N ASN B 461 3.19 25.98 -32.30
CA ASN B 461 3.94 24.81 -32.70
C ASN B 461 4.86 24.29 -31.61
N ILE B 462 5.35 25.17 -30.74
CA ILE B 462 6.30 24.78 -29.71
C ILE B 462 5.64 23.88 -28.68
N ASN B 463 4.37 24.15 -28.36
CA ASN B 463 3.67 23.49 -27.25
C ASN B 463 4.42 23.68 -25.94
N LEU B 464 4.97 24.87 -25.75
CA LEU B 464 5.71 25.22 -24.54
C LEU B 464 5.31 26.62 -24.10
N PRO B 465 5.31 26.90 -22.80
CA PRO B 465 5.02 28.24 -22.32
C PRO B 465 6.06 29.24 -22.82
N PRO B 466 5.65 30.46 -23.14
CA PRO B 466 6.62 31.44 -23.67
C PRO B 466 7.70 31.83 -22.68
N THR B 467 7.49 31.59 -21.38
CA THR B 467 8.48 31.99 -20.38
C THR B 467 9.79 31.26 -20.57
N ILE B 468 9.72 29.94 -20.83
CA ILE B 468 10.93 29.15 -20.96
C ILE B 468 11.69 29.52 -22.23
N LEU B 469 10.96 29.81 -23.32
CA LEU B 469 11.62 30.16 -24.58
C LEU B 469 12.40 31.45 -24.50
N SER B 470 12.04 32.33 -23.57
CA SER B 470 12.81 33.56 -23.40
C SER B 470 14.21 33.30 -22.86
N ARG B 471 14.45 32.12 -22.31
CA ARG B 471 15.72 31.79 -21.67
C ARG B 471 16.66 31.02 -22.58
N PHE B 472 16.29 30.79 -23.84
CA PHE B 472 17.14 30.05 -24.76
C PHE B 472 17.88 31.03 -25.66
N ASP B 473 19.20 30.90 -25.69
CA ASP B 473 20.02 31.79 -26.51
C ASP B 473 19.72 31.60 -27.99
N LEU B 474 19.58 30.36 -28.44
CA LEU B 474 19.31 30.08 -29.84
C LEU B 474 18.25 28.99 -29.93
N ILE B 475 17.38 29.11 -30.94
CA ILE B 475 16.36 28.11 -31.23
C ILE B 475 16.45 27.78 -32.71
N PHE B 476 16.47 26.49 -33.02
CA PHE B 476 16.56 26.02 -34.40
C PHE B 476 15.36 25.15 -34.72
N ILE B 477 14.94 25.22 -35.98
CA ILE B 477 13.78 24.45 -36.46
C ILE B 477 14.27 23.53 -37.55
N LEU B 478 14.01 22.24 -37.40
CA LEU B 478 14.38 21.24 -38.39
C LEU B 478 13.15 20.82 -39.16
N LYS B 479 13.24 20.84 -40.49
CA LYS B 479 12.11 20.58 -41.36
C LYS B 479 12.43 19.38 -42.25
N ASP B 480 11.55 18.40 -42.24
CA ASP B 480 11.73 17.20 -43.06
C ASP B 480 10.84 17.33 -44.29
N GLN B 481 11.34 18.05 -45.28
CA GLN B 481 10.61 18.25 -46.53
C GLN B 481 11.24 17.40 -47.62
N PRO B 482 10.54 16.40 -48.15
CA PRO B 482 11.12 15.59 -49.23
C PRO B 482 11.37 16.41 -50.48
N GLY B 483 12.63 16.56 -50.85
CA GLY B 483 12.98 17.33 -52.03
C GLY B 483 14.06 16.67 -52.85
N GLU B 484 14.93 17.47 -53.46
CA GLU B 484 16.00 16.94 -54.32
C GLU B 484 17.17 16.40 -53.53
N GLN B 485 17.26 16.69 -52.23
CA GLN B 485 18.37 16.22 -51.41
C GLN B 485 18.22 14.76 -51.01
N ASP B 486 17.10 14.13 -51.35
CA ASP B 486 16.84 12.77 -50.88
C ASP B 486 17.88 11.79 -51.40
N ARG B 487 18.26 11.91 -52.68
CA ARG B 487 19.25 11.00 -53.23
C ARG B 487 20.60 11.17 -52.54
N GLU B 488 21.01 12.41 -52.28
CA GLU B 488 22.27 12.64 -51.60
C GLU B 488 22.24 12.10 -50.17
N LEU B 489 21.13 12.32 -49.47
CA LEU B 489 21.00 11.80 -48.12
C LEU B 489 20.99 10.27 -48.12
N ALA B 490 20.29 9.68 -49.08
CA ALA B 490 20.24 8.23 -49.16
C ALA B 490 21.62 7.64 -49.44
N ASN B 491 22.37 8.25 -50.35
CA ASN B 491 23.72 7.76 -50.64
C ASN B 491 24.62 7.88 -49.43
N TYR B 492 24.51 8.98 -48.69
CA TYR B 492 25.34 9.17 -47.51
C TYR B 492 25.04 8.13 -46.44
N ILE B 493 23.76 7.85 -46.21
CA ILE B 493 23.39 6.91 -45.15
C ILE B 493 23.87 5.51 -45.48
N LEU B 494 23.66 5.08 -46.73
CA LEU B 494 24.07 3.74 -47.11
C LEU B 494 25.58 3.56 -47.01
N ASP B 495 26.34 4.62 -47.23
CA ASP B 495 27.79 4.55 -47.06
C ASP B 495 28.14 4.30 -45.59
N VAL B 496 27.41 4.94 -44.68
CA VAL B 496 27.66 4.71 -43.25
C VAL B 496 27.38 3.26 -42.89
N HIS B 497 26.26 2.73 -43.37
CA HIS B 497 25.91 1.34 -43.10
C HIS B 497 26.86 0.36 -43.77
N SER B 498 27.56 0.80 -44.81
CA SER B 498 28.50 -0.07 -45.53
C SER B 498 29.90 -0.01 -44.97
N GLY B 499 30.12 0.73 -43.87
CA GLY B 499 31.43 0.82 -43.26
C GLY B 499 32.29 1.95 -43.77
N LYS B 500 31.84 2.71 -44.78
CA LYS B 500 32.61 3.84 -45.26
C LYS B 500 32.66 4.93 -44.19
N SER B 501 33.76 5.66 -44.18
CA SER B 501 33.99 6.69 -43.18
C SER B 501 34.44 7.98 -43.85
N THR B 502 34.17 9.10 -43.17
CA THR B 502 34.63 10.40 -43.64
C THR B 502 36.01 10.68 -43.05
N LYS B 503 36.96 11.00 -43.93
CA LYS B 503 38.33 11.23 -43.50
C LYS B 503 38.55 12.70 -43.19
N ASN B 504 39.74 12.99 -42.66
CA ASN B 504 40.14 14.35 -42.30
C ASN B 504 39.19 14.96 -41.29
N ILE B 505 38.92 14.23 -40.21
CA ILE B 505 38.15 14.72 -39.09
C ILE B 505 38.91 14.43 -37.80
N ILE B 506 38.59 15.18 -36.76
CA ILE B 506 39.25 15.04 -35.47
C ILE B 506 38.57 13.92 -34.70
N ASP B 507 39.38 13.00 -34.17
CA ASP B 507 38.83 11.90 -33.39
C ASP B 507 38.18 12.41 -32.11
N ILE B 508 37.21 11.65 -31.61
CA ILE B 508 36.47 12.06 -30.42
C ILE B 508 37.41 12.17 -29.22
N ASP B 509 38.33 11.22 -29.08
CA ASP B 509 39.22 11.22 -27.93
C ASP B 509 40.05 12.50 -27.87
N THR B 510 40.67 12.87 -28.99
CA THR B 510 41.44 14.10 -29.00
C THR B 510 40.54 15.33 -29.00
N LEU B 511 39.36 15.23 -29.60
CA LEU B 511 38.43 16.34 -29.57
C LEU B 511 37.98 16.64 -28.14
N ARG B 512 37.76 15.59 -27.34
CA ARG B 512 37.40 15.81 -25.95
C ARG B 512 38.52 16.52 -25.20
N LYS B 513 39.77 16.14 -25.46
CA LYS B 513 40.90 16.80 -24.82
C LYS B 513 40.99 18.25 -25.27
N TYR B 514 40.72 18.51 -26.55
CA TYR B 514 40.79 19.88 -27.07
C TYR B 514 39.80 20.79 -26.36
N ILE B 515 38.58 20.31 -26.15
CA ILE B 515 37.57 21.12 -25.48
C ILE B 515 37.96 21.37 -24.03
N ALA B 516 38.47 20.35 -23.35
CA ALA B 516 38.85 20.50 -21.95
C ALA B 516 39.94 21.55 -21.78
N TYR B 517 40.94 21.53 -22.66
CA TYR B 517 42.00 22.53 -22.59
C TYR B 517 41.45 23.93 -22.81
N ALA B 518 40.57 24.09 -23.81
CA ALA B 518 40.08 25.42 -24.16
C ALA B 518 39.29 26.04 -23.01
N ARG B 519 38.43 25.26 -22.38
CA ARG B 519 37.60 25.79 -21.29
C ARG B 519 38.39 26.14 -20.06
N LYS B 520 39.66 25.73 -19.98
CA LYS B 520 40.48 25.92 -18.80
C LYS B 520 41.50 27.05 -18.95
N TYR B 521 42.18 27.13 -20.08
CA TYR B 521 43.33 28.01 -20.24
C TYR B 521 43.08 29.17 -21.17
N VAL B 522 41.86 29.35 -21.67
CA VAL B 522 41.56 30.42 -22.62
C VAL B 522 40.45 31.28 -22.04
N THR B 523 40.71 32.58 -21.92
CA THR B 523 39.74 33.56 -21.46
C THR B 523 39.82 34.78 -22.38
N PRO B 524 39.12 34.74 -23.51
CA PRO B 524 39.20 35.86 -24.46
C PRO B 524 38.62 37.14 -23.89
N LYS B 525 39.16 38.26 -24.36
CA LYS B 525 38.68 39.59 -23.99
C LYS B 525 38.15 40.30 -25.22
N ILE B 526 36.98 40.90 -25.09
CA ILE B 526 36.36 41.61 -26.20
C ILE B 526 37.07 42.93 -26.41
N THR B 527 37.44 43.22 -27.65
CA THR B 527 38.01 44.50 -28.00
C THR B 527 36.91 45.55 -28.17
N SER B 528 37.31 46.82 -28.08
CA SER B 528 36.35 47.90 -28.27
C SER B 528 35.78 47.90 -29.67
N GLU B 529 36.62 47.64 -30.68
CA GLU B 529 36.14 47.63 -32.06
C GLU B 529 35.11 46.54 -32.27
N ALA B 530 35.31 45.37 -31.64
CA ALA B 530 34.30 44.32 -31.71
C ALA B 530 33.01 44.76 -31.04
N LYS B 531 33.11 45.41 -29.88
CA LYS B 531 31.93 45.90 -29.19
C LYS B 531 31.15 46.88 -30.06
N ASN B 532 31.82 47.57 -30.98
CA ASN B 532 31.13 48.51 -31.85
C ASN B 532 30.12 47.80 -32.75
N LEU B 533 30.51 46.65 -33.31
CA LEU B 533 29.62 45.96 -34.25
C LEU B 533 28.36 45.46 -33.55
N ILE B 534 28.52 44.82 -32.39
CA ILE B 534 27.35 44.31 -31.67
C ILE B 534 26.45 45.44 -31.24
N THR B 535 27.03 46.50 -30.67
CA THR B 535 26.23 47.64 -30.25
C THR B 535 25.52 48.27 -31.44
N ASP B 536 26.23 48.43 -32.56
CA ASP B 536 25.59 48.88 -33.78
C ASP B 536 24.53 47.88 -34.25
N PHE B 537 24.86 46.59 -34.20
CA PHE B 537 23.92 45.58 -34.65
C PHE B 537 22.66 45.59 -33.79
N PHE B 538 22.83 45.52 -32.46
CA PHE B 538 21.69 45.33 -31.56
C PHE B 538 20.63 46.39 -31.72
N VAL B 539 21.00 47.59 -32.20
CA VAL B 539 20.01 48.61 -32.48
C VAL B 539 19.02 48.14 -33.54
N GLU B 540 19.52 47.38 -34.52
CA GLU B 540 18.70 47.03 -35.67
C GLU B 540 17.47 46.22 -35.27
N MET B 541 17.67 45.12 -34.53
CA MET B 541 16.52 44.33 -34.11
C MET B 541 15.58 45.13 -33.21
N ARG B 542 16.12 46.07 -32.42
CA ARG B 542 15.25 46.93 -31.63
C ARG B 542 14.33 47.74 -32.53
N LYS B 543 14.85 48.25 -33.64
CA LYS B 543 14.00 48.89 -34.63
C LYS B 543 13.07 47.89 -35.30
N LYS B 544 13.58 46.70 -35.60
CA LYS B 544 12.76 45.69 -36.29
C LYS B 544 11.73 45.05 -35.35
N SER B 545 12.00 45.02 -34.05
CA SER B 545 11.01 44.49 -33.12
C SER B 545 9.75 45.34 -33.12
N SER B 546 9.91 46.66 -33.13
CA SER B 546 8.75 47.55 -33.22
C SER B 546 8.09 47.45 -34.60
N GLU B 547 8.88 47.22 -35.65
CA GLU B 547 8.32 47.09 -36.99
C GLU B 547 7.38 45.90 -37.08
N THR B 548 7.76 44.78 -36.47
CA THR B 548 6.96 43.56 -36.47
C THR B 548 6.81 43.08 -35.04
N PRO B 549 5.90 43.69 -34.28
CA PRO B 549 5.71 43.29 -32.87
C PRO B 549 4.86 42.05 -32.70
N ASP B 550 4.46 41.39 -33.78
CA ASP B 550 3.63 40.19 -33.69
C ASP B 550 4.42 38.94 -33.38
N SER B 551 5.74 38.99 -33.45
CA SER B 551 6.55 37.81 -33.18
C SER B 551 6.52 37.48 -31.69
N PRO B 552 6.45 36.19 -31.33
CA PRO B 552 6.57 35.82 -29.91
C PRO B 552 7.95 36.07 -29.34
N ILE B 553 8.96 36.24 -30.17
CA ILE B 553 10.32 36.51 -29.73
C ILE B 553 10.49 38.01 -29.54
N LEU B 554 11.00 38.41 -28.38
CA LEU B 554 11.18 39.81 -28.04
C LEU B 554 12.65 40.16 -28.00
N ILE B 555 12.99 41.34 -28.52
CA ILE B 555 14.37 41.81 -28.53
C ILE B 555 14.66 42.48 -27.20
N THR B 556 15.07 41.69 -26.22
CA THR B 556 15.39 42.14 -24.88
C THR B 556 16.88 42.37 -24.75
N PRO B 557 17.33 43.01 -23.66
CA PRO B 557 18.78 43.10 -23.42
C PRO B 557 19.44 41.74 -23.27
N ARG B 558 18.67 40.68 -22.99
CA ARG B 558 19.25 39.35 -22.92
C ARG B 558 19.85 38.92 -24.26
N GLN B 559 19.16 39.24 -25.36
CA GLN B 559 19.70 38.92 -26.68
C GLN B 559 21.02 39.64 -26.92
N LEU B 560 21.20 40.83 -26.34
CA LEU B 560 22.50 41.48 -26.40
C LEU B 560 23.56 40.67 -25.68
N GLU B 561 23.22 40.13 -24.51
CA GLU B 561 24.17 39.31 -23.77
C GLU B 561 24.51 38.04 -24.54
N ALA B 562 23.51 37.42 -25.17
CA ALA B 562 23.75 36.19 -25.90
C ALA B 562 24.70 36.41 -27.07
N LEU B 563 24.61 37.57 -27.70
CA LEU B 563 25.49 37.85 -28.83
C LEU B 563 26.94 37.97 -28.39
N ILE B 564 27.18 38.45 -27.16
CA ILE B 564 28.54 38.53 -26.65
C ILE B 564 29.10 37.15 -26.38
N ARG B 565 28.30 36.27 -25.77
CA ARG B 565 28.76 34.93 -25.45
C ARG B 565 29.14 34.16 -26.70
N ILE B 566 28.33 34.26 -27.75
CA ILE B 566 28.61 33.54 -28.98
C ILE B 566 29.93 34.00 -29.57
N SER B 567 30.17 35.32 -29.56
CA SER B 567 31.44 35.84 -30.04
C SER B 567 32.59 35.35 -29.19
N GLU B 568 32.39 35.29 -27.87
CA GLU B 568 33.44 34.80 -26.97
C GLU B 568 33.77 33.35 -27.26
N ALA B 569 32.75 32.53 -27.52
CA ALA B 569 32.97 31.12 -27.79
C ALA B 569 33.77 30.92 -29.06
N TYR B 570 33.51 31.74 -30.08
CA TYR B 570 34.24 31.59 -31.35
C TYR B 570 35.73 31.79 -31.16
N ALA B 571 36.12 32.82 -30.40
CA ALA B 571 37.54 33.02 -30.13
C ALA B 571 38.10 31.88 -29.31
N LYS B 572 37.36 31.40 -28.33
CA LYS B 572 37.81 30.27 -27.53
C LYS B 572 37.97 29.02 -28.38
N MET B 573 37.12 28.86 -29.40
CA MET B 573 37.22 27.70 -30.27
C MET B 573 38.54 27.67 -31.02
N ALA B 574 39.10 28.82 -31.34
CA ALA B 574 40.35 28.91 -32.08
C ALA B 574 41.54 29.17 -31.16
N LEU B 575 41.37 29.01 -29.85
CA LEU B 575 42.44 29.21 -28.87
C LEU B 575 43.03 30.61 -28.93
N LYS B 576 42.20 31.60 -29.25
CA LYS B 576 42.61 32.99 -29.31
C LYS B 576 42.25 33.69 -28.01
N ALA B 577 43.20 34.44 -27.46
CA ALA B 577 42.95 35.19 -26.24
C ALA B 577 42.26 36.52 -26.50
N GLU B 578 42.03 36.87 -27.75
CA GLU B 578 41.44 38.16 -28.10
C GLU B 578 40.26 37.95 -29.04
N VAL B 579 39.24 38.78 -28.87
CA VAL B 579 38.02 38.71 -29.67
C VAL B 579 38.16 39.70 -30.81
N THR B 580 38.63 39.22 -31.96
CA THR B 580 38.82 40.08 -33.12
C THR B 580 37.47 40.42 -33.74
N ARG B 581 37.51 41.14 -34.86
CA ARG B 581 36.28 41.54 -35.53
C ARG B 581 35.67 40.39 -36.31
N GLU B 582 36.48 39.44 -36.80
CA GLU B 582 35.94 38.35 -37.61
C GLU B 582 35.03 37.45 -36.79
N ASP B 583 35.24 37.37 -35.48
CA ASP B 583 34.34 36.61 -34.63
C ASP B 583 33.04 37.36 -34.36
N ALA B 584 33.12 38.69 -34.26
CA ALA B 584 31.91 39.47 -34.02
C ALA B 584 30.92 39.34 -35.17
N GLU B 585 31.41 39.39 -36.41
CA GLU B 585 30.54 39.22 -37.55
C GLU B 585 30.04 37.79 -37.67
N ARG B 586 30.88 36.82 -37.31
CA ARG B 586 30.41 35.43 -37.30
C ARG B 586 29.27 35.24 -36.33
N ALA B 587 29.37 35.83 -35.13
CA ALA B 587 28.28 35.75 -34.17
C ALA B 587 27.04 36.45 -34.71
N ILE B 588 27.24 37.55 -35.44
CA ILE B 588 26.11 38.24 -36.05
C ILE B 588 25.43 37.34 -37.08
N ASN B 589 26.23 36.63 -37.87
CA ASN B 589 25.68 35.76 -38.91
C ASN B 589 24.80 34.68 -38.30
N ILE B 590 25.30 34.00 -37.27
CA ILE B 590 24.53 32.91 -36.67
C ILE B 590 23.29 33.43 -35.97
N MET B 591 23.37 34.64 -35.39
CA MET B 591 22.17 35.23 -34.79
C MET B 591 21.11 35.50 -35.84
N ARG B 592 21.53 35.99 -37.01
CA ARG B 592 20.57 36.30 -38.07
C ARG B 592 19.83 35.05 -38.51
N LEU B 593 20.56 33.95 -38.73
CA LEU B 593 19.93 32.71 -39.15
C LEU B 593 18.95 32.21 -38.11
N PHE B 594 19.27 32.37 -36.83
CA PHE B 594 18.32 32.03 -35.77
C PHE B 594 17.05 32.86 -35.91
N LEU B 595 17.19 34.17 -36.16
CA LEU B 595 16.02 34.99 -36.39
C LEU B 595 15.31 34.57 -37.67
N GLU B 596 16.06 34.22 -38.71
CA GLU B 596 15.45 33.78 -39.96
C GLU B 596 14.67 32.48 -39.75
N SER B 597 15.24 31.54 -39.00
CA SER B 597 14.56 30.27 -38.78
C SER B 597 13.28 30.46 -37.98
N VAL B 598 13.31 31.31 -36.95
CA VAL B 598 12.15 31.52 -36.10
C VAL B 598 11.04 32.29 -36.80
N GLY B 599 11.31 32.81 -38.00
CA GLY B 599 10.31 33.54 -38.76
C GLY B 599 10.61 35.01 -38.93
N VAL B 600 11.62 35.55 -38.25
CA VAL B 600 12.00 36.94 -38.42
C VAL B 600 12.87 37.06 -39.67
N ASP B 601 12.23 37.33 -40.80
CA ASP B 601 12.93 37.43 -42.07
C ASP B 601 13.55 38.80 -42.24
N MET B 602 14.71 38.83 -42.91
CA MET B 602 15.43 40.07 -43.12
C MET B 602 15.94 40.17 -44.55
N GLN C 8 32.17 -53.59 -1.02
CA GLN C 8 32.81 -52.31 -1.24
C GLN C 8 34.02 -52.45 -2.17
N ILE C 9 33.96 -51.77 -3.30
CA ILE C 9 35.04 -51.78 -4.29
C ILE C 9 35.37 -50.33 -4.63
N ASP C 10 36.68 -50.05 -4.77
CA ASP C 10 37.09 -48.71 -5.13
C ASP C 10 36.56 -48.33 -6.51
N TYR C 11 36.02 -47.13 -6.61
CA TYR C 11 35.49 -46.61 -7.87
C TYR C 11 36.44 -45.65 -8.56
N ARG C 12 37.58 -45.34 -7.93
CA ARG C 12 38.54 -44.43 -8.57
C ARG C 12 39.00 -44.98 -9.91
N ASP C 13 39.42 -46.24 -9.93
CA ASP C 13 39.86 -46.85 -11.18
C ASP C 13 38.74 -46.92 -12.20
N VAL C 14 37.54 -47.31 -11.75
CA VAL C 14 36.40 -47.39 -12.67
C VAL C 14 36.07 -46.01 -13.22
N PHE C 15 36.09 -44.99 -12.36
CA PHE C 15 35.84 -43.63 -12.83
C PHE C 15 36.91 -43.19 -13.83
N ILE C 16 38.17 -43.46 -13.53
CA ILE C 16 39.24 -43.14 -14.47
C ILE C 16 39.11 -43.97 -15.73
N GLU C 17 38.76 -45.25 -15.58
CA GLU C 17 38.54 -46.09 -16.74
C GLU C 17 37.40 -45.56 -17.61
N PHE C 18 36.31 -45.14 -16.98
CA PHE C 18 35.18 -44.62 -17.75
C PHE C 18 35.56 -43.35 -18.49
N LEU C 19 36.33 -42.48 -17.85
CA LEU C 19 36.69 -41.22 -18.48
C LEU C 19 37.53 -41.43 -19.74
N THR C 20 38.46 -42.38 -19.69
CA THR C 20 39.40 -42.58 -20.78
C THR C 20 38.93 -43.58 -21.82
N THR C 21 37.96 -44.43 -21.51
CA THR C 21 37.55 -45.50 -22.41
C THR C 21 36.15 -45.36 -22.95
N PHE C 22 35.37 -44.37 -22.51
CA PHE C 22 34.03 -44.21 -23.04
C PHE C 22 34.07 -43.79 -24.50
N LYS C 23 33.22 -44.42 -25.30
CA LYS C 23 33.10 -44.13 -26.72
C LYS C 23 31.77 -43.46 -26.98
N GLY C 24 31.80 -42.27 -27.55
CA GLY C 24 30.59 -41.54 -27.90
C GLY C 24 29.92 -42.12 -29.12
N ASN C 25 29.15 -41.27 -29.81
CA ASN C 25 28.53 -41.70 -31.06
C ASN C 25 29.59 -42.04 -32.11
N ASN C 26 30.65 -41.23 -32.17
CA ASN C 26 31.76 -41.45 -33.10
C ASN C 26 32.92 -42.18 -32.45
N ASN C 27 32.75 -42.67 -31.22
CA ASN C 27 33.82 -43.32 -30.47
C ASN C 27 35.04 -42.41 -30.35
N GLN C 28 34.79 -41.14 -30.04
CA GLN C 28 35.82 -40.11 -30.00
C GLN C 28 36.39 -39.89 -28.62
N ASN C 29 35.97 -40.65 -27.62
CA ASN C 29 36.40 -40.44 -26.23
C ASN C 29 36.14 -39.01 -25.80
N LYS C 30 34.83 -38.68 -25.76
CA LYS C 30 34.40 -37.31 -25.56
C LYS C 30 34.97 -36.73 -24.27
N TYR C 31 34.94 -37.50 -23.18
CA TYR C 31 35.39 -36.96 -21.90
C TYR C 31 36.89 -36.72 -21.89
N ILE C 32 37.64 -37.45 -22.72
CA ILE C 32 39.06 -37.15 -22.87
C ILE C 32 39.24 -35.76 -23.45
N GLU C 33 38.45 -35.41 -24.46
CA GLU C 33 38.51 -34.07 -25.03
C GLU C 33 38.12 -33.01 -24.00
N ARG C 34 37.10 -33.31 -23.19
CA ARG C 34 36.66 -32.34 -22.19
C ARG C 34 37.77 -32.06 -21.17
N ILE C 35 38.49 -33.10 -20.75
CA ILE C 35 39.59 -32.89 -19.81
C ILE C 35 40.65 -32.01 -20.43
N ASN C 36 40.99 -32.26 -21.70
CA ASN C 36 41.98 -31.43 -22.38
C ASN C 36 41.53 -29.99 -22.45
N GLU C 37 40.25 -29.76 -22.77
CA GLU C 37 39.72 -28.40 -22.75
C GLU C 37 39.79 -27.82 -21.34
N LEU C 38 39.48 -28.64 -20.33
CA LEU C 38 39.57 -28.19 -18.95
C LEU C 38 41.01 -27.81 -18.61
N VAL C 39 41.98 -28.63 -19.03
CA VAL C 39 43.38 -28.32 -18.76
C VAL C 39 43.81 -27.05 -19.47
N ALA C 40 43.40 -26.89 -20.73
CA ALA C 40 43.84 -25.75 -21.52
C ALA C 40 43.34 -24.44 -20.93
N TYR C 41 42.08 -24.40 -20.51
CA TYR C 41 41.47 -23.15 -20.04
C TYR C 41 41.40 -23.06 -18.53
N ARG C 42 41.87 -24.07 -17.80
CA ARG C 42 41.81 -24.09 -16.34
C ARG C 42 40.37 -23.92 -15.84
N LYS C 43 39.48 -24.74 -16.38
CA LYS C 43 38.05 -24.58 -16.14
C LYS C 43 37.60 -25.13 -14.80
N LYS C 44 38.41 -25.98 -14.15
CA LYS C 44 38.18 -26.47 -12.79
C LYS C 44 36.80 -27.12 -12.61
N SER C 45 36.12 -27.48 -13.69
CA SER C 45 34.79 -28.08 -13.58
C SER C 45 34.58 -29.05 -14.73
N LEU C 46 33.99 -30.20 -14.42
CA LEU C 46 33.71 -31.24 -15.41
C LEU C 46 32.22 -31.57 -15.39
N ILE C 47 31.65 -31.74 -16.58
CA ILE C 47 30.24 -32.09 -16.74
C ILE C 47 30.15 -33.51 -17.26
N ILE C 48 29.42 -34.36 -16.54
CA ILE C 48 29.29 -35.77 -16.88
C ILE C 48 27.81 -36.06 -17.10
N GLU C 49 27.49 -36.60 -18.26
CA GLU C 49 26.12 -37.02 -18.55
C GLU C 49 25.81 -38.31 -17.81
N PHE C 50 24.68 -38.33 -17.11
CA PHE C 50 24.35 -39.50 -16.28
C PHE C 50 24.11 -40.74 -17.13
N SER C 51 23.43 -40.59 -18.27
CA SER C 51 23.11 -41.76 -19.08
C SER C 51 24.37 -42.43 -19.61
N ASP C 52 25.43 -41.66 -19.85
CA ASP C 52 26.70 -42.25 -20.24
C ASP C 52 27.26 -43.13 -19.12
N VAL C 53 27.19 -42.66 -17.88
CA VAL C 53 27.68 -43.44 -16.76
C VAL C 53 26.87 -44.72 -16.60
N LEU C 54 25.54 -44.61 -16.72
CA LEU C 54 24.69 -45.79 -16.60
C LEU C 54 25.00 -46.82 -17.67
N SER C 55 25.22 -46.37 -18.90
CA SER C 55 25.57 -47.29 -19.98
C SER C 55 26.89 -47.99 -19.71
N PHE C 56 27.88 -47.25 -19.20
CA PHE C 56 29.19 -47.82 -18.92
C PHE C 56 29.12 -48.80 -17.75
N ASN C 57 28.74 -48.31 -16.58
CA ASN C 57 28.68 -49.13 -15.37
C ASN C 57 27.44 -48.71 -14.59
N GLU C 58 26.45 -49.60 -14.53
CA GLU C 58 25.21 -49.29 -13.83
C GLU C 58 25.43 -49.20 -12.32
N ASN C 59 26.35 -49.99 -11.78
CA ASN C 59 26.62 -49.93 -10.34
C ASN C 59 27.13 -48.57 -9.93
N LEU C 60 28.04 -47.99 -10.73
CA LEU C 60 28.56 -46.67 -10.41
C LEU C 60 27.48 -45.61 -10.47
N ALA C 61 26.58 -45.71 -11.44
CA ALA C 61 25.51 -44.72 -11.58
C ALA C 61 24.61 -44.71 -10.36
N TYR C 62 24.28 -45.88 -9.83
CA TYR C 62 23.43 -45.95 -8.65
C TYR C 62 24.10 -45.28 -7.46
N GLU C 63 25.40 -45.50 -7.28
CA GLU C 63 26.10 -44.96 -6.13
C GLU C 63 26.12 -43.44 -6.16
N ILE C 64 26.31 -42.85 -7.35
CA ILE C 64 26.30 -41.40 -7.45
C ILE C 64 24.94 -40.84 -7.05
N ILE C 65 23.86 -41.49 -7.50
CA ILE C 65 22.52 -41.03 -7.19
C ILE C 65 22.27 -41.07 -5.68
N ASN C 66 22.66 -42.17 -5.05
CA ASN C 66 22.26 -42.44 -3.67
C ASN C 66 23.31 -41.98 -2.67
N ASN C 67 24.54 -42.44 -2.83
CA ASN C 67 25.62 -42.09 -1.91
C ASN C 67 26.37 -40.84 -2.39
N THR C 68 25.62 -39.78 -2.68
CA THR C 68 26.20 -38.59 -3.28
C THR C 68 27.08 -37.83 -2.29
N LYS C 69 26.72 -37.85 -1.00
CA LYS C 69 27.46 -37.07 -0.03
C LYS C 69 28.91 -37.54 0.12
N ILE C 70 29.14 -38.85 0.08
CA ILE C 70 30.45 -39.39 0.41
C ILE C 70 31.08 -40.10 -0.79
N ILE C 71 30.66 -39.77 -2.01
CA ILE C 71 31.32 -40.30 -3.19
C ILE C 71 31.76 -39.23 -4.17
N LEU C 72 31.17 -38.05 -4.17
CA LEU C 72 31.65 -36.98 -5.06
C LEU C 72 33.07 -36.53 -4.71
N PRO C 73 33.43 -36.26 -3.45
CA PRO C 73 34.82 -35.91 -3.18
C PRO C 73 35.80 -37.00 -3.55
N ILE C 74 35.39 -38.27 -3.46
CA ILE C 74 36.27 -39.37 -3.85
C ILE C 74 36.58 -39.30 -5.35
N LEU C 75 35.55 -39.12 -6.17
CA LEU C 75 35.77 -39.01 -7.61
C LEU C 75 36.52 -37.74 -7.94
N GLU C 76 36.25 -36.65 -7.21
CA GLU C 76 36.96 -35.40 -7.46
C GLU C 76 38.45 -35.54 -7.21
N GLY C 77 38.83 -36.24 -6.15
CA GLY C 77 40.23 -36.47 -5.88
C GLY C 77 40.90 -37.31 -6.96
N ALA C 78 40.21 -38.37 -7.39
CA ALA C 78 40.78 -39.23 -8.42
C ALA C 78 40.96 -38.47 -9.73
N LEU C 79 39.97 -37.65 -10.10
CA LEU C 79 40.11 -36.86 -11.31
C LEU C 79 41.23 -35.83 -11.19
N TYR C 80 41.39 -35.23 -10.01
CA TYR C 80 42.43 -34.22 -9.83
C TYR C 80 43.81 -34.82 -10.04
N ASP C 81 44.05 -36.02 -9.54
CA ASP C 81 45.33 -36.68 -9.73
C ASP C 81 45.58 -36.98 -11.21
N HIS C 82 44.54 -37.42 -11.92
CA HIS C 82 44.69 -37.71 -13.34
C HIS C 82 45.05 -36.45 -14.12
N ILE C 83 44.39 -35.33 -13.82
CA ILE C 83 44.72 -34.08 -14.49
C ILE C 83 46.10 -33.60 -14.09
N LEU C 84 46.41 -33.65 -12.79
CA LEU C 84 47.72 -33.19 -12.32
C LEU C 84 48.83 -34.02 -12.93
N GLN C 85 48.61 -35.33 -13.06
CA GLN C 85 49.57 -36.16 -13.77
C GLN C 85 49.69 -35.75 -15.23
N LEU C 86 48.56 -35.43 -15.87
CA LEU C 86 48.60 -35.01 -17.27
C LEU C 86 49.39 -33.73 -17.44
N ASP C 87 49.23 -32.78 -16.53
CA ASP C 87 49.94 -31.51 -16.59
C ASP C 87 50.12 -30.99 -15.18
N PRO C 88 51.32 -31.12 -14.61
CA PRO C 88 51.57 -30.56 -13.28
C PRO C 88 51.44 -29.05 -13.22
N THR C 89 51.55 -28.36 -14.36
CA THR C 89 51.34 -26.91 -14.38
C THR C 89 49.92 -26.54 -14.00
N TYR C 90 48.96 -27.46 -14.18
CA TYR C 90 47.60 -27.20 -13.75
C TYR C 90 47.53 -26.92 -12.26
N GLN C 91 48.39 -27.53 -11.47
CA GLN C 91 48.48 -27.22 -10.06
C GLN C 91 49.02 -25.80 -9.88
N ARG C 92 48.76 -25.24 -8.69
CA ARG C 92 49.15 -23.88 -8.30
C ARG C 92 48.29 -22.86 -9.03
N ASP C 93 47.50 -23.32 -9.99
CA ASP C 93 46.48 -22.51 -10.64
C ASP C 93 45.06 -22.91 -10.23
N ILE C 94 44.82 -24.21 -10.07
CA ILE C 94 43.54 -24.74 -9.65
C ILE C 94 43.79 -25.65 -8.47
N GLU C 95 43.25 -25.29 -7.30
CA GLU C 95 43.47 -26.09 -6.10
C GLU C 95 42.71 -27.41 -6.17
N LYS C 96 41.47 -27.38 -6.65
CA LYS C 96 40.65 -28.58 -6.72
C LYS C 96 39.62 -28.43 -7.84
N VAL C 97 39.11 -29.56 -8.29
CA VAL C 97 38.15 -29.59 -9.39
C VAL C 97 36.80 -30.06 -8.86
N HIS C 98 35.77 -29.82 -9.67
CA HIS C 98 34.41 -30.21 -9.33
C HIS C 98 33.87 -31.15 -10.39
N VAL C 99 33.15 -32.17 -9.95
CA VAL C 99 32.48 -33.11 -10.83
C VAL C 99 30.98 -32.83 -10.75
N ARG C 100 30.38 -32.51 -11.89
CA ARG C 100 28.97 -32.17 -11.96
C ARG C 100 28.25 -33.22 -12.79
N ILE C 101 27.23 -33.83 -12.21
CA ILE C 101 26.46 -34.89 -12.86
C ILE C 101 25.17 -34.29 -13.40
N VAL C 102 24.83 -34.64 -14.63
CA VAL C 102 23.70 -34.06 -15.34
C VAL C 102 22.85 -35.18 -15.93
N GLY C 103 21.53 -35.06 -15.78
CA GLY C 103 20.63 -36.04 -16.35
C GLY C 103 20.07 -37.01 -15.32
N ILE C 104 19.85 -36.53 -14.11
CA ILE C 104 19.34 -37.39 -13.04
C ILE C 104 17.94 -37.85 -13.40
N PRO C 105 17.63 -39.15 -13.27
CA PRO C 105 16.26 -39.60 -13.53
C PRO C 105 15.25 -39.13 -12.50
N ARG C 106 15.69 -38.65 -11.34
CA ARG C 106 14.77 -38.24 -10.27
C ARG C 106 14.43 -36.77 -10.47
N VAL C 107 13.27 -36.50 -11.07
CA VAL C 107 12.78 -35.15 -11.29
C VAL C 107 11.49 -34.98 -10.51
N ILE C 108 11.40 -33.90 -9.75
CA ILE C 108 10.26 -33.64 -8.88
C ILE C 108 9.75 -32.23 -9.17
N GLU C 109 8.43 -32.10 -9.29
CA GLU C 109 7.83 -30.78 -9.47
C GLU C 109 8.05 -29.94 -8.21
N LEU C 110 8.12 -28.62 -8.42
CA LEU C 110 8.41 -27.71 -7.32
C LEU C 110 7.32 -27.76 -6.25
N ARG C 111 6.08 -28.02 -6.65
CA ARG C 111 4.97 -27.99 -5.70
C ARG C 111 4.81 -29.29 -4.93
N LYS C 112 5.46 -30.36 -5.35
CA LYS C 112 5.27 -31.68 -4.73
C LYS C 112 6.53 -32.15 -4.01
N ILE C 113 7.22 -31.24 -3.36
CA ILE C 113 8.40 -31.58 -2.57
C ILE C 113 7.97 -31.82 -1.13
N ARG C 114 8.35 -32.96 -0.59
CA ARG C 114 7.97 -33.36 0.75
C ARG C 114 9.21 -33.67 1.58
N SER C 115 8.99 -34.04 2.84
CA SER C 115 10.09 -34.28 3.76
C SER C 115 10.95 -35.46 3.33
N THR C 116 10.37 -36.41 2.60
CA THR C 116 11.12 -37.59 2.20
C THR C 116 12.20 -37.26 1.16
N ASP C 117 12.13 -36.11 0.53
CA ASP C 117 13.08 -35.75 -0.52
C ASP C 117 14.27 -34.95 0.00
N ILE C 118 14.30 -34.63 1.28
CA ILE C 118 15.39 -33.83 1.83
C ILE C 118 16.60 -34.72 2.05
N GLY C 119 17.75 -34.28 1.53
CA GLY C 119 18.97 -35.05 1.63
C GLY C 119 19.25 -35.95 0.45
N LYS C 120 18.51 -35.82 -0.65
CA LYS C 120 18.69 -36.64 -1.82
C LYS C 120 18.97 -35.77 -3.03
N LEU C 121 19.68 -36.34 -4.00
CA LEU C 121 19.99 -35.63 -5.24
C LEU C 121 18.75 -35.66 -6.14
N ILE C 122 18.17 -34.49 -6.37
CA ILE C 122 16.95 -34.37 -7.17
C ILE C 122 17.12 -33.25 -8.18
N THR C 123 16.24 -33.22 -9.16
CA THR C 123 16.28 -32.25 -10.23
C THR C 123 14.97 -31.49 -10.29
N ILE C 124 15.05 -30.17 -10.38
CA ILE C 124 13.90 -29.29 -10.48
C ILE C 124 14.07 -28.42 -11.70
N ASP C 125 13.00 -28.27 -12.49
CA ASP C 125 13.02 -27.46 -13.70
C ASP C 125 12.05 -26.31 -13.52
N GLY C 126 12.53 -25.09 -13.66
CA GLY C 126 11.71 -23.93 -13.41
C GLY C 126 12.21 -22.71 -14.16
N ILE C 127 11.84 -21.54 -13.65
CA ILE C 127 12.16 -20.26 -14.26
C ILE C 127 12.94 -19.43 -13.26
N LEU C 128 14.05 -18.86 -13.71
CA LEU C 128 14.85 -18.00 -12.85
C LEU C 128 14.19 -16.63 -12.73
N VAL C 129 14.21 -16.07 -11.52
CA VAL C 129 13.52 -14.81 -11.27
C VAL C 129 14.48 -13.76 -10.75
N LYS C 130 15.13 -14.03 -9.63
CA LYS C 130 15.98 -13.05 -8.97
C LYS C 130 17.39 -13.59 -8.81
N VAL C 131 18.38 -12.73 -8.98
CA VAL C 131 19.78 -13.07 -8.77
C VAL C 131 20.42 -11.97 -7.94
N THR C 132 21.18 -12.35 -6.94
CA THR C 132 21.87 -11.42 -6.07
C THR C 132 23.31 -11.25 -6.51
N PRO C 133 23.96 -10.15 -6.12
CA PRO C 133 25.38 -9.99 -6.43
C PRO C 133 26.22 -11.05 -5.74
N VAL C 134 27.34 -11.38 -6.36
CA VAL C 134 28.23 -12.41 -5.82
C VAL C 134 28.84 -11.94 -4.51
N LYS C 135 28.81 -12.81 -3.51
CA LYS C 135 29.37 -12.51 -2.20
C LYS C 135 30.34 -13.63 -1.83
N GLU C 136 30.90 -13.55 -0.62
CA GLU C 136 31.89 -14.51 -0.15
C GLU C 136 31.40 -15.18 1.12
N ARG C 137 31.64 -16.49 1.21
CA ARG C 137 31.28 -17.27 2.37
C ARG C 137 32.52 -17.87 2.99
N ILE C 138 32.62 -17.79 4.32
CA ILE C 138 33.74 -18.36 5.04
C ILE C 138 33.49 -19.84 5.27
N TYR C 139 34.41 -20.68 4.80
CA TYR C 139 34.36 -22.10 5.09
C TYR C 139 35.47 -22.59 5.99
N LYS C 140 36.42 -21.72 6.33
CA LYS C 140 37.46 -22.06 7.31
C LYS C 140 38.02 -20.76 7.87
N ALA C 141 37.66 -20.45 9.11
CA ALA C 141 38.06 -19.19 9.72
C ALA C 141 39.45 -19.30 10.32
N THR C 142 39.93 -18.17 10.86
CA THR C 142 41.21 -18.11 11.55
C THR C 142 41.11 -17.00 12.58
N TYR C 143 40.99 -17.38 13.84
CA TYR C 143 40.78 -16.43 14.92
C TYR C 143 42.09 -16.11 15.61
N LYS C 144 42.00 -15.33 16.68
CA LYS C 144 43.17 -14.99 17.49
C LYS C 144 42.68 -14.67 18.89
N HIS C 145 43.03 -15.52 19.85
CA HIS C 145 42.63 -15.28 21.23
C HIS C 145 43.43 -14.13 21.80
N ILE C 146 42.88 -12.92 21.73
CA ILE C 146 43.56 -11.77 22.29
C ILE C 146 43.30 -11.75 23.79
N HIS C 147 44.36 -11.94 24.56
CA HIS C 147 44.35 -12.00 26.01
C HIS C 147 45.80 -11.90 26.47
N PRO C 148 46.11 -11.03 27.44
CA PRO C 148 47.50 -10.58 27.64
C PRO C 148 48.55 -11.67 27.62
N ASP C 149 48.13 -12.93 27.75
CA ASP C 149 49.05 -14.06 27.77
C ASP C 149 49.03 -14.92 26.52
N CYS C 150 48.02 -14.77 25.65
CA CYS C 150 47.84 -15.79 24.62
C CYS C 150 48.53 -15.44 23.29
N MET C 151 48.08 -14.37 22.63
CA MET C 151 48.55 -14.06 21.27
C MET C 151 48.71 -15.30 20.42
N GLN C 152 47.64 -16.08 20.33
CA GLN C 152 47.64 -17.31 19.55
C GLN C 152 46.54 -17.26 18.51
N GLU C 153 46.88 -17.69 17.29
CA GLU C 153 45.94 -17.77 16.20
C GLU C 153 45.76 -19.22 15.79
N PHE C 154 44.59 -19.53 15.24
CA PHE C 154 44.23 -20.92 14.96
C PHE C 154 43.05 -20.94 14.02
N GLU C 155 42.96 -22.03 13.24
CA GLU C 155 41.79 -22.28 12.42
C GLU C 155 40.71 -22.87 13.30
N TRP C 156 39.61 -22.12 13.51
CA TRP C 156 38.65 -22.53 14.53
C TRP C 156 37.98 -23.85 14.22
N PRO C 157 37.23 -24.01 13.12
CA PRO C 157 36.57 -25.30 12.92
C PRO C 157 37.60 -26.36 12.58
N GLU C 158 37.92 -27.21 13.55
CA GLU C 158 38.98 -28.18 13.39
C GLU C 158 38.48 -29.39 12.62
N ASP C 159 39.28 -29.85 11.66
CA ASP C 159 39.00 -31.01 10.82
C ASP C 159 37.56 -31.06 10.36
N GLU C 160 36.98 -29.90 10.06
CA GLU C 160 35.58 -29.82 9.69
C GLU C 160 35.32 -28.49 9.01
N GLU C 161 34.52 -28.51 7.95
CA GLU C 161 34.16 -27.29 7.26
C GLU C 161 33.32 -26.40 8.17
N MET C 162 33.47 -25.10 8.01
CA MET C 162 32.72 -24.16 8.82
C MET C 162 31.24 -24.27 8.47
N PRO C 163 30.36 -24.42 9.44
CA PRO C 163 28.94 -24.60 9.12
C PRO C 163 28.30 -23.35 8.53
N GLU C 164 27.02 -23.45 8.16
CA GLU C 164 26.31 -22.29 7.64
C GLU C 164 26.15 -21.20 8.67
N VAL C 165 26.31 -21.53 9.95
CA VAL C 165 26.13 -20.58 11.04
C VAL C 165 27.50 -20.13 11.52
N LEU C 166 27.71 -18.82 11.53
CA LEU C 166 28.97 -18.28 12.03
C LEU C 166 29.05 -18.50 13.54
N GLU C 167 30.05 -19.27 13.96
CA GLU C 167 30.23 -19.60 15.38
C GLU C 167 31.68 -19.35 15.77
N MET C 168 31.86 -18.78 16.95
CA MET C 168 33.18 -18.48 17.45
C MET C 168 33.58 -19.45 18.55
N PRO C 169 34.86 -19.73 18.72
CA PRO C 169 35.29 -20.60 19.82
C PRO C 169 34.98 -19.97 21.16
N THR C 170 34.74 -20.83 22.14
CA THR C 170 34.55 -20.41 23.53
C THR C 170 35.82 -20.57 24.37
N ILE C 171 36.56 -21.65 24.14
CA ILE C 171 37.78 -21.93 24.87
C ILE C 171 38.93 -21.97 23.88
N CYS C 172 39.97 -21.19 24.15
CA CYS C 172 41.12 -21.14 23.25
C CYS C 172 41.80 -22.50 23.20
N PRO C 173 41.92 -23.13 22.04
CA PRO C 173 42.62 -24.41 21.97
C PRO C 173 44.08 -24.31 22.39
N LYS C 174 44.73 -23.18 22.16
CA LYS C 174 46.16 -23.06 22.44
C LYS C 174 46.45 -22.80 23.91
N CYS C 175 45.46 -22.39 24.71
CA CYS C 175 45.68 -22.20 26.13
C CYS C 175 44.56 -22.73 27.00
N GLY C 176 43.50 -23.30 26.43
CA GLY C 176 42.43 -23.86 27.24
C GLY C 176 41.75 -22.85 28.14
N LYS C 177 41.54 -21.64 27.65
CA LYS C 177 41.00 -20.58 28.48
C LYS C 177 39.93 -19.80 27.73
N PRO C 178 39.00 -19.18 28.44
CA PRO C 178 38.00 -18.35 27.78
C PRO C 178 38.55 -16.97 27.41
N GLY C 179 37.70 -16.09 26.93
CA GLY C 179 38.09 -14.76 26.54
C GLY C 179 37.32 -14.33 25.31
N GLN C 180 37.88 -13.35 24.60
CA GLN C 180 37.31 -12.87 23.35
C GLN C 180 38.34 -13.05 22.23
N PHE C 181 37.83 -13.36 21.04
CA PHE C 181 38.66 -13.71 19.91
C PHE C 181 38.43 -12.72 18.77
N ARG C 182 39.45 -12.55 17.94
CA ARG C 182 39.41 -11.61 16.82
C ARG C 182 39.65 -12.37 15.53
N LEU C 183 38.77 -12.17 14.55
CA LEU C 183 38.91 -12.83 13.27
C LEU C 183 40.08 -12.22 12.48
N ILE C 184 40.75 -13.07 11.72
CA ILE C 184 41.87 -12.62 10.89
C ILE C 184 41.50 -12.81 9.42
N PRO C 185 41.04 -11.76 8.75
CA PRO C 185 40.60 -11.91 7.36
C PRO C 185 41.70 -12.37 6.41
N GLU C 186 42.96 -12.01 6.70
CA GLU C 186 44.04 -12.33 5.78
C GLU C 186 44.24 -13.83 5.66
N LYS C 187 44.14 -14.55 6.78
CA LYS C 187 44.36 -15.99 6.79
C LYS C 187 43.07 -16.79 6.64
N THR C 188 41.93 -16.12 6.49
CA THR C 188 40.66 -16.81 6.34
C THR C 188 40.48 -17.30 4.91
N LYS C 189 39.88 -18.47 4.76
CA LYS C 189 39.57 -19.03 3.46
C LYS C 189 38.13 -18.74 3.10
N LEU C 190 37.92 -18.31 1.85
CA LEU C 190 36.61 -17.89 1.39
C LEU C 190 36.23 -18.65 0.13
N ILE C 191 34.93 -18.65 -0.16
CA ILE C 191 34.39 -19.28 -1.36
C ILE C 191 33.25 -18.42 -1.89
N ASP C 192 33.12 -18.38 -3.21
CA ASP C 192 32.11 -17.55 -3.83
C ASP C 192 30.72 -18.07 -3.50
N TRP C 193 29.75 -17.16 -3.46
CA TRP C 193 28.43 -17.49 -2.95
C TRP C 193 27.41 -16.56 -3.61
N GLN C 194 26.39 -17.15 -4.23
CA GLN C 194 25.32 -16.38 -4.85
C GLN C 194 23.99 -17.02 -4.53
N LYS C 195 22.97 -16.18 -4.38
CA LYS C 195 21.62 -16.62 -4.05
C LYS C 195 20.68 -16.27 -5.20
N ALA C 196 19.88 -17.25 -5.61
CA ALA C 196 18.93 -17.04 -6.69
C ALA C 196 17.59 -17.66 -6.31
N VAL C 197 16.53 -17.17 -6.96
CA VAL C 197 15.17 -17.63 -6.70
C VAL C 197 14.62 -18.23 -7.98
N ILE C 198 14.09 -19.44 -7.88
CA ILE C 198 13.52 -20.15 -9.01
C ILE C 198 12.02 -20.23 -8.82
N GLN C 199 11.29 -20.29 -9.93
CA GLN C 199 9.84 -20.31 -9.91
C GLN C 199 9.34 -21.43 -10.81
N GLU C 200 8.21 -22.03 -10.43
CA GLU C 200 7.64 -23.11 -11.21
C GLU C 200 7.06 -22.56 -12.51
N ARG C 201 7.09 -23.41 -13.54
CA ARG C 201 6.64 -22.99 -14.86
C ARG C 201 5.13 -22.75 -14.87
N PRO C 202 4.65 -21.83 -15.71
CA PRO C 202 3.21 -21.56 -15.74
C PRO C 202 2.37 -22.74 -16.18
N GLU C 203 2.96 -23.71 -16.89
CA GLU C 203 2.18 -24.83 -17.38
C GLU C 203 1.97 -25.92 -16.34
N GLU C 204 2.55 -25.78 -15.15
CA GLU C 204 2.39 -26.78 -14.10
C GLU C 204 1.75 -26.21 -12.85
N VAL C 205 1.31 -24.96 -12.87
CA VAL C 205 0.62 -24.37 -11.72
C VAL C 205 -0.81 -24.91 -11.69
N PRO C 206 -1.31 -25.35 -10.54
CA PRO C 206 -2.70 -25.82 -10.47
C PRO C 206 -3.68 -24.68 -10.69
N SER C 207 -4.90 -25.05 -11.01
CA SER C 207 -5.93 -24.08 -11.35
C SER C 207 -6.23 -23.18 -10.16
N GLY C 208 -6.29 -21.87 -10.42
CA GLY C 208 -6.70 -20.92 -9.41
C GLY C 208 -5.71 -20.66 -8.31
N GLN C 209 -4.42 -20.91 -8.55
CA GLN C 209 -3.39 -20.73 -7.54
C GLN C 209 -2.22 -19.96 -8.12
N LEU C 210 -1.54 -19.22 -7.25
CA LEU C 210 -0.35 -18.51 -7.68
C LEU C 210 0.87 -19.42 -7.68
N PRO C 211 1.86 -19.15 -8.52
CA PRO C 211 3.04 -20.01 -8.57
C PRO C 211 3.86 -19.93 -7.29
N ARG C 212 4.53 -21.04 -6.98
CA ARG C 212 5.39 -21.12 -5.81
C ARG C 212 6.83 -20.80 -6.19
N GLN C 213 7.65 -20.58 -5.17
CA GLN C 213 9.05 -20.23 -5.38
C GLN C 213 9.94 -21.08 -4.50
N LEU C 214 11.17 -21.28 -4.96
CA LEU C 214 12.18 -22.01 -4.20
C LEU C 214 13.49 -21.26 -4.26
N GLU C 215 14.23 -21.29 -3.16
CA GLU C 215 15.50 -20.59 -3.04
C GLU C 215 16.63 -21.56 -3.34
N ILE C 216 17.58 -21.12 -4.18
CA ILE C 216 18.73 -21.95 -4.52
C ILE C 216 20.00 -21.16 -4.24
N ILE C 217 21.08 -21.89 -4.00
CA ILE C 217 22.38 -21.31 -3.68
C ILE C 217 23.40 -21.81 -4.69
N LEU C 218 24.11 -20.88 -5.31
CA LEU C 218 25.17 -21.19 -6.26
C LEU C 218 26.50 -20.79 -5.66
N GLU C 219 27.49 -21.68 -5.78
CA GLU C 219 28.79 -21.47 -5.17
C GLU C 219 29.89 -21.80 -6.16
N ASP C 220 31.05 -21.20 -5.94
CA ASP C 220 32.27 -21.45 -6.72
C ASP C 220 32.00 -21.03 -8.16
N ASP C 221 32.35 -21.84 -9.16
CA ASP C 221 32.22 -21.43 -10.56
C ASP C 221 30.78 -21.37 -11.03
N LEU C 222 29.82 -21.85 -10.23
CA LEU C 222 28.43 -21.83 -10.65
C LEU C 222 27.82 -20.43 -10.61
N VAL C 223 28.51 -19.46 -10.01
CA VAL C 223 27.95 -18.12 -9.90
C VAL C 223 27.83 -17.48 -11.28
N ASP C 224 26.80 -16.65 -11.45
CA ASP C 224 26.57 -15.91 -12.69
C ASP C 224 26.47 -16.84 -13.90
N SER C 225 25.76 -17.95 -13.72
CA SER C 225 25.57 -18.90 -14.81
C SER C 225 24.29 -18.66 -15.61
N ALA C 226 23.44 -17.75 -15.16
CA ALA C 226 22.19 -17.49 -15.88
C ALA C 226 21.70 -16.10 -15.51
N ARG C 227 20.81 -15.59 -16.35
CA ARG C 227 20.18 -14.29 -16.14
C ARG C 227 18.70 -14.46 -15.82
N PRO C 228 18.09 -13.48 -15.16
CA PRO C 228 16.68 -13.60 -14.81
C PRO C 228 15.81 -13.79 -16.04
N GLY C 229 14.75 -14.58 -15.88
CA GLY C 229 13.88 -14.93 -16.97
C GLY C 229 14.28 -16.16 -17.74
N ASP C 230 15.38 -16.80 -17.37
CA ASP C 230 15.84 -17.98 -18.07
C ASP C 230 15.13 -19.23 -17.54
N ARG C 231 14.91 -20.19 -18.44
CA ARG C 231 14.43 -21.51 -18.07
C ARG C 231 15.62 -22.39 -17.74
N VAL C 232 15.59 -23.01 -16.56
CA VAL C 232 16.75 -23.74 -16.07
C VAL C 232 16.33 -25.11 -15.55
N LYS C 233 17.32 -25.98 -15.40
CA LYS C 233 17.17 -27.30 -14.80
C LYS C 233 18.29 -27.47 -13.79
N VAL C 234 17.97 -27.41 -12.51
CA VAL C 234 18.96 -27.44 -11.44
C VAL C 234 18.96 -28.81 -10.80
N THR C 235 20.13 -29.23 -10.33
CA THR C 235 20.31 -30.50 -9.65
C THR C 235 21.12 -30.28 -8.39
N GLY C 236 20.66 -30.84 -7.28
CA GLY C 236 21.38 -30.66 -6.03
C GLY C 236 20.66 -31.31 -4.87
N ILE C 237 21.03 -30.89 -3.67
CA ILE C 237 20.53 -31.46 -2.43
C ILE C 237 19.68 -30.41 -1.72
N LEU C 238 18.48 -30.81 -1.30
CA LEU C 238 17.62 -29.91 -0.54
C LEU C 238 18.04 -29.89 0.93
N ASP C 239 17.79 -28.76 1.57
CA ASP C 239 18.14 -28.60 2.97
C ASP C 239 17.25 -27.53 3.58
N ILE C 240 17.16 -27.55 4.91
CA ILE C 240 16.38 -26.57 5.64
C ILE C 240 17.19 -25.31 5.86
N LYS C 241 16.52 -24.17 5.94
CA LYS C 241 17.16 -22.88 6.01
C LYS C 241 17.11 -22.34 7.43
N GLN C 242 18.24 -21.88 7.93
CA GLN C 242 18.35 -21.33 9.27
C GLN C 242 18.73 -19.86 9.18
N ASP C 243 17.96 -19.00 9.85
CA ASP C 243 18.17 -17.56 9.81
C ASP C 243 18.60 -16.99 11.15
N SER C 244 17.81 -17.19 12.21
CA SER C 244 18.10 -16.63 13.53
C SER C 244 17.83 -17.70 14.58
N PRO C 245 18.75 -18.67 14.73
CA PRO C 245 18.54 -19.75 15.70
C PRO C 245 19.06 -19.46 17.10
N VAL C 246 19.73 -18.33 17.30
CA VAL C 246 20.30 -18.02 18.61
C VAL C 246 19.20 -17.78 19.64
N LYS C 247 18.19 -17.00 19.25
CA LYS C 247 17.11 -16.61 20.15
C LYS C 247 15.92 -17.55 19.98
N ARG C 248 15.35 -17.99 21.10
CA ARG C 248 14.20 -18.89 21.08
C ARG C 248 12.93 -18.12 20.79
N GLY C 249 11.78 -18.74 21.03
CA GLY C 249 10.53 -18.14 20.60
C GLY C 249 9.79 -19.02 19.61
N SER C 250 9.90 -20.33 19.79
CA SER C 250 9.27 -21.33 18.94
C SER C 250 9.90 -21.35 17.56
N ARG C 251 9.16 -20.88 16.55
CA ARG C 251 9.59 -20.84 15.16
C ARG C 251 10.28 -22.14 14.74
N ALA C 252 9.79 -23.28 15.24
CA ALA C 252 10.35 -24.57 14.89
C ALA C 252 10.01 -25.00 13.50
N VAL C 253 9.48 -24.08 12.70
CA VAL C 253 9.12 -24.35 11.31
C VAL C 253 10.16 -23.69 10.41
N PHE C 254 10.68 -24.47 9.47
CA PHE C 254 11.78 -24.02 8.62
C PHE C 254 11.40 -24.09 7.15
N ASP C 255 11.93 -23.15 6.37
CA ASP C 255 11.83 -23.20 4.93
C ASP C 255 12.89 -24.15 4.39
N ILE C 256 12.83 -24.46 3.11
CA ILE C 256 13.80 -25.33 2.47
C ILE C 256 14.47 -24.59 1.33
N TYR C 257 15.73 -24.93 1.08
CA TYR C 257 16.48 -24.36 -0.02
C TYR C 257 17.28 -25.48 -0.68
N MET C 258 17.96 -25.14 -1.77
CA MET C 258 18.62 -26.11 -2.62
C MET C 258 20.08 -25.75 -2.79
N LYS C 259 20.97 -26.73 -2.59
CA LYS C 259 22.39 -26.57 -2.84
C LYS C 259 22.67 -27.05 -4.26
N VAL C 260 22.79 -26.10 -5.19
CA VAL C 260 22.92 -26.45 -6.60
C VAL C 260 24.24 -27.16 -6.84
N SER C 261 24.19 -28.26 -7.59
CA SER C 261 25.38 -28.98 -8.01
C SER C 261 25.65 -28.88 -9.50
N SER C 262 24.61 -28.77 -10.32
CA SER C 262 24.76 -28.57 -11.75
C SER C 262 23.53 -27.86 -12.27
N ILE C 263 23.73 -26.95 -13.23
CA ILE C 263 22.66 -26.13 -13.76
C ILE C 263 22.74 -26.13 -15.28
N GLU C 264 21.58 -26.30 -15.92
CA GLU C 264 21.46 -26.23 -17.37
C GLU C 264 20.52 -25.11 -17.75
N VAL C 265 20.79 -24.47 -18.89
CA VAL C 265 19.98 -23.37 -19.39
C VAL C 265 19.27 -23.85 -20.65
N SER C 266 17.98 -23.57 -20.73
CA SER C 266 17.14 -23.99 -21.85
C SER C 266 17.13 -25.50 -21.98
N SER C 273 24.58 -27.92 -30.03
CA SER C 273 25.38 -29.13 -30.18
C SER C 273 25.74 -29.39 -31.63
N GLU C 274 26.67 -30.33 -31.84
CA GLU C 274 27.12 -30.62 -33.21
C GLU C 274 25.99 -31.21 -34.05
N GLU C 275 25.21 -32.13 -33.48
CA GLU C 275 24.15 -32.77 -34.24
C GLU C 275 23.10 -31.76 -34.70
N ASP C 276 22.74 -30.82 -33.83
CA ASP C 276 21.76 -29.80 -34.20
C ASP C 276 22.29 -28.92 -35.31
N GLU C 277 23.55 -28.51 -35.23
CA GLU C 277 24.13 -27.66 -36.25
C GLU C 277 24.14 -28.35 -37.60
N LYS C 278 24.39 -29.66 -37.61
CA LYS C 278 24.27 -30.41 -38.85
C LYS C 278 22.85 -30.38 -39.38
N LYS C 279 21.87 -30.53 -38.50
CA LYS C 279 20.47 -30.47 -38.92
C LYS C 279 20.13 -29.10 -39.48
N ILE C 280 20.60 -28.03 -38.84
CA ILE C 280 20.30 -26.69 -39.30
C ILE C 280 20.98 -26.43 -40.64
N LYS C 281 22.21 -26.90 -40.80
CA LYS C 281 22.96 -26.62 -42.02
C LYS C 281 22.26 -27.19 -43.26
N ASP C 282 21.77 -28.42 -43.16
CA ASP C 282 21.13 -29.03 -44.33
C ASP C 282 19.80 -28.37 -44.66
N LEU C 283 19.13 -27.80 -43.66
CA LEU C 283 17.86 -27.13 -43.91
C LEU C 283 18.04 -25.95 -44.85
N ALA C 284 19.10 -25.16 -44.64
CA ALA C 284 19.34 -23.98 -45.47
C ALA C 284 19.76 -24.34 -46.88
N LYS C 285 20.08 -25.60 -47.16
CA LYS C 285 20.51 -25.97 -48.50
C LYS C 285 19.36 -25.91 -49.50
N ASP C 286 18.14 -26.09 -49.03
CA ASP C 286 16.99 -26.04 -49.93
C ASP C 286 16.78 -24.62 -50.44
N PRO C 287 16.65 -24.43 -51.76
CA PRO C 287 16.43 -23.07 -52.28
C PRO C 287 15.15 -22.44 -51.77
N TRP C 288 14.13 -23.22 -51.45
CA TRP C 288 12.86 -22.69 -50.97
C TRP C 288 12.77 -22.67 -49.46
N ILE C 289 13.90 -22.51 -48.77
CA ILE C 289 13.87 -22.52 -47.31
C ILE C 289 13.07 -21.33 -46.78
N ARG C 290 13.12 -20.20 -47.48
CA ARG C 290 12.37 -19.04 -47.04
C ARG C 290 10.87 -19.33 -47.01
N ASP C 291 10.36 -20.00 -48.03
CA ASP C 291 8.93 -20.30 -48.08
C ASP C 291 8.56 -21.33 -47.01
N ARG C 292 9.45 -22.29 -46.75
CA ARG C 292 9.17 -23.27 -45.69
C ARG C 292 9.06 -22.60 -44.33
N ILE C 293 9.93 -21.63 -44.06
CA ILE C 293 9.88 -20.95 -42.77
C ILE C 293 8.62 -20.11 -42.65
N ILE C 294 8.26 -19.40 -43.72
CA ILE C 294 7.06 -18.57 -43.68
C ILE C 294 5.82 -19.42 -43.46
N SER C 295 5.72 -20.55 -44.17
CA SER C 295 4.58 -21.42 -44.00
C SER C 295 4.55 -22.08 -42.63
N SER C 296 5.65 -22.06 -41.90
CA SER C 296 5.73 -22.68 -40.59
C SER C 296 5.35 -21.74 -39.45
N ILE C 297 5.02 -20.48 -39.75
CA ILE C 297 4.65 -19.51 -38.74
C ILE C 297 3.15 -19.60 -38.50
N ALA C 298 2.76 -19.93 -37.28
CA ALA C 298 1.36 -20.08 -36.89
C ALA C 298 0.62 -20.99 -37.86
N PRO C 299 0.90 -22.29 -37.86
CA PRO C 299 0.24 -23.19 -38.81
C PRO C 299 -1.26 -23.29 -38.59
N SER C 300 -1.75 -22.88 -37.43
CA SER C 300 -3.17 -22.99 -37.10
C SER C 300 -3.99 -21.81 -37.62
N ILE C 301 -3.35 -20.83 -38.25
CA ILE C 301 -4.03 -19.64 -38.74
C ILE C 301 -4.09 -19.71 -40.25
N TYR C 302 -5.29 -19.51 -40.81
CA TYR C 302 -5.49 -19.58 -42.24
C TYR C 302 -5.24 -18.23 -42.89
N GLY C 303 -4.54 -18.25 -44.03
CA GLY C 303 -4.30 -17.02 -44.75
C GLY C 303 -3.29 -16.12 -44.07
N HIS C 304 -3.43 -14.82 -44.31
CA HIS C 304 -2.54 -13.81 -43.74
C HIS C 304 -1.08 -14.08 -44.09
N TRP C 305 -0.84 -14.35 -45.38
CA TRP C 305 0.51 -14.67 -45.82
C TRP C 305 1.46 -13.49 -45.64
N GLU C 306 0.99 -12.27 -45.96
CA GLU C 306 1.83 -11.10 -45.78
C GLU C 306 2.15 -10.87 -44.31
N LEU C 307 1.19 -11.08 -43.43
CA LEU C 307 1.44 -10.94 -42.00
C LEU C 307 2.45 -11.99 -41.52
N LYS C 308 2.30 -13.23 -41.98
CA LYS C 308 3.21 -14.28 -41.56
C LYS C 308 4.64 -13.99 -42.00
N GLU C 309 4.80 -13.48 -43.22
CA GLU C 309 6.14 -13.18 -43.71
C GLU C 309 6.78 -12.05 -42.91
N ALA C 310 5.99 -11.03 -42.55
CA ALA C 310 6.53 -9.93 -41.76
C ALA C 310 6.97 -10.39 -40.39
N LEU C 311 6.19 -11.26 -39.76
CA LEU C 311 6.56 -11.76 -38.43
C LEU C 311 7.84 -12.58 -38.49
N ALA C 312 8.08 -13.30 -39.58
CA ALA C 312 9.33 -14.05 -39.71
C ALA C 312 10.52 -13.12 -39.74
N LEU C 313 10.39 -11.97 -40.41
CA LEU C 313 11.49 -11.02 -40.48
C LEU C 313 11.86 -10.49 -39.10
N ALA C 314 10.85 -10.17 -38.29
CA ALA C 314 11.13 -9.65 -36.96
C ALA C 314 11.84 -10.67 -36.09
N LEU C 315 11.60 -11.96 -36.34
CA LEU C 315 12.27 -12.99 -35.56
C LEU C 315 13.76 -12.98 -35.82
N PHE C 316 14.16 -12.80 -37.07
CA PHE C 316 15.57 -12.82 -37.42
C PHE C 316 16.23 -11.46 -37.22
N GLY C 317 15.62 -10.40 -37.74
CA GLY C 317 16.13 -9.06 -37.53
C GLY C 317 17.29 -8.73 -38.45
N GLY C 318 17.74 -7.49 -38.36
CA GLY C 318 18.84 -6.99 -39.15
C GLY C 318 20.16 -7.13 -38.44
N VAL C 319 21.14 -6.35 -38.91
CA VAL C 319 22.49 -6.35 -38.37
C VAL C 319 22.71 -5.03 -37.65
N PRO C 320 22.83 -5.03 -36.32
CA PRO C 320 23.15 -3.77 -35.62
C PRO C 320 24.53 -3.28 -36.01
N LYS C 321 24.66 -1.98 -36.16
CA LYS C 321 25.92 -1.34 -36.50
C LYS C 321 26.41 -0.50 -35.34
N VAL C 322 27.64 -0.76 -34.90
CA VAL C 322 28.26 -0.03 -33.81
C VAL C 322 29.47 0.70 -34.39
N LEU C 323 29.44 2.03 -34.35
CA LEU C 323 30.53 2.85 -34.83
C LEU C 323 31.21 3.54 -33.66
N GLU C 324 32.35 4.16 -33.96
CA GLU C 324 33.14 4.81 -32.91
C GLU C 324 32.43 6.02 -32.32
N ASP C 325 31.43 6.57 -33.02
CA ASP C 325 30.72 7.75 -32.55
C ASP C 325 29.26 7.51 -32.22
N THR C 326 28.62 6.54 -32.84
CA THR C 326 27.21 6.27 -32.60
C THR C 326 26.91 4.84 -33.02
N ARG C 327 25.75 4.35 -32.61
CA ARG C 327 25.29 3.02 -32.99
C ARG C 327 23.92 3.11 -33.63
N ILE C 328 23.66 2.19 -34.54
CA ILE C 328 22.42 2.14 -35.31
C ILE C 328 21.73 0.82 -35.03
N ARG C 329 20.45 0.87 -34.69
CA ARG C 329 19.74 -0.33 -34.30
C ARG C 329 19.54 -1.26 -35.48
N GLY C 330 19.45 -2.55 -35.17
CA GLY C 330 19.26 -3.56 -36.19
C GLY C 330 18.05 -4.43 -35.95
N ASP C 331 17.12 -3.95 -35.14
CA ASP C 331 15.89 -4.67 -34.85
C ASP C 331 14.74 -4.11 -35.67
N ILE C 332 13.75 -4.96 -35.91
CA ILE C 332 12.61 -4.60 -36.75
C ILE C 332 11.36 -4.56 -35.89
N HIS C 333 10.63 -3.46 -35.99
CA HIS C 333 9.40 -3.25 -35.22
C HIS C 333 8.19 -3.38 -36.15
N ILE C 334 7.17 -4.09 -35.69
CA ILE C 334 5.99 -4.39 -36.48
C ILE C 334 4.76 -3.91 -35.71
N LEU C 335 3.82 -3.31 -36.44
CA LEU C 335 2.55 -2.88 -35.87
C LEU C 335 1.40 -3.45 -36.70
N ILE C 336 0.41 -4.01 -36.03
CA ILE C 336 -0.75 -4.60 -36.69
C ILE C 336 -2.01 -3.93 -36.15
N ILE C 337 -2.84 -3.43 -37.05
CA ILE C 337 -4.13 -2.85 -36.72
C ILE C 337 -5.20 -3.64 -37.45
N GLY C 338 -6.21 -4.09 -36.72
CA GLY C 338 -7.21 -4.92 -37.37
C GLY C 338 -8.52 -4.95 -36.62
N ASP C 339 -9.55 -5.39 -37.34
CA ASP C 339 -10.85 -5.57 -36.73
C ASP C 339 -10.79 -6.71 -35.72
N PRO C 340 -11.68 -6.71 -34.73
CA PRO C 340 -11.70 -7.81 -33.75
C PRO C 340 -11.96 -9.14 -34.43
N GLY C 341 -11.32 -10.18 -33.91
CA GLY C 341 -11.51 -11.52 -34.42
C GLY C 341 -10.65 -11.89 -35.62
N THR C 342 -9.73 -11.02 -36.03
CA THR C 342 -8.84 -11.32 -37.13
C THR C 342 -7.60 -12.09 -36.70
N ALA C 343 -7.63 -12.70 -35.50
CA ALA C 343 -6.57 -13.57 -35.02
C ALA C 343 -5.25 -12.85 -34.84
N LYS C 344 -5.28 -11.56 -34.47
CA LYS C 344 -4.04 -10.86 -34.17
C LYS C 344 -3.35 -11.46 -32.95
N SER C 345 -4.11 -11.77 -31.91
CA SER C 345 -3.51 -12.25 -30.67
C SER C 345 -2.93 -13.65 -30.82
N GLN C 346 -3.55 -14.49 -31.64
CA GLN C 346 -3.07 -15.86 -31.78
C GLN C 346 -1.68 -15.91 -32.39
N MET C 347 -1.42 -15.09 -33.41
CA MET C 347 -0.07 -15.05 -33.97
C MET C 347 0.93 -14.53 -32.96
N LEU C 348 0.56 -13.51 -32.20
CA LEU C 348 1.46 -12.96 -31.20
C LEU C 348 1.79 -14.00 -30.13
N GLN C 349 0.81 -14.83 -29.78
CA GLN C 349 1.08 -15.91 -28.84
C GLN C 349 2.09 -16.90 -29.42
N PHE C 350 1.96 -17.22 -30.71
CA PHE C 350 2.91 -18.13 -31.33
C PHE C 350 4.31 -17.54 -31.35
N ILE C 351 4.43 -16.25 -31.64
CA ILE C 351 5.73 -15.61 -31.69
C ILE C 351 6.41 -15.69 -30.34
N SER C 352 5.67 -15.43 -29.27
CA SER C 352 6.24 -15.52 -27.93
C SER C 352 6.66 -16.92 -27.55
N ARG C 353 6.23 -17.94 -28.30
CA ARG C 353 6.56 -19.31 -27.98
C ARG C 353 7.68 -19.87 -28.84
N VAL C 354 7.87 -19.36 -30.06
CA VAL C 354 8.92 -19.86 -30.93
C VAL C 354 10.22 -19.09 -30.80
N ALA C 355 10.17 -17.85 -30.31
CA ALA C 355 11.37 -17.05 -30.21
C ALA C 355 12.29 -17.61 -29.13
N PRO C 356 13.61 -17.54 -29.34
CA PRO C 356 14.52 -17.98 -28.27
C PRO C 356 14.35 -17.21 -26.97
N ARG C 357 14.01 -15.93 -27.04
CA ARG C 357 13.78 -15.13 -25.85
C ARG C 357 12.69 -14.11 -26.15
N ALA C 358 11.59 -14.18 -25.43
CA ALA C 358 10.46 -13.29 -25.66
C ALA C 358 9.79 -12.96 -24.35
N VAL C 359 9.19 -11.77 -24.30
CA VAL C 359 8.41 -11.30 -23.16
C VAL C 359 7.06 -10.85 -23.68
N TYR C 360 5.98 -11.35 -23.09
CA TYR C 360 4.63 -11.07 -23.54
C TYR C 360 3.95 -10.16 -22.53
N THR C 361 3.47 -9.00 -22.99
CA THR C 361 2.76 -8.04 -22.17
C THR C 361 1.53 -7.56 -22.91
N THR C 362 0.64 -6.89 -22.19
CA THR C 362 -0.56 -6.30 -22.76
C THR C 362 -0.59 -4.81 -22.44
N GLY C 363 -1.42 -4.09 -23.19
CA GLY C 363 -1.50 -2.65 -22.99
C GLY C 363 -2.11 -2.26 -21.67
N LYS C 364 -3.18 -2.95 -21.26
CA LYS C 364 -3.87 -2.57 -20.03
C LYS C 364 -3.11 -3.01 -18.78
N GLY C 365 -2.41 -4.13 -18.85
CA GLY C 365 -1.76 -4.68 -17.67
C GLY C 365 -0.32 -4.22 -17.51
N SER C 366 0.05 -3.14 -18.17
CA SER C 366 1.41 -2.64 -18.14
C SER C 366 1.44 -1.18 -17.72
N THR C 367 2.52 -0.79 -17.08
CA THR C 367 2.75 0.58 -16.66
C THR C 367 4.08 1.07 -17.21
N ALA C 368 4.26 2.39 -17.20
CA ALA C 368 5.51 2.96 -17.72
C ALA C 368 6.70 2.45 -16.92
N ALA C 369 6.58 2.40 -15.60
CA ALA C 369 7.66 1.87 -14.79
C ALA C 369 7.89 0.39 -15.05
N GLY C 370 6.81 -0.37 -15.24
CA GLY C 370 6.94 -1.80 -15.42
C GLY C 370 7.54 -2.18 -16.76
N LEU C 371 7.36 -1.34 -17.78
CA LEU C 371 7.88 -1.67 -19.09
C LEU C 371 9.37 -1.41 -19.20
N THR C 372 9.89 -0.39 -18.51
CA THR C 372 11.28 0.01 -18.71
C THR C 372 12.13 -0.24 -17.47
N ALA C 373 11.81 0.37 -16.34
CA ALA C 373 12.62 0.26 -15.14
C ALA C 373 11.87 0.88 -13.98
N ALA C 374 11.97 0.26 -12.81
CA ALA C 374 11.27 0.72 -11.62
C ALA C 374 12.27 1.03 -10.52
N VAL C 375 12.07 2.16 -9.86
CA VAL C 375 12.87 2.55 -8.71
C VAL C 375 12.13 2.13 -7.46
N VAL C 376 12.74 1.24 -6.68
CA VAL C 376 12.10 0.68 -5.49
C VAL C 376 13.01 0.91 -4.30
N ARG C 377 12.42 1.33 -3.19
CA ARG C 377 13.16 1.58 -1.96
C ARG C 377 13.30 0.27 -1.19
N GLU C 378 14.52 -0.21 -1.04
CA GLU C 378 14.77 -1.38 -0.22
C GLU C 378 14.45 -1.07 1.24
N LYS C 379 13.59 -1.89 1.84
CA LYS C 379 13.19 -1.64 3.23
C LYS C 379 14.28 -2.00 4.21
N GLY C 380 15.16 -2.95 3.85
CA GLY C 380 16.23 -3.34 4.75
C GLY C 380 17.22 -2.22 5.02
N THR C 381 17.60 -1.48 3.98
CA THR C 381 18.59 -0.43 4.10
C THR C 381 18.04 0.97 3.88
N GLY C 382 16.88 1.11 3.25
CA GLY C 382 16.30 2.42 3.04
C GLY C 382 16.83 3.19 1.86
N GLU C 383 17.59 2.54 0.97
CA GLU C 383 18.14 3.20 -0.21
C GLU C 383 17.47 2.68 -1.47
N TYR C 384 17.25 3.57 -2.42
CA TYR C 384 16.59 3.21 -3.65
C TYR C 384 17.52 2.39 -4.54
N TYR C 385 16.93 1.55 -5.39
CA TYR C 385 17.69 0.79 -6.37
C TYR C 385 16.76 0.44 -7.52
N LEU C 386 17.36 0.01 -8.63
CA LEU C 386 16.65 -0.17 -9.88
C LEU C 386 16.17 -1.60 -10.04
N GLU C 387 15.03 -1.74 -10.70
CA GLU C 387 14.49 -3.04 -11.09
C GLU C 387 14.24 -3.06 -12.59
N ALA C 388 14.60 -4.17 -13.23
CA ALA C 388 14.51 -4.25 -14.68
C ALA C 388 13.06 -4.38 -15.13
N GLY C 389 12.70 -3.59 -16.13
CA GLY C 389 11.38 -3.66 -16.73
C GLY C 389 11.31 -4.74 -17.81
N ALA C 390 10.16 -4.79 -18.48
CA ALA C 390 9.96 -5.79 -19.51
C ALA C 390 10.94 -5.61 -20.65
N LEU C 391 11.15 -4.38 -21.10
CA LEU C 391 12.03 -4.15 -22.24
C LEU C 391 13.47 -4.50 -21.90
N VAL C 392 13.92 -4.18 -20.68
CA VAL C 392 15.27 -4.53 -20.27
C VAL C 392 15.43 -6.03 -20.20
N LEU C 393 14.44 -6.73 -19.64
CA LEU C 393 14.53 -8.18 -19.55
C LEU C 393 14.53 -8.84 -20.92
N ALA C 394 13.90 -8.21 -21.90
CA ALA C 394 13.83 -8.75 -23.26
C ALA C 394 15.00 -8.32 -24.12
N ASP C 395 16.06 -7.79 -23.52
CA ASP C 395 17.22 -7.35 -24.29
C ASP C 395 17.79 -8.51 -25.10
N GLY C 396 18.01 -8.27 -26.37
CA GLY C 396 18.45 -9.32 -27.27
C GLY C 396 17.36 -10.27 -27.71
N GLY C 397 16.11 -10.00 -27.37
CA GLY C 397 15.00 -10.87 -27.71
C GLY C 397 13.89 -10.09 -28.39
N ILE C 398 12.66 -10.44 -28.04
CA ILE C 398 11.48 -9.85 -28.65
C ILE C 398 10.50 -9.47 -27.54
N ALA C 399 9.96 -8.26 -27.61
CA ALA C 399 8.92 -7.80 -26.70
C ALA C 399 7.61 -7.71 -27.46
N VAL C 400 6.58 -8.35 -26.92
CA VAL C 400 5.26 -8.41 -27.56
C VAL C 400 4.30 -7.59 -26.72
N ILE C 401 3.66 -6.60 -27.34
CA ILE C 401 2.77 -5.69 -26.64
C ILE C 401 1.40 -5.80 -27.30
N ASP C 402 0.53 -6.61 -26.72
CA ASP C 402 -0.84 -6.72 -27.20
C ASP C 402 -1.67 -5.53 -26.73
N GLU C 403 -2.68 -5.18 -27.53
CA GLU C 403 -3.60 -4.09 -27.21
C GLU C 403 -2.84 -2.79 -26.95
N ILE C 404 -2.06 -2.39 -27.95
CA ILE C 404 -1.21 -1.21 -27.81
C ILE C 404 -2.05 0.05 -27.65
N ASP C 405 -3.27 0.05 -28.20
CA ASP C 405 -4.10 1.24 -28.18
C ASP C 405 -4.86 1.41 -26.87
N LYS C 406 -4.86 0.40 -26.00
CA LYS C 406 -5.62 0.48 -24.76
C LYS C 406 -4.83 1.09 -23.61
N MET C 407 -3.54 1.31 -23.78
CA MET C 407 -2.74 1.91 -22.71
C MET C 407 -2.79 3.43 -22.83
N ARG C 408 -2.69 4.09 -21.68
CA ARG C 408 -2.77 5.54 -21.64
C ARG C 408 -1.60 6.16 -22.40
N ASP C 409 -1.88 7.23 -23.13
CA ASP C 409 -0.85 7.85 -23.96
C ASP C 409 0.28 8.39 -23.12
N GLU C 410 0.01 8.80 -21.88
CA GLU C 410 1.08 9.27 -21.00
C GLU C 410 2.06 8.15 -20.69
N ASP C 411 1.59 6.89 -20.69
CA ASP C 411 2.46 5.76 -20.45
C ASP C 411 3.08 5.23 -21.73
N ARG C 412 2.35 5.24 -22.83
CA ARG C 412 2.89 4.74 -24.08
C ARG C 412 4.07 5.56 -24.56
N VAL C 413 4.09 6.87 -24.26
CA VAL C 413 5.17 7.73 -24.71
C VAL C 413 6.49 7.43 -24.03
N ALA C 414 6.47 6.64 -22.95
CA ALA C 414 7.69 6.33 -22.22
C ALA C 414 8.60 5.37 -22.96
N ILE C 415 8.12 4.73 -24.03
CA ILE C 415 8.92 3.74 -24.75
C ILE C 415 9.48 4.29 -26.05
N HIS C 416 9.35 5.59 -26.29
CA HIS C 416 9.90 6.17 -27.52
C HIS C 416 11.41 6.02 -27.58
N GLU C 417 12.09 6.28 -26.46
CA GLU C 417 13.54 6.20 -26.46
C GLU C 417 14.02 4.76 -26.64
N ALA C 418 13.40 3.83 -25.92
CA ALA C 418 13.82 2.43 -26.03
C ALA C 418 13.51 1.86 -27.40
N MET C 419 12.51 2.43 -28.09
CA MET C 419 12.10 1.89 -29.37
C MET C 419 13.07 2.25 -30.48
N GLU C 420 13.79 3.36 -30.34
CA GLU C 420 14.73 3.82 -31.36
C GLU C 420 16.17 3.83 -30.87
N GLN C 421 16.46 4.51 -29.77
CA GLN C 421 17.81 4.53 -29.23
C GLN C 421 18.17 3.26 -28.49
N GLN C 422 17.18 2.42 -28.18
CA GLN C 422 17.41 1.14 -27.51
C GLN C 422 18.12 1.32 -26.17
N THR C 423 17.77 2.38 -25.46
CA THR C 423 18.27 2.63 -24.13
C THR C 423 17.16 3.18 -23.26
N VAL C 424 17.34 3.06 -21.95
CA VAL C 424 16.39 3.58 -20.98
C VAL C 424 17.18 4.48 -20.03
N SER C 425 16.78 5.75 -19.95
CA SER C 425 17.44 6.73 -19.12
C SER C 425 16.56 7.05 -17.92
N ILE C 426 17.14 7.02 -16.73
CA ILE C 426 16.42 7.24 -15.50
C ILE C 426 17.13 8.33 -14.70
N ALA C 427 16.38 9.35 -14.29
CA ALA C 427 16.86 10.40 -13.39
C ALA C 427 15.82 10.53 -12.29
N LYS C 428 15.93 9.70 -11.26
CA LYS C 428 14.92 9.64 -10.22
C LYS C 428 15.58 9.30 -8.90
N ALA C 429 15.17 9.99 -7.84
CA ALA C 429 15.59 9.70 -6.47
C ALA C 429 17.12 9.64 -6.36
N GLY C 430 17.78 10.59 -7.02
CA GLY C 430 19.22 10.63 -6.97
C GLY C 430 19.91 9.49 -7.67
N ILE C 431 19.23 8.84 -8.62
CA ILE C 431 19.81 7.77 -9.40
C ILE C 431 19.82 8.21 -10.86
N VAL C 432 21.00 8.20 -11.47
CA VAL C 432 21.16 8.49 -12.89
C VAL C 432 21.76 7.26 -13.54
N ALA C 433 21.04 6.67 -14.49
CA ALA C 433 21.47 5.42 -15.08
C ALA C 433 21.05 5.37 -16.54
N LYS C 434 21.59 4.40 -17.26
CA LYS C 434 21.32 4.23 -18.68
C LYS C 434 21.44 2.74 -18.98
N LEU C 435 20.32 2.10 -19.26
CA LEU C 435 20.25 0.65 -19.42
C LEU C 435 19.97 0.30 -20.88
N ASN C 436 20.58 -0.78 -21.34
CA ASN C 436 20.39 -1.23 -22.70
C ASN C 436 19.07 -1.98 -22.83
N ALA C 437 18.33 -1.69 -23.90
CA ALA C 437 17.03 -2.31 -24.15
C ALA C 437 16.92 -2.73 -25.61
N ARG C 438 17.93 -3.41 -26.12
CA ARG C 438 17.97 -3.82 -27.51
C ARG C 438 17.00 -4.98 -27.73
N ALA C 439 15.73 -4.64 -27.86
CA ALA C 439 14.67 -5.61 -28.08
C ALA C 439 13.77 -5.14 -29.20
N ALA C 440 13.27 -6.09 -29.99
CA ALA C 440 12.35 -5.79 -31.06
C ALA C 440 10.93 -5.82 -30.52
N VAL C 441 10.14 -4.81 -30.90
CA VAL C 441 8.80 -4.63 -30.37
C VAL C 441 7.79 -5.11 -31.41
N ILE C 442 6.89 -6.00 -31.00
CA ILE C 442 5.78 -6.45 -31.82
C ILE C 442 4.51 -5.98 -31.13
N ALA C 443 3.68 -5.24 -31.84
CA ALA C 443 2.50 -4.63 -31.24
C ALA C 443 1.28 -4.90 -32.10
N ALA C 444 0.11 -4.88 -31.45
CA ALA C 444 -1.15 -5.05 -32.14
C ALA C 444 -2.21 -4.22 -31.44
N GLY C 445 -3.24 -3.85 -32.19
CA GLY C 445 -4.31 -3.05 -31.62
C GLY C 445 -5.49 -2.98 -32.56
N ASN C 446 -6.52 -2.28 -32.11
CA ASN C 446 -7.75 -2.09 -32.87
C ASN C 446 -7.84 -0.67 -33.37
N PRO C 447 -8.61 -0.42 -34.43
CA PRO C 447 -8.83 0.95 -34.88
C PRO C 447 -9.58 1.78 -33.84
N LYS C 448 -9.78 3.06 -34.14
CA LYS C 448 -10.37 3.95 -33.15
C LYS C 448 -11.79 3.54 -32.78
N PHE C 449 -12.59 3.13 -33.76
CA PHE C 449 -13.98 2.74 -33.53
C PHE C 449 -14.16 1.24 -33.49
N GLY C 450 -13.19 0.51 -32.96
CA GLY C 450 -13.30 -0.94 -32.88
C GLY C 450 -13.08 -1.61 -34.22
N ARG C 451 -13.96 -1.35 -35.17
CA ARG C 451 -13.83 -1.87 -36.52
C ARG C 451 -13.42 -0.73 -37.45
N TYR C 452 -12.69 -1.08 -38.51
CA TYR C 452 -12.23 -0.07 -39.46
C TYR C 452 -13.41 0.48 -40.24
N ILE C 453 -13.50 1.81 -40.31
CA ILE C 453 -14.53 2.50 -41.06
C ILE C 453 -13.92 2.93 -42.39
N SER C 454 -14.41 2.36 -43.48
CA SER C 454 -13.80 2.62 -44.78
C SER C 454 -14.04 4.05 -45.24
N GLU C 455 -15.21 4.61 -44.92
CA GLU C 455 -15.53 5.95 -45.41
C GLU C 455 -14.62 7.01 -44.78
N ARG C 456 -14.30 6.86 -43.50
CA ARG C 456 -13.45 7.84 -42.84
C ARG C 456 -12.01 7.71 -43.32
N PRO C 457 -11.22 8.77 -43.21
CA PRO C 457 -9.81 8.68 -43.64
C PRO C 457 -8.98 7.80 -42.74
N VAL C 458 -7.69 7.69 -43.02
CA VAL C 458 -6.83 6.85 -42.20
C VAL C 458 -6.40 7.58 -40.95
N SER C 459 -6.35 8.91 -40.98
CA SER C 459 -5.82 9.67 -39.85
C SER C 459 -6.67 9.47 -38.61
N ASP C 460 -7.99 9.51 -38.74
CA ASP C 460 -8.85 9.36 -37.58
C ASP C 460 -9.09 7.90 -37.21
N ASN C 461 -8.80 6.96 -38.12
CA ASN C 461 -8.96 5.56 -37.78
C ASN C 461 -7.85 5.06 -36.88
N ILE C 462 -6.60 5.44 -37.17
CA ILE C 462 -5.47 4.88 -36.44
C ILE C 462 -5.45 5.38 -35.00
N ASN C 463 -5.62 6.69 -34.82
CA ASN C 463 -5.65 7.32 -33.49
C ASN C 463 -4.37 7.05 -32.71
N LEU C 464 -3.24 7.30 -33.36
CA LEU C 464 -1.93 7.25 -32.71
C LEU C 464 -1.10 8.44 -33.19
N PRO C 465 -0.21 8.95 -32.34
CA PRO C 465 0.61 10.09 -32.76
C PRO C 465 1.56 9.69 -33.88
N PRO C 466 1.87 10.60 -34.79
CA PRO C 466 2.77 10.25 -35.89
C PRO C 466 4.19 9.92 -35.44
N THR C 467 4.59 10.35 -34.25
CA THR C 467 5.95 10.08 -33.78
C THR C 467 6.16 8.59 -33.59
N ILE C 468 5.23 7.92 -32.89
CA ILE C 468 5.39 6.49 -32.64
C ILE C 468 5.19 5.70 -33.93
N LEU C 469 4.34 6.19 -34.83
CA LEU C 469 4.11 5.47 -36.09
C LEU C 469 5.39 5.43 -36.92
N SER C 470 6.17 6.51 -36.91
CA SER C 470 7.40 6.54 -37.69
C SER C 470 8.44 5.56 -37.18
N ARG C 471 8.33 5.11 -35.93
CA ARG C 471 9.30 4.19 -35.37
C ARG C 471 9.04 2.74 -35.76
N PHE C 472 7.94 2.44 -36.45
CA PHE C 472 7.61 1.09 -36.83
C PHE C 472 8.06 0.83 -38.26
N ASP C 473 8.83 -0.25 -38.45
CA ASP C 473 9.32 -0.57 -39.79
C ASP C 473 8.19 -0.92 -40.73
N LEU C 474 7.21 -1.69 -40.26
CA LEU C 474 6.08 -2.08 -41.08
C LEU C 474 4.80 -1.91 -40.30
N ILE C 475 3.76 -1.44 -40.97
CA ILE C 475 2.43 -1.28 -40.39
C ILE C 475 1.43 -1.95 -41.31
N PHE C 476 0.64 -2.87 -40.78
CA PHE C 476 -0.35 -3.60 -41.56
C PHE C 476 -1.73 -3.37 -40.98
N ILE C 477 -2.67 -2.97 -41.83
CA ILE C 477 -4.05 -2.76 -41.43
C ILE C 477 -4.86 -3.95 -41.91
N LEU C 478 -5.50 -4.63 -40.98
CA LEU C 478 -6.28 -5.83 -41.26
C LEU C 478 -7.76 -5.48 -41.27
N LYS C 479 -8.45 -5.90 -42.32
CA LYS C 479 -9.88 -5.65 -42.47
C LYS C 479 -10.61 -6.97 -42.62
N ASP C 480 -11.67 -7.15 -41.84
CA ASP C 480 -12.46 -8.38 -41.85
C ASP C 480 -13.65 -8.16 -42.77
N GLN C 481 -13.47 -8.47 -44.05
CA GLN C 481 -14.56 -8.34 -45.02
C GLN C 481 -15.06 -9.71 -45.40
N PRO C 482 -16.28 -10.09 -45.04
CA PRO C 482 -16.82 -11.37 -45.49
C PRO C 482 -16.91 -11.41 -47.00
N GLY C 483 -16.60 -12.57 -47.56
CA GLY C 483 -16.57 -12.73 -49.00
C GLY C 483 -16.61 -14.18 -49.39
N GLU C 484 -15.95 -14.50 -50.49
CA GLU C 484 -15.97 -15.85 -51.03
C GLU C 484 -15.02 -16.79 -50.32
N GLN C 485 -14.15 -16.29 -49.46
CA GLN C 485 -13.17 -17.11 -48.77
C GLN C 485 -13.71 -17.70 -47.48
N ASP C 486 -14.98 -17.48 -47.16
CA ASP C 486 -15.53 -17.96 -45.90
C ASP C 486 -15.54 -19.49 -45.84
N ARG C 487 -15.89 -20.14 -46.95
CA ARG C 487 -16.02 -21.59 -46.92
C ARG C 487 -14.70 -22.28 -46.63
N GLU C 488 -13.62 -21.83 -47.29
CA GLU C 488 -12.32 -22.43 -47.02
C GLU C 488 -11.84 -22.09 -45.62
N LEU C 489 -12.12 -20.87 -45.16
CA LEU C 489 -11.76 -20.49 -43.80
C LEU C 489 -12.49 -21.35 -42.78
N ALA C 490 -13.78 -21.61 -43.02
CA ALA C 490 -14.54 -22.45 -42.09
C ALA C 490 -14.01 -23.88 -42.09
N ASN C 491 -13.67 -24.41 -43.25
CA ASN C 491 -13.15 -25.77 -43.32
C ASN C 491 -11.83 -25.89 -42.57
N TYR C 492 -10.95 -24.91 -42.73
CA TYR C 492 -9.65 -24.96 -42.07
C TYR C 492 -9.81 -24.95 -40.56
N ILE C 493 -10.69 -24.11 -40.03
CA ILE C 493 -10.88 -24.02 -38.59
C ILE C 493 -11.41 -25.34 -38.04
N LEU C 494 -12.40 -25.92 -38.71
CA LEU C 494 -12.98 -27.16 -38.22
C LEU C 494 -11.98 -28.30 -38.25
N ASP C 495 -11.09 -28.33 -39.23
CA ASP C 495 -10.05 -29.35 -39.26
C ASP C 495 -9.11 -29.20 -38.07
N VAL C 496 -8.81 -27.96 -37.68
CA VAL C 496 -7.98 -27.73 -36.51
C VAL C 496 -8.66 -28.30 -35.27
N HIS C 497 -9.96 -28.05 -35.11
CA HIS C 497 -10.69 -28.59 -33.98
C HIS C 497 -10.83 -30.11 -34.05
N SER C 498 -10.81 -30.68 -35.24
CA SER C 498 -10.92 -32.12 -35.40
C SER C 498 -9.59 -32.83 -35.24
N GLY C 499 -8.50 -32.10 -35.00
CA GLY C 499 -7.22 -32.69 -34.74
C GLY C 499 -6.32 -32.85 -35.95
N LYS C 500 -6.81 -32.57 -37.15
CA LYS C 500 -5.98 -32.68 -38.34
C LYS C 500 -4.89 -31.62 -38.33
N SER C 501 -3.69 -32.01 -38.73
CA SER C 501 -2.53 -31.13 -38.69
C SER C 501 -1.94 -30.96 -40.08
N THR C 502 -1.41 -29.77 -40.32
CA THR C 502 -0.74 -29.48 -41.59
C THR C 502 0.65 -30.12 -41.58
N LYS C 503 1.00 -30.79 -42.68
CA LYS C 503 2.29 -31.44 -42.79
C LYS C 503 3.28 -30.53 -43.50
N ASN C 504 4.49 -31.03 -43.71
CA ASN C 504 5.58 -30.27 -44.32
C ASN C 504 5.83 -28.97 -43.55
N ILE C 505 5.86 -29.07 -42.23
CA ILE C 505 6.04 -27.92 -41.36
C ILE C 505 7.23 -28.19 -40.44
N ILE C 506 8.14 -27.23 -40.35
CA ILE C 506 9.21 -27.30 -39.38
C ILE C 506 8.63 -27.12 -37.99
N ASP C 507 8.94 -28.06 -37.09
CA ASP C 507 8.39 -27.99 -35.74
C ASP C 507 8.98 -26.81 -34.99
N ILE C 508 8.35 -26.46 -33.88
CA ILE C 508 8.73 -25.27 -33.13
C ILE C 508 10.15 -25.41 -32.60
N ASP C 509 10.49 -26.57 -32.03
CA ASP C 509 11.80 -26.75 -31.44
C ASP C 509 12.90 -26.64 -32.48
N THR C 510 12.71 -27.25 -33.64
CA THR C 510 13.69 -27.10 -34.72
C THR C 510 13.75 -25.66 -35.20
N LEU C 511 12.59 -25.02 -35.32
CA LEU C 511 12.56 -23.63 -35.79
C LEU C 511 13.23 -22.70 -34.80
N ARG C 512 13.01 -22.93 -33.51
CA ARG C 512 13.66 -22.10 -32.50
C ARG C 512 15.18 -22.26 -32.55
N LYS C 513 15.65 -23.49 -32.74
CA LYS C 513 17.09 -23.72 -32.87
C LYS C 513 17.64 -23.03 -34.11
N TYR C 514 16.89 -23.09 -35.21
CA TYR C 514 17.33 -22.46 -36.45
C TYR C 514 17.47 -20.95 -36.29
N ILE C 515 16.50 -20.32 -35.63
CA ILE C 515 16.55 -18.87 -35.45
C ILE C 515 17.73 -18.48 -34.59
N ALA C 516 17.97 -19.22 -33.50
CA ALA C 516 19.06 -18.88 -32.61
C ALA C 516 20.40 -18.98 -33.31
N TYR C 517 20.58 -20.01 -34.13
CA TYR C 517 21.83 -20.15 -34.87
C TYR C 517 22.02 -19.00 -35.85
N ALA C 518 20.97 -18.62 -36.56
CA ALA C 518 21.08 -17.57 -37.56
C ALA C 518 21.44 -16.24 -36.91
N ARG C 519 20.82 -15.91 -35.78
CA ARG C 519 21.09 -14.65 -35.12
C ARG C 519 22.49 -14.58 -34.52
N LYS C 520 23.20 -15.70 -34.46
CA LYS C 520 24.48 -15.77 -33.77
C LYS C 520 25.69 -15.86 -34.69
N TYR C 521 25.56 -16.51 -35.85
CA TYR C 521 26.71 -16.78 -36.70
C TYR C 521 26.59 -16.17 -38.09
N VAL C 522 25.55 -15.39 -38.37
CA VAL C 522 25.32 -14.86 -39.70
C VAL C 522 25.30 -13.34 -39.61
N THR C 523 26.01 -12.69 -40.53
CA THR C 523 26.08 -11.23 -40.58
C THR C 523 26.24 -10.80 -42.02
N PRO C 524 25.14 -10.60 -42.73
CA PRO C 524 25.22 -10.28 -44.16
C PRO C 524 25.80 -8.89 -44.40
N LYS C 525 26.35 -8.71 -45.60
CA LYS C 525 26.90 -7.45 -46.05
C LYS C 525 26.12 -6.96 -47.26
N ILE C 526 26.00 -5.64 -47.38
CA ILE C 526 25.26 -5.03 -48.49
C ILE C 526 26.20 -4.87 -49.66
N THR C 527 25.78 -5.36 -50.82
CA THR C 527 26.57 -5.23 -52.04
C THR C 527 26.17 -3.96 -52.79
N SER C 528 26.76 -3.78 -53.96
CA SER C 528 26.48 -2.58 -54.76
C SER C 528 25.13 -2.67 -55.46
N GLU C 529 24.76 -3.86 -55.93
CA GLU C 529 23.51 -4.01 -56.67
C GLU C 529 22.32 -3.70 -55.79
N ALA C 530 22.31 -4.22 -54.56
CA ALA C 530 21.23 -3.91 -53.64
C ALA C 530 21.24 -2.44 -53.24
N LYS C 531 22.42 -1.82 -53.23
CA LYS C 531 22.51 -0.41 -52.85
C LYS C 531 21.74 0.47 -53.82
N ASN C 532 21.88 0.20 -55.12
CA ASN C 532 21.21 1.03 -56.11
C ASN C 532 19.69 0.85 -56.08
N LEU C 533 19.23 -0.38 -55.91
CA LEU C 533 17.80 -0.65 -55.89
C LEU C 533 17.13 0.05 -54.71
N ILE C 534 17.75 -0.03 -53.53
CA ILE C 534 17.16 0.60 -52.35
C ILE C 534 17.10 2.11 -52.51
N THR C 535 18.18 2.71 -53.02
CA THR C 535 18.21 4.16 -53.17
C THR C 535 17.11 4.65 -54.09
N ASP C 536 16.92 3.98 -55.22
CA ASP C 536 15.90 4.41 -56.17
C ASP C 536 14.50 4.34 -55.57
N PHE C 537 14.21 3.27 -54.85
CA PHE C 537 12.88 3.12 -54.27
C PHE C 537 12.62 4.17 -53.20
N PHE C 538 13.62 4.46 -52.37
CA PHE C 538 13.41 5.45 -51.31
C PHE C 538 13.14 6.83 -51.88
N VAL C 539 13.88 7.22 -52.92
CA VAL C 539 13.63 8.51 -53.55
C VAL C 539 12.24 8.55 -54.15
N GLU C 540 11.85 7.48 -54.84
CA GLU C 540 10.52 7.43 -55.43
C GLU C 540 9.44 7.38 -54.35
N MET C 541 9.71 6.70 -53.24
CA MET C 541 8.76 6.67 -52.15
C MET C 541 8.52 8.06 -51.57
N ARG C 542 9.59 8.81 -51.34
CA ARG C 542 9.46 10.14 -50.74
C ARG C 542 8.69 11.09 -51.65
N LYS C 543 8.96 11.03 -52.96
CA LYS C 543 8.30 11.94 -53.88
C LYS C 543 6.80 11.74 -53.87
N LYS C 544 6.35 10.48 -53.83
CA LYS C 544 4.92 10.22 -53.80
C LYS C 544 4.31 10.60 -52.45
N SER C 545 5.10 10.52 -51.38
CA SER C 545 4.59 10.91 -50.06
C SER C 545 4.22 12.38 -50.02
N SER C 546 5.04 13.23 -50.64
CA SER C 546 4.78 14.67 -50.63
C SER C 546 3.48 15.03 -51.33
N GLU C 547 2.98 14.15 -52.21
CA GLU C 547 1.77 14.45 -52.95
C GLU C 547 0.56 14.57 -52.03
N THR C 548 0.45 13.68 -51.06
CA THR C 548 -0.67 13.66 -50.11
C THR C 548 -0.12 13.84 -48.70
N PRO C 549 -0.05 15.06 -48.19
CA PRO C 549 0.56 15.29 -46.87
C PRO C 549 -0.37 15.06 -45.71
N ASP C 550 -1.61 14.66 -45.94
CA ASP C 550 -2.58 14.49 -44.86
C ASP C 550 -2.48 13.11 -44.19
N SER C 551 -1.77 12.17 -44.79
CA SER C 551 -1.67 10.84 -44.22
C SER C 551 -0.92 10.88 -42.90
N PRO C 552 -1.38 10.16 -41.88
CA PRO C 552 -0.67 10.16 -40.59
C PRO C 552 0.72 9.58 -40.66
N ILE C 553 1.02 8.77 -41.67
CA ILE C 553 2.35 8.20 -41.82
C ILE C 553 3.24 9.18 -42.57
N LEU C 554 4.52 9.18 -42.22
CA LEU C 554 5.51 10.05 -42.84
C LEU C 554 6.68 9.22 -43.30
N ILE C 555 7.21 9.53 -44.49
CA ILE C 555 8.36 8.82 -45.02
C ILE C 555 9.58 9.58 -44.53
N THR C 556 10.03 9.24 -43.33
CA THR C 556 11.22 9.82 -42.74
C THR C 556 12.44 9.03 -43.18
N PRO C 557 13.64 9.52 -42.89
CA PRO C 557 14.84 8.72 -43.16
C PRO C 557 14.86 7.39 -42.44
N ARG C 558 14.00 7.19 -41.45
CA ARG C 558 13.92 5.89 -40.78
C ARG C 558 13.53 4.79 -41.76
N GLN C 559 12.59 5.08 -42.66
CA GLN C 559 12.13 4.08 -43.62
C GLN C 559 13.27 3.61 -44.52
N LEU C 560 14.26 4.46 -44.77
CA LEU C 560 15.44 4.00 -45.50
C LEU C 560 16.19 2.96 -44.70
N GLU C 561 16.31 3.17 -43.39
CA GLU C 561 16.96 2.18 -42.53
C GLU C 561 16.16 0.89 -42.50
N ALA C 562 14.83 1.00 -42.56
CA ALA C 562 13.97 -0.18 -42.52
C ALA C 562 14.27 -1.10 -43.70
N LEU C 563 14.47 -0.52 -44.88
CA LEU C 563 14.77 -1.30 -46.07
C LEU C 563 16.07 -2.06 -45.90
N ILE C 564 17.07 -1.42 -45.31
CA ILE C 564 18.35 -2.09 -45.08
C ILE C 564 18.18 -3.23 -44.09
N ARG C 565 17.46 -2.98 -42.99
CA ARG C 565 17.27 -4.02 -41.98
C ARG C 565 16.50 -5.20 -42.54
N ILE C 566 15.43 -4.93 -43.30
CA ILE C 566 14.64 -6.01 -43.87
C ILE C 566 15.47 -6.82 -44.85
N SER C 567 16.27 -6.14 -45.68
CA SER C 567 17.09 -6.85 -46.65
C SER C 567 18.07 -7.79 -45.96
N GLU C 568 18.69 -7.34 -44.88
CA GLU C 568 19.60 -8.20 -44.13
C GLU C 568 18.85 -9.38 -43.52
N ALA C 569 17.63 -9.13 -43.04
CA ALA C 569 16.85 -10.21 -42.44
C ALA C 569 16.54 -11.30 -43.46
N TYR C 570 16.22 -10.91 -44.70
CA TYR C 570 15.98 -11.91 -45.73
C TYR C 570 17.22 -12.74 -46.00
N ALA C 571 18.38 -12.08 -46.08
CA ALA C 571 19.62 -12.83 -46.27
C ALA C 571 19.90 -13.73 -45.08
N LYS C 572 19.66 -13.23 -43.87
CA LYS C 572 19.91 -14.02 -42.68
C LYS C 572 18.99 -15.23 -42.60
N MET C 573 17.82 -15.17 -43.25
CA MET C 573 16.90 -16.29 -43.20
C MET C 573 17.46 -17.51 -43.94
N ALA C 574 18.26 -17.28 -44.97
CA ALA C 574 18.85 -18.36 -45.75
C ALA C 574 20.30 -18.62 -45.37
N LEU C 575 20.77 -18.03 -44.27
CA LEU C 575 22.15 -18.18 -43.82
C LEU C 575 23.14 -17.73 -44.89
N LYS C 576 22.79 -16.66 -45.60
CA LYS C 576 23.68 -16.09 -46.60
C LYS C 576 24.64 -15.10 -45.97
N ALA C 577 25.71 -14.79 -46.71
CA ALA C 577 26.73 -13.87 -46.23
C ALA C 577 26.66 -12.49 -46.89
N GLU C 578 25.94 -12.36 -47.99
CA GLU C 578 25.81 -11.08 -48.68
C GLU C 578 24.35 -10.84 -49.04
N VAL C 579 23.99 -9.57 -49.15
CA VAL C 579 22.64 -9.18 -49.55
C VAL C 579 22.63 -9.06 -51.06
N THR C 580 22.23 -10.12 -51.73
CA THR C 580 22.25 -10.13 -53.19
C THR C 580 21.13 -9.27 -53.74
N ARG C 581 21.00 -9.27 -55.07
CA ARG C 581 19.95 -8.50 -55.72
C ARG C 581 18.56 -9.02 -55.34
N GLU C 582 18.41 -10.34 -55.25
CA GLU C 582 17.10 -10.93 -55.01
C GLU C 582 16.54 -10.49 -53.67
N ASP C 583 17.38 -10.47 -52.63
CA ASP C 583 16.91 -10.08 -51.31
C ASP C 583 16.44 -8.64 -51.28
N ALA C 584 17.06 -7.78 -52.08
CA ALA C 584 16.58 -6.40 -52.18
C ALA C 584 15.20 -6.34 -52.81
N GLU C 585 14.94 -7.19 -53.80
CA GLU C 585 13.63 -7.21 -54.43
C GLU C 585 12.54 -7.61 -53.44
N ARG C 586 12.80 -8.62 -52.62
CA ARG C 586 11.82 -9.06 -51.64
C ARG C 586 11.54 -7.95 -50.62
N ALA C 587 12.58 -7.23 -50.21
CA ALA C 587 12.39 -6.15 -49.25
C ALA C 587 11.52 -5.04 -49.83
N ILE C 588 11.71 -4.72 -51.11
CA ILE C 588 10.89 -3.69 -51.74
C ILE C 588 9.44 -4.15 -51.83
N ASN C 589 9.22 -5.42 -52.19
CA ASN C 589 7.85 -5.90 -52.36
C ASN C 589 7.08 -5.84 -51.05
N ILE C 590 7.70 -6.27 -49.94
CA ILE C 590 6.99 -6.25 -48.68
C ILE C 590 6.71 -4.82 -48.23
N MET C 591 7.58 -3.87 -48.60
CA MET C 591 7.31 -2.48 -48.28
C MET C 591 6.14 -1.95 -49.11
N ARG C 592 6.01 -2.40 -50.35
CA ARG C 592 4.89 -1.98 -51.18
C ARG C 592 3.56 -2.40 -50.57
N LEU C 593 3.49 -3.63 -50.07
CA LEU C 593 2.27 -4.11 -49.43
C LEU C 593 1.94 -3.28 -48.19
N PHE C 594 2.96 -2.96 -47.39
CA PHE C 594 2.74 -2.10 -46.22
C PHE C 594 2.23 -0.73 -46.64
N LEU C 595 2.86 -0.13 -47.66
CA LEU C 595 2.43 1.18 -48.10
C LEU C 595 1.04 1.12 -48.72
N GLU C 596 0.77 0.10 -49.53
CA GLU C 596 -0.54 -0.01 -50.16
C GLU C 596 -1.63 -0.25 -49.12
N SER C 597 -1.34 -1.05 -48.10
CA SER C 597 -2.32 -1.32 -47.06
C SER C 597 -2.68 -0.05 -46.31
N VAL C 598 -1.68 0.79 -46.00
CA VAL C 598 -1.93 1.99 -45.22
C VAL C 598 -2.60 3.09 -46.04
N GLY C 599 -2.73 2.91 -47.35
CA GLY C 599 -3.41 3.87 -48.19
C GLY C 599 -2.53 4.67 -49.12
N VAL C 600 -1.28 4.28 -49.30
CA VAL C 600 -0.36 5.00 -50.18
C VAL C 600 -0.08 4.11 -51.39
N ASP C 601 -0.54 4.55 -52.56
CA ASP C 601 -0.30 3.79 -53.78
C ASP C 601 1.14 3.97 -54.24
N MET C 602 1.61 2.97 -55.00
CA MET C 602 2.97 3.01 -55.53
C MET C 602 2.99 2.59 -56.99
N GLN D 8 -7.87 -52.72 30.66
CA GLN D 8 -9.04 -53.55 30.95
C GLN D 8 -9.55 -54.23 29.69
N ILE D 9 -9.95 -53.42 28.70
CA ILE D 9 -10.45 -53.91 27.43
C ILE D 9 -9.60 -53.34 26.31
N ASP D 10 -9.23 -54.20 25.37
CA ASP D 10 -8.42 -53.81 24.21
C ASP D 10 -9.31 -53.73 22.99
N TYR D 11 -9.27 -52.60 22.29
CA TYR D 11 -10.02 -52.40 21.07
C TYR D 11 -9.22 -52.75 19.83
N ARG D 12 -7.95 -53.16 19.99
CA ARG D 12 -7.11 -53.48 18.85
C ARG D 12 -7.71 -54.60 18.02
N ASP D 13 -8.15 -55.67 18.68
CA ASP D 13 -8.82 -56.76 17.96
C ASP D 13 -10.13 -56.29 17.35
N VAL D 14 -10.90 -55.49 18.10
CA VAL D 14 -12.19 -55.02 17.60
C VAL D 14 -12.00 -54.17 16.36
N PHE D 15 -11.00 -53.29 16.38
CA PHE D 15 -10.73 -52.46 15.22
C PHE D 15 -10.36 -53.32 14.01
N ILE D 16 -9.48 -54.30 14.21
CA ILE D 16 -9.13 -55.21 13.14
C ILE D 16 -10.34 -56.00 12.68
N GLU D 17 -11.14 -56.48 13.64
CA GLU D 17 -12.37 -57.20 13.29
C GLU D 17 -13.33 -56.31 12.52
N PHE D 18 -13.46 -55.06 12.93
CA PHE D 18 -14.37 -54.14 12.24
C PHE D 18 -13.93 -53.91 10.80
N LEU D 19 -12.63 -53.73 10.58
CA LEU D 19 -12.14 -53.42 9.24
C LEU D 19 -12.37 -54.57 8.28
N THR D 20 -12.11 -55.80 8.71
CA THR D 20 -12.21 -56.95 7.82
C THR D 20 -13.60 -57.57 7.81
N THR D 21 -14.40 -57.36 8.84
CA THR D 21 -15.77 -57.86 8.90
C THR D 21 -16.71 -56.66 9.04
N PHE D 22 -17.08 -56.07 7.91
CA PHE D 22 -18.07 -55.01 7.90
C PHE D 22 -18.73 -54.98 6.53
N LYS D 23 -19.99 -55.38 6.47
CA LYS D 23 -20.71 -55.41 5.21
C LYS D 23 -21.09 -53.99 4.83
N GLY D 24 -20.76 -53.58 3.61
CA GLY D 24 -21.06 -52.26 3.13
C GLY D 24 -22.51 -52.14 2.69
N ASN D 25 -22.78 -51.08 1.92
CA ASN D 25 -24.12 -50.90 1.38
C ASN D 25 -24.51 -52.06 0.47
N ASN D 26 -23.58 -52.52 -0.36
CA ASN D 26 -23.80 -53.65 -1.24
C ASN D 26 -23.22 -54.94 -0.70
N ASN D 27 -22.82 -54.96 0.57
CA ASN D 27 -22.24 -56.13 1.23
C ASN D 27 -20.99 -56.60 0.49
N GLN D 28 -19.97 -55.74 0.50
CA GLN D 28 -18.74 -56.00 -0.23
C GLN D 28 -17.48 -55.74 0.60
N ASN D 29 -17.63 -55.43 1.89
CA ASN D 29 -16.49 -55.12 2.77
C ASN D 29 -15.66 -53.98 2.18
N LYS D 30 -16.30 -52.82 2.12
CA LYS D 30 -15.68 -51.65 1.50
C LYS D 30 -14.33 -51.30 2.13
N TYR D 31 -14.18 -51.53 3.43
CA TYR D 31 -12.95 -51.15 4.09
C TYR D 31 -11.80 -52.05 3.71
N ILE D 32 -12.07 -53.33 3.40
CA ILE D 32 -11.04 -54.19 2.87
C ILE D 32 -10.56 -53.67 1.52
N GLU D 33 -11.50 -53.25 0.67
CA GLU D 33 -11.13 -52.66 -0.61
C GLU D 33 -10.33 -51.39 -0.43
N ARG D 34 -10.73 -50.55 0.53
CA ARG D 34 -10.01 -49.30 0.77
C ARG D 34 -8.58 -49.57 1.21
N ILE D 35 -8.38 -50.57 2.08
CA ILE D 35 -7.03 -50.90 2.53
C ILE D 35 -6.18 -51.37 1.36
N ASN D 36 -6.73 -52.24 0.51
CA ASN D 36 -5.97 -52.72 -0.64
C ASN D 36 -5.61 -51.59 -1.58
N GLU D 37 -6.54 -50.66 -1.80
CA GLU D 37 -6.24 -49.49 -2.62
C GLU D 37 -5.14 -48.65 -1.99
N LEU D 38 -5.11 -48.59 -0.66
CA LEU D 38 -4.06 -47.84 0.02
C LEU D 38 -2.68 -48.45 -0.25
N VAL D 39 -2.58 -49.78 -0.20
CA VAL D 39 -1.31 -50.43 -0.45
C VAL D 39 -0.89 -50.25 -1.90
N ALA D 40 -1.84 -50.14 -2.82
CA ALA D 40 -1.52 -50.07 -4.24
C ALA D 40 -0.69 -48.84 -4.56
N TYR D 41 -1.03 -47.69 -3.99
CA TYR D 41 -0.33 -46.45 -4.28
C TYR D 41 0.33 -45.82 -3.05
N ARG D 42 0.40 -46.56 -1.94
CA ARG D 42 1.08 -46.09 -0.72
C ARG D 42 0.47 -44.77 -0.24
N LYS D 43 -0.83 -44.81 0.07
CA LYS D 43 -1.55 -43.59 0.42
C LYS D 43 -1.26 -43.12 1.84
N LYS D 44 -0.97 -44.05 2.75
CA LYS D 44 -0.53 -43.75 4.11
C LYS D 44 -1.67 -43.20 4.98
N SER D 45 -2.82 -42.94 4.38
CA SER D 45 -3.95 -42.36 5.10
C SER D 45 -5.22 -43.15 4.82
N LEU D 46 -5.94 -43.50 5.89
CA LEU D 46 -7.19 -44.25 5.79
C LEU D 46 -8.32 -43.42 6.38
N ILE D 47 -9.45 -43.37 5.67
CA ILE D 47 -10.61 -42.60 6.08
C ILE D 47 -11.65 -43.55 6.65
N ILE D 48 -12.19 -43.22 7.82
CA ILE D 48 -13.16 -44.05 8.52
C ILE D 48 -14.40 -43.22 8.80
N GLU D 49 -15.56 -43.77 8.46
CA GLU D 49 -16.83 -43.13 8.77
C GLU D 49 -17.17 -43.37 10.23
N PHE D 50 -17.57 -42.30 10.93
CA PHE D 50 -17.96 -42.47 12.32
C PHE D 50 -19.22 -43.31 12.46
N SER D 51 -20.18 -43.13 11.55
CA SER D 51 -21.43 -43.87 11.64
C SER D 51 -21.20 -45.36 11.53
N ASP D 52 -20.27 -45.79 10.67
CA ASP D 52 -19.98 -47.20 10.52
C ASP D 52 -19.43 -47.78 11.82
N VAL D 53 -18.53 -47.06 12.49
CA VAL D 53 -18.02 -47.51 13.78
C VAL D 53 -19.14 -47.59 14.80
N LEU D 54 -20.01 -46.59 14.82
CA LEU D 54 -21.16 -46.62 15.72
C LEU D 54 -22.07 -47.80 15.39
N SER D 55 -22.30 -48.04 14.10
CA SER D 55 -23.15 -49.17 13.69
C SER D 55 -22.52 -50.50 14.09
N PHE D 56 -21.20 -50.64 13.93
CA PHE D 56 -20.56 -51.91 14.20
C PHE D 56 -20.49 -52.17 15.71
N ASN D 57 -19.80 -51.31 16.44
CA ASN D 57 -19.67 -51.44 17.89
C ASN D 57 -19.69 -50.05 18.50
N GLU D 58 -20.71 -49.77 19.31
CA GLU D 58 -20.88 -48.43 19.86
C GLU D 58 -19.79 -48.10 20.87
N ASN D 59 -19.33 -49.07 21.65
CA ASN D 59 -18.37 -48.79 22.71
C ASN D 59 -17.09 -48.18 22.15
N LEU D 60 -16.60 -48.70 21.02
CA LEU D 60 -15.42 -48.14 20.40
C LEU D 60 -15.66 -46.71 19.93
N ALA D 61 -16.87 -46.41 19.46
CA ALA D 61 -17.15 -45.09 18.91
C ALA D 61 -16.97 -44.00 19.95
N TYR D 62 -17.48 -44.22 21.16
CA TYR D 62 -17.30 -43.21 22.20
C TYR D 62 -15.85 -43.07 22.62
N GLU D 63 -15.10 -44.19 22.60
CA GLU D 63 -13.69 -44.12 22.96
C GLU D 63 -12.93 -43.23 22.00
N ILE D 64 -13.23 -43.32 20.71
CA ILE D 64 -12.54 -42.49 19.72
C ILE D 64 -12.89 -41.02 19.92
N ILE D 65 -14.19 -40.71 20.07
CA ILE D 65 -14.62 -39.33 20.12
C ILE D 65 -14.29 -38.67 21.46
N ASN D 66 -14.08 -39.44 22.51
CA ASN D 66 -13.79 -38.89 23.83
C ASN D 66 -12.34 -39.05 24.26
N ASN D 67 -11.66 -40.10 23.81
CA ASN D 67 -10.28 -40.34 24.21
C ASN D 67 -9.38 -40.38 22.97
N THR D 68 -9.56 -39.40 22.09
CA THR D 68 -8.88 -39.43 20.79
C THR D 68 -7.36 -39.37 20.96
N LYS D 69 -6.87 -38.54 21.88
CA LYS D 69 -5.44 -38.32 22.02
C LYS D 69 -4.68 -39.55 22.47
N ILE D 70 -5.36 -40.58 22.94
CA ILE D 70 -4.72 -41.80 23.43
C ILE D 70 -5.02 -43.00 22.53
N ILE D 71 -6.30 -43.18 22.19
CA ILE D 71 -6.67 -44.40 21.47
C ILE D 71 -6.25 -44.34 20.01
N LEU D 72 -6.14 -43.14 19.43
CA LEU D 72 -5.78 -43.04 18.01
C LEU D 72 -4.41 -43.61 17.70
N PRO D 73 -3.33 -43.26 18.42
CA PRO D 73 -2.04 -43.89 18.11
C PRO D 73 -2.05 -45.40 18.27
N ILE D 74 -2.87 -45.93 19.18
CA ILE D 74 -2.94 -47.38 19.35
C ILE D 74 -3.52 -48.02 18.10
N LEU D 75 -4.61 -47.46 17.57
CA LEU D 75 -5.22 -48.02 16.38
C LEU D 75 -4.30 -47.92 15.17
N GLU D 76 -3.57 -46.80 15.06
CA GLU D 76 -2.66 -46.63 13.93
C GLU D 76 -1.58 -47.70 13.92
N GLY D 77 -1.03 -48.02 15.09
CA GLY D 77 -0.06 -49.10 15.17
C GLY D 77 -0.66 -50.44 14.79
N ALA D 78 -1.88 -50.69 15.25
CA ALA D 78 -2.55 -51.94 14.90
C ALA D 78 -2.78 -52.06 13.40
N LEU D 79 -3.19 -50.96 12.77
CA LEU D 79 -3.42 -50.98 11.34
C LEU D 79 -2.14 -51.24 10.57
N TYR D 80 -1.02 -50.70 11.05
CA TYR D 80 0.25 -50.87 10.35
C TYR D 80 0.64 -52.34 10.27
N ASP D 81 0.48 -53.08 11.37
CA ASP D 81 0.82 -54.49 11.36
C ASP D 81 -0.06 -55.27 10.39
N HIS D 82 -1.36 -54.98 10.38
CA HIS D 82 -2.26 -55.68 9.47
C HIS D 82 -1.90 -55.42 8.02
N ILE D 83 -1.59 -54.17 7.68
CA ILE D 83 -1.11 -53.87 6.34
C ILE D 83 0.23 -54.53 6.09
N LEU D 84 1.11 -54.52 7.11
CA LEU D 84 2.43 -55.12 6.95
C LEU D 84 2.34 -56.59 6.59
N GLN D 85 1.40 -57.31 7.20
CA GLN D 85 1.19 -58.71 6.84
C GLN D 85 0.74 -58.85 5.40
N LEU D 86 -0.13 -57.96 4.94
CA LEU D 86 -0.63 -58.03 3.57
C LEU D 86 0.49 -57.80 2.57
N ASP D 87 1.39 -56.85 2.86
CA ASP D 87 2.47 -56.51 1.94
C ASP D 87 3.72 -56.16 2.74
N PRO D 88 4.66 -57.10 2.87
CA PRO D 88 5.94 -56.77 3.52
C PRO D 88 6.68 -55.65 2.82
N THR D 89 6.50 -55.48 1.51
CA THR D 89 7.20 -54.43 0.78
C THR D 89 6.71 -53.04 1.14
N TYR D 90 5.61 -52.92 1.88
CA TYR D 90 5.13 -51.62 2.30
C TYR D 90 6.13 -50.87 3.17
N GLN D 91 7.05 -51.59 3.82
CA GLN D 91 8.09 -50.94 4.60
C GLN D 91 9.07 -50.22 3.68
N ARG D 92 9.98 -49.47 4.30
CA ARG D 92 11.06 -48.71 3.67
C ARG D 92 10.57 -47.72 2.62
N ASP D 93 9.26 -47.54 2.49
CA ASP D 93 8.72 -46.45 1.70
C ASP D 93 7.72 -45.68 2.56
N ILE D 94 7.02 -46.39 3.45
CA ILE D 94 6.10 -45.80 4.40
C ILE D 94 6.44 -46.36 5.77
N GLU D 95 6.67 -45.48 6.74
CA GLU D 95 7.04 -45.92 8.07
C GLU D 95 5.86 -45.95 9.04
N LYS D 96 4.81 -45.18 8.78
CA LYS D 96 3.64 -45.16 9.64
C LYS D 96 2.44 -44.69 8.85
N VAL D 97 1.26 -45.03 9.34
CA VAL D 97 0.01 -44.69 8.67
C VAL D 97 -0.79 -43.74 9.54
N HIS D 98 -1.87 -43.21 8.98
CA HIS D 98 -2.74 -42.28 9.67
C HIS D 98 -4.19 -42.76 9.55
N VAL D 99 -4.92 -42.68 10.66
CA VAL D 99 -6.34 -42.99 10.69
C VAL D 99 -7.10 -41.69 10.88
N ARG D 100 -7.94 -41.35 9.91
CA ARG D 100 -8.71 -40.11 9.94
C ARG D 100 -10.19 -40.45 10.09
N ILE D 101 -10.87 -39.74 10.97
CA ILE D 101 -12.27 -39.99 11.28
C ILE D 101 -13.10 -38.83 10.76
N VAL D 102 -14.19 -39.15 10.07
CA VAL D 102 -15.12 -38.16 9.55
C VAL D 102 -16.52 -38.52 10.01
N GLY D 103 -17.40 -37.52 9.99
CA GLY D 103 -18.77 -37.72 10.43
C GLY D 103 -19.00 -37.55 11.91
N ILE D 104 -18.13 -36.83 12.61
CA ILE D 104 -18.30 -36.60 14.05
C ILE D 104 -19.59 -35.81 14.28
N PRO D 105 -20.43 -36.20 15.23
CA PRO D 105 -21.65 -35.42 15.49
C PRO D 105 -21.42 -34.14 16.26
N ARG D 106 -20.22 -33.91 16.79
CA ARG D 106 -19.94 -32.72 17.58
C ARG D 106 -19.55 -31.57 16.63
N VAL D 107 -20.56 -30.87 16.15
CA VAL D 107 -20.37 -29.75 15.24
C VAL D 107 -20.66 -28.46 15.98
N ILE D 108 -19.71 -27.52 15.91
CA ILE D 108 -19.81 -26.25 16.61
C ILE D 108 -19.61 -25.12 15.61
N GLU D 109 -20.42 -24.07 15.74
CA GLU D 109 -20.22 -22.88 14.92
C GLU D 109 -18.92 -22.20 15.28
N LEU D 110 -18.32 -21.52 14.31
CA LEU D 110 -17.04 -20.86 14.52
C LEU D 110 -17.14 -19.76 15.58
N ARG D 111 -18.33 -19.22 15.81
CA ARG D 111 -18.52 -18.15 16.78
C ARG D 111 -18.90 -18.65 18.16
N LYS D 112 -19.23 -19.94 18.30
CA LYS D 112 -19.71 -20.50 19.56
C LYS D 112 -18.63 -21.25 20.32
N ILE D 113 -17.37 -21.13 19.92
CA ILE D 113 -16.30 -21.84 20.60
C ILE D 113 -16.00 -21.16 21.93
N ARG D 114 -15.97 -21.95 23.00
CA ARG D 114 -15.67 -21.46 24.34
C ARG D 114 -14.58 -22.33 24.95
N SER D 115 -14.21 -21.99 26.18
CA SER D 115 -13.12 -22.72 26.85
C SER D 115 -13.46 -24.18 27.07
N THR D 116 -14.75 -24.49 27.24
CA THR D 116 -15.15 -25.87 27.47
C THR D 116 -14.97 -26.76 26.25
N ASP D 117 -14.76 -26.18 25.08
CA ASP D 117 -14.61 -26.95 23.84
C ASP D 117 -13.16 -27.26 23.51
N ILE D 118 -12.22 -26.86 24.35
CA ILE D 118 -10.80 -27.05 24.06
C ILE D 118 -10.36 -28.39 24.58
N GLY D 119 -9.71 -29.18 23.73
CA GLY D 119 -9.18 -30.46 24.11
C GLY D 119 -9.99 -31.65 23.68
N LYS D 120 -11.09 -31.45 22.95
CA LYS D 120 -11.91 -32.56 22.48
C LYS D 120 -12.10 -32.44 20.97
N LEU D 121 -12.37 -33.59 20.37
CA LEU D 121 -12.52 -33.67 18.91
C LEU D 121 -13.83 -33.02 18.50
N ILE D 122 -13.75 -32.00 17.65
CA ILE D 122 -14.91 -31.26 17.18
C ILE D 122 -14.81 -31.06 15.68
N THR D 123 -15.93 -30.68 15.09
CA THR D 123 -16.03 -30.46 13.64
C THR D 123 -16.49 -29.04 13.38
N ILE D 124 -15.92 -28.42 12.35
CA ILE D 124 -16.22 -27.04 11.99
C ILE D 124 -16.43 -26.96 10.48
N ASP D 125 -17.45 -26.22 10.07
CA ASP D 125 -17.74 -25.97 8.66
C ASP D 125 -17.43 -24.52 8.33
N GLY D 126 -16.72 -24.30 7.23
CA GLY D 126 -16.34 -22.94 6.89
C GLY D 126 -15.79 -22.85 5.48
N ILE D 127 -15.17 -21.72 5.21
CA ILE D 127 -14.63 -21.40 3.88
C ILE D 127 -13.15 -21.11 4.02
N LEU D 128 -12.33 -21.76 3.20
CA LEU D 128 -10.91 -21.47 3.18
C LEU D 128 -10.64 -20.16 2.48
N VAL D 129 -9.79 -19.33 3.08
CA VAL D 129 -9.46 -18.04 2.50
C VAL D 129 -7.96 -17.83 2.28
N LYS D 130 -7.10 -18.52 3.03
CA LYS D 130 -5.66 -18.29 2.90
C LYS D 130 -4.93 -19.59 3.14
N VAL D 131 -3.94 -19.87 2.30
CA VAL D 131 -3.10 -21.05 2.44
C VAL D 131 -1.64 -20.61 2.26
N THR D 132 -0.79 -20.99 3.19
CA THR D 132 0.62 -20.68 3.13
C THR D 132 1.37 -21.77 2.38
N PRO D 133 2.57 -21.47 1.88
CA PRO D 133 3.38 -22.52 1.26
C PRO D 133 3.77 -23.59 2.26
N VAL D 134 3.95 -24.81 1.75
CA VAL D 134 4.29 -25.94 2.60
C VAL D 134 5.68 -25.73 3.19
N LYS D 135 5.80 -25.95 4.49
CA LYS D 135 7.09 -25.84 5.18
C LYS D 135 7.39 -27.13 5.93
N GLU D 136 8.46 -27.12 6.71
CA GLU D 136 8.88 -28.30 7.45
C GLU D 136 9.00 -27.97 8.94
N ARG D 137 8.54 -28.89 9.77
CA ARG D 137 8.58 -28.73 11.22
C ARG D 137 9.43 -29.83 11.83
N ILE D 138 10.33 -29.46 12.72
CA ILE D 138 11.16 -30.43 13.42
C ILE D 138 10.36 -31.05 14.55
N TYR D 139 10.35 -32.38 14.61
CA TYR D 139 9.75 -33.07 15.74
C TYR D 139 10.73 -33.97 16.48
N LYS D 140 11.95 -34.15 15.98
CA LYS D 140 12.98 -34.90 16.69
C LYS D 140 14.32 -34.41 16.18
N ALA D 141 14.96 -33.53 16.94
CA ALA D 141 16.20 -32.91 16.52
C ALA D 141 17.40 -33.75 16.95
N THR D 142 18.55 -33.44 16.35
CA THR D 142 19.82 -34.07 16.71
C THR D 142 20.84 -32.97 16.94
N TYR D 143 21.52 -33.03 18.08
CA TYR D 143 22.46 -31.98 18.48
C TYR D 143 23.84 -32.57 18.67
N LYS D 144 24.85 -31.70 18.53
CA LYS D 144 26.22 -32.05 18.84
C LYS D 144 26.76 -31.01 19.83
N HIS D 145 27.41 -31.49 20.89
CA HIS D 145 27.92 -30.60 21.92
C HIS D 145 29.25 -30.02 21.46
N ILE D 146 29.31 -28.70 21.34
CA ILE D 146 30.54 -28.02 20.91
C ILE D 146 31.33 -27.72 22.17
N HIS D 147 32.09 -28.71 22.60
CA HIS D 147 32.96 -28.61 23.77
C HIS D 147 34.14 -29.56 23.57
N PRO D 148 35.37 -29.04 23.51
CA PRO D 148 36.50 -29.81 22.98
C PRO D 148 36.63 -31.23 23.52
N ASP D 149 35.94 -31.50 24.62
CA ASP D 149 35.89 -32.85 25.17
C ASP D 149 34.79 -33.71 24.57
N CYS D 150 33.65 -33.12 24.23
CA CYS D 150 32.47 -33.95 23.98
C CYS D 150 32.44 -34.51 22.55
N MET D 151 32.27 -33.65 21.55
CA MET D 151 31.98 -34.10 20.17
C MET D 151 31.02 -35.29 20.18
N GLN D 152 29.91 -35.13 20.88
CA GLN D 152 28.93 -36.20 21.04
C GLN D 152 27.62 -35.81 20.36
N GLU D 153 26.99 -36.78 19.73
CA GLU D 153 25.75 -36.58 18.98
C GLU D 153 24.60 -37.23 19.74
N PHE D 154 23.52 -36.48 19.92
CA PHE D 154 22.38 -37.01 20.65
C PHE D 154 21.11 -36.35 20.13
N GLU D 155 19.98 -37.02 20.37
CA GLU D 155 18.67 -36.48 20.04
C GLU D 155 18.08 -35.86 21.30
N TRP D 156 17.79 -34.56 21.24
CA TRP D 156 17.48 -33.83 22.48
C TRP D 156 16.13 -34.24 23.05
N PRO D 157 14.99 -34.03 22.38
CA PRO D 157 13.72 -34.35 23.03
C PRO D 157 13.58 -35.86 23.19
N GLU D 158 14.30 -36.41 24.15
CA GLU D 158 14.33 -37.85 24.35
C GLU D 158 13.04 -38.32 24.99
N ASP D 159 12.49 -39.42 24.47
CA ASP D 159 11.23 -40.01 24.95
C ASP D 159 10.10 -39.01 24.91
N GLU D 160 10.11 -38.12 23.92
CA GLU D 160 9.08 -37.09 23.80
C GLU D 160 9.16 -36.40 22.44
N GLU D 161 8.02 -36.21 21.80
CA GLU D 161 7.99 -35.43 20.57
C GLU D 161 8.36 -33.99 20.87
N MET D 162 9.17 -33.40 20.00
CA MET D 162 9.62 -32.03 20.24
C MET D 162 8.42 -31.09 20.19
N PRO D 163 8.25 -30.22 21.17
CA PRO D 163 7.09 -29.32 21.19
C PRO D 163 7.15 -28.32 20.04
N GLU D 164 6.03 -27.62 19.84
CA GLU D 164 5.96 -26.60 18.81
C GLU D 164 6.86 -25.41 19.10
N VAL D 165 7.37 -25.29 20.32
CA VAL D 165 8.35 -24.28 20.67
C VAL D 165 9.71 -24.96 20.75
N LEU D 166 10.64 -24.52 19.89
CA LEU D 166 11.96 -25.13 19.88
C LEU D 166 12.69 -24.86 21.18
N GLU D 167 13.43 -25.86 21.66
CA GLU D 167 14.18 -25.72 22.90
C GLU D 167 15.46 -26.53 22.79
N MET D 168 16.57 -25.89 23.13
CA MET D 168 17.86 -26.56 23.11
C MET D 168 18.20 -27.09 24.50
N PRO D 169 18.95 -28.18 24.57
CA PRO D 169 19.36 -28.70 25.88
C PRO D 169 20.28 -27.72 26.59
N THR D 170 20.21 -27.73 27.92
CA THR D 170 21.11 -26.90 28.73
C THR D 170 22.25 -27.69 29.34
N ILE D 171 22.10 -29.01 29.49
CA ILE D 171 23.15 -29.88 30.01
C ILE D 171 23.33 -31.03 29.04
N CYS D 172 24.56 -31.28 28.63
CA CYS D 172 24.82 -32.35 27.68
C CYS D 172 24.52 -33.69 28.32
N PRO D 173 23.60 -34.47 27.76
CA PRO D 173 23.27 -35.77 28.38
C PRO D 173 24.45 -36.71 28.46
N LYS D 174 25.35 -36.68 27.49
CA LYS D 174 26.45 -37.64 27.45
C LYS D 174 27.67 -37.19 28.23
N CYS D 175 27.71 -35.94 28.69
CA CYS D 175 28.83 -35.47 29.50
C CYS D 175 28.41 -34.67 30.72
N GLY D 176 27.14 -34.36 30.89
CA GLY D 176 26.70 -33.62 32.06
C GLY D 176 27.30 -32.25 32.20
N LYS D 177 27.54 -31.58 31.08
CA LYS D 177 28.16 -30.26 31.11
C LYS D 177 27.34 -29.29 30.27
N PRO D 178 27.31 -28.02 30.65
CA PRO D 178 26.67 -27.01 29.82
C PRO D 178 27.56 -26.62 28.65
N GLY D 179 27.15 -25.62 27.88
CA GLY D 179 27.99 -25.16 26.78
C GLY D 179 27.22 -24.77 25.54
N GLN D 180 27.80 -25.08 24.38
CA GLN D 180 27.24 -24.69 23.10
C GLN D 180 26.89 -25.94 22.31
N PHE D 181 25.69 -25.96 21.73
CA PHE D 181 25.19 -27.12 20.99
C PHE D 181 24.86 -26.71 19.57
N ARG D 182 25.17 -27.59 18.63
CA ARG D 182 24.94 -27.35 17.21
C ARG D 182 23.94 -28.36 16.67
N LEU D 183 23.00 -27.87 15.87
CA LEU D 183 21.99 -28.72 15.28
C LEU D 183 22.50 -29.34 13.98
N ILE D 184 22.19 -30.62 13.78
CA ILE D 184 22.62 -31.33 12.58
C ILE D 184 21.38 -31.61 11.73
N PRO D 185 21.20 -30.88 10.62
CA PRO D 185 20.01 -31.11 9.78
C PRO D 185 19.95 -32.49 9.17
N GLU D 186 21.10 -33.11 8.92
CA GLU D 186 21.11 -34.40 8.22
C GLU D 186 20.41 -35.48 9.04
N LYS D 187 20.63 -35.49 10.35
CA LYS D 187 20.05 -36.50 11.22
C LYS D 187 18.75 -36.05 11.87
N THR D 188 18.24 -34.87 11.51
CA THR D 188 17.01 -34.35 12.08
C THR D 188 15.81 -34.90 11.33
N LYS D 189 14.77 -35.25 12.09
CA LYS D 189 13.53 -35.73 11.50
C LYS D 189 12.55 -34.58 11.33
N LEU D 190 11.93 -34.51 10.16
CA LEU D 190 11.05 -33.41 9.81
C LEU D 190 9.67 -33.94 9.41
N ILE D 191 8.69 -33.04 9.48
CA ILE D 191 7.32 -33.36 9.08
C ILE D 191 6.76 -32.15 8.35
N ASP D 192 5.98 -32.41 7.30
CA ASP D 192 5.41 -31.32 6.51
C ASP D 192 4.43 -30.52 7.35
N TRP D 193 4.32 -29.22 7.03
CA TRP D 193 3.59 -28.30 7.87
C TRP D 193 3.03 -27.18 7.01
N GLN D 194 1.73 -26.92 7.13
CA GLN D 194 1.07 -25.87 6.37
C GLN D 194 0.03 -25.19 7.23
N LYS D 195 -0.06 -23.87 7.11
CA LYS D 195 -1.02 -23.06 7.86
C LYS D 195 -2.10 -22.56 6.93
N ALA D 196 -3.35 -22.66 7.36
CA ALA D 196 -4.48 -22.20 6.59
C ALA D 196 -5.44 -21.44 7.50
N VAL D 197 -6.25 -20.58 6.89
CA VAL D 197 -7.20 -19.75 7.62
C VAL D 197 -8.60 -20.06 7.10
N ILE D 198 -9.51 -20.34 8.02
CA ILE D 198 -10.88 -20.69 7.68
C ILE D 198 -11.79 -19.56 8.13
N GLN D 199 -12.92 -19.40 7.41
CA GLN D 199 -13.86 -18.34 7.69
C GLN D 199 -15.27 -18.91 7.72
N GLU D 200 -16.10 -18.33 8.59
CA GLU D 200 -17.47 -18.78 8.73
C GLU D 200 -18.31 -18.40 7.51
N ARG D 201 -19.32 -19.21 7.23
CA ARG D 201 -20.16 -18.96 6.08
C ARG D 201 -20.97 -17.68 6.28
N PRO D 202 -21.32 -17.00 5.19
CA PRO D 202 -22.20 -15.82 5.32
C PRO D 202 -23.55 -16.16 5.91
N GLU D 203 -24.03 -17.39 5.71
CA GLU D 203 -25.30 -17.81 6.26
C GLU D 203 -25.28 -17.89 7.78
N GLU D 204 -24.10 -17.96 8.39
CA GLU D 204 -23.98 -18.09 9.83
C GLU D 204 -23.62 -16.77 10.51
N VAL D 205 -23.16 -15.79 9.76
CA VAL D 205 -22.81 -14.49 10.36
C VAL D 205 -24.08 -13.83 10.90
N PRO D 206 -24.08 -13.35 12.14
CA PRO D 206 -25.25 -12.64 12.64
C PRO D 206 -25.33 -11.23 12.06
N SER D 207 -26.47 -10.60 12.27
CA SER D 207 -26.73 -9.30 11.65
C SER D 207 -25.75 -8.25 12.14
N GLY D 208 -25.24 -7.47 11.21
CA GLY D 208 -24.39 -6.33 11.51
C GLY D 208 -22.88 -6.55 11.53
N GLN D 209 -22.43 -7.62 12.15
CA GLN D 209 -21.00 -7.83 12.35
C GLN D 209 -20.35 -8.48 11.14
N LEU D 210 -19.03 -8.38 11.10
CA LEU D 210 -18.22 -8.99 10.06
C LEU D 210 -17.88 -10.44 10.44
N PRO D 211 -17.63 -11.29 9.45
CA PRO D 211 -17.31 -12.69 9.76
C PRO D 211 -15.99 -12.81 10.49
N ARG D 212 -15.89 -13.86 11.31
CA ARG D 212 -14.68 -14.14 12.07
C ARG D 212 -13.90 -15.28 11.44
N GLN D 213 -12.64 -15.40 11.83
CA GLN D 213 -11.72 -16.33 11.22
C GLN D 213 -11.08 -17.21 12.28
N LEU D 214 -10.67 -18.40 11.87
CA LEU D 214 -9.97 -19.34 12.73
C LEU D 214 -8.76 -19.88 11.99
N GLU D 215 -7.70 -20.15 12.74
CA GLU D 215 -6.45 -20.66 12.18
C GLU D 215 -6.39 -22.16 12.34
N ILE D 216 -6.01 -22.85 11.26
CA ILE D 216 -5.91 -24.31 11.26
C ILE D 216 -4.52 -24.68 10.77
N ILE D 217 -4.06 -25.85 11.19
CA ILE D 217 -2.73 -26.36 10.86
C ILE D 217 -2.88 -27.71 10.19
N LEU D 218 -2.27 -27.87 9.03
CA LEU D 218 -2.28 -29.13 8.29
C LEU D 218 -0.87 -29.70 8.26
N GLU D 219 -0.75 -30.98 8.57
CA GLU D 219 0.55 -31.62 8.66
C GLU D 219 0.53 -32.94 7.90
N ASP D 220 1.71 -33.38 7.49
CA ASP D 220 1.92 -34.65 6.78
C ASP D 220 1.16 -34.57 5.46
N ASP D 221 0.40 -35.60 5.08
CA ASP D 221 -0.24 -35.64 3.77
C ASP D 221 -1.47 -34.75 3.67
N LEU D 222 -1.94 -34.18 4.77
CA LEU D 222 -3.07 -33.28 4.70
C LEU D 222 -2.75 -31.97 4.00
N VAL D 223 -1.47 -31.68 3.76
CA VAL D 223 -1.11 -30.42 3.13
C VAL D 223 -1.58 -30.40 1.68
N ASP D 224 -1.91 -29.20 1.19
CA ASP D 224 -2.38 -29.00 -0.18
C ASP D 224 -3.61 -29.86 -0.48
N SER D 225 -4.46 -30.06 0.52
CA SER D 225 -5.68 -30.83 0.32
C SER D 225 -6.83 -30.00 -0.22
N ALA D 226 -6.69 -28.67 -0.24
CA ALA D 226 -7.76 -27.81 -0.73
C ALA D 226 -7.17 -26.50 -1.18
N ARG D 227 -7.94 -25.76 -1.94
CA ARG D 227 -7.55 -24.46 -2.49
C ARG D 227 -8.42 -23.37 -1.90
N PRO D 228 -7.95 -22.12 -1.90
CA PRO D 228 -8.74 -21.03 -1.35
C PRO D 228 -10.07 -20.89 -2.06
N GLY D 229 -11.09 -20.49 -1.29
CA GLY D 229 -12.44 -20.37 -1.80
C GLY D 229 -13.28 -21.62 -1.67
N ASP D 230 -12.69 -22.73 -1.25
CA ASP D 230 -13.43 -23.97 -1.10
C ASP D 230 -14.22 -23.98 0.20
N ARG D 231 -15.21 -24.85 0.25
CA ARG D 231 -16.00 -25.08 1.46
C ARG D 231 -15.60 -26.42 2.03
N VAL D 232 -15.15 -26.43 3.29
CA VAL D 232 -14.55 -27.61 3.89
C VAL D 232 -15.25 -27.92 5.21
N LYS D 233 -14.94 -29.09 5.75
CA LYS D 233 -15.43 -29.54 7.04
C LYS D 233 -14.25 -30.15 7.78
N VAL D 234 -13.62 -29.37 8.64
CA VAL D 234 -12.40 -29.80 9.32
C VAL D 234 -12.76 -30.49 10.62
N THR D 235 -11.90 -31.42 11.03
CA THR D 235 -12.07 -32.15 12.28
C THR D 235 -10.72 -32.24 12.97
N GLY D 236 -10.71 -32.04 14.28
CA GLY D 236 -9.45 -32.04 15.01
C GLY D 236 -9.65 -31.52 16.42
N ILE D 237 -8.54 -31.12 17.02
CA ILE D 237 -8.49 -30.71 18.42
C ILE D 237 -8.09 -29.24 18.48
N LEU D 238 -8.86 -28.46 19.24
CA LEU D 238 -8.52 -27.07 19.45
C LEU D 238 -7.37 -26.95 20.45
N ASP D 239 -6.61 -25.86 20.32
CA ASP D 239 -5.52 -25.60 21.25
C ASP D 239 -5.17 -24.13 21.20
N ILE D 240 -4.47 -23.66 22.24
CA ILE D 240 -4.07 -22.27 22.30
C ILE D 240 -2.76 -22.08 21.53
N LYS D 241 -2.52 -20.84 21.11
CA LYS D 241 -1.41 -20.49 20.26
C LYS D 241 -0.46 -19.56 21.00
N GLN D 242 0.82 -19.91 21.00
CA GLN D 242 1.85 -19.09 21.65
C GLN D 242 3.01 -18.88 20.69
N ASP D 243 3.66 -17.73 20.82
CA ASP D 243 4.80 -17.38 19.97
C ASP D 243 6.08 -17.25 20.78
N SER D 244 6.12 -16.38 21.79
CA SER D 244 7.31 -16.13 22.60
C SER D 244 6.94 -16.20 24.07
N PRO D 245 6.79 -17.40 24.62
CA PRO D 245 6.47 -17.53 26.05
C PRO D 245 7.52 -16.94 26.97
N VAL D 246 8.79 -16.95 26.56
CA VAL D 246 9.85 -16.36 27.38
C VAL D 246 9.66 -14.86 27.48
N LYS D 247 9.19 -14.23 26.40
CA LYS D 247 8.98 -12.78 26.38
C LYS D 247 7.81 -12.43 27.30
N ARG D 248 8.13 -11.99 28.51
CA ARG D 248 7.12 -11.59 29.48
C ARG D 248 6.63 -10.18 29.20
N GLY D 249 5.94 -9.59 30.16
CA GLY D 249 5.25 -8.34 29.93
C GLY D 249 3.75 -8.54 29.95
N SER D 250 3.31 -9.41 30.86
CA SER D 250 1.89 -9.73 31.07
C SER D 250 1.37 -10.39 29.79
N ARG D 251 0.14 -10.07 29.37
CA ARG D 251 -0.47 -10.65 28.18
C ARG D 251 -0.54 -12.17 28.28
N ALA D 252 -1.30 -12.63 29.28
CA ALA D 252 -1.60 -14.04 29.44
C ALA D 252 -2.80 -14.47 28.61
N VAL D 253 -3.14 -13.70 27.58
CA VAL D 253 -4.28 -13.98 26.72
C VAL D 253 -3.79 -14.62 25.44
N PHE D 254 -4.40 -15.72 25.05
CA PHE D 254 -3.96 -16.51 23.91
C PHE D 254 -5.09 -16.67 22.89
N ASP D 255 -4.69 -16.87 21.64
CA ASP D 255 -5.65 -17.13 20.57
C ASP D 255 -6.01 -18.60 20.56
N ILE D 256 -6.73 -19.03 19.52
CA ILE D 256 -7.15 -20.42 19.38
C ILE D 256 -6.80 -20.88 17.97
N TYR D 257 -6.13 -22.03 17.88
CA TYR D 257 -5.84 -22.62 16.59
C TYR D 257 -6.31 -24.07 16.60
N MET D 258 -6.52 -24.61 15.40
CA MET D 258 -7.20 -25.87 15.20
C MET D 258 -6.21 -26.86 14.61
N LYS D 259 -6.04 -28.00 15.28
CA LYS D 259 -5.09 -29.02 14.83
C LYS D 259 -5.85 -30.04 14.01
N VAL D 260 -5.81 -29.90 12.69
CA VAL D 260 -6.66 -30.68 11.81
C VAL D 260 -6.23 -32.15 11.81
N SER D 261 -7.21 -33.04 11.88
CA SER D 261 -6.96 -34.47 11.73
C SER D 261 -7.64 -35.08 10.51
N SER D 262 -8.65 -34.41 9.95
CA SER D 262 -9.31 -34.90 8.76
C SER D 262 -10.10 -33.75 8.14
N ILE D 263 -9.92 -33.55 6.84
CA ILE D 263 -10.57 -32.47 6.11
C ILE D 263 -11.27 -33.05 4.90
N GLU D 264 -12.50 -32.62 4.66
CA GLU D 264 -13.26 -33.04 3.50
C GLU D 264 -13.85 -31.82 2.82
N VAL D 265 -13.92 -31.86 1.50
CA VAL D 265 -14.32 -30.72 0.68
C VAL D 265 -15.74 -30.94 0.17
N SER D 266 -16.55 -29.89 0.22
CA SER D 266 -17.93 -29.93 -0.25
C SER D 266 -18.74 -30.98 0.51
N SER D 273 -18.97 -40.45 -4.21
CA SER D 273 -19.36 -41.80 -3.85
C SER D 273 -19.87 -42.55 -5.07
N GLU D 274 -19.79 -43.89 -5.02
CA GLU D 274 -20.24 -44.69 -6.15
C GLU D 274 -21.74 -44.61 -6.35
N GLU D 275 -22.50 -44.44 -5.27
CA GLU D 275 -23.95 -44.39 -5.38
C GLU D 275 -24.41 -43.21 -6.22
N ASP D 276 -23.62 -42.15 -6.28
CA ASP D 276 -23.99 -41.00 -7.10
C ASP D 276 -23.89 -41.32 -8.59
N GLU D 277 -22.89 -42.11 -8.97
CA GLU D 277 -22.68 -42.38 -10.39
C GLU D 277 -23.87 -43.09 -11.00
N LYS D 278 -24.34 -44.17 -10.38
CA LYS D 278 -25.52 -44.85 -10.89
C LYS D 278 -26.73 -43.93 -10.86
N LYS D 279 -26.83 -43.10 -9.83
CA LYS D 279 -27.90 -42.10 -9.79
C LYS D 279 -27.76 -41.11 -10.93
N ILE D 280 -26.54 -40.67 -11.21
CA ILE D 280 -26.30 -39.77 -12.34
C ILE D 280 -26.49 -40.51 -13.66
N LYS D 281 -25.96 -41.72 -13.75
CA LYS D 281 -26.06 -42.48 -15.00
C LYS D 281 -27.51 -42.76 -15.35
N ASP D 282 -28.33 -43.07 -14.36
CA ASP D 282 -29.75 -43.31 -14.61
C ASP D 282 -30.42 -42.06 -15.17
N LEU D 283 -30.01 -40.88 -14.69
CA LEU D 283 -30.58 -39.65 -15.19
C LEU D 283 -30.30 -39.47 -16.68
N ALA D 284 -29.07 -39.75 -17.11
CA ALA D 284 -28.69 -39.52 -18.50
C ALA D 284 -29.40 -40.45 -19.46
N LYS D 285 -30.00 -41.53 -18.96
CA LYS D 285 -30.67 -42.48 -19.84
C LYS D 285 -32.03 -41.99 -20.32
N ASP D 286 -32.57 -40.94 -19.70
CA ASP D 286 -33.84 -40.39 -20.13
C ASP D 286 -33.68 -39.70 -21.48
N PRO D 287 -34.51 -40.00 -22.47
CA PRO D 287 -34.41 -39.29 -23.76
C PRO D 287 -34.64 -37.79 -23.63
N TRP D 288 -35.47 -37.36 -22.69
CA TRP D 288 -35.76 -35.94 -22.50
C TRP D 288 -34.92 -35.33 -21.38
N ILE D 289 -33.70 -35.84 -21.19
CA ILE D 289 -32.86 -35.33 -20.10
C ILE D 289 -32.53 -33.86 -20.34
N ARG D 290 -32.34 -33.47 -21.60
CA ARG D 290 -32.02 -32.08 -21.90
C ARG D 290 -33.15 -31.15 -21.48
N ASP D 291 -34.39 -31.54 -21.77
CA ASP D 291 -35.52 -30.70 -21.39
C ASP D 291 -35.71 -30.67 -19.88
N ARG D 292 -35.47 -31.80 -19.21
CA ARG D 292 -35.58 -31.81 -17.76
C ARG D 292 -34.56 -30.89 -17.12
N ILE D 293 -33.33 -30.90 -17.64
CA ILE D 293 -32.29 -30.03 -17.09
C ILE D 293 -32.66 -28.57 -17.32
N ILE D 294 -33.14 -28.23 -18.52
CA ILE D 294 -33.48 -26.85 -18.83
C ILE D 294 -34.61 -26.37 -17.93
N SER D 295 -35.63 -27.21 -17.75
CA SER D 295 -36.75 -26.82 -16.91
C SER D 295 -36.37 -26.76 -15.43
N SER D 296 -35.20 -27.26 -15.06
CA SER D 296 -34.75 -27.23 -13.68
C SER D 296 -33.89 -26.02 -13.37
N ILE D 297 -33.70 -25.11 -14.31
CA ILE D 297 -32.89 -23.93 -14.10
C ILE D 297 -33.80 -22.80 -13.63
N ALA D 298 -33.53 -22.29 -12.43
CA ALA D 298 -34.30 -21.22 -11.81
C ALA D 298 -35.79 -21.57 -11.83
N PRO D 299 -36.22 -22.55 -11.03
CA PRO D 299 -37.64 -22.94 -11.07
C PRO D 299 -38.58 -21.84 -10.63
N SER D 300 -38.08 -20.86 -9.89
CA SER D 300 -38.94 -19.80 -9.35
C SER D 300 -39.16 -18.67 -10.35
N ILE D 301 -38.59 -18.74 -11.54
CA ILE D 301 -38.72 -17.70 -12.55
C ILE D 301 -39.63 -18.21 -13.65
N TYR D 302 -40.65 -17.44 -13.98
CA TYR D 302 -41.62 -17.81 -14.99
C TYR D 302 -41.14 -17.38 -16.37
N GLY D 303 -41.26 -18.28 -17.34
CA GLY D 303 -40.91 -17.95 -18.70
C GLY D 303 -39.41 -17.91 -18.92
N HIS D 304 -38.99 -17.12 -19.91
CA HIS D 304 -37.59 -16.97 -20.30
C HIS D 304 -36.98 -18.33 -20.63
N TRP D 305 -37.69 -19.09 -21.47
CA TRP D 305 -37.23 -20.43 -21.81
C TRP D 305 -35.92 -20.40 -22.59
N GLU D 306 -35.79 -19.46 -23.52
CA GLU D 306 -34.54 -19.37 -24.28
C GLU D 306 -33.39 -18.94 -23.39
N LEU D 307 -33.65 -18.05 -22.43
CA LEU D 307 -32.60 -17.64 -21.51
C LEU D 307 -32.19 -18.78 -20.59
N LYS D 308 -33.15 -19.56 -20.11
CA LYS D 308 -32.82 -20.71 -19.27
C LYS D 308 -31.97 -21.71 -20.04
N GLU D 309 -32.31 -21.94 -21.31
CA GLU D 309 -31.53 -22.87 -22.12
C GLU D 309 -30.11 -22.37 -22.31
N ALA D 310 -29.93 -21.07 -22.55
CA ALA D 310 -28.60 -20.53 -22.76
C ALA D 310 -27.74 -20.66 -21.51
N LEU D 311 -28.32 -20.40 -20.34
CA LEU D 311 -27.55 -20.52 -19.10
C LEU D 311 -27.12 -21.95 -18.83
N ALA D 312 -27.93 -22.92 -19.24
CA ALA D 312 -27.53 -24.32 -19.07
C ALA D 312 -26.28 -24.64 -19.87
N LEU D 313 -26.18 -24.10 -21.08
CA LEU D 313 -25.00 -24.36 -21.90
C LEU D 313 -23.74 -23.83 -21.25
N ALA D 314 -23.80 -22.63 -20.67
CA ALA D 314 -22.62 -22.05 -20.04
C ALA D 314 -22.14 -22.89 -18.87
N LEU D 315 -23.06 -23.57 -18.18
CA LEU D 315 -22.66 -24.41 -17.05
C LEU D 315 -21.83 -25.59 -17.51
N PHE D 316 -22.18 -26.18 -18.66
CA PHE D 316 -21.47 -27.36 -19.14
C PHE D 316 -20.22 -26.96 -19.93
N GLY D 317 -20.36 -26.01 -20.85
CA GLY D 317 -19.23 -25.54 -21.61
C GLY D 317 -18.83 -26.48 -22.72
N GLY D 318 -17.85 -26.04 -23.50
CA GLY D 318 -17.32 -26.83 -24.58
C GLY D 318 -16.09 -27.60 -24.17
N VAL D 319 -15.37 -28.10 -25.18
CA VAL D 319 -14.15 -28.87 -24.97
C VAL D 319 -12.97 -27.98 -25.33
N PRO D 320 -12.14 -27.57 -24.37
CA PRO D 320 -10.94 -26.81 -24.71
C PRO D 320 -9.95 -27.68 -25.46
N LYS D 321 -9.38 -27.12 -26.52
CA LYS D 321 -8.41 -27.83 -27.35
C LYS D 321 -7.03 -27.27 -27.07
N VAL D 322 -6.13 -28.13 -26.63
CA VAL D 322 -4.74 -27.75 -26.37
C VAL D 322 -3.87 -28.41 -27.43
N LEU D 323 -3.23 -27.58 -28.25
CA LEU D 323 -2.39 -28.05 -29.34
C LEU D 323 -0.93 -27.79 -29.02
N GLU D 324 -0.06 -28.30 -29.89
CA GLU D 324 1.38 -28.14 -29.68
C GLU D 324 1.84 -26.71 -29.91
N ASP D 325 1.07 -25.89 -30.62
CA ASP D 325 1.46 -24.52 -30.90
C ASP D 325 0.52 -23.48 -30.30
N THR D 326 -0.77 -23.79 -30.21
CA THR D 326 -1.74 -22.86 -29.63
C THR D 326 -2.68 -23.64 -28.72
N ARG D 327 -3.63 -22.92 -28.13
CA ARG D 327 -4.73 -23.54 -27.41
C ARG D 327 -6.00 -22.76 -27.72
N ILE D 328 -7.13 -23.45 -27.68
CA ILE D 328 -8.42 -22.90 -28.09
C ILE D 328 -9.33 -22.87 -26.88
N ARG D 329 -9.97 -21.72 -26.65
CA ARG D 329 -10.86 -21.57 -25.51
C ARG D 329 -12.09 -22.46 -25.69
N GLY D 330 -12.51 -23.09 -24.60
CA GLY D 330 -13.67 -23.96 -24.65
C GLY D 330 -14.85 -23.46 -23.82
N ASP D 331 -14.69 -22.31 -23.19
CA ASP D 331 -15.72 -21.75 -22.34
C ASP D 331 -16.70 -20.91 -23.17
N ILE D 332 -17.92 -20.79 -22.66
CA ILE D 332 -18.99 -20.08 -23.33
C ILE D 332 -19.37 -18.86 -22.50
N HIS D 333 -19.40 -17.70 -23.13
CA HIS D 333 -19.73 -16.44 -22.47
C HIS D 333 -21.13 -15.99 -22.90
N ILE D 334 -21.88 -15.45 -21.95
CA ILE D 334 -23.26 -15.04 -22.18
C ILE D 334 -23.42 -13.58 -21.74
N LEU D 335 -24.19 -12.82 -22.50
CA LEU D 335 -24.51 -11.44 -22.17
C LEU D 335 -26.02 -11.26 -22.21
N ILE D 336 -26.57 -10.61 -21.20
CA ILE D 336 -28.01 -10.35 -21.11
C ILE D 336 -28.23 -8.86 -20.94
N ILE D 337 -29.07 -8.27 -21.79
CA ILE D 337 -29.47 -6.89 -21.70
C ILE D 337 -30.99 -6.85 -21.56
N GLY D 338 -31.49 -6.17 -20.54
CA GLY D 338 -32.91 -6.20 -20.31
C GLY D 338 -33.41 -5.02 -19.51
N ASP D 339 -34.72 -4.82 -19.57
CA ASP D 339 -35.37 -3.78 -18.79
C ASP D 339 -35.31 -4.12 -17.31
N PRO D 340 -35.37 -3.12 -16.44
CA PRO D 340 -35.40 -3.39 -15.00
C PRO D 340 -36.60 -4.23 -14.62
N GLY D 341 -36.40 -5.11 -13.65
CA GLY D 341 -37.47 -5.96 -13.17
C GLY D 341 -37.73 -7.21 -13.97
N THR D 342 -36.81 -7.60 -14.85
CA THR D 342 -36.97 -8.79 -15.68
C THR D 342 -36.25 -10.00 -15.11
N ALA D 343 -35.91 -9.97 -13.81
CA ALA D 343 -35.31 -11.11 -13.11
C ALA D 343 -33.97 -11.52 -13.70
N LYS D 344 -33.18 -10.55 -14.16
CA LYS D 344 -31.82 -10.87 -14.59
C LYS D 344 -30.97 -11.29 -13.40
N SER D 345 -31.05 -10.55 -12.31
CA SER D 345 -30.17 -10.82 -11.17
C SER D 345 -30.62 -12.05 -10.40
N GLN D 346 -31.92 -12.34 -10.38
CA GLN D 346 -32.39 -13.56 -9.72
C GLN D 346 -31.83 -14.79 -10.40
N MET D 347 -31.78 -14.79 -11.73
CA MET D 347 -31.22 -15.92 -12.46
C MET D 347 -29.72 -16.05 -12.20
N LEU D 348 -29.00 -14.93 -12.17
CA LEU D 348 -27.57 -14.99 -11.93
C LEU D 348 -27.26 -15.51 -10.54
N GLN D 349 -28.11 -15.18 -9.56
CA GLN D 349 -27.92 -15.71 -8.22
C GLN D 349 -28.04 -17.22 -8.20
N PHE D 350 -29.01 -17.76 -8.94
CA PHE D 350 -29.16 -19.21 -8.99
C PHE D 350 -27.95 -19.88 -9.61
N ILE D 351 -27.39 -19.27 -10.66
CA ILE D 351 -26.23 -19.86 -11.33
C ILE D 351 -25.06 -19.98 -10.36
N SER D 352 -24.81 -18.93 -9.58
CA SER D 352 -23.74 -18.97 -8.60
C SER D 352 -24.00 -19.98 -7.50
N ARG D 353 -25.22 -20.49 -7.37
CA ARG D 353 -25.54 -21.47 -6.35
C ARG D 353 -25.39 -22.91 -6.84
N VAL D 354 -25.73 -23.17 -8.09
CA VAL D 354 -25.66 -24.53 -8.61
C VAL D 354 -24.32 -24.84 -9.26
N ALA D 355 -23.55 -23.83 -9.64
CA ALA D 355 -22.26 -24.08 -10.27
C ALA D 355 -21.30 -24.70 -9.25
N PRO D 356 -20.52 -25.70 -9.65
CA PRO D 356 -19.54 -26.29 -8.73
C PRO D 356 -18.54 -25.28 -8.20
N ARG D 357 -18.13 -24.32 -9.03
CA ARG D 357 -17.24 -23.25 -8.61
C ARG D 357 -17.64 -21.98 -9.31
N ALA D 358 -18.02 -20.96 -8.53
CA ALA D 358 -18.51 -19.72 -9.11
C ALA D 358 -18.08 -18.55 -8.25
N VAL D 359 -17.91 -17.39 -8.88
CA VAL D 359 -17.58 -16.15 -8.22
C VAL D 359 -18.54 -15.08 -8.69
N TYR D 360 -19.19 -14.40 -7.74
CA TYR D 360 -20.19 -13.39 -8.04
C TYR D 360 -19.61 -12.01 -7.77
N THR D 361 -19.65 -11.13 -8.77
CA THR D 361 -19.18 -9.78 -8.65
C THR D 361 -20.20 -8.84 -9.28
N THR D 362 -20.02 -7.54 -9.06
CA THR D 362 -20.86 -6.52 -9.65
C THR D 362 -20.00 -5.50 -10.37
N GLY D 363 -20.63 -4.78 -11.31
CA GLY D 363 -19.89 -3.80 -12.09
C GLY D 363 -19.40 -2.64 -11.26
N LYS D 364 -20.24 -2.14 -10.35
CA LYS D 364 -19.85 -1.00 -9.52
C LYS D 364 -18.91 -1.39 -8.39
N GLY D 365 -19.05 -2.59 -7.85
CA GLY D 365 -18.26 -2.99 -6.70
C GLY D 365 -16.96 -3.69 -7.05
N SER D 366 -16.49 -3.55 -8.29
CA SER D 366 -15.28 -4.21 -8.72
C SER D 366 -14.44 -3.25 -9.55
N THR D 367 -13.12 -3.49 -9.54
CA THR D 367 -12.18 -2.66 -10.27
C THR D 367 -11.35 -3.55 -11.19
N ALA D 368 -10.56 -2.89 -12.04
CA ALA D 368 -9.71 -3.63 -12.98
C ALA D 368 -8.69 -4.48 -12.25
N ALA D 369 -8.05 -3.92 -11.21
CA ALA D 369 -7.07 -4.68 -10.45
C ALA D 369 -7.72 -5.85 -9.73
N GLY D 370 -8.90 -5.64 -9.15
CA GLY D 370 -9.56 -6.70 -8.42
C GLY D 370 -10.12 -7.81 -9.29
N LEU D 371 -10.44 -7.49 -10.55
CA LEU D 371 -11.01 -8.50 -11.43
C LEU D 371 -9.97 -9.49 -11.94
N THR D 372 -8.73 -9.05 -12.16
CA THR D 372 -7.72 -9.89 -12.77
C THR D 372 -6.58 -10.22 -11.81
N ALA D 373 -5.85 -9.22 -11.31
CA ALA D 373 -4.70 -9.45 -10.45
C ALA D 373 -4.22 -8.10 -9.95
N ALA D 374 -3.68 -8.10 -8.73
CA ALA D 374 -3.25 -6.87 -8.08
C ALA D 374 -1.80 -7.01 -7.62
N VAL D 375 -1.03 -5.94 -7.78
CA VAL D 375 0.33 -5.87 -7.30
C VAL D 375 0.33 -5.02 -6.05
N VAL D 376 0.67 -5.61 -4.91
CA VAL D 376 0.62 -4.93 -3.63
C VAL D 376 1.96 -5.05 -2.94
N ARG D 377 2.25 -4.07 -2.08
CA ARG D 377 3.48 -4.03 -1.31
C ARG D 377 3.19 -4.51 0.10
N GLU D 378 3.77 -5.64 0.49
CA GLU D 378 3.63 -6.11 1.85
C GLU D 378 4.46 -5.23 2.78
N LYS D 379 3.85 -4.77 3.87
CA LYS D 379 4.56 -3.90 4.81
C LYS D 379 5.68 -4.64 5.53
N GLY D 380 5.64 -5.97 5.56
CA GLY D 380 6.70 -6.71 6.24
C GLY D 380 8.07 -6.51 5.61
N THR D 381 8.12 -6.49 4.29
CA THR D 381 9.39 -6.31 3.58
C THR D 381 9.38 -5.18 2.56
N GLY D 382 8.24 -4.54 2.31
CA GLY D 382 8.18 -3.51 1.29
C GLY D 382 8.38 -4.03 -0.11
N GLU D 383 8.17 -5.32 -0.32
CA GLU D 383 8.42 -5.98 -1.60
C GLU D 383 7.10 -6.25 -2.30
N TYR D 384 7.03 -5.88 -3.58
CA TYR D 384 5.83 -6.11 -4.36
C TYR D 384 5.63 -7.61 -4.61
N TYR D 385 4.36 -8.02 -4.63
CA TYR D 385 4.02 -9.40 -4.94
C TYR D 385 2.61 -9.43 -5.50
N LEU D 386 2.26 -10.55 -6.12
CA LEU D 386 1.00 -10.67 -6.83
C LEU D 386 -0.12 -11.14 -5.93
N GLU D 387 -1.33 -10.66 -6.22
CA GLU D 387 -2.53 -11.07 -5.52
C GLU D 387 -3.57 -11.49 -6.54
N ALA D 388 -4.16 -12.67 -6.33
CA ALA D 388 -5.10 -13.22 -7.30
C ALA D 388 -6.37 -12.38 -7.36
N GLY D 389 -6.88 -12.19 -8.59
CA GLY D 389 -8.09 -11.47 -8.81
C GLY D 389 -9.30 -12.38 -8.95
N ALA D 390 -10.44 -11.76 -9.26
CA ALA D 390 -11.68 -12.52 -9.35
C ALA D 390 -11.62 -13.55 -10.48
N LEU D 391 -11.10 -13.16 -11.64
CA LEU D 391 -11.05 -14.08 -12.76
C LEU D 391 -10.08 -15.23 -12.51
N VAL D 392 -8.95 -14.95 -11.85
CA VAL D 392 -7.99 -16.00 -11.56
C VAL D 392 -8.59 -17.01 -10.58
N LEU D 393 -9.24 -16.53 -9.52
CA LEU D 393 -9.85 -17.43 -8.56
C LEU D 393 -10.98 -18.26 -9.14
N ALA D 394 -11.58 -17.80 -10.23
CA ALA D 394 -12.66 -18.53 -10.88
C ALA D 394 -12.16 -19.48 -11.94
N ASP D 395 -10.85 -19.70 -12.03
CA ASP D 395 -10.30 -20.57 -13.06
C ASP D 395 -10.90 -21.96 -12.95
N GLY D 396 -11.37 -22.49 -14.08
CA GLY D 396 -12.08 -23.74 -14.10
C GLY D 396 -13.51 -23.66 -13.63
N GLY D 397 -14.02 -22.47 -13.36
CA GLY D 397 -15.36 -22.29 -12.87
C GLY D 397 -16.12 -21.29 -13.73
N ILE D 398 -16.91 -20.45 -13.06
CA ILE D 398 -17.76 -19.47 -13.72
C ILE D 398 -17.63 -18.14 -12.99
N ALA D 399 -17.44 -17.08 -13.75
CA ALA D 399 -17.41 -15.73 -13.20
C ALA D 399 -18.70 -15.01 -13.60
N VAL D 400 -19.38 -14.43 -12.63
CA VAL D 400 -20.64 -13.72 -12.85
C VAL D 400 -20.40 -12.25 -12.60
N ILE D 401 -20.71 -11.42 -13.60
CA ILE D 401 -20.48 -9.98 -13.53
C ILE D 401 -21.83 -9.31 -13.72
N ASP D 402 -22.50 -8.99 -12.62
CA ASP D 402 -23.76 -8.28 -12.68
C ASP D 402 -23.53 -6.80 -12.92
N GLU D 403 -24.49 -6.17 -13.61
CA GLU D 403 -24.48 -4.74 -13.87
C GLU D 403 -23.20 -4.33 -14.62
N ILE D 404 -22.97 -4.99 -15.76
CA ILE D 404 -21.75 -4.73 -16.52
C ILE D 404 -21.78 -3.33 -17.12
N ASP D 405 -22.95 -2.82 -17.47
CA ASP D 405 -23.02 -1.51 -18.10
C ASP D 405 -22.62 -0.40 -17.15
N LYS D 406 -22.75 -0.61 -15.84
CA LYS D 406 -22.37 0.39 -14.86
C LYS D 406 -20.86 0.47 -14.68
N MET D 407 -20.12 -0.52 -15.12
CA MET D 407 -18.67 -0.52 -14.92
C MET D 407 -18.01 0.51 -15.83
N ARG D 408 -17.01 1.19 -15.30
CA ARG D 408 -16.27 2.18 -16.06
C ARG D 408 -15.62 1.54 -17.28
N ASP D 409 -15.70 2.21 -18.43
CA ASP D 409 -15.20 1.63 -19.66
C ASP D 409 -13.69 1.41 -19.60
N GLU D 410 -12.96 2.35 -19.02
CA GLU D 410 -11.51 2.19 -18.88
C GLU D 410 -11.16 1.01 -18.00
N ASP D 411 -12.08 0.57 -17.15
CA ASP D 411 -11.85 -0.62 -16.34
C ASP D 411 -12.35 -1.88 -17.02
N ARG D 412 -13.39 -1.78 -17.84
CA ARG D 412 -13.95 -2.95 -18.48
C ARG D 412 -13.01 -3.56 -19.51
N VAL D 413 -12.15 -2.73 -20.11
CA VAL D 413 -11.25 -3.22 -21.14
C VAL D 413 -10.22 -4.18 -20.56
N ALA D 414 -10.03 -4.19 -19.25
CA ALA D 414 -9.01 -5.04 -18.64
C ALA D 414 -9.32 -6.52 -18.79
N ILE D 415 -10.56 -6.89 -19.09
CA ILE D 415 -10.95 -8.29 -19.17
C ILE D 415 -10.99 -8.79 -20.61
N HIS D 416 -10.58 -7.96 -21.57
CA HIS D 416 -10.62 -8.39 -22.96
C HIS D 416 -9.69 -9.58 -23.21
N GLU D 417 -8.51 -9.56 -22.62
CA GLU D 417 -7.59 -10.68 -22.81
C GLU D 417 -8.07 -11.93 -22.12
N ALA D 418 -8.56 -11.81 -20.89
CA ALA D 418 -9.01 -12.97 -20.13
C ALA D 418 -10.24 -13.60 -20.75
N MET D 419 -11.00 -12.86 -21.55
CA MET D 419 -12.20 -13.42 -22.16
C MET D 419 -11.87 -14.33 -23.33
N GLU D 420 -10.77 -14.10 -24.03
CA GLU D 420 -10.44 -14.87 -25.22
C GLU D 420 -9.17 -15.70 -25.02
N GLN D 421 -8.06 -15.08 -24.64
CA GLN D 421 -6.83 -15.83 -24.42
C GLN D 421 -6.79 -16.51 -23.07
N GLN D 422 -7.70 -16.17 -22.17
CA GLN D 422 -7.83 -16.82 -20.86
C GLN D 422 -6.53 -16.76 -20.08
N THR D 423 -5.84 -15.63 -20.16
CA THR D 423 -4.64 -15.38 -19.38
C THR D 423 -4.65 -13.95 -18.91
N VAL D 424 -3.91 -13.69 -17.83
CA VAL D 424 -3.75 -12.34 -17.30
C VAL D 424 -2.26 -12.03 -17.28
N SER D 425 -1.87 -10.97 -17.96
CA SER D 425 -0.47 -10.58 -18.08
C SER D 425 -0.25 -9.29 -17.30
N ILE D 426 0.78 -9.28 -16.46
CA ILE D 426 1.10 -8.14 -15.61
C ILE D 426 2.54 -7.73 -15.86
N ALA D 427 2.76 -6.44 -16.09
CA ALA D 427 4.10 -5.86 -16.19
C ALA D 427 4.09 -4.60 -15.34
N LYS D 428 4.36 -4.74 -14.05
CA LYS D 428 4.23 -3.64 -13.11
C LYS D 428 5.29 -3.77 -12.03
N ALA D 429 5.98 -2.67 -11.74
CA ALA D 429 6.90 -2.59 -10.61
C ALA D 429 7.92 -3.72 -10.62
N GLY D 430 8.47 -3.99 -11.80
CA GLY D 430 9.49 -5.01 -11.89
C GLY D 430 8.98 -6.42 -11.74
N ILE D 431 7.68 -6.64 -11.93
CA ILE D 431 7.09 -7.97 -11.90
C ILE D 431 6.50 -8.25 -13.27
N VAL D 432 6.91 -9.35 -13.88
CA VAL D 432 6.34 -9.81 -15.14
C VAL D 432 5.85 -11.22 -14.93
N ALA D 433 4.55 -11.43 -15.12
CA ALA D 433 3.96 -12.74 -14.85
C ALA D 433 2.75 -12.96 -15.75
N LYS D 434 2.41 -14.23 -15.92
CA LYS D 434 1.23 -14.63 -16.67
C LYS D 434 0.46 -15.64 -15.84
N LEU D 435 -0.84 -15.43 -15.70
CA LEU D 435 -1.69 -16.27 -14.88
C LEU D 435 -2.85 -16.80 -15.69
N ASN D 436 -3.24 -18.05 -15.44
CA ASN D 436 -4.34 -18.65 -16.15
C ASN D 436 -5.67 -18.17 -15.59
N ALA D 437 -6.62 -17.90 -16.49
CA ALA D 437 -7.94 -17.41 -16.11
C ALA D 437 -9.02 -18.09 -16.92
N ARG D 438 -8.94 -19.41 -17.05
CA ARG D 438 -9.89 -20.18 -17.85
C ARG D 438 -11.22 -20.26 -17.11
N ALA D 439 -12.02 -19.19 -17.26
CA ALA D 439 -13.30 -19.09 -16.61
C ALA D 439 -14.36 -18.62 -17.60
N ALA D 440 -15.59 -19.05 -17.38
CA ALA D 440 -16.73 -18.61 -18.18
C ALA D 440 -17.33 -17.36 -17.57
N VAL D 441 -17.66 -16.40 -18.42
CA VAL D 441 -18.15 -15.09 -17.98
C VAL D 441 -19.62 -14.97 -18.35
N ILE D 442 -20.45 -14.67 -17.36
CA ILE D 442 -21.86 -14.41 -17.56
C ILE D 442 -22.14 -13.01 -17.04
N ALA D 443 -22.69 -12.16 -17.89
CA ALA D 443 -22.87 -10.76 -17.56
C ALA D 443 -24.29 -10.32 -17.86
N ALA D 444 -24.77 -9.33 -17.11
CA ALA D 444 -26.09 -8.76 -17.30
C ALA D 444 -26.00 -7.25 -17.14
N GLY D 445 -26.96 -6.56 -17.74
CA GLY D 445 -26.97 -5.12 -17.65
C GLY D 445 -28.23 -4.54 -18.26
N ASN D 446 -28.38 -3.24 -18.13
CA ASN D 446 -29.51 -2.51 -18.64
C ASN D 446 -29.14 -1.78 -19.92
N PRO D 447 -30.12 -1.43 -20.74
CA PRO D 447 -29.82 -0.63 -21.93
C PRO D 447 -29.33 0.77 -21.59
N LYS D 448 -29.06 1.57 -22.61
CA LYS D 448 -28.51 2.90 -22.38
C LYS D 448 -29.43 3.78 -21.55
N PHE D 449 -30.72 3.75 -21.85
CA PHE D 449 -31.70 4.63 -21.19
C PHE D 449 -32.54 3.90 -20.16
N GLY D 450 -31.94 2.98 -19.41
CA GLY D 450 -32.69 2.25 -18.40
C GLY D 450 -33.59 1.21 -19.01
N ARG D 451 -34.59 1.65 -19.76
CA ARG D 451 -35.47 0.75 -20.48
C ARG D 451 -35.11 0.73 -21.96
N TYR D 452 -35.52 -0.34 -22.63
CA TYR D 452 -35.30 -0.43 -24.06
C TYR D 452 -36.25 0.48 -24.81
N ILE D 453 -35.71 1.21 -25.78
CA ILE D 453 -36.49 2.12 -26.61
C ILE D 453 -36.47 1.57 -28.03
N SER D 454 -37.65 1.25 -28.56
CA SER D 454 -37.72 0.63 -29.88
C SER D 454 -37.48 1.63 -31.00
N GLU D 455 -37.81 2.90 -30.78
CA GLU D 455 -37.63 3.91 -31.82
C GLU D 455 -36.17 4.08 -32.18
N ARG D 456 -35.29 4.13 -31.17
CA ARG D 456 -33.87 4.25 -31.44
C ARG D 456 -33.32 2.94 -31.99
N PRO D 457 -32.23 2.99 -32.75
CA PRO D 457 -31.65 1.76 -33.28
C PRO D 457 -31.02 0.93 -32.18
N VAL D 458 -30.78 -0.34 -32.51
CA VAL D 458 -30.17 -1.26 -31.55
C VAL D 458 -28.78 -0.79 -31.16
N SER D 459 -28.11 -0.05 -32.05
CA SER D 459 -26.72 0.31 -31.80
C SER D 459 -26.58 1.16 -30.55
N ASP D 460 -27.37 2.22 -30.43
CA ASP D 460 -27.24 3.11 -29.29
C ASP D 460 -27.96 2.62 -28.05
N ASN D 461 -28.83 1.61 -28.18
CA ASN D 461 -29.49 1.06 -27.00
C ASN D 461 -28.51 0.24 -26.16
N ILE D 462 -27.73 -0.62 -26.83
CA ILE D 462 -26.79 -1.49 -26.10
C ILE D 462 -25.67 -0.67 -25.47
N ASN D 463 -25.06 0.22 -26.26
CA ASN D 463 -24.00 1.10 -25.80
C ASN D 463 -22.81 0.31 -25.24
N LEU D 464 -22.25 -0.53 -26.09
CA LEU D 464 -21.04 -1.28 -25.78
C LEU D 464 -20.14 -1.33 -27.01
N PRO D 465 -18.82 -1.33 -26.83
CA PRO D 465 -17.94 -1.35 -27.99
C PRO D 465 -18.05 -2.66 -28.73
N PRO D 466 -17.85 -2.65 -30.06
CA PRO D 466 -17.91 -3.91 -30.81
C PRO D 466 -16.83 -4.89 -30.42
N THR D 467 -15.73 -4.44 -29.83
CA THR D 467 -14.67 -5.36 -29.43
C THR D 467 -15.15 -6.33 -28.37
N ILE D 468 -15.90 -5.83 -27.38
CA ILE D 468 -16.34 -6.71 -26.31
C ILE D 468 -17.57 -7.50 -26.72
N LEU D 469 -18.36 -6.99 -27.68
CA LEU D 469 -19.54 -7.71 -28.09
C LEU D 469 -19.18 -8.98 -28.84
N SER D 470 -18.10 -8.96 -29.62
CA SER D 470 -17.70 -10.15 -30.37
C SER D 470 -17.20 -11.27 -29.46
N ARG D 471 -16.84 -10.95 -28.22
CA ARG D 471 -16.32 -11.97 -27.31
C ARG D 471 -17.41 -12.76 -26.62
N PHE D 472 -18.67 -12.40 -26.81
CA PHE D 472 -19.79 -13.10 -26.19
C PHE D 472 -20.41 -14.05 -27.20
N ASP D 473 -20.55 -15.31 -26.80
CA ASP D 473 -21.11 -16.30 -27.71
C ASP D 473 -22.58 -16.04 -28.00
N LEU D 474 -23.33 -15.62 -26.99
CA LEU D 474 -24.75 -15.36 -27.14
C LEU D 474 -25.10 -14.05 -26.44
N ILE D 475 -25.95 -13.26 -27.08
CA ILE D 475 -26.44 -12.01 -26.52
C ILE D 475 -27.95 -12.00 -26.61
N PHE D 476 -28.62 -11.80 -25.49
CA PHE D 476 -30.08 -11.79 -25.45
C PHE D 476 -30.56 -10.44 -24.94
N ILE D 477 -31.53 -9.87 -25.62
CA ILE D 477 -32.13 -8.60 -25.24
C ILE D 477 -33.52 -8.87 -24.69
N LEU D 478 -33.75 -8.44 -23.45
CA LEU D 478 -34.98 -8.72 -22.73
C LEU D 478 -35.85 -7.46 -22.72
N LYS D 479 -37.11 -7.61 -23.09
CA LYS D 479 -38.05 -6.51 -23.14
C LYS D 479 -39.26 -6.84 -22.28
N ASP D 480 -39.65 -5.91 -21.42
CA ASP D 480 -40.79 -6.07 -20.53
C ASP D 480 -41.98 -5.36 -21.15
N GLN D 481 -42.79 -6.11 -21.90
CA GLN D 481 -43.98 -5.56 -22.54
C GLN D 481 -45.22 -6.05 -21.81
N PRO D 482 -45.97 -5.17 -21.16
CA PRO D 482 -47.20 -5.60 -20.49
C PRO D 482 -48.23 -6.10 -21.50
N GLY D 483 -48.54 -7.38 -21.46
CA GLY D 483 -49.46 -7.96 -22.40
C GLY D 483 -50.45 -8.92 -21.77
N GLU D 484 -50.81 -9.98 -22.50
CA GLU D 484 -51.80 -10.92 -22.02
C GLU D 484 -51.24 -11.92 -21.03
N GLN D 485 -49.93 -12.02 -20.91
CA GLN D 485 -49.32 -12.98 -20.00
C GLN D 485 -49.20 -12.47 -18.57
N ASP D 486 -49.67 -11.25 -18.30
CA ASP D 486 -49.57 -10.71 -16.96
C ASP D 486 -50.32 -11.57 -15.96
N ARG D 487 -51.50 -12.07 -16.34
CA ARG D 487 -52.26 -12.92 -15.43
C ARG D 487 -51.52 -14.22 -15.13
N GLU D 488 -50.91 -14.82 -16.15
CA GLU D 488 -50.15 -16.04 -15.92
C GLU D 488 -48.94 -15.77 -15.03
N LEU D 489 -48.24 -14.66 -15.28
CA LEU D 489 -47.09 -14.31 -14.46
C LEU D 489 -47.52 -13.99 -13.03
N ALA D 490 -48.62 -13.27 -12.87
CA ALA D 490 -49.08 -12.90 -11.53
C ALA D 490 -49.44 -14.14 -10.72
N ASN D 491 -50.15 -15.09 -11.34
CA ASN D 491 -50.52 -16.30 -10.62
C ASN D 491 -49.29 -17.13 -10.26
N TYR D 492 -48.30 -17.18 -11.16
CA TYR D 492 -47.10 -17.95 -10.87
C TYR D 492 -46.34 -17.36 -9.69
N ILE D 493 -46.18 -16.04 -9.65
CA ILE D 493 -45.45 -15.41 -8.57
C ILE D 493 -46.17 -15.61 -7.24
N LEU D 494 -47.48 -15.42 -7.22
CA LEU D 494 -48.25 -15.59 -6.00
C LEU D 494 -48.18 -17.02 -5.49
N ASP D 495 -48.09 -17.99 -6.40
CA ASP D 495 -47.93 -19.38 -5.97
C ASP D 495 -46.60 -19.58 -5.27
N VAL D 496 -45.54 -18.94 -5.77
CA VAL D 496 -44.24 -19.07 -5.13
C VAL D 496 -44.27 -18.52 -3.72
N HIS D 497 -44.88 -17.34 -3.55
CA HIS D 497 -44.97 -16.75 -2.22
C HIS D 497 -45.88 -17.54 -1.29
N SER D 498 -46.79 -18.34 -1.85
CA SER D 498 -47.69 -19.16 -1.04
C SER D 498 -47.08 -20.48 -0.63
N GLY D 499 -45.83 -20.74 -1.01
CA GLY D 499 -45.18 -22.00 -0.70
C GLY D 499 -45.37 -23.08 -1.74
N LYS D 500 -46.33 -22.92 -2.65
CA LYS D 500 -46.49 -23.89 -3.72
C LYS D 500 -45.29 -23.85 -4.65
N SER D 501 -44.81 -25.03 -5.04
CA SER D 501 -43.62 -25.16 -5.86
C SER D 501 -43.91 -26.12 -7.01
N THR D 502 -42.93 -26.22 -7.92
CA THR D 502 -43.01 -27.14 -9.05
C THR D 502 -42.30 -28.44 -8.69
N LYS D 503 -42.88 -29.55 -9.13
CA LYS D 503 -42.31 -30.86 -8.89
C LYS D 503 -41.61 -31.35 -10.14
N ASN D 504 -41.17 -32.62 -10.11
CA ASN D 504 -40.52 -33.29 -11.24
C ASN D 504 -39.41 -32.44 -11.84
N ILE D 505 -38.63 -31.79 -10.98
CA ILE D 505 -37.45 -31.04 -11.39
C ILE D 505 -36.28 -31.53 -10.55
N ILE D 506 -35.10 -31.59 -11.18
CA ILE D 506 -33.92 -32.05 -10.47
C ILE D 506 -33.53 -31.03 -9.41
N ASP D 507 -33.28 -31.50 -8.19
CA ASP D 507 -32.89 -30.62 -7.12
C ASP D 507 -31.49 -30.05 -7.37
N ILE D 508 -31.15 -29.00 -6.63
CA ILE D 508 -29.88 -28.33 -6.84
C ILE D 508 -28.72 -29.28 -6.56
N ASP D 509 -28.79 -30.00 -5.43
CA ASP D 509 -27.67 -30.85 -5.03
C ASP D 509 -27.42 -31.94 -6.05
N THR D 510 -28.48 -32.58 -6.55
CA THR D 510 -28.30 -33.56 -7.60
C THR D 510 -27.79 -32.92 -8.88
N LEU D 511 -28.31 -31.74 -9.22
CA LEU D 511 -27.89 -31.07 -10.44
C LEU D 511 -26.42 -30.66 -10.37
N ARG D 512 -25.97 -30.17 -9.22
CA ARG D 512 -24.57 -29.79 -9.08
C ARG D 512 -23.66 -31.00 -9.24
N LYS D 513 -24.07 -32.15 -8.70
CA LYS D 513 -23.30 -33.37 -8.90
C LYS D 513 -23.29 -33.77 -10.36
N TYR D 514 -24.42 -33.62 -11.04
CA TYR D 514 -24.50 -34.00 -12.45
C TYR D 514 -23.55 -33.18 -13.30
N ILE D 515 -23.51 -31.87 -13.09
CA ILE D 515 -22.67 -31.01 -13.91
C ILE D 515 -21.20 -31.32 -13.69
N ALA D 516 -20.80 -31.53 -12.43
CA ALA D 516 -19.39 -31.78 -12.14
C ALA D 516 -18.91 -33.07 -12.80
N TYR D 517 -19.75 -34.10 -12.80
CA TYR D 517 -19.38 -35.34 -13.47
C TYR D 517 -19.21 -35.13 -14.96
N ALA D 518 -20.12 -34.39 -15.59
CA ALA D 518 -20.07 -34.21 -17.04
C ALA D 518 -18.82 -33.46 -17.45
N ARG D 519 -18.42 -32.45 -16.68
CA ARG D 519 -17.27 -31.64 -17.03
C ARG D 519 -15.96 -32.38 -16.88
N LYS D 520 -15.95 -33.56 -16.29
CA LYS D 520 -14.73 -34.29 -15.99
C LYS D 520 -14.53 -35.54 -16.82
N TYR D 521 -15.61 -36.23 -17.22
CA TYR D 521 -15.50 -37.52 -17.86
C TYR D 521 -16.08 -37.56 -19.26
N VAL D 522 -16.52 -36.44 -19.80
CA VAL D 522 -17.17 -36.41 -21.11
C VAL D 522 -16.40 -35.45 -22.01
N THR D 523 -16.11 -35.90 -23.23
CA THR D 523 -15.38 -35.08 -24.20
C THR D 523 -15.88 -35.43 -25.59
N PRO D 524 -16.92 -34.74 -26.06
CA PRO D 524 -17.50 -35.08 -27.36
C PRO D 524 -16.56 -34.73 -28.50
N LYS D 525 -16.79 -35.42 -29.63
CA LYS D 525 -16.02 -35.23 -30.85
C LYS D 525 -16.96 -34.86 -31.99
N ILE D 526 -16.52 -33.93 -32.83
CA ILE D 526 -17.33 -33.48 -33.95
C ILE D 526 -17.31 -34.53 -35.06
N THR D 527 -18.48 -34.87 -35.56
CA THR D 527 -18.61 -35.79 -36.68
C THR D 527 -18.71 -35.02 -37.98
N SER D 528 -18.61 -35.76 -39.09
CA SER D 528 -18.66 -35.12 -40.40
C SER D 528 -20.03 -34.52 -40.68
N GLU D 529 -21.09 -35.15 -40.19
CA GLU D 529 -22.43 -34.62 -40.42
C GLU D 529 -22.61 -33.26 -39.78
N ALA D 530 -22.12 -33.10 -38.54
CA ALA D 530 -22.21 -31.81 -37.88
C ALA D 530 -21.34 -30.77 -38.58
N LYS D 531 -20.22 -31.19 -39.17
CA LYS D 531 -19.34 -30.24 -39.84
C LYS D 531 -20.05 -29.53 -40.97
N ASN D 532 -20.79 -30.28 -41.79
CA ASN D 532 -21.45 -29.68 -42.94
C ASN D 532 -22.53 -28.69 -42.52
N LEU D 533 -23.32 -29.04 -41.50
CA LEU D 533 -24.36 -28.13 -41.04
C LEU D 533 -23.77 -26.85 -40.47
N ILE D 534 -22.73 -26.98 -39.65
CA ILE D 534 -22.13 -25.79 -39.05
C ILE D 534 -21.51 -24.90 -40.10
N THR D 535 -20.78 -25.49 -41.05
CA THR D 535 -20.14 -24.69 -42.09
C THR D 535 -21.16 -23.94 -42.93
N ASP D 536 -22.25 -24.62 -43.29
CA ASP D 536 -23.26 -23.98 -44.15
C ASP D 536 -23.89 -22.79 -43.46
N PHE D 537 -24.19 -22.93 -42.16
CA PHE D 537 -24.84 -21.84 -41.44
C PHE D 537 -23.90 -20.65 -41.26
N PHE D 538 -22.61 -20.91 -41.02
CA PHE D 538 -21.67 -19.81 -40.85
C PHE D 538 -21.56 -18.99 -42.12
N VAL D 539 -21.49 -19.65 -43.28
CA VAL D 539 -21.44 -18.94 -44.54
C VAL D 539 -22.69 -18.10 -44.71
N GLU D 540 -23.85 -18.63 -44.31
CA GLU D 540 -25.09 -17.86 -44.38
C GLU D 540 -25.03 -16.64 -43.48
N MET D 541 -24.43 -16.77 -42.30
CA MET D 541 -24.30 -15.61 -41.41
C MET D 541 -23.54 -14.49 -42.08
N ARG D 542 -22.36 -14.80 -42.62
CA ARG D 542 -21.49 -13.76 -43.16
C ARG D 542 -22.14 -13.04 -44.33
N LYS D 543 -22.81 -13.78 -45.20
CA LYS D 543 -23.50 -13.16 -46.33
C LYS D 543 -24.59 -12.21 -45.85
N LYS D 544 -25.37 -12.62 -44.85
CA LYS D 544 -26.41 -11.76 -44.31
C LYS D 544 -25.82 -10.52 -43.66
N SER D 545 -24.73 -10.69 -42.89
CA SER D 545 -24.12 -9.55 -42.22
C SER D 545 -23.56 -8.56 -43.23
N SER D 546 -22.90 -9.04 -44.27
CA SER D 546 -22.33 -8.16 -45.27
C SER D 546 -23.41 -7.36 -45.99
N GLU D 547 -24.61 -7.94 -46.13
CA GLU D 547 -25.69 -7.23 -46.80
C GLU D 547 -26.09 -5.98 -46.04
N THR D 548 -26.13 -6.05 -44.71
CA THR D 548 -26.54 -4.93 -43.87
C THR D 548 -25.41 -4.61 -42.91
N PRO D 549 -24.50 -3.70 -43.29
CA PRO D 549 -23.40 -3.30 -42.41
C PRO D 549 -23.82 -2.23 -41.40
N ASP D 550 -24.96 -2.46 -40.74
CA ASP D 550 -25.53 -1.49 -39.81
C ASP D 550 -25.69 -2.02 -38.41
N SER D 551 -25.83 -3.34 -38.23
CA SER D 551 -26.00 -3.89 -36.91
C SER D 551 -24.74 -3.67 -36.08
N PRO D 552 -24.87 -3.43 -34.76
CA PRO D 552 -23.68 -3.23 -33.94
C PRO D 552 -22.91 -4.51 -33.66
N ILE D 553 -23.46 -5.67 -34.01
CA ILE D 553 -22.74 -6.92 -33.83
C ILE D 553 -21.99 -7.25 -35.12
N LEU D 554 -20.91 -8.01 -34.98
CA LEU D 554 -20.09 -8.42 -36.09
C LEU D 554 -20.02 -9.93 -36.13
N ILE D 555 -20.07 -10.50 -37.34
CA ILE D 555 -19.97 -11.93 -37.53
C ILE D 555 -18.50 -12.21 -37.84
N THR D 556 -17.72 -12.42 -36.80
CA THR D 556 -16.31 -12.74 -36.90
C THR D 556 -16.11 -14.24 -36.89
N PRO D 557 -14.89 -14.72 -37.12
CA PRO D 557 -14.63 -16.15 -36.95
C PRO D 557 -14.89 -16.66 -35.54
N ARG D 558 -14.97 -15.78 -34.55
CA ARG D 558 -15.35 -16.21 -33.21
C ARG D 558 -16.73 -16.84 -33.21
N GLN D 559 -17.65 -16.29 -34.01
CA GLN D 559 -19.00 -16.84 -34.07
C GLN D 559 -19.00 -18.27 -34.60
N LEU D 560 -18.08 -18.58 -35.52
CA LEU D 560 -17.97 -19.96 -36.00
C LEU D 560 -17.58 -20.90 -34.86
N GLU D 561 -16.63 -20.50 -34.04
CA GLU D 561 -16.22 -21.34 -32.93
C GLU D 561 -17.28 -21.39 -31.83
N ALA D 562 -18.12 -20.36 -31.73
CA ALA D 562 -19.24 -20.43 -30.80
C ALA D 562 -20.18 -21.57 -31.18
N LEU D 563 -20.38 -21.78 -32.48
CA LEU D 563 -21.20 -22.91 -32.91
C LEU D 563 -20.59 -24.24 -32.47
N ILE D 564 -19.27 -24.37 -32.58
CA ILE D 564 -18.62 -25.59 -32.16
C ILE D 564 -18.73 -25.78 -30.66
N ARG D 565 -18.49 -24.73 -29.89
CA ARG D 565 -18.57 -24.85 -28.44
C ARG D 565 -19.98 -25.19 -27.98
N ILE D 566 -20.99 -24.54 -28.57
CA ILE D 566 -22.37 -24.81 -28.18
C ILE D 566 -22.76 -26.24 -28.54
N SER D 567 -22.32 -26.71 -29.70
CA SER D 567 -22.67 -28.06 -30.13
C SER D 567 -22.12 -29.10 -29.17
N GLU D 568 -20.89 -28.90 -28.69
CA GLU D 568 -20.32 -29.85 -27.74
C GLU D 568 -21.06 -29.80 -26.41
N ALA D 569 -21.49 -28.61 -25.99
CA ALA D 569 -22.21 -28.49 -24.72
C ALA D 569 -23.53 -29.27 -24.76
N TYR D 570 -24.24 -29.19 -25.89
CA TYR D 570 -25.48 -29.94 -26.02
C TYR D 570 -25.22 -31.45 -25.93
N ALA D 571 -24.16 -31.92 -26.59
CA ALA D 571 -23.81 -33.32 -26.48
C ALA D 571 -23.39 -33.68 -25.07
N LYS D 572 -22.69 -32.77 -24.40
CA LYS D 572 -22.22 -33.05 -23.05
C LYS D 572 -23.35 -33.15 -22.05
N MET D 573 -24.45 -32.41 -22.26
CA MET D 573 -25.56 -32.46 -21.33
C MET D 573 -26.22 -33.83 -21.29
N ALA D 574 -26.08 -34.62 -22.37
CA ALA D 574 -26.61 -35.98 -22.39
C ALA D 574 -25.52 -37.02 -22.17
N LEU D 575 -24.31 -36.59 -21.76
CA LEU D 575 -23.18 -37.49 -21.54
C LEU D 575 -22.86 -38.30 -22.79
N LYS D 576 -23.00 -37.67 -23.96
CA LYS D 576 -22.68 -38.31 -25.22
C LYS D 576 -21.21 -38.14 -25.55
N ALA D 577 -20.68 -39.06 -26.35
CA ALA D 577 -19.28 -39.02 -26.73
C ALA D 577 -19.05 -38.42 -28.12
N GLU D 578 -20.10 -38.26 -28.92
CA GLU D 578 -19.97 -37.68 -30.25
C GLU D 578 -21.04 -36.62 -30.47
N VAL D 579 -20.69 -35.59 -31.22
CA VAL D 579 -21.63 -34.53 -31.57
C VAL D 579 -22.35 -34.97 -32.84
N THR D 580 -23.59 -35.43 -32.68
CA THR D 580 -24.36 -35.91 -33.82
C THR D 580 -25.02 -34.73 -34.53
N ARG D 581 -25.80 -35.05 -35.56
CA ARG D 581 -26.54 -34.01 -36.26
C ARG D 581 -27.58 -33.36 -35.37
N GLU D 582 -28.16 -34.11 -34.44
CA GLU D 582 -29.20 -33.58 -33.58
C GLU D 582 -28.67 -32.42 -32.73
N ASP D 583 -27.47 -32.58 -32.19
CA ASP D 583 -26.87 -31.51 -31.40
C ASP D 583 -26.56 -30.30 -32.27
N ALA D 584 -26.12 -30.54 -33.51
CA ALA D 584 -25.80 -29.43 -34.40
C ALA D 584 -27.04 -28.61 -34.71
N GLU D 585 -28.18 -29.26 -34.92
CA GLU D 585 -29.40 -28.52 -35.23
C GLU D 585 -29.82 -27.64 -34.05
N ARG D 586 -29.71 -28.16 -32.83
CA ARG D 586 -30.04 -27.35 -31.66
C ARG D 586 -29.11 -26.16 -31.55
N ALA D 587 -27.81 -26.37 -31.79
CA ALA D 587 -26.86 -25.27 -31.71
C ALA D 587 -27.17 -24.19 -32.73
N ILE D 588 -27.53 -24.59 -33.95
CA ILE D 588 -27.95 -23.61 -34.95
C ILE D 588 -29.23 -22.92 -34.50
N ASN D 589 -30.16 -23.68 -33.95
CA ASN D 589 -31.46 -23.12 -33.61
C ASN D 589 -31.36 -22.07 -32.52
N ILE D 590 -30.54 -22.32 -31.49
CA ILE D 590 -30.44 -21.36 -30.38
C ILE D 590 -29.80 -20.07 -30.85
N MET D 591 -28.83 -20.15 -31.76
CA MET D 591 -28.19 -18.93 -32.22
C MET D 591 -29.08 -18.16 -33.18
N ARG D 592 -30.01 -18.84 -33.86
CA ARG D 592 -31.01 -18.12 -34.64
C ARG D 592 -31.82 -17.20 -33.75
N LEU D 593 -32.21 -17.67 -32.57
CA LEU D 593 -32.95 -16.84 -31.62
C LEU D 593 -32.08 -15.67 -31.16
N PHE D 594 -30.80 -15.93 -30.90
CA PHE D 594 -29.88 -14.88 -30.49
C PHE D 594 -29.78 -13.81 -31.57
N LEU D 595 -29.66 -14.21 -32.83
CA LEU D 595 -29.57 -13.23 -33.90
C LEU D 595 -30.87 -12.46 -34.06
N GLU D 596 -32.00 -13.12 -33.84
CA GLU D 596 -33.29 -12.43 -33.95
C GLU D 596 -33.44 -11.37 -32.86
N SER D 597 -32.87 -11.62 -31.68
CA SER D 597 -33.03 -10.68 -30.58
C SER D 597 -32.39 -9.33 -30.90
N VAL D 598 -31.23 -9.34 -31.54
CA VAL D 598 -30.51 -8.10 -31.82
C VAL D 598 -30.96 -7.54 -33.16
N GLY D 599 -32.03 -8.08 -33.71
CA GLY D 599 -32.61 -7.52 -34.91
C GLY D 599 -32.04 -8.00 -36.23
N VAL D 600 -31.32 -9.12 -36.24
CA VAL D 600 -30.81 -9.70 -37.48
C VAL D 600 -31.77 -10.81 -37.90
N ASP D 601 -32.34 -10.67 -39.09
CA ASP D 601 -33.36 -11.60 -39.58
C ASP D 601 -32.69 -12.63 -40.48
N MET D 602 -32.61 -13.87 -40.02
CA MET D 602 -31.99 -14.93 -40.79
C MET D 602 -33.04 -15.77 -41.51
N GLN E 8 -18.60 -11.18 63.56
CA GLN E 8 -19.10 -11.23 62.19
C GLN E 8 -20.35 -12.08 62.09
N ILE E 9 -21.12 -11.87 61.01
CA ILE E 9 -22.34 -12.62 60.76
C ILE E 9 -22.33 -13.12 59.33
N ASP E 10 -23.10 -14.17 59.09
CA ASP E 10 -23.21 -14.78 57.78
C ASP E 10 -24.49 -14.33 57.08
N TYR E 11 -24.47 -14.40 55.74
CA TYR E 11 -25.60 -13.98 54.93
C TYR E 11 -26.09 -15.09 54.00
N ARG E 12 -25.61 -16.32 54.19
CA ARG E 12 -26.14 -17.43 53.39
C ARG E 12 -27.62 -17.64 53.68
N ASP E 13 -28.00 -17.56 54.96
CA ASP E 13 -29.39 -17.80 55.33
C ASP E 13 -30.32 -16.76 54.72
N VAL E 14 -29.93 -15.48 54.78
CA VAL E 14 -30.77 -14.45 54.19
C VAL E 14 -30.78 -14.57 52.68
N PHE E 15 -29.65 -14.97 52.08
CA PHE E 15 -29.60 -15.14 50.63
C PHE E 15 -30.57 -16.22 50.17
N ILE E 16 -30.48 -17.41 50.78
CA ILE E 16 -31.40 -18.48 50.41
C ILE E 16 -32.82 -18.12 50.78
N GLU E 17 -33.01 -17.38 51.88
CA GLU E 17 -34.34 -16.90 52.23
C GLU E 17 -34.84 -15.90 51.21
N PHE E 18 -33.99 -14.95 50.80
CA PHE E 18 -34.42 -13.92 49.86
C PHE E 18 -34.83 -14.54 48.53
N LEU E 19 -34.07 -15.53 48.06
CA LEU E 19 -34.44 -16.20 46.83
C LEU E 19 -35.78 -16.91 46.97
N THR E 20 -35.99 -17.62 48.08
CA THR E 20 -37.16 -18.45 48.25
C THR E 20 -38.37 -17.71 48.79
N THR E 21 -38.23 -16.48 49.26
CA THR E 21 -39.32 -15.78 49.90
C THR E 21 -39.60 -14.40 49.33
N PHE E 22 -38.83 -13.92 48.35
CA PHE E 22 -39.10 -12.62 47.78
C PHE E 22 -40.43 -12.63 47.04
N LYS E 23 -41.18 -11.54 47.15
CA LYS E 23 -42.49 -11.42 46.54
C LYS E 23 -42.37 -10.59 45.26
N GLY E 24 -42.83 -11.14 44.16
CA GLY E 24 -42.77 -10.46 42.88
C GLY E 24 -43.91 -9.48 42.72
N ASN E 25 -44.13 -9.08 41.47
CA ASN E 25 -45.22 -8.15 41.18
C ASN E 25 -46.57 -8.75 41.53
N ASN E 26 -46.77 -10.03 41.23
CA ASN E 26 -48.02 -10.73 41.50
C ASN E 26 -47.87 -11.76 42.61
N ASN E 27 -46.89 -11.57 43.49
CA ASN E 27 -46.63 -12.47 44.61
C ASN E 27 -46.40 -13.90 44.11
N GLN E 28 -45.42 -14.05 43.23
CA GLN E 28 -45.15 -15.33 42.59
C GLN E 28 -43.76 -15.88 42.90
N ASN E 29 -43.01 -15.23 43.79
CA ASN E 29 -41.63 -15.62 44.08
C ASN E 29 -40.81 -15.70 42.79
N LYS E 30 -40.66 -14.53 42.16
CA LYS E 30 -40.12 -14.46 40.81
C LYS E 30 -38.77 -15.15 40.68
N TYR E 31 -37.94 -15.09 41.72
CA TYR E 31 -36.62 -15.71 41.63
C TYR E 31 -36.67 -17.24 41.65
N ILE E 32 -37.81 -17.83 42.00
CA ILE E 32 -37.95 -19.28 41.89
C ILE E 32 -37.89 -19.70 40.42
N GLU E 33 -38.59 -18.97 39.55
CA GLU E 33 -38.56 -19.28 38.13
C GLU E 33 -37.19 -19.00 37.53
N ARG E 34 -36.50 -17.98 38.01
CA ARG E 34 -35.18 -17.67 37.49
C ARG E 34 -34.21 -18.83 37.72
N ILE E 35 -34.26 -19.44 38.91
CA ILE E 35 -33.41 -20.58 39.19
C ILE E 35 -33.83 -21.78 38.34
N ASN E 36 -35.14 -22.03 38.24
CA ASN E 36 -35.61 -23.22 37.56
C ASN E 36 -35.19 -23.25 36.10
N GLU E 37 -35.29 -22.10 35.41
CA GLU E 37 -34.81 -22.06 34.04
C GLU E 37 -33.29 -22.09 33.99
N LEU E 38 -32.62 -21.59 35.03
CA LEU E 38 -31.17 -21.58 35.05
C LEU E 38 -30.61 -22.99 35.06
N VAL E 39 -31.14 -23.85 35.92
CA VAL E 39 -30.65 -25.23 35.98
C VAL E 39 -31.09 -26.01 34.75
N ALA E 40 -32.33 -25.80 34.31
CA ALA E 40 -32.83 -26.54 33.16
C ALA E 40 -32.07 -26.20 31.89
N TYR E 41 -31.78 -24.91 31.68
CA TYR E 41 -31.10 -24.46 30.48
C TYR E 41 -29.61 -24.24 30.67
N ARG E 42 -29.07 -24.58 31.85
CA ARG E 42 -27.64 -24.50 32.12
C ARG E 42 -27.10 -23.09 31.87
N LYS E 43 -27.78 -22.09 32.45
CA LYS E 43 -27.40 -20.70 32.20
C LYS E 43 -26.10 -20.33 32.90
N LYS E 44 -25.87 -20.84 34.10
CA LYS E 44 -24.66 -20.64 34.91
C LYS E 44 -24.51 -19.21 35.43
N SER E 45 -25.40 -18.29 35.05
CA SER E 45 -25.35 -16.92 35.53
C SER E 45 -26.75 -16.47 35.93
N LEU E 46 -26.84 -15.78 37.06
CA LEU E 46 -28.11 -15.33 37.61
C LEU E 46 -28.07 -13.82 37.82
N ILE E 47 -29.20 -13.17 37.56
CA ILE E 47 -29.32 -11.72 37.63
C ILE E 47 -30.10 -11.36 38.89
N ILE E 48 -29.56 -10.45 39.68
CA ILE E 48 -30.17 -10.00 40.92
C ILE E 48 -30.41 -8.49 40.83
N GLU E 49 -31.62 -8.06 41.15
CA GLU E 49 -31.98 -6.66 41.12
C GLU E 49 -31.66 -6.02 42.46
N PHE E 50 -31.03 -4.84 42.42
CA PHE E 50 -30.65 -4.17 43.65
C PHE E 50 -31.86 -3.65 44.42
N SER E 51 -32.93 -3.27 43.72
CA SER E 51 -34.12 -2.80 44.42
C SER E 51 -34.74 -3.92 45.25
N ASP E 52 -34.76 -5.14 44.72
CA ASP E 52 -35.38 -6.25 45.42
C ASP E 52 -34.64 -6.58 46.71
N VAL E 53 -33.30 -6.64 46.64
CA VAL E 53 -32.53 -6.94 47.83
C VAL E 53 -32.60 -5.78 48.82
N LEU E 54 -32.60 -4.54 48.32
CA LEU E 54 -32.77 -3.40 49.21
C LEU E 54 -34.12 -3.43 49.90
N SER E 55 -35.18 -3.77 49.16
CA SER E 55 -36.49 -3.90 49.78
C SER E 55 -36.52 -5.05 50.77
N PHE E 56 -35.92 -6.19 50.41
CA PHE E 56 -35.98 -7.36 51.29
C PHE E 56 -35.12 -7.16 52.52
N ASN E 57 -33.89 -6.68 52.35
CA ASN E 57 -32.97 -6.53 53.48
C ASN E 57 -31.92 -5.50 53.09
N GLU E 58 -31.99 -4.32 53.69
CA GLU E 58 -31.00 -3.28 53.41
C GLU E 58 -29.62 -3.70 53.87
N ASN E 59 -29.53 -4.45 54.97
CA ASN E 59 -28.23 -4.90 55.45
C ASN E 59 -27.53 -5.76 54.42
N LEU E 60 -28.26 -6.67 53.76
CA LEU E 60 -27.68 -7.48 52.71
C LEU E 60 -27.28 -6.62 51.51
N ALA E 61 -28.09 -5.62 51.17
CA ALA E 61 -27.89 -4.88 49.94
C ALA E 61 -26.66 -3.98 50.02
N TYR E 62 -26.51 -3.23 51.11
CA TYR E 62 -25.47 -2.20 51.15
C TYR E 62 -24.07 -2.82 51.24
N GLU E 63 -23.94 -3.97 51.89
CA GLU E 63 -22.63 -4.61 51.99
C GLU E 63 -22.16 -5.11 50.62
N ILE E 64 -23.10 -5.47 49.74
CA ILE E 64 -22.74 -5.84 48.38
C ILE E 64 -22.11 -4.66 47.66
N ILE E 65 -22.68 -3.46 47.84
CA ILE E 65 -22.14 -2.27 47.21
C ILE E 65 -20.74 -1.97 47.75
N ASN E 66 -20.58 -2.07 49.07
CA ASN E 66 -19.31 -1.68 49.69
C ASN E 66 -18.28 -2.81 49.61
N ASN E 67 -18.58 -3.95 50.22
CA ASN E 67 -17.66 -5.08 50.26
C ASN E 67 -18.00 -6.10 49.18
N THR E 68 -17.89 -5.67 47.93
CA THR E 68 -18.19 -6.55 46.80
C THR E 68 -17.08 -7.56 46.55
N LYS E 69 -15.83 -7.19 46.83
CA LYS E 69 -14.70 -8.04 46.46
C LYS E 69 -14.71 -9.36 47.23
N ILE E 70 -15.11 -9.32 48.50
CA ILE E 70 -14.97 -10.49 49.36
C ILE E 70 -16.29 -11.25 49.48
N ILE E 71 -17.41 -10.52 49.52
CA ILE E 71 -18.69 -11.18 49.74
C ILE E 71 -19.24 -11.86 48.49
N LEU E 72 -18.85 -11.41 47.30
CA LEU E 72 -19.39 -12.02 46.08
C LEU E 72 -19.01 -13.49 45.94
N PRO E 73 -17.73 -13.89 46.05
CA PRO E 73 -17.45 -15.33 45.96
C PRO E 73 -18.14 -16.15 47.03
N ILE E 74 -18.28 -15.59 48.23
CA ILE E 74 -19.00 -16.27 49.29
C ILE E 74 -20.47 -16.41 48.92
N LEU E 75 -21.05 -15.35 48.36
CA LEU E 75 -22.45 -15.39 47.96
C LEU E 75 -22.65 -16.37 46.81
N GLU E 76 -21.73 -16.39 45.86
CA GLU E 76 -21.85 -17.31 44.72
C GLU E 76 -21.81 -18.76 45.18
N GLY E 77 -20.92 -19.08 46.11
CA GLY E 77 -20.84 -20.45 46.59
C GLY E 77 -22.11 -20.90 47.30
N ALA E 78 -22.76 -19.99 48.02
CA ALA E 78 -24.02 -20.32 48.67
C ALA E 78 -25.09 -20.67 47.64
N LEU E 79 -25.17 -19.90 46.56
CA LEU E 79 -26.14 -20.21 45.51
C LEU E 79 -25.85 -21.56 44.87
N TYR E 80 -24.57 -21.86 44.62
CA TYR E 80 -24.22 -23.14 44.03
C TYR E 80 -24.63 -24.30 44.92
N ASP E 81 -24.53 -24.11 46.23
CA ASP E 81 -24.96 -25.14 47.17
C ASP E 81 -26.47 -25.41 47.08
N HIS E 82 -27.24 -24.44 46.61
CA HIS E 82 -28.67 -24.60 46.44
C HIS E 82 -29.05 -25.28 45.14
N ILE E 83 -28.10 -25.45 44.22
CA ILE E 83 -28.43 -25.96 42.89
C ILE E 83 -28.26 -27.47 42.81
N LEU E 84 -27.13 -28.00 43.28
CA LEU E 84 -26.88 -29.43 43.15
C LEU E 84 -27.89 -30.24 43.95
N GLN E 85 -28.29 -29.72 45.12
CA GLN E 85 -29.32 -30.39 45.89
C GLN E 85 -30.67 -30.32 45.18
N LEU E 86 -30.88 -29.29 44.36
CA LEU E 86 -32.09 -29.25 43.54
C LEU E 86 -32.01 -30.21 42.37
N ASP E 87 -30.83 -30.33 41.76
CA ASP E 87 -30.62 -31.21 40.62
C ASP E 87 -29.19 -31.71 40.65
N PRO E 88 -28.95 -32.94 41.13
CA PRO E 88 -27.57 -33.45 41.15
C PRO E 88 -26.91 -33.49 39.78
N THR E 89 -27.69 -33.65 38.71
CA THR E 89 -27.13 -33.73 37.37
C THR E 89 -26.51 -32.43 36.91
N TYR E 90 -26.72 -31.32 37.63
CA TYR E 90 -26.14 -30.05 37.22
C TYR E 90 -24.63 -30.07 37.23
N GLN E 91 -24.02 -30.99 37.98
CA GLN E 91 -22.58 -31.15 37.94
C GLN E 91 -22.14 -31.68 36.58
N ARG E 92 -20.82 -31.72 36.39
CA ARG E 92 -20.19 -32.16 35.15
C ARG E 92 -20.53 -31.23 34.00
N ASP E 93 -21.29 -30.18 34.28
CA ASP E 93 -21.63 -29.16 33.30
C ASP E 93 -21.14 -27.78 33.72
N ILE E 94 -21.46 -27.35 34.93
CA ILE E 94 -21.03 -26.06 35.45
C ILE E 94 -20.43 -26.28 36.83
N GLU E 95 -19.21 -25.81 37.03
CA GLU E 95 -18.53 -25.97 38.31
C GLU E 95 -18.64 -24.74 39.21
N LYS E 96 -18.78 -23.56 38.64
CA LYS E 96 -18.93 -22.34 39.41
C LYS E 96 -20.02 -21.47 38.79
N VAL E 97 -20.82 -20.83 39.64
CA VAL E 97 -21.93 -20.01 39.20
C VAL E 97 -21.58 -18.55 39.43
N HIS E 98 -22.36 -17.66 38.79
CA HIS E 98 -22.17 -16.23 38.92
C HIS E 98 -23.50 -15.56 39.23
N VAL E 99 -23.42 -14.49 40.02
CA VAL E 99 -24.55 -13.61 40.30
C VAL E 99 -24.18 -12.21 39.85
N ARG E 100 -25.06 -11.58 39.08
CA ARG E 100 -24.83 -10.26 38.53
C ARG E 100 -25.84 -9.29 39.11
N ILE E 101 -25.35 -8.16 39.60
CA ILE E 101 -26.19 -7.15 40.26
C ILE E 101 -26.42 -6.01 39.28
N VAL E 102 -27.66 -5.55 39.19
CA VAL E 102 -28.04 -4.45 38.31
C VAL E 102 -28.73 -3.37 39.14
N GLY E 103 -28.92 -2.21 38.53
CA GLY E 103 -29.56 -1.11 39.21
C GLY E 103 -28.76 -0.54 40.37
N ILE E 104 -27.46 -0.37 40.18
CA ILE E 104 -26.62 0.21 41.25
C ILE E 104 -26.88 1.70 41.34
N PRO E 105 -27.16 2.24 42.52
CA PRO E 105 -27.35 3.69 42.66
C PRO E 105 -26.10 4.50 42.34
N ARG E 106 -24.92 3.90 42.41
CA ARG E 106 -23.68 4.62 42.18
C ARG E 106 -23.40 4.64 40.68
N VAL E 107 -23.82 5.72 40.02
CA VAL E 107 -23.61 5.90 38.59
C VAL E 107 -22.68 7.09 38.40
N ILE E 108 -21.63 6.90 37.62
CA ILE E 108 -20.58 7.90 37.44
C ILE E 108 -20.45 8.20 35.95
N GLU E 109 -20.37 9.49 35.62
CA GLU E 109 -20.12 9.89 34.25
C GLU E 109 -18.71 9.48 33.82
N LEU E 110 -18.56 9.22 32.53
CA LEU E 110 -17.27 8.75 32.03
C LEU E 110 -16.17 9.78 32.24
N ARG E 111 -16.47 11.06 31.98
CA ARG E 111 -15.48 12.11 32.12
C ARG E 111 -15.19 12.47 33.56
N LYS E 112 -16.02 12.03 34.50
CA LYS E 112 -15.93 12.47 35.89
C LYS E 112 -15.24 11.46 36.79
N ILE E 113 -14.61 10.43 36.21
CA ILE E 113 -13.98 9.40 37.02
C ILE E 113 -12.68 9.93 37.61
N ARG E 114 -12.50 9.72 38.91
CA ARG E 114 -11.29 10.15 39.60
C ARG E 114 -10.72 8.96 40.38
N SER E 115 -9.59 9.21 41.05
CA SER E 115 -8.88 8.13 41.72
C SER E 115 -9.71 7.50 42.83
N THR E 116 -10.59 8.28 43.45
CA THR E 116 -11.41 7.75 44.53
C THR E 116 -12.37 6.67 44.06
N ASP E 117 -12.61 6.58 42.76
CA ASP E 117 -13.52 5.58 42.21
C ASP E 117 -12.88 4.22 42.04
N ILE E 118 -11.57 4.11 42.22
CA ILE E 118 -10.86 2.86 42.00
C ILE E 118 -11.24 1.85 43.07
N GLY E 119 -11.59 0.63 42.65
CA GLY E 119 -11.94 -0.41 43.59
C GLY E 119 -13.36 -0.35 44.10
N LYS E 120 -14.23 0.44 43.49
CA LYS E 120 -15.61 0.60 43.93
C LYS E 120 -16.55 0.11 42.85
N LEU E 121 -17.59 -0.61 43.25
CA LEU E 121 -18.61 -1.08 42.32
C LEU E 121 -19.40 0.11 41.80
N ILE E 122 -19.19 0.47 40.54
CA ILE E 122 -19.86 1.61 39.92
C ILE E 122 -20.59 1.13 38.67
N THR E 123 -21.37 2.04 38.09
CA THR E 123 -22.11 1.77 36.87
C THR E 123 -21.91 2.91 35.89
N ILE E 124 -21.68 2.56 34.63
CA ILE E 124 -21.47 3.55 33.57
C ILE E 124 -22.39 3.22 32.41
N ASP E 125 -23.05 4.24 31.87
CA ASP E 125 -23.89 4.11 30.69
C ASP E 125 -23.18 4.75 29.51
N GLY E 126 -23.19 4.07 28.38
CA GLY E 126 -22.49 4.57 27.22
C GLY E 126 -22.84 3.80 25.97
N ILE E 127 -22.00 3.96 24.95
CA ILE E 127 -22.21 3.35 23.64
C ILE E 127 -20.96 2.55 23.28
N LEU E 128 -21.17 1.36 22.73
CA LEU E 128 -20.06 0.53 22.30
C LEU E 128 -19.58 0.95 20.92
N VAL E 129 -18.27 0.88 20.70
CA VAL E 129 -17.69 1.29 19.43
C VAL E 129 -17.04 0.11 18.74
N LYS E 130 -16.54 -0.85 19.51
CA LYS E 130 -15.83 -1.98 18.92
C LYS E 130 -15.66 -3.07 19.97
N VAL E 131 -15.55 -4.31 19.49
CA VAL E 131 -15.33 -5.47 20.34
C VAL E 131 -14.29 -6.36 19.66
N THR E 132 -13.38 -6.89 20.45
CA THR E 132 -12.38 -7.81 19.94
C THR E 132 -12.94 -9.24 19.88
N PRO E 133 -12.36 -10.09 19.05
CA PRO E 133 -12.81 -11.49 19.02
C PRO E 133 -12.53 -12.18 20.35
N VAL E 134 -13.32 -13.22 20.62
CA VAL E 134 -13.20 -13.94 21.88
C VAL E 134 -11.84 -14.65 21.94
N LYS E 135 -11.15 -14.50 23.06
CA LYS E 135 -9.88 -15.16 23.27
C LYS E 135 -9.90 -15.98 24.55
N GLU E 136 -8.75 -16.48 24.99
CA GLU E 136 -8.65 -17.29 26.19
C GLU E 136 -7.61 -16.70 27.12
N ARG E 137 -7.92 -16.69 28.41
CA ARG E 137 -7.02 -16.19 29.43
C ARG E 137 -6.71 -17.30 30.42
N ILE E 138 -5.43 -17.41 30.79
CA ILE E 138 -5.00 -18.41 31.76
C ILE E 138 -5.24 -17.87 33.17
N TYR E 139 -5.92 -18.66 34.00
CA TYR E 139 -6.07 -18.32 35.40
C TYR E 139 -5.49 -19.37 36.33
N LYS E 140 -5.08 -20.52 35.82
CA LYS E 140 -4.39 -21.52 36.64
C LYS E 140 -3.55 -22.36 35.68
N ALA E 141 -2.26 -22.09 35.63
CA ALA E 141 -1.38 -22.73 34.68
C ALA E 141 -0.81 -24.02 35.25
N THR E 142 -0.21 -24.82 34.36
CA THR E 142 0.48 -26.04 34.73
C THR E 142 1.83 -26.06 34.04
N TYR E 143 2.89 -26.24 34.82
CA TYR E 143 4.24 -26.19 34.30
C TYR E 143 4.94 -27.52 34.50
N LYS E 144 6.04 -27.70 33.77
CA LYS E 144 6.87 -28.88 33.89
C LYS E 144 8.32 -28.45 33.96
N HIS E 145 9.06 -28.99 34.92
CA HIS E 145 10.46 -28.60 35.10
C HIS E 145 11.32 -29.36 34.12
N ILE E 146 11.95 -28.64 33.19
CA ILE E 146 12.81 -29.25 32.18
C ILE E 146 14.21 -29.31 32.78
N HIS E 147 14.47 -30.36 33.54
CA HIS E 147 15.77 -30.63 34.13
C HIS E 147 15.85 -32.13 34.36
N PRO E 148 16.83 -32.81 33.76
CA PRO E 148 16.75 -34.28 33.61
C PRO E 148 16.38 -35.04 34.87
N ASP E 149 16.68 -34.49 36.05
CA ASP E 149 16.31 -35.17 37.28
C ASP E 149 14.84 -35.00 37.61
N CYS E 150 14.26 -33.83 37.30
CA CYS E 150 12.94 -33.51 37.86
C CYS E 150 11.81 -34.18 37.09
N MET E 151 11.61 -33.77 35.83
CA MET E 151 10.47 -34.24 35.02
C MET E 151 9.17 -34.25 35.83
N GLN E 152 8.91 -33.16 36.52
CA GLN E 152 7.75 -33.05 37.38
C GLN E 152 6.79 -31.99 36.86
N GLU E 153 5.51 -32.18 37.14
CA GLU E 153 4.45 -31.28 36.70
C GLU E 153 3.74 -30.71 37.93
N PHE E 154 3.42 -29.42 37.86
CA PHE E 154 2.77 -28.76 38.97
C PHE E 154 1.98 -27.57 38.46
N GLU E 155 1.02 -27.14 39.26
CA GLU E 155 0.27 -25.92 38.98
C GLU E 155 0.98 -24.75 39.64
N TRP E 156 1.44 -23.78 38.85
CA TRP E 156 2.35 -22.78 39.37
C TRP E 156 1.69 -21.89 40.41
N PRO E 157 0.66 -21.10 40.10
CA PRO E 157 0.11 -20.23 41.14
C PRO E 157 -0.62 -21.05 42.18
N GLU E 158 0.01 -21.24 43.34
CA GLU E 158 -0.54 -22.09 44.38
C GLU E 158 -1.56 -21.32 45.20
N ASP E 159 -2.70 -21.95 45.46
CA ASP E 159 -3.80 -21.41 46.27
C ASP E 159 -4.09 -19.95 45.92
N GLU E 160 -3.93 -19.58 44.66
CA GLU E 160 -4.11 -18.20 44.23
C GLU E 160 -4.36 -18.19 42.73
N GLU E 161 -5.36 -17.42 42.31
CA GLU E 161 -5.63 -17.28 40.89
C GLU E 161 -4.45 -16.60 40.21
N MET E 162 -4.19 -17.01 38.97
CA MET E 162 -3.02 -16.51 38.26
C MET E 162 -3.19 -15.02 38.00
N PRO E 163 -2.17 -14.20 38.25
CA PRO E 163 -2.31 -12.76 38.06
C PRO E 163 -2.43 -12.40 36.58
N GLU E 164 -2.83 -11.16 36.34
CA GLU E 164 -2.98 -10.68 34.97
C GLU E 164 -1.65 -10.65 34.22
N VAL E 165 -0.54 -10.66 34.94
CA VAL E 165 0.79 -10.68 34.34
C VAL E 165 1.31 -12.11 34.37
N LEU E 166 1.69 -12.62 33.21
CA LEU E 166 2.21 -13.97 33.15
C LEU E 166 3.55 -14.05 33.87
N GLU E 167 3.75 -15.14 34.61
CA GLU E 167 4.96 -15.31 35.40
C GLU E 167 5.22 -16.78 35.63
N MET E 168 6.48 -17.20 35.45
CA MET E 168 6.87 -18.57 35.69
C MET E 168 7.65 -18.68 36.99
N PRO E 169 7.63 -19.84 37.64
CA PRO E 169 8.44 -20.01 38.85
C PRO E 169 9.92 -19.91 38.53
N THR E 170 10.69 -19.44 39.51
CA THR E 170 12.14 -19.44 39.40
C THR E 170 12.77 -20.66 40.06
N ILE E 171 12.07 -21.32 40.98
CA ILE E 171 12.56 -22.51 41.65
C ILE E 171 11.46 -23.55 41.59
N CYS E 172 11.81 -24.76 41.16
CA CYS E 172 10.83 -25.82 41.07
C CYS E 172 10.37 -26.22 42.46
N PRO E 173 9.09 -26.05 42.80
CA PRO E 173 8.62 -26.45 44.14
C PRO E 173 8.73 -27.94 44.39
N LYS E 174 8.80 -28.78 43.35
CA LYS E 174 8.89 -30.21 43.57
C LYS E 174 10.28 -30.63 43.99
N CYS E 175 11.32 -30.02 43.42
CA CYS E 175 12.70 -30.39 43.71
C CYS E 175 13.52 -29.26 44.29
N GLY E 176 12.96 -28.06 44.43
CA GLY E 176 13.70 -26.96 44.99
C GLY E 176 14.91 -26.55 44.19
N LYS E 177 14.83 -26.64 42.86
CA LYS E 177 15.97 -26.30 42.02
C LYS E 177 15.53 -25.34 40.93
N PRO E 178 16.42 -24.44 40.51
CA PRO E 178 16.08 -23.53 39.41
C PRO E 178 16.15 -24.22 38.06
N GLY E 179 15.98 -23.46 36.98
CA GLY E 179 16.05 -24.02 35.65
C GLY E 179 15.06 -23.40 34.69
N GLN E 180 14.66 -24.18 33.69
CA GLN E 180 13.68 -23.73 32.71
C GLN E 180 12.46 -24.63 32.76
N PHE E 181 11.30 -24.05 32.49
CA PHE E 181 10.02 -24.74 32.64
C PHE E 181 9.22 -24.63 31.36
N ARG E 182 8.50 -25.70 31.04
CA ARG E 182 7.68 -25.77 29.83
C ARG E 182 6.21 -25.83 30.23
N LEU E 183 5.42 -24.93 29.66
CA LEU E 183 4.00 -24.90 29.96
C LEU E 183 3.29 -26.09 29.32
N ILE E 184 2.27 -26.60 29.99
CA ILE E 184 1.52 -27.75 29.50
C ILE E 184 0.09 -27.30 29.20
N PRO E 185 -0.23 -26.98 27.95
CA PRO E 185 -1.57 -26.49 27.63
C PRO E 185 -2.69 -27.46 27.95
N GLU E 186 -2.42 -28.77 27.86
CA GLU E 186 -3.49 -29.75 28.03
C GLU E 186 -4.03 -29.79 29.45
N LYS E 187 -3.28 -29.29 30.43
CA LYS E 187 -3.72 -29.29 31.82
C LYS E 187 -3.98 -27.88 32.34
N THR E 188 -3.74 -26.86 31.52
CA THR E 188 -3.96 -25.48 31.93
C THR E 188 -5.46 -25.18 31.94
N LYS E 189 -5.89 -24.41 32.94
CA LYS E 189 -7.28 -23.98 33.02
C LYS E 189 -7.43 -22.60 32.41
N LEU E 190 -8.43 -22.43 31.56
CA LEU E 190 -8.63 -21.21 30.80
C LEU E 190 -10.00 -20.63 31.09
N ILE E 191 -10.15 -19.34 30.79
CA ILE E 191 -11.43 -18.64 30.89
C ILE E 191 -11.56 -17.71 29.69
N ASP E 192 -12.77 -17.65 29.14
CA ASP E 192 -13.00 -16.81 27.96
C ASP E 192 -12.76 -15.34 28.29
N TRP E 193 -12.27 -14.60 27.30
CA TRP E 193 -11.81 -13.24 27.52
C TRP E 193 -12.12 -12.40 26.29
N GLN E 194 -12.68 -11.21 26.52
CA GLN E 194 -13.01 -10.31 25.43
C GLN E 194 -12.79 -8.88 25.90
N LYS E 195 -12.30 -8.04 24.99
CA LYS E 195 -12.06 -6.63 25.27
C LYS E 195 -12.98 -5.78 24.41
N ALA E 196 -13.62 -4.80 25.05
CA ALA E 196 -14.50 -3.88 24.34
C ALA E 196 -14.20 -2.46 24.80
N VAL E 197 -14.49 -1.50 23.92
CA VAL E 197 -14.27 -0.09 24.20
C VAL E 197 -15.62 0.60 24.24
N ILE E 198 -15.86 1.35 25.31
CA ILE E 198 -17.13 2.05 25.51
C ILE E 198 -16.90 3.53 25.29
N GLN E 199 -17.95 4.21 24.85
CA GLN E 199 -17.90 5.64 24.57
C GLN E 199 -19.11 6.32 25.19
N GLU E 200 -18.90 7.57 25.64
CA GLU E 200 -19.96 8.34 26.26
C GLU E 200 -20.98 8.80 25.22
N ARG E 201 -22.24 8.86 25.64
CA ARG E 201 -23.29 9.30 24.74
C ARG E 201 -23.11 10.77 24.38
N PRO E 202 -23.51 11.18 23.18
CA PRO E 202 -23.35 12.58 22.79
C PRO E 202 -24.08 13.55 23.70
N GLU E 203 -25.16 13.10 24.34
CA GLU E 203 -25.86 13.95 25.29
C GLU E 203 -24.96 14.34 26.45
N GLU E 204 -24.17 13.39 26.96
CA GLU E 204 -23.24 13.67 28.05
C GLU E 204 -22.07 14.52 27.59
N VAL E 205 -21.63 14.36 26.34
CA VAL E 205 -20.43 15.06 25.88
C VAL E 205 -20.66 16.56 25.93
N PRO E 206 -19.81 17.32 26.61
CA PRO E 206 -19.95 18.78 26.59
C PRO E 206 -19.65 19.33 25.21
N SER E 207 -20.29 20.45 24.90
CA SER E 207 -20.14 21.06 23.58
C SER E 207 -18.75 21.65 23.41
N GLY E 208 -18.09 21.29 22.31
CA GLY E 208 -16.79 21.83 21.98
C GLY E 208 -15.64 20.85 22.04
N GLN E 209 -15.83 19.67 22.64
CA GLN E 209 -14.75 18.70 22.78
C GLN E 209 -15.23 17.33 22.33
N LEU E 210 -14.29 16.53 21.83
CA LEU E 210 -14.60 15.19 21.36
C LEU E 210 -14.94 14.27 22.53
N PRO E 211 -15.73 13.22 22.29
CA PRO E 211 -16.07 12.30 23.38
C PRO E 211 -14.87 11.48 23.83
N ARG E 212 -14.94 11.01 25.07
CA ARG E 212 -13.90 10.18 25.65
C ARG E 212 -14.24 8.70 25.47
N GLN E 213 -13.25 7.85 25.76
CA GLN E 213 -13.38 6.42 25.55
C GLN E 213 -12.84 5.68 26.77
N LEU E 214 -13.36 4.47 26.99
CA LEU E 214 -12.93 3.63 28.09
C LEU E 214 -12.92 2.18 27.64
N GLU E 215 -11.98 1.41 28.19
CA GLU E 215 -11.83 0.00 27.86
C GLU E 215 -12.49 -0.85 28.93
N ILE E 216 -13.29 -1.83 28.51
CA ILE E 216 -13.95 -2.75 29.42
C ILE E 216 -13.55 -4.17 29.02
N ILE E 217 -13.63 -5.06 30.01
CA ILE E 217 -13.24 -6.45 29.84
C ILE E 217 -14.43 -7.34 30.14
N LEU E 218 -14.81 -8.16 29.16
CA LEU E 218 -15.84 -9.17 29.34
C LEU E 218 -15.17 -10.52 29.50
N GLU E 219 -15.63 -11.31 30.47
CA GLU E 219 -15.04 -12.62 30.72
C GLU E 219 -16.14 -13.64 30.93
N ASP E 220 -15.82 -14.89 30.58
CA ASP E 220 -16.69 -16.06 30.76
C ASP E 220 -17.97 -15.81 29.96
N ASP E 221 -19.16 -16.03 30.52
CA ASP E 221 -20.39 -15.95 29.76
C ASP E 221 -20.72 -14.55 29.29
N LEU E 222 -20.04 -13.53 29.81
CA LEU E 222 -20.33 -12.17 29.39
C LEU E 222 -19.82 -11.86 27.99
N VAL E 223 -19.05 -12.76 27.38
CA VAL E 223 -18.54 -12.50 26.04
C VAL E 223 -19.67 -12.55 25.03
N ASP E 224 -19.55 -11.72 23.99
CA ASP E 224 -20.54 -11.64 22.91
C ASP E 224 -21.93 -11.36 23.45
N SER E 225 -22.00 -10.54 24.49
CA SER E 225 -23.28 -10.17 25.08
C SER E 225 -23.84 -8.87 24.51
N ALA E 226 -23.14 -8.24 23.59
CA ALA E 226 -23.61 -6.99 23.00
C ALA E 226 -22.94 -6.79 21.66
N ARG E 227 -23.53 -5.91 20.86
CA ARG E 227 -23.03 -5.57 19.54
C ARG E 227 -22.48 -4.15 19.54
N PRO E 228 -21.55 -3.84 18.64
CA PRO E 228 -21.08 -2.45 18.54
C PRO E 228 -22.23 -1.52 18.18
N GLY E 229 -22.18 -0.31 18.72
CA GLY E 229 -23.24 0.65 18.50
C GLY E 229 -24.49 0.39 19.31
N ASP E 230 -24.37 -0.21 20.49
CA ASP E 230 -25.50 -0.49 21.35
C ASP E 230 -25.34 0.27 22.65
N ARG E 231 -26.39 1.00 23.06
CA ARG E 231 -26.35 1.71 24.34
C ARG E 231 -26.53 0.70 25.47
N VAL E 232 -25.58 0.69 26.40
CA VAL E 232 -25.52 -0.33 27.44
C VAL E 232 -25.19 0.31 28.78
N LYS E 233 -25.50 -0.43 29.84
CA LYS E 233 -25.09 -0.08 31.19
C LYS E 233 -24.21 -1.21 31.72
N VAL E 234 -23.03 -0.85 32.21
CA VAL E 234 -22.04 -1.82 32.67
C VAL E 234 -21.69 -1.53 34.10
N THR E 235 -21.69 -2.56 34.93
CA THR E 235 -21.33 -2.45 36.35
C THR E 235 -20.14 -3.34 36.64
N GLY E 236 -19.28 -2.86 37.54
CA GLY E 236 -18.08 -3.61 37.87
C GLY E 236 -17.10 -2.75 38.64
N ILE E 237 -15.82 -3.12 38.54
CA ILE E 237 -14.76 -2.52 39.33
C ILE E 237 -13.73 -1.90 38.40
N LEU E 238 -13.39 -0.65 38.64
CA LEU E 238 -12.31 -0.02 37.91
C LEU E 238 -10.96 -0.53 38.40
N ASP E 239 -9.97 -0.48 37.53
CA ASP E 239 -8.63 -0.92 37.88
C ASP E 239 -7.64 -0.33 36.89
N ILE E 240 -6.37 -0.35 37.27
CA ILE E 240 -5.31 0.21 36.45
C ILE E 240 -4.75 -0.86 35.54
N LYS E 241 -4.50 -0.50 34.28
CA LYS E 241 -3.94 -1.43 33.33
C LYS E 241 -2.46 -1.67 33.62
N GLN E 242 -1.95 -2.79 33.12
CA GLN E 242 -0.54 -3.12 33.23
C GLN E 242 -0.05 -3.70 31.92
N ASP E 243 1.06 -3.16 31.41
CA ASP E 243 1.66 -3.64 30.17
C ASP E 243 3.05 -4.22 30.40
N SER E 244 3.96 -3.47 31.02
CA SER E 244 5.32 -3.94 31.29
C SER E 244 5.80 -3.29 32.58
N PRO E 245 5.29 -3.76 33.72
CA PRO E 245 5.68 -3.14 35.01
C PRO E 245 7.16 -3.28 35.32
N VAL E 246 7.79 -4.38 34.91
CA VAL E 246 9.21 -4.57 35.17
C VAL E 246 10.03 -3.53 34.42
N LYS E 247 9.59 -3.16 33.22
CA LYS E 247 10.31 -2.18 32.42
C LYS E 247 10.37 -0.84 33.15
N ARG E 248 11.58 -0.36 33.38
CA ARG E 248 11.80 0.89 34.09
C ARG E 248 11.79 2.04 33.08
N GLY E 249 12.21 3.23 33.52
CA GLY E 249 12.19 4.39 32.67
C GLY E 249 11.03 5.31 32.98
N SER E 250 10.77 5.48 34.28
CA SER E 250 9.68 6.33 34.79
C SER E 250 8.37 5.77 34.23
N ARG E 251 7.48 6.60 33.70
CA ARG E 251 6.19 6.15 33.19
C ARG E 251 5.41 5.38 34.26
N ALA E 252 5.43 5.94 35.48
CA ALA E 252 4.65 5.36 36.58
C ALA E 252 3.16 5.59 36.39
N VAL E 253 2.76 6.40 35.41
CA VAL E 253 1.35 6.61 35.16
C VAL E 253 0.73 5.37 34.53
N PHE E 254 -0.59 5.26 34.64
CA PHE E 254 -1.32 4.14 34.10
C PHE E 254 -2.68 4.59 33.59
N ASP E 255 -3.23 3.81 32.67
CA ASP E 255 -4.59 4.02 32.20
C ASP E 255 -5.57 3.29 33.11
N ILE E 256 -6.86 3.47 32.84
CA ILE E 256 -7.92 2.87 33.65
C ILE E 256 -8.73 1.95 32.75
N TYR E 257 -8.87 0.70 33.16
CA TYR E 257 -9.76 -0.23 32.50
C TYR E 257 -10.88 -0.64 33.44
N MET E 258 -11.86 -1.33 32.88
CA MET E 258 -13.16 -1.54 33.53
C MET E 258 -13.47 -3.03 33.52
N LYS E 259 -13.41 -3.67 34.68
CA LYS E 259 -13.71 -5.08 34.81
C LYS E 259 -15.22 -5.23 35.01
N VAL E 260 -15.88 -5.87 34.05
CA VAL E 260 -17.34 -5.88 34.01
C VAL E 260 -17.87 -7.03 34.85
N SER E 261 -18.85 -6.74 35.69
CA SER E 261 -19.56 -7.76 36.45
C SER E 261 -20.99 -8.00 35.98
N SER E 262 -21.57 -7.05 35.25
CA SER E 262 -22.92 -7.20 34.73
C SER E 262 -23.14 -6.15 33.65
N ILE E 263 -23.89 -6.51 32.63
CA ILE E 263 -24.17 -5.63 31.51
C ILE E 263 -25.63 -5.78 31.10
N GLU E 264 -26.29 -4.66 30.85
CA GLU E 264 -27.64 -4.64 30.33
C GLU E 264 -27.69 -3.72 29.12
N VAL E 265 -28.48 -4.10 28.12
CA VAL E 265 -28.56 -3.35 26.87
C VAL E 265 -29.80 -2.46 26.91
N SER E 266 -29.69 -1.31 26.26
CA SER E 266 -30.79 -0.33 26.18
C SER E 266 -31.27 0.08 27.57
N SER E 273 -40.34 -7.92 28.95
CA SER E 273 -40.82 -8.65 30.12
C SER E 273 -42.19 -9.28 29.86
N GLU E 274 -42.69 -10.02 30.84
CA GLU E 274 -44.00 -10.65 30.70
C GLU E 274 -45.10 -9.61 30.61
N GLU E 275 -45.03 -8.57 31.46
CA GLU E 275 -46.08 -7.55 31.44
C GLU E 275 -46.09 -6.79 30.13
N ASP E 276 -44.92 -6.63 29.49
CA ASP E 276 -44.89 -5.97 28.18
C ASP E 276 -45.71 -6.75 27.17
N GLU E 277 -45.59 -8.07 27.17
CA GLU E 277 -46.41 -8.89 26.29
C GLU E 277 -47.90 -8.70 26.60
N LYS E 278 -48.24 -8.67 27.89
CA LYS E 278 -49.62 -8.38 28.27
C LYS E 278 -50.01 -6.96 27.86
N LYS E 279 -49.08 -6.01 28.01
CA LYS E 279 -49.33 -4.65 27.60
C LYS E 279 -49.47 -4.50 26.09
N ILE E 280 -49.14 -5.54 25.33
CA ILE E 280 -49.26 -5.51 23.88
C ILE E 280 -50.49 -6.27 23.39
N LYS E 281 -50.73 -7.45 23.94
CA LYS E 281 -51.89 -8.25 23.50
C LYS E 281 -53.19 -7.49 23.73
N ASP E 282 -53.26 -6.71 24.82
CA ASP E 282 -54.45 -5.91 25.07
C ASP E 282 -54.67 -4.91 23.95
N LEU E 283 -53.60 -4.29 23.47
CA LEU E 283 -53.72 -3.31 22.39
C LEU E 283 -54.25 -3.96 21.12
N ALA E 284 -53.82 -5.20 20.84
CA ALA E 284 -54.21 -5.87 19.61
C ALA E 284 -55.72 -6.09 19.56
N LYS E 285 -56.37 -6.17 20.72
CA LYS E 285 -57.82 -6.40 20.75
C LYS E 285 -58.61 -5.20 20.26
N ASP E 286 -57.97 -4.05 20.09
CA ASP E 286 -58.67 -2.86 19.61
C ASP E 286 -59.15 -3.10 18.18
N PRO E 287 -60.43 -2.89 17.88
CA PRO E 287 -60.88 -3.01 16.49
C PRO E 287 -60.19 -2.03 15.56
N TRP E 288 -59.85 -0.85 16.04
CA TRP E 288 -59.18 0.18 15.26
C TRP E 288 -57.79 0.46 15.80
N ILE E 289 -57.06 -0.61 16.13
CA ILE E 289 -55.68 -0.46 16.56
C ILE E 289 -54.85 0.18 15.46
N ARG E 290 -55.14 -0.17 14.20
CA ARG E 290 -54.37 0.35 13.08
C ARG E 290 -54.44 1.86 13.01
N ASP E 291 -55.64 2.43 13.19
CA ASP E 291 -55.78 3.88 13.17
C ASP E 291 -55.01 4.53 14.31
N ARG E 292 -55.07 3.93 15.50
CA ARG E 292 -54.32 4.47 16.62
C ARG E 292 -52.82 4.40 16.35
N ILE E 293 -52.36 3.32 15.73
CA ILE E 293 -50.94 3.21 15.38
C ILE E 293 -50.55 4.29 14.39
N ILE E 294 -51.39 4.49 13.36
CA ILE E 294 -51.08 5.50 12.35
C ILE E 294 -51.08 6.89 12.97
N SER E 295 -52.07 7.17 13.83
CA SER E 295 -52.15 8.48 14.46
C SER E 295 -50.95 8.72 15.38
N SER E 296 -50.44 7.68 16.01
CA SER E 296 -49.32 7.83 16.93
C SER E 296 -48.00 8.17 16.24
N ILE E 297 -47.93 8.02 14.92
CA ILE E 297 -46.70 8.28 14.20
C ILE E 297 -46.49 9.77 14.07
N ALA E 298 -45.42 10.29 14.68
CA ALA E 298 -45.01 11.69 14.59
C ALA E 298 -46.18 12.63 14.86
N PRO E 299 -46.69 12.69 16.10
CA PRO E 299 -47.81 13.60 16.38
C PRO E 299 -47.47 15.06 16.18
N SER E 300 -46.19 15.42 16.21
CA SER E 300 -45.80 16.83 16.10
C SER E 300 -46.02 17.40 14.71
N ILE E 301 -46.34 16.57 13.72
CA ILE E 301 -46.55 17.02 12.35
C ILE E 301 -48.03 16.96 12.05
N TYR E 302 -48.55 18.03 11.46
CA TYR E 302 -49.97 18.14 11.16
C TYR E 302 -50.27 17.59 9.76
N GLY E 303 -51.34 16.82 9.65
CA GLY E 303 -51.73 16.27 8.37
C GLY E 303 -50.83 15.11 7.95
N HIS E 304 -50.63 14.99 6.64
CA HIS E 304 -49.78 13.96 6.06
C HIS E 304 -50.23 12.56 6.49
N TRP E 305 -51.55 12.32 6.41
CA TRP E 305 -52.07 11.01 6.77
C TRP E 305 -51.52 9.93 5.84
N GLU E 306 -51.43 10.22 4.55
CA GLU E 306 -50.90 9.24 3.61
C GLU E 306 -49.44 8.95 3.90
N LEU E 307 -48.65 9.99 4.13
CA LEU E 307 -47.23 9.79 4.42
C LEU E 307 -47.03 9.08 5.75
N LYS E 308 -47.82 9.43 6.77
CA LYS E 308 -47.73 8.74 8.05
C LYS E 308 -48.10 7.27 7.90
N GLU E 309 -49.13 6.98 7.12
CA GLU E 309 -49.56 5.60 6.94
C GLU E 309 -48.49 4.76 6.26
N ALA E 310 -47.80 5.34 5.28
CA ALA E 310 -46.73 4.62 4.60
C ALA E 310 -45.59 4.31 5.54
N LEU E 311 -45.21 5.26 6.39
CA LEU E 311 -44.08 5.04 7.30
C LEU E 311 -44.38 3.91 8.28
N ALA E 312 -45.64 3.82 8.73
CA ALA E 312 -46.01 2.72 9.61
C ALA E 312 -45.80 1.38 8.93
N LEU E 313 -46.07 1.31 7.62
CA LEU E 313 -45.89 0.06 6.90
C LEU E 313 -44.41 -0.32 6.85
N ALA E 314 -43.54 0.65 6.60
CA ALA E 314 -42.11 0.35 6.48
C ALA E 314 -41.51 -0.11 7.80
N LEU E 315 -42.02 0.39 8.92
CA LEU E 315 -41.50 -0.02 10.21
C LEU E 315 -41.76 -1.50 10.46
N PHE E 316 -42.95 -1.98 10.10
CA PHE E 316 -43.27 -3.39 10.26
C PHE E 316 -42.61 -4.24 9.18
N GLY E 317 -42.95 -3.99 7.93
CA GLY E 317 -42.37 -4.71 6.82
C GLY E 317 -43.00 -6.07 6.60
N GLY E 318 -42.87 -6.56 5.38
CA GLY E 318 -43.38 -7.87 5.03
C GLY E 318 -42.45 -8.97 5.50
N VAL E 319 -42.81 -10.20 5.16
CA VAL E 319 -42.01 -11.35 5.56
C VAL E 319 -41.09 -11.75 4.42
N PRO E 320 -39.82 -12.05 4.70
CA PRO E 320 -38.93 -12.48 3.63
C PRO E 320 -39.04 -13.96 3.35
N LYS E 321 -39.20 -14.33 2.08
CA LYS E 321 -39.31 -15.73 1.68
C LYS E 321 -37.93 -16.26 1.36
N VAL E 322 -37.49 -17.27 2.11
CA VAL E 322 -36.22 -17.94 1.85
C VAL E 322 -36.55 -19.34 1.36
N LEU E 323 -36.24 -19.60 0.10
CA LEU E 323 -36.52 -20.88 -0.53
C LEU E 323 -35.22 -21.67 -0.70
N GLU E 324 -35.36 -22.89 -1.21
CA GLU E 324 -34.20 -23.73 -1.42
C GLU E 324 -33.26 -23.14 -2.47
N ASP E 325 -33.82 -22.59 -3.54
CA ASP E 325 -33.02 -22.12 -4.65
C ASP E 325 -32.83 -20.61 -4.70
N THR E 326 -33.65 -19.85 -3.97
CA THR E 326 -33.55 -18.39 -4.03
C THR E 326 -34.14 -17.81 -2.76
N ARG E 327 -33.99 -16.50 -2.62
CA ARG E 327 -34.55 -15.74 -1.51
C ARG E 327 -35.15 -14.46 -2.03
N ILE E 328 -36.20 -14.00 -1.35
CA ILE E 328 -36.98 -12.84 -1.78
C ILE E 328 -37.04 -11.85 -0.62
N ARG E 329 -36.74 -10.59 -0.91
CA ARG E 329 -36.72 -9.58 0.14
C ARG E 329 -38.13 -9.30 0.65
N GLY E 330 -38.20 -8.91 1.93
CA GLY E 330 -39.47 -8.62 2.55
C GLY E 330 -39.52 -7.22 3.14
N ASP E 331 -38.51 -6.43 2.87
CA ASP E 331 -38.47 -5.05 3.34
C ASP E 331 -39.23 -4.15 2.38
N ILE E 332 -39.63 -2.98 2.89
CA ILE E 332 -40.39 -2.00 2.12
C ILE E 332 -39.58 -0.73 2.06
N HIS E 333 -39.42 -0.18 0.86
CA HIS E 333 -38.67 1.04 0.62
C HIS E 333 -39.64 2.18 0.30
N ILE E 334 -39.38 3.35 0.89
CA ILE E 334 -40.25 4.51 0.74
C ILE E 334 -39.42 5.68 0.26
N LEU E 335 -39.93 6.40 -0.74
CA LEU E 335 -39.29 7.59 -1.26
C LEU E 335 -40.23 8.78 -1.13
N ILE E 336 -39.71 9.89 -0.61
CA ILE E 336 -40.49 11.11 -0.42
C ILE E 336 -39.83 12.23 -1.21
N ILE E 337 -40.59 12.83 -2.12
CA ILE E 337 -40.16 14.00 -2.87
C ILE E 337 -41.09 15.14 -2.53
N GLY E 338 -40.54 16.26 -2.08
CA GLY E 338 -41.39 17.35 -1.66
C GLY E 338 -40.68 18.67 -1.67
N ASP E 339 -41.48 19.73 -1.61
CA ASP E 339 -40.96 21.07 -1.56
C ASP E 339 -40.19 21.30 -0.25
N PRO E 340 -39.21 22.19 -0.25
CA PRO E 340 -38.50 22.48 1.00
C PRO E 340 -39.45 23.00 2.05
N GLY E 341 -39.20 22.62 3.30
CA GLY E 341 -40.03 23.07 4.39
C GLY E 341 -41.30 22.27 4.60
N THR E 342 -41.46 21.15 3.91
CA THR E 342 -42.61 20.28 4.12
C THR E 342 -42.37 19.26 5.23
N ALA E 343 -41.39 19.51 6.10
CA ALA E 343 -41.14 18.72 7.30
C ALA E 343 -40.71 17.30 6.98
N LYS E 344 -40.29 17.02 5.74
CA LYS E 344 -39.93 15.66 5.37
C LYS E 344 -38.77 15.14 6.21
N SER E 345 -37.89 16.03 6.66
CA SER E 345 -36.81 15.60 7.55
C SER E 345 -37.28 15.41 8.97
N GLN E 346 -38.45 15.95 9.34
CA GLN E 346 -38.91 15.83 10.72
C GLN E 346 -39.39 14.41 11.02
N MET E 347 -40.17 13.82 10.11
CA MET E 347 -40.59 12.44 10.37
C MET E 347 -39.43 11.48 10.19
N LEU E 348 -38.45 11.82 9.35
CA LEU E 348 -37.29 10.97 9.19
C LEU E 348 -36.52 10.84 10.49
N GLN E 349 -36.35 11.96 11.21
CA GLN E 349 -35.68 11.90 12.50
C GLN E 349 -36.52 11.17 13.53
N PHE E 350 -37.84 11.29 13.44
CA PHE E 350 -38.71 10.55 14.35
C PHE E 350 -38.59 9.05 14.13
N ILE E 351 -38.32 8.63 12.89
CA ILE E 351 -38.16 7.21 12.61
C ILE E 351 -36.98 6.64 13.39
N SER E 352 -35.87 7.36 13.44
CA SER E 352 -34.71 6.90 14.17
C SER E 352 -35.02 6.73 15.65
N ARG E 353 -35.83 7.61 16.20
CA ARG E 353 -36.13 7.54 17.63
C ARG E 353 -37.10 6.42 17.98
N VAL E 354 -37.83 5.90 17.00
CA VAL E 354 -38.80 4.84 17.26
C VAL E 354 -38.36 3.50 16.70
N ALA E 355 -37.46 3.46 15.73
CA ALA E 355 -37.03 2.19 15.20
C ALA E 355 -36.05 1.53 16.17
N PRO E 356 -36.20 0.22 16.41
CA PRO E 356 -35.24 -0.47 17.28
C PRO E 356 -33.81 -0.39 16.78
N ARG E 357 -33.60 -0.43 15.47
CA ARG E 357 -32.29 -0.22 14.87
C ARG E 357 -32.44 0.70 13.68
N ALA E 358 -31.59 1.73 13.61
CA ALA E 358 -31.66 2.69 12.53
C ALA E 358 -30.31 3.37 12.36
N VAL E 359 -30.02 3.75 11.12
CA VAL E 359 -28.81 4.47 10.77
C VAL E 359 -29.20 5.67 9.94
N TYR E 360 -28.66 6.84 10.27
CA TYR E 360 -28.98 8.07 9.57
C TYR E 360 -27.79 8.51 8.72
N THR E 361 -28.04 8.72 7.44
CA THR E 361 -27.05 9.24 6.52
C THR E 361 -27.70 10.29 5.63
N THR E 362 -26.85 11.13 5.03
CA THR E 362 -27.32 12.18 4.13
C THR E 362 -26.75 11.96 2.74
N GLY E 363 -27.36 12.63 1.76
CA GLY E 363 -26.94 12.44 0.37
C GLY E 363 -25.54 12.94 0.10
N LYS E 364 -25.20 14.11 0.62
CA LYS E 364 -23.88 14.68 0.37
C LYS E 364 -22.80 14.13 1.29
N GLY E 365 -23.18 13.56 2.43
CA GLY E 365 -22.21 12.99 3.34
C GLY E 365 -21.92 11.52 3.11
N SER E 366 -22.42 10.94 2.03
CA SER E 366 -22.28 9.52 1.76
C SER E 366 -21.77 9.30 0.35
N THR E 367 -20.86 8.35 0.20
CA THR E 367 -20.33 7.93 -1.09
C THR E 367 -20.62 6.44 -1.30
N ALA E 368 -20.13 5.91 -2.42
CA ALA E 368 -20.32 4.50 -2.70
C ALA E 368 -19.64 3.64 -1.65
N ALA E 369 -18.42 3.99 -1.26
CA ALA E 369 -17.70 3.21 -0.26
C ALA E 369 -18.38 3.31 1.11
N GLY E 370 -18.79 4.51 1.50
CA GLY E 370 -19.40 4.67 2.81
C GLY E 370 -20.75 3.99 2.93
N LEU E 371 -21.55 4.02 1.86
CA LEU E 371 -22.90 3.47 1.94
C LEU E 371 -22.89 1.96 2.09
N THR E 372 -21.99 1.26 1.38
CA THR E 372 -22.04 -0.19 1.33
C THR E 372 -20.85 -0.83 2.05
N ALA E 373 -19.62 -0.56 1.61
CA ALA E 373 -18.43 -1.18 2.19
C ALA E 373 -17.21 -0.56 1.53
N ALA E 374 -16.09 -0.60 2.25
CA ALA E 374 -14.85 -0.04 1.74
C ALA E 374 -13.68 -0.92 2.17
N VAL E 375 -12.66 -0.95 1.33
CA VAL E 375 -11.40 -1.62 1.66
C VAL E 375 -10.40 -0.54 2.05
N VAL E 376 -9.63 -0.81 3.10
CA VAL E 376 -8.63 0.13 3.61
C VAL E 376 -7.40 -0.64 4.02
N ARG E 377 -6.24 -0.01 3.86
CA ARG E 377 -4.97 -0.60 4.25
C ARG E 377 -4.88 -0.62 5.77
N GLU E 378 -4.90 -1.83 6.34
CA GLU E 378 -4.75 -1.97 7.79
C GLU E 378 -3.34 -1.54 8.18
N LYS E 379 -3.23 -0.41 8.86
CA LYS E 379 -1.92 0.15 9.18
C LYS E 379 -1.12 -0.75 10.11
N GLY E 380 -1.77 -1.67 10.82
CA GLY E 380 -1.04 -2.60 11.66
C GLY E 380 -0.15 -3.53 10.84
N THR E 381 -0.60 -3.92 9.66
CA THR E 381 0.16 -4.81 8.79
C THR E 381 0.32 -4.30 7.36
N GLY E 382 -0.31 -3.19 7.00
CA GLY E 382 -0.15 -2.61 5.68
C GLY E 382 -0.98 -3.26 4.59
N GLU E 383 -1.71 -4.32 4.91
CA GLU E 383 -2.51 -5.03 3.92
C GLU E 383 -3.96 -4.55 3.95
N TYR E 384 -4.72 -5.02 2.97
CA TYR E 384 -6.09 -4.58 2.76
C TYR E 384 -7.06 -5.48 3.51
N TYR E 385 -8.07 -4.86 4.12
CA TYR E 385 -9.16 -5.61 4.73
C TYR E 385 -10.44 -4.81 4.60
N LEU E 386 -11.56 -5.51 4.80
CA LEU E 386 -12.88 -4.95 4.52
C LEU E 386 -13.41 -4.17 5.71
N GLU E 387 -14.21 -3.14 5.41
CA GLU E 387 -14.84 -2.32 6.42
C GLU E 387 -16.33 -2.17 6.09
N ALA E 388 -17.17 -2.28 7.11
CA ALA E 388 -18.60 -2.23 6.92
C ALA E 388 -19.06 -0.81 6.59
N GLY E 389 -20.11 -0.72 5.77
CA GLY E 389 -20.71 0.54 5.40
C GLY E 389 -22.03 0.78 6.10
N ALA E 390 -22.69 1.86 5.67
CA ALA E 390 -23.94 2.25 6.31
C ALA E 390 -25.02 1.18 6.13
N LEU E 391 -25.17 0.67 4.91
CA LEU E 391 -26.23 -0.30 4.65
C LEU E 391 -25.96 -1.61 5.37
N VAL E 392 -24.70 -2.05 5.41
CA VAL E 392 -24.37 -3.28 6.12
C VAL E 392 -24.63 -3.13 7.60
N LEU E 393 -24.25 -2.00 8.18
CA LEU E 393 -24.48 -1.77 9.61
C LEU E 393 -25.96 -1.71 9.95
N ALA E 394 -26.81 -1.40 8.98
CA ALA E 394 -28.24 -1.31 9.21
C ALA E 394 -28.96 -2.62 8.98
N ASP E 395 -28.23 -3.70 8.75
CA ASP E 395 -28.85 -4.99 8.46
C ASP E 395 -29.77 -5.40 9.60
N GLY E 396 -30.98 -5.83 9.23
CA GLY E 396 -31.99 -6.15 10.21
C GLY E 396 -32.75 -4.96 10.76
N GLY E 397 -32.41 -3.75 10.32
CA GLY E 397 -33.07 -2.56 10.82
C GLY E 397 -33.57 -1.66 9.72
N ILE E 398 -33.26 -0.37 9.82
CA ILE E 398 -33.73 0.63 8.87
C ILE E 398 -32.57 1.56 8.52
N ALA E 399 -32.40 1.84 7.24
CA ALA E 399 -31.42 2.82 6.77
C ALA E 399 -32.17 4.05 6.25
N VAL E 400 -31.77 5.22 6.72
CA VAL E 400 -32.42 6.47 6.35
C VAL E 400 -31.43 7.29 5.55
N ILE E 401 -31.80 7.66 4.33
CA ILE E 401 -30.98 8.46 3.45
C ILE E 401 -31.68 9.78 3.21
N ASP E 402 -31.01 10.88 3.54
CA ASP E 402 -31.57 12.21 3.40
C ASP E 402 -30.92 12.92 2.22
N GLU E 403 -31.72 13.71 1.50
CA GLU E 403 -31.25 14.46 0.34
C GLU E 403 -30.67 13.52 -0.71
N ILE E 404 -31.45 12.48 -1.06
CA ILE E 404 -30.99 11.51 -2.04
C ILE E 404 -30.86 12.15 -3.42
N ASP E 405 -31.75 13.09 -3.74
CA ASP E 405 -31.73 13.71 -5.07
C ASP E 405 -30.45 14.51 -5.30
N LYS E 406 -29.78 14.93 -4.24
CA LYS E 406 -28.55 15.68 -4.37
C LYS E 406 -27.31 14.81 -4.31
N MET E 407 -27.47 13.50 -4.19
CA MET E 407 -26.33 12.60 -4.25
C MET E 407 -25.84 12.46 -5.68
N ARG E 408 -24.54 12.23 -5.83
CA ARG E 408 -23.95 12.06 -7.16
C ARG E 408 -24.52 10.82 -7.82
N ASP E 409 -24.73 10.91 -9.13
CA ASP E 409 -25.37 9.81 -9.86
C ASP E 409 -24.51 8.56 -9.81
N GLU E 410 -23.20 8.69 -9.99
CA GLU E 410 -22.31 7.53 -9.95
C GLU E 410 -22.31 6.89 -8.58
N ASP E 411 -22.31 7.70 -7.53
CA ASP E 411 -22.37 7.15 -6.17
C ASP E 411 -23.72 6.52 -5.89
N ARG E 412 -24.79 7.12 -6.40
CA ARG E 412 -26.14 6.64 -6.10
C ARG E 412 -26.34 5.23 -6.64
N VAL E 413 -25.83 4.95 -7.84
CA VAL E 413 -26.08 3.66 -8.48
C VAL E 413 -25.42 2.50 -7.75
N ALA E 414 -24.57 2.79 -6.76
CA ALA E 414 -23.88 1.72 -6.05
C ALA E 414 -24.79 0.93 -5.13
N ILE E 415 -26.03 1.36 -4.91
CA ILE E 415 -26.93 0.71 -3.98
C ILE E 415 -28.03 -0.06 -4.70
N HIS E 416 -27.91 -0.22 -6.02
CA HIS E 416 -28.95 -0.96 -6.74
C HIS E 416 -29.01 -2.40 -6.29
N GLU E 417 -27.85 -3.04 -6.09
CA GLU E 417 -27.84 -4.44 -5.65
C GLU E 417 -28.34 -4.56 -4.22
N ALA E 418 -27.90 -3.68 -3.33
CA ALA E 418 -28.27 -3.80 -1.93
C ALA E 418 -29.75 -3.60 -1.71
N MET E 419 -30.39 -2.78 -2.52
CA MET E 419 -31.81 -2.49 -2.32
C MET E 419 -32.72 -3.60 -2.82
N GLU E 420 -32.22 -4.49 -3.67
CA GLU E 420 -33.04 -5.60 -4.17
C GLU E 420 -32.50 -6.95 -3.74
N GLN E 421 -31.25 -7.26 -4.04
CA GLN E 421 -30.68 -8.54 -3.64
C GLN E 421 -30.26 -8.56 -2.18
N GLN E 422 -30.23 -7.40 -1.52
CA GLN E 422 -29.92 -7.30 -0.10
C GLN E 422 -28.55 -7.90 0.21
N THR E 423 -27.59 -7.67 -0.69
CA THR E 423 -26.22 -8.11 -0.47
C THR E 423 -25.27 -7.07 -1.03
N VAL E 424 -24.04 -7.10 -0.53
CA VAL E 424 -22.96 -6.25 -1.02
C VAL E 424 -21.80 -7.15 -1.40
N SER E 425 -21.33 -7.02 -2.64
CA SER E 425 -20.24 -7.84 -3.16
C SER E 425 -19.11 -6.93 -3.62
N ILE E 426 -17.89 -7.23 -3.15
CA ILE E 426 -16.73 -6.41 -3.41
C ILE E 426 -15.65 -7.26 -4.04
N ALA E 427 -15.07 -6.80 -5.15
CA ALA E 427 -13.93 -7.44 -5.79
C ALA E 427 -12.89 -6.36 -6.06
N LYS E 428 -12.04 -6.11 -5.06
CA LYS E 428 -11.06 -5.03 -5.16
C LYS E 428 -9.79 -5.44 -4.43
N ALA E 429 -8.64 -5.12 -5.04
CA ALA E 429 -7.34 -5.27 -4.39
C ALA E 429 -7.14 -6.67 -3.81
N GLY E 430 -7.54 -7.67 -4.58
CA GLY E 430 -7.36 -9.05 -4.14
C GLY E 430 -8.26 -9.47 -3.00
N ILE E 431 -9.37 -8.78 -2.79
CA ILE E 431 -10.34 -9.14 -1.77
C ILE E 431 -11.68 -9.39 -2.46
N VAL E 432 -12.22 -10.58 -2.28
CA VAL E 432 -13.53 -10.95 -2.81
C VAL E 432 -14.39 -11.39 -1.64
N ALA E 433 -15.52 -10.71 -1.44
CA ALA E 433 -16.36 -10.99 -0.29
C ALA E 433 -17.80 -10.62 -0.61
N LYS E 434 -18.71 -11.18 0.18
CA LYS E 434 -20.13 -10.90 0.08
C LYS E 434 -20.68 -10.65 1.47
N LEU E 435 -21.52 -9.64 1.62
CA LEU E 435 -22.03 -9.24 2.92
C LEU E 435 -23.55 -9.08 2.85
N ASN E 436 -24.20 -9.32 3.98
CA ASN E 436 -25.64 -9.20 4.08
C ASN E 436 -26.02 -7.76 4.39
N ALA E 437 -27.06 -7.27 3.72
CA ALA E 437 -27.52 -5.89 3.89
C ALA E 437 -29.05 -5.86 3.93
N ARG E 438 -29.65 -6.77 4.68
CA ARG E 438 -31.11 -6.87 4.75
C ARG E 438 -31.63 -5.71 5.60
N ALA E 439 -31.84 -4.56 4.96
CA ALA E 439 -32.32 -3.37 5.63
C ALA E 439 -33.38 -2.68 4.78
N ALA E 440 -34.22 -1.90 5.43
CA ALA E 440 -35.24 -1.11 4.75
C ALA E 440 -34.71 0.31 4.54
N VAL E 441 -34.90 0.85 3.34
CA VAL E 441 -34.36 2.13 2.96
C VAL E 441 -35.50 3.14 2.84
N ILE E 442 -35.37 4.25 3.55
CA ILE E 442 -36.31 5.36 3.46
C ILE E 442 -35.53 6.59 3.02
N ALA E 443 -35.96 7.19 1.92
CA ALA E 443 -35.22 8.27 1.30
C ALA E 443 -36.11 9.48 1.07
N ALA E 444 -35.54 10.67 1.26
CA ALA E 444 -36.24 11.91 1.04
C ALA E 444 -35.38 12.82 0.18
N GLY E 445 -36.03 13.57 -0.72
CA GLY E 445 -35.30 14.45 -1.60
C GLY E 445 -36.18 15.54 -2.16
N ASN E 446 -35.54 16.51 -2.77
CA ASN E 446 -36.18 17.66 -3.38
C ASN E 446 -36.37 17.45 -4.87
N PRO E 447 -37.34 18.13 -5.48
CA PRO E 447 -37.49 18.06 -6.93
C PRO E 447 -36.28 18.62 -7.66
N LYS E 448 -36.29 18.53 -9.00
CA LYS E 448 -35.12 18.93 -9.77
C LYS E 448 -34.81 20.41 -9.62
N PHE E 449 -35.83 21.26 -9.63
CA PHE E 449 -35.66 22.71 -9.63
C PHE E 449 -35.94 23.32 -8.27
N GLY E 450 -35.54 22.65 -7.19
CA GLY E 450 -35.76 23.19 -5.86
C GLY E 450 -37.20 23.06 -5.41
N ARG E 451 -38.13 23.51 -6.25
CA ARG E 451 -39.55 23.41 -5.96
C ARG E 451 -40.26 22.72 -7.13
N TYR E 452 -41.35 22.03 -6.81
CA TYR E 452 -42.14 21.38 -7.85
C TYR E 452 -42.76 22.42 -8.76
N ILE E 453 -42.73 22.15 -10.06
CA ILE E 453 -43.31 23.02 -11.06
C ILE E 453 -44.42 22.24 -11.76
N SER E 454 -45.64 22.79 -11.72
CA SER E 454 -46.79 22.07 -12.24
C SER E 454 -46.76 21.98 -13.76
N GLU E 455 -46.26 23.04 -14.42
CA GLU E 455 -46.27 23.06 -15.88
C GLU E 455 -45.36 21.97 -16.46
N ARG E 456 -44.19 21.80 -15.87
CA ARG E 456 -43.29 20.74 -16.31
C ARG E 456 -43.91 19.38 -16.01
N PRO E 457 -43.60 18.36 -16.81
CA PRO E 457 -44.14 17.02 -16.54
C PRO E 457 -43.61 16.46 -15.23
N VAL E 458 -44.22 15.37 -14.80
CA VAL E 458 -43.81 14.73 -13.56
C VAL E 458 -42.42 14.10 -13.70
N SER E 459 -42.12 13.54 -14.88
CA SER E 459 -40.91 12.75 -15.05
C SER E 459 -39.66 13.58 -14.78
N ASP E 460 -39.53 14.73 -15.43
CA ASP E 460 -38.34 15.55 -15.25
C ASP E 460 -38.34 16.30 -13.94
N ASN E 461 -39.49 16.40 -13.27
CA ASN E 461 -39.52 16.99 -11.94
C ASN E 461 -38.70 16.15 -10.96
N ILE E 462 -38.88 14.83 -11.00
CA ILE E 462 -38.20 13.95 -10.06
C ILE E 462 -36.71 13.91 -10.35
N ASN E 463 -36.35 13.74 -11.62
CA ASN E 463 -34.96 13.65 -12.07
C ASN E 463 -34.23 12.49 -11.39
N LEU E 464 -34.74 11.29 -11.64
CA LEU E 464 -34.10 10.06 -11.18
C LEU E 464 -34.26 8.99 -12.25
N PRO E 465 -33.25 8.12 -12.40
CA PRO E 465 -33.33 7.10 -13.45
C PRO E 465 -34.45 6.11 -13.15
N PRO E 466 -35.07 5.54 -14.19
CA PRO E 466 -36.16 4.60 -13.96
C PRO E 466 -35.73 3.34 -13.22
N THR E 467 -34.46 2.97 -13.27
CA THR E 467 -34.01 1.75 -12.62
C THR E 467 -34.18 1.85 -11.11
N ILE E 468 -33.81 2.98 -10.53
CA ILE E 468 -33.90 3.12 -9.08
C ILE E 468 -35.34 3.39 -8.65
N LEU E 469 -36.13 4.04 -9.50
CA LEU E 469 -37.52 4.31 -9.14
C LEU E 469 -38.32 3.02 -9.04
N SER E 470 -37.97 2.01 -9.82
CA SER E 470 -38.69 0.74 -9.76
C SER E 470 -38.45 0.00 -8.46
N ARG E 471 -37.38 0.32 -7.74
CA ARG E 471 -37.06 -0.40 -6.52
C ARG E 471 -37.79 0.13 -5.30
N PHE E 472 -38.52 1.22 -5.42
CA PHE E 472 -39.24 1.81 -4.30
C PHE E 472 -40.70 1.36 -4.34
N ASP E 473 -41.17 0.80 -3.23
CA ASP E 473 -42.54 0.33 -3.17
C ASP E 473 -43.53 1.47 -3.26
N LEU E 474 -43.25 2.58 -2.58
CA LEU E 474 -44.15 3.72 -2.56
C LEU E 474 -43.35 5.01 -2.73
N ILE E 475 -43.85 5.91 -3.56
CA ILE E 475 -43.27 7.24 -3.77
C ILE E 475 -44.35 8.27 -3.57
N PHE E 476 -44.07 9.29 -2.77
CA PHE E 476 -45.03 10.35 -2.50
C PHE E 476 -44.43 11.70 -2.88
N ILE E 477 -45.16 12.47 -3.65
CA ILE E 477 -44.77 13.83 -4.02
C ILE E 477 -45.52 14.80 -3.12
N LEU E 478 -44.79 15.66 -2.43
CA LEU E 478 -45.35 16.57 -1.46
C LEU E 478 -45.37 17.98 -2.04
N LYS E 479 -46.54 18.62 -1.99
CA LYS E 479 -46.75 19.93 -2.59
C LYS E 479 -46.94 20.96 -1.50
N ASP E 480 -46.19 22.06 -1.58
CA ASP E 480 -46.32 23.17 -0.64
C ASP E 480 -47.15 24.26 -1.31
N GLN E 481 -48.47 24.06 -1.26
CA GLN E 481 -49.40 24.97 -1.92
C GLN E 481 -50.12 25.83 -0.89
N PRO E 482 -49.86 27.13 -0.82
CA PRO E 482 -50.57 27.98 0.13
C PRO E 482 -52.06 28.00 -0.15
N GLY E 483 -52.85 28.03 0.92
CA GLY E 483 -54.29 27.99 0.75
C GLY E 483 -55.00 28.07 2.09
N GLU E 484 -56.25 27.58 2.09
CA GLU E 484 -57.09 27.68 3.28
C GLU E 484 -56.58 26.86 4.44
N GLN E 485 -55.69 25.90 4.20
CA GLN E 485 -55.17 25.07 5.27
C GLN E 485 -54.11 25.76 6.10
N ASP E 486 -53.65 26.95 5.69
CA ASP E 486 -52.63 27.66 6.45
C ASP E 486 -53.11 28.01 7.84
N ARG E 487 -54.40 28.34 7.98
CA ARG E 487 -54.94 28.63 9.30
C ARG E 487 -54.85 27.41 10.21
N GLU E 488 -55.25 26.24 9.70
CA GLU E 488 -55.13 25.03 10.50
C GLU E 488 -53.68 24.71 10.80
N LEU E 489 -52.80 24.86 9.81
CA LEU E 489 -51.39 24.56 10.02
C LEU E 489 -50.77 25.49 11.06
N ALA E 490 -51.09 26.79 10.98
CA ALA E 490 -50.54 27.73 11.93
C ALA E 490 -51.02 27.44 13.35
N ASN E 491 -52.30 27.09 13.50
CA ASN E 491 -52.83 26.78 14.83
C ASN E 491 -52.13 25.56 15.42
N TYR E 492 -51.93 24.52 14.61
CA TYR E 492 -51.31 23.31 15.12
C TYR E 492 -49.86 23.56 15.53
N ILE E 493 -49.12 24.32 14.72
CA ILE E 493 -47.72 24.58 15.03
C ILE E 493 -47.59 25.34 16.34
N LEU E 494 -48.41 26.37 16.52
CA LEU E 494 -48.33 27.18 17.72
C LEU E 494 -48.72 26.39 18.96
N ASP E 495 -49.67 25.45 18.82
CA ASP E 495 -50.03 24.60 19.94
C ASP E 495 -48.84 23.76 20.37
N VAL E 496 -48.09 23.22 19.41
CA VAL E 496 -46.89 22.45 19.73
C VAL E 496 -45.87 23.33 20.45
N HIS E 497 -45.66 24.54 19.93
CA HIS E 497 -44.74 25.47 20.59
C HIS E 497 -45.25 25.89 21.95
N SER E 498 -46.56 25.80 22.20
CA SER E 498 -47.13 26.17 23.48
C SER E 498 -47.15 25.02 24.48
N GLY E 499 -46.60 23.87 24.11
CA GLY E 499 -46.59 22.73 24.99
C GLY E 499 -47.80 21.84 24.92
N LYS E 500 -48.77 22.14 24.05
CA LYS E 500 -49.94 21.30 23.91
C LYS E 500 -49.55 19.94 23.35
N SER E 501 -50.17 18.89 23.89
CA SER E 501 -49.89 17.52 23.48
C SER E 501 -51.19 16.81 23.16
N THR E 502 -51.17 16.03 22.07
CA THR E 502 -52.34 15.25 21.70
C THR E 502 -52.50 14.07 22.64
N LYS E 503 -53.75 13.71 22.91
CA LYS E 503 -54.06 12.56 23.75
C LYS E 503 -54.37 11.35 22.87
N ASN E 504 -54.64 10.21 23.53
CA ASN E 504 -54.96 8.96 22.84
C ASN E 504 -53.86 8.59 21.85
N ILE E 505 -52.62 8.81 22.25
CA ILE E 505 -51.45 8.56 21.41
C ILE E 505 -50.56 7.55 22.10
N ILE E 506 -50.24 6.46 21.40
CA ILE E 506 -49.29 5.49 21.92
C ILE E 506 -47.91 6.13 21.95
N ASP E 507 -47.33 6.23 23.13
CA ASP E 507 -46.04 6.88 23.28
C ASP E 507 -44.94 6.01 22.68
N ILE E 508 -43.76 6.61 22.51
CA ILE E 508 -42.68 5.97 21.77
C ILE E 508 -42.26 4.66 22.46
N ASP E 509 -42.09 4.70 23.78
CA ASP E 509 -41.48 3.57 24.48
C ASP E 509 -42.30 2.30 24.30
N THR E 510 -43.62 2.39 24.49
CA THR E 510 -44.45 1.22 24.26
C THR E 510 -44.60 0.92 22.77
N LEU E 511 -44.58 1.95 21.93
CA LEU E 511 -44.68 1.73 20.50
C LEU E 511 -43.48 0.97 19.97
N ARG E 512 -42.28 1.33 20.41
CA ARG E 512 -41.08 0.61 19.98
C ARG E 512 -41.15 -0.85 20.40
N LYS E 513 -41.61 -1.11 21.63
CA LYS E 513 -41.78 -2.49 22.06
C LYS E 513 -42.83 -3.19 21.23
N TYR E 514 -43.90 -2.50 20.87
CA TYR E 514 -44.96 -3.10 20.06
C TYR E 514 -44.43 -3.55 18.71
N ILE E 515 -43.67 -2.68 18.03
CA ILE E 515 -43.16 -3.03 16.72
C ILE E 515 -42.17 -4.19 16.82
N ALA E 516 -41.27 -4.14 17.80
CA ALA E 516 -40.27 -5.20 17.93
C ALA E 516 -40.93 -6.55 18.15
N TYR E 517 -42.00 -6.59 18.93
CA TYR E 517 -42.69 -7.86 19.16
C TYR E 517 -43.30 -8.39 17.87
N ALA E 518 -43.97 -7.53 17.09
CA ALA E 518 -44.66 -7.98 15.90
C ALA E 518 -43.69 -8.52 14.87
N ARG E 519 -42.55 -7.84 14.69
CA ARG E 519 -41.58 -8.29 13.69
C ARG E 519 -41.01 -9.65 14.04
N LYS E 520 -40.87 -9.95 15.33
CA LYS E 520 -40.21 -11.16 15.76
C LYS E 520 -41.16 -12.33 16.00
N TYR E 521 -42.47 -12.12 15.93
CA TYR E 521 -43.39 -13.17 16.33
C TYR E 521 -44.58 -13.38 15.40
N VAL E 522 -44.82 -12.52 14.42
CA VAL E 522 -45.98 -12.64 13.55
C VAL E 522 -45.51 -12.82 12.12
N THR E 523 -46.00 -13.87 11.46
CA THR E 523 -45.67 -14.18 10.07
C THR E 523 -46.97 -14.43 9.33
N PRO E 524 -47.59 -13.40 8.78
CA PRO E 524 -48.88 -13.57 8.10
C PRO E 524 -48.75 -14.41 6.84
N LYS E 525 -49.88 -14.96 6.41
CA LYS E 525 -49.95 -15.81 5.25
C LYS E 525 -51.05 -15.32 4.32
N ILE E 526 -50.84 -15.53 3.02
CA ILE E 526 -51.77 -15.05 2.00
C ILE E 526 -52.90 -16.05 1.81
N THR E 527 -54.13 -15.57 1.88
CA THR E 527 -55.29 -16.39 1.61
C THR E 527 -55.76 -16.19 0.17
N SER E 528 -56.62 -17.11 -0.28
CA SER E 528 -57.05 -17.09 -1.67
C SER E 528 -57.81 -15.81 -2.00
N GLU E 529 -58.62 -15.31 -1.08
CA GLU E 529 -59.35 -14.07 -1.33
C GLU E 529 -58.40 -12.91 -1.58
N ALA E 530 -57.35 -12.79 -0.77
CA ALA E 530 -56.35 -11.76 -1.01
C ALA E 530 -55.61 -11.99 -2.31
N LYS E 531 -55.37 -13.26 -2.66
CA LYS E 531 -54.67 -13.56 -3.91
C LYS E 531 -55.45 -13.07 -5.12
N ASN E 532 -56.76 -13.28 -5.13
CA ASN E 532 -57.56 -12.86 -6.27
C ASN E 532 -57.58 -11.34 -6.42
N LEU E 533 -57.74 -10.62 -5.30
CA LEU E 533 -57.80 -9.16 -5.37
C LEU E 533 -56.50 -8.57 -5.87
N ILE E 534 -55.37 -9.10 -5.40
CA ILE E 534 -54.07 -8.58 -5.81
C ILE E 534 -53.84 -8.83 -7.29
N THR E 535 -54.18 -10.03 -7.77
CA THR E 535 -53.98 -10.34 -9.18
C THR E 535 -54.80 -9.40 -10.06
N ASP E 536 -56.03 -9.12 -9.67
CA ASP E 536 -56.90 -8.26 -10.46
C ASP E 536 -56.30 -6.87 -10.59
N PHE E 537 -55.81 -6.31 -9.48
CA PHE E 537 -55.28 -4.96 -9.50
C PHE E 537 -54.02 -4.86 -10.34
N PHE E 538 -53.14 -5.85 -10.24
CA PHE E 538 -51.88 -5.80 -10.99
C PHE E 538 -52.14 -5.81 -12.49
N VAL E 539 -53.08 -6.62 -12.94
CA VAL E 539 -53.41 -6.66 -14.36
C VAL E 539 -53.91 -5.30 -14.83
N GLU E 540 -54.79 -4.67 -14.05
CA GLU E 540 -55.28 -3.35 -14.41
C GLU E 540 -54.15 -2.33 -14.40
N MET E 541 -53.25 -2.42 -13.43
CA MET E 541 -52.12 -1.50 -13.37
C MET E 541 -51.22 -1.67 -14.60
N ARG E 542 -50.96 -2.92 -15.00
CA ARG E 542 -50.12 -3.16 -16.17
C ARG E 542 -50.79 -2.64 -17.43
N LYS E 543 -52.08 -2.96 -17.61
CA LYS E 543 -52.79 -2.51 -18.80
C LYS E 543 -52.88 -0.99 -18.85
N LYS E 544 -53.09 -0.36 -17.69
CA LYS E 544 -53.12 1.09 -17.65
C LYS E 544 -51.77 1.69 -18.03
N SER E 545 -50.68 1.06 -17.57
CA SER E 545 -49.35 1.58 -17.89
C SER E 545 -49.08 1.53 -19.38
N SER E 546 -49.48 0.43 -20.04
CA SER E 546 -49.27 0.32 -21.48
C SER E 546 -50.07 1.36 -22.25
N GLU E 547 -51.17 1.84 -21.67
CA GLU E 547 -51.99 2.83 -22.35
C GLU E 547 -51.25 4.14 -22.56
N THR E 548 -50.51 4.59 -21.55
CA THR E 548 -49.79 5.86 -21.64
C THR E 548 -48.29 5.61 -21.62
N PRO E 549 -47.59 5.70 -22.76
CA PRO E 549 -46.15 5.49 -22.77
C PRO E 549 -45.35 6.62 -22.15
N ASP E 550 -46.00 7.74 -21.86
CA ASP E 550 -45.34 8.90 -21.27
C ASP E 550 -45.28 8.84 -19.75
N SER E 551 -45.69 7.73 -19.15
CA SER E 551 -45.70 7.62 -17.70
C SER E 551 -44.29 7.74 -17.15
N PRO E 552 -44.11 8.39 -16.00
CA PRO E 552 -42.75 8.54 -15.44
C PRO E 552 -42.21 7.28 -14.79
N ILE E 553 -43.08 6.39 -14.32
CA ILE E 553 -42.66 5.17 -13.63
C ILE E 553 -42.96 3.96 -14.50
N LEU E 554 -42.45 2.82 -14.07
CA LEU E 554 -42.64 1.56 -14.77
C LEU E 554 -43.35 0.58 -13.86
N ILE E 555 -44.31 -0.15 -14.41
CA ILE E 555 -45.05 -1.16 -13.66
C ILE E 555 -44.39 -2.49 -13.99
N THR E 556 -43.40 -2.84 -13.20
CA THR E 556 -42.64 -4.07 -13.33
C THR E 556 -43.17 -5.11 -12.36
N PRO E 557 -42.75 -6.38 -12.50
CA PRO E 557 -43.13 -7.39 -11.50
C PRO E 557 -42.72 -7.02 -10.09
N ARG E 558 -41.83 -6.05 -9.89
CA ARG E 558 -41.53 -5.58 -8.54
C ARG E 558 -42.76 -4.97 -7.89
N GLN E 559 -43.58 -4.26 -8.68
CA GLN E 559 -44.79 -3.65 -8.13
C GLN E 559 -45.75 -4.71 -7.60
N LEU E 560 -45.87 -5.84 -8.30
CA LEU E 560 -46.74 -6.91 -7.83
C LEU E 560 -46.28 -7.42 -6.46
N GLU E 561 -44.97 -7.61 -6.30
CA GLU E 561 -44.47 -8.07 -5.02
C GLU E 561 -44.57 -7.01 -3.94
N ALA E 562 -44.58 -5.73 -4.33
CA ALA E 562 -44.83 -4.68 -3.34
C ALA E 562 -46.22 -4.82 -2.74
N LEU E 563 -47.21 -5.17 -3.56
CA LEU E 563 -48.56 -5.36 -3.04
C LEU E 563 -48.59 -6.49 -2.02
N ILE E 564 -47.86 -7.57 -2.28
CA ILE E 564 -47.78 -8.66 -1.31
C ILE E 564 -47.14 -8.17 -0.02
N ARG E 565 -46.05 -7.43 -0.13
CA ARG E 565 -45.36 -6.95 1.08
C ARG E 565 -46.24 -5.99 1.85
N ILE E 566 -46.95 -5.09 1.15
CA ILE E 566 -47.81 -4.14 1.84
C ILE E 566 -48.92 -4.88 2.57
N SER E 567 -49.48 -5.90 1.96
CA SER E 567 -50.58 -6.64 2.59
C SER E 567 -50.13 -7.31 3.88
N GLU E 568 -48.93 -7.90 3.87
CA GLU E 568 -48.44 -8.56 5.06
C GLU E 568 -48.21 -7.56 6.20
N ALA E 569 -47.74 -6.35 5.86
CA ALA E 569 -47.53 -5.34 6.87
C ALA E 569 -48.83 -4.95 7.55
N TYR E 570 -49.91 -4.82 6.78
CA TYR E 570 -51.21 -4.51 7.36
C TYR E 570 -51.67 -5.62 8.29
N ALA E 571 -51.52 -6.87 7.87
CA ALA E 571 -51.86 -7.98 8.74
C ALA E 571 -50.96 -8.01 9.96
N LYS E 572 -49.66 -7.80 9.77
CA LYS E 572 -48.74 -7.77 10.89
C LYS E 572 -49.00 -6.60 11.81
N MET E 573 -49.62 -5.53 11.30
CA MET E 573 -49.84 -4.35 12.13
C MET E 573 -50.88 -4.59 13.20
N ALA E 574 -51.76 -5.58 13.02
CA ALA E 574 -52.74 -5.97 14.03
C ALA E 574 -52.47 -7.37 14.57
N LEU E 575 -51.23 -7.85 14.42
CA LEU E 575 -50.82 -9.16 14.93
C LEU E 575 -51.63 -10.30 14.32
N LYS E 576 -52.21 -10.06 13.14
CA LYS E 576 -53.03 -11.08 12.50
C LYS E 576 -52.14 -12.22 11.99
N ALA E 577 -52.67 -13.43 12.03
CA ALA E 577 -51.92 -14.60 11.61
C ALA E 577 -52.03 -14.89 10.12
N GLU E 578 -52.87 -14.16 9.39
CA GLU E 578 -53.01 -14.39 7.96
C GLU E 578 -53.59 -13.12 7.32
N VAL E 579 -53.48 -13.06 6.00
CA VAL E 579 -53.93 -11.89 5.25
C VAL E 579 -55.34 -12.14 4.75
N THR E 580 -56.27 -11.26 5.15
CA THR E 580 -57.65 -11.35 4.75
C THR E 580 -57.96 -10.30 3.69
N ARG E 581 -59.23 -10.23 3.30
CA ARG E 581 -59.60 -9.35 2.18
C ARG E 581 -59.46 -7.88 2.56
N GLU E 582 -59.68 -7.53 3.83
CA GLU E 582 -59.55 -6.13 4.21
C GLU E 582 -58.11 -5.66 4.11
N ASP E 583 -57.16 -6.54 4.46
CA ASP E 583 -55.76 -6.19 4.32
C ASP E 583 -55.40 -5.95 2.86
N ALA E 584 -55.88 -6.82 1.96
CA ALA E 584 -55.66 -6.61 0.54
C ALA E 584 -56.34 -5.33 0.07
N GLU E 585 -57.56 -5.07 0.54
CA GLU E 585 -58.25 -3.85 0.15
C GLU E 585 -57.48 -2.62 0.59
N ARG E 586 -56.96 -2.64 1.82
CA ARG E 586 -56.17 -1.50 2.29
C ARG E 586 -54.86 -1.40 1.54
N ALA E 587 -54.24 -2.54 1.21
CA ALA E 587 -53.00 -2.52 0.43
C ALA E 587 -53.24 -1.93 -0.94
N ILE E 588 -54.34 -2.31 -1.59
CA ILE E 588 -54.66 -1.75 -2.90
C ILE E 588 -54.95 -0.26 -2.79
N ASN E 589 -55.68 0.14 -1.75
CA ASN E 589 -56.09 1.54 -1.63
C ASN E 589 -54.88 2.46 -1.49
N ILE E 590 -53.90 2.08 -0.68
CA ILE E 590 -52.72 2.92 -0.54
C ILE E 590 -51.90 2.92 -1.83
N MET E 591 -51.89 1.81 -2.56
CA MET E 591 -51.21 1.79 -3.85
C MET E 591 -51.86 2.76 -4.83
N ARG E 592 -53.19 2.86 -4.79
CA ARG E 592 -53.89 3.78 -5.68
C ARG E 592 -53.51 5.22 -5.40
N LEU E 593 -53.40 5.59 -4.13
CA LEU E 593 -53.02 6.96 -3.80
C LEU E 593 -51.61 7.26 -4.27
N PHE E 594 -50.71 6.28 -4.19
CA PHE E 594 -49.37 6.46 -4.71
C PHE E 594 -49.40 6.72 -6.21
N LEU E 595 -50.23 5.98 -6.94
CA LEU E 595 -50.33 6.18 -8.38
C LEU E 595 -50.92 7.54 -8.71
N GLU E 596 -51.96 7.95 -7.99
CA GLU E 596 -52.57 9.25 -8.26
C GLU E 596 -51.60 10.39 -7.97
N SER E 597 -50.82 10.26 -6.89
CA SER E 597 -49.85 11.29 -6.56
C SER E 597 -48.80 11.44 -7.65
N VAL E 598 -48.34 10.32 -8.21
CA VAL E 598 -47.30 10.37 -9.24
C VAL E 598 -47.85 10.77 -10.60
N GLY E 599 -49.17 10.82 -10.76
CA GLY E 599 -49.77 11.26 -12.01
C GLY E 599 -50.44 10.15 -12.81
N VAL E 600 -50.46 8.92 -12.32
CA VAL E 600 -51.15 7.84 -12.99
C VAL E 600 -52.56 7.75 -12.44
N ASP E 601 -53.56 7.77 -13.33
CA ASP E 601 -54.96 7.84 -12.94
C ASP E 601 -55.66 6.55 -13.32
N MET E 602 -56.44 6.00 -12.40
CA MET E 602 -57.17 4.76 -12.63
C MET E 602 -58.68 5.01 -12.62
N ARG F 106 6.73 36.07 40.48
CA ARG F 106 7.70 36.34 39.41
C ARG F 106 7.16 35.87 38.07
N VAL F 107 7.09 36.78 37.11
CA VAL F 107 6.58 36.48 35.78
C VAL F 107 7.76 36.43 34.82
N ILE F 108 7.94 35.29 34.15
CA ILE F 108 9.02 35.09 33.20
C ILE F 108 8.44 34.52 31.92
N GLU F 109 8.83 35.08 30.79
CA GLU F 109 8.40 34.56 29.50
C GLU F 109 9.14 33.26 29.19
N LEU F 110 8.63 32.54 28.19
CA LEU F 110 9.19 31.24 27.84
C LEU F 110 10.58 31.33 27.24
N ARG F 111 11.00 32.50 26.78
CA ARG F 111 12.28 32.65 26.11
C ARG F 111 13.41 33.05 27.03
N LYS F 112 13.14 33.26 28.32
CA LYS F 112 14.12 33.80 29.25
C LYS F 112 14.24 32.93 30.49
N ILE F 113 14.35 31.62 30.30
CA ILE F 113 14.52 30.66 31.39
C ILE F 113 15.92 30.08 31.31
N ARG F 114 16.64 30.12 32.41
CA ARG F 114 17.99 29.58 32.50
C ARG F 114 18.06 28.55 33.63
N SER F 115 19.27 28.03 33.86
CA SER F 115 19.45 27.02 34.89
C SER F 115 19.15 27.58 36.28
N THR F 116 19.38 28.87 36.49
CA THR F 116 19.11 29.47 37.78
C THR F 116 17.63 29.47 38.12
N ASP F 117 16.75 29.42 37.12
CA ASP F 117 15.32 29.47 37.37
C ASP F 117 14.79 28.19 38.00
N ILE F 118 15.50 27.06 37.82
CA ILE F 118 15.02 25.79 38.35
C ILE F 118 15.06 25.83 39.87
N GLY F 119 13.98 25.37 40.50
CA GLY F 119 13.89 25.34 41.94
C GLY F 119 13.22 26.53 42.57
N LYS F 120 12.55 27.37 41.79
CA LYS F 120 11.92 28.57 42.31
C LYS F 120 10.48 28.65 41.81
N LEU F 121 9.61 29.19 42.65
CA LEU F 121 8.21 29.35 42.28
C LEU F 121 8.09 30.53 41.30
N ILE F 122 7.57 30.24 40.11
CA ILE F 122 7.49 31.23 39.05
C ILE F 122 6.08 31.25 38.50
N THR F 123 5.87 32.08 37.47
CA THR F 123 4.57 32.24 36.84
C THR F 123 4.75 32.36 35.34
N ILE F 124 3.94 31.62 34.58
CA ILE F 124 4.00 31.62 33.13
C ILE F 124 2.62 31.89 32.57
N ASP F 125 2.55 32.79 31.59
CA ASP F 125 1.31 33.08 30.89
C ASP F 125 1.43 32.61 29.45
N GLY F 126 0.41 31.91 28.97
CA GLY F 126 0.45 31.38 27.62
C GLY F 126 -0.88 30.80 27.22
N ILE F 127 -0.87 30.08 26.10
CA ILE F 127 -2.07 29.48 25.54
C ILE F 127 -1.91 27.98 25.49
N LEU F 128 -2.97 27.26 25.86
CA LEU F 128 -2.95 25.81 25.82
C LEU F 128 -2.98 25.32 24.38
N VAL F 129 -2.24 24.25 24.11
CA VAL F 129 -2.20 23.62 22.79
C VAL F 129 -2.60 22.15 22.87
N LYS F 130 -2.03 21.42 23.81
CA LYS F 130 -2.25 19.98 23.93
C LYS F 130 -2.70 19.64 25.34
N VAL F 131 -3.68 18.75 25.44
CA VAL F 131 -4.16 18.24 26.72
C VAL F 131 -4.35 16.73 26.59
N THR F 132 -3.75 15.98 27.49
CA THR F 132 -3.85 14.53 27.50
C THR F 132 -5.08 14.08 28.27
N PRO F 133 -5.54 12.86 28.06
CA PRO F 133 -6.58 12.29 28.92
C PRO F 133 -6.06 12.08 30.34
N VAL F 134 -6.99 12.05 31.28
CA VAL F 134 -6.63 11.90 32.68
C VAL F 134 -6.04 10.52 32.92
N LYS F 135 -4.93 10.47 33.64
CA LYS F 135 -4.26 9.23 33.99
C LYS F 135 -4.19 9.10 35.51
N GLU F 136 -3.50 8.06 35.97
CA GLU F 136 -3.30 7.82 37.39
C GLU F 136 -1.83 7.56 37.65
N ARG F 137 -1.28 8.26 38.63
CA ARG F 137 0.13 8.11 39.00
C ARG F 137 0.24 7.51 40.39
N ILE F 138 1.15 6.56 40.54
CA ILE F 138 1.39 5.90 41.82
C ILE F 138 2.34 6.76 42.64
N TYR F 139 1.97 7.01 43.89
CA TYR F 139 2.86 7.67 44.83
C TYR F 139 3.18 6.82 46.06
N LYS F 140 2.51 5.68 46.23
CA LYS F 140 2.83 4.74 47.31
C LYS F 140 2.36 3.37 46.85
N ALA F 141 3.30 2.53 46.43
CA ALA F 141 2.99 1.23 45.86
C ALA F 141 3.20 0.14 46.89
N THR F 142 2.26 -0.80 46.92
CA THR F 142 2.34 -1.96 47.80
C THR F 142 2.86 -3.16 47.01
N TYR F 143 3.99 -3.70 47.45
CA TYR F 143 4.64 -4.82 46.77
C TYR F 143 4.60 -6.05 47.65
N LYS F 144 4.25 -7.18 47.05
CA LYS F 144 4.27 -8.46 47.73
C LYS F 144 5.46 -9.28 47.24
N HIS F 145 6.27 -9.77 48.17
CA HIS F 145 7.45 -10.54 47.83
C HIS F 145 7.02 -11.95 47.44
N ILE F 146 7.15 -12.28 46.16
CA ILE F 146 6.79 -13.60 45.65
C ILE F 146 8.01 -14.48 45.86
N HIS F 147 8.13 -15.03 47.06
CA HIS F 147 9.19 -15.95 47.42
C HIS F 147 8.57 -17.18 48.08
N PRO F 148 9.15 -18.36 47.86
CA PRO F 148 8.56 -19.58 48.44
C PRO F 148 8.48 -19.56 49.95
N ASP F 149 9.00 -18.50 50.58
CA ASP F 149 9.04 -18.41 52.03
C ASP F 149 8.46 -17.12 52.60
N CYS F 150 8.29 -16.07 51.81
CA CYS F 150 7.92 -14.78 52.38
C CYS F 150 6.41 -14.56 52.39
N MET F 151 5.78 -14.54 51.22
CA MET F 151 4.36 -14.18 51.11
C MET F 151 4.04 -12.91 51.87
N GLN F 152 4.94 -11.94 51.78
CA GLN F 152 4.84 -10.72 52.56
C GLN F 152 4.66 -9.53 51.63
N GLU F 153 3.76 -8.62 52.02
CA GLU F 153 3.48 -7.41 51.26
C GLU F 153 3.89 -6.19 52.07
N PHE F 154 4.29 -5.14 51.35
CA PHE F 154 4.82 -3.95 51.99
C PHE F 154 4.77 -2.81 50.98
N GLU F 155 5.02 -1.60 51.47
CA GLU F 155 5.12 -0.41 50.63
C GLU F 155 6.59 -0.14 50.38
N TRP F 156 7.02 -0.26 49.12
CA TRP F 156 8.44 -0.13 48.82
C TRP F 156 9.02 1.23 49.14
N PRO F 157 8.41 2.36 48.76
CA PRO F 157 9.02 3.63 49.13
C PRO F 157 8.74 4.02 50.57
N GLU F 158 9.55 3.50 51.50
CA GLU F 158 9.40 3.91 52.89
C GLU F 158 9.87 5.34 53.07
N ASP F 159 9.20 6.07 53.95
CA ASP F 159 9.55 7.43 54.36
C ASP F 159 9.52 8.44 53.22
N GLU F 160 9.03 8.06 52.04
CA GLU F 160 8.94 9.00 50.93
C GLU F 160 7.93 8.49 49.93
N GLU F 161 7.46 9.39 49.08
CA GLU F 161 6.54 9.00 48.02
C GLU F 161 7.31 8.32 46.89
N MET F 162 6.56 7.65 46.04
CA MET F 162 7.16 7.01 44.87
C MET F 162 7.69 8.08 43.95
N PRO F 163 8.97 8.04 43.56
CA PRO F 163 9.49 9.07 42.66
C PRO F 163 8.88 8.95 41.27
N GLU F 164 9.20 9.93 40.43
CA GLU F 164 8.68 9.94 39.07
C GLU F 164 9.14 8.73 38.27
N VAL F 165 10.23 8.09 38.69
CA VAL F 165 10.72 6.88 38.05
C VAL F 165 10.34 5.68 38.91
N LEU F 166 9.71 4.69 38.30
CA LEU F 166 9.32 3.50 39.02
C LEU F 166 10.56 2.71 39.42
N GLU F 167 10.64 2.35 40.71
CA GLU F 167 11.79 1.64 41.24
C GLU F 167 11.36 0.29 41.78
N MET F 168 12.06 -0.76 41.32
CA MET F 168 11.78 -2.11 41.76
C MET F 168 12.55 -2.39 43.04
N PRO F 169 11.89 -2.75 44.14
CA PRO F 169 12.63 -3.20 45.32
C PRO F 169 13.52 -4.38 44.99
N THR F 170 14.74 -4.37 45.53
CA THR F 170 15.71 -5.43 45.27
C THR F 170 15.87 -6.39 46.44
N ILE F 171 15.70 -5.92 47.67
CA ILE F 171 15.82 -6.74 48.86
C ILE F 171 14.53 -6.60 49.65
N CYS F 172 13.88 -7.72 49.92
CA CYS F 172 12.63 -7.68 50.66
C CYS F 172 12.90 -7.28 52.09
N PRO F 173 12.36 -6.16 52.58
CA PRO F 173 12.62 -5.77 53.97
C PRO F 173 12.14 -6.79 54.98
N LYS F 174 11.07 -7.53 54.67
CA LYS F 174 10.54 -8.50 55.63
C LYS F 174 11.48 -9.67 55.82
N CYS F 175 12.19 -10.10 54.77
CA CYS F 175 13.06 -11.26 54.87
C CYS F 175 14.51 -10.98 54.50
N GLY F 176 14.82 -9.85 53.87
CA GLY F 176 16.21 -9.50 53.64
C GLY F 176 16.89 -10.22 52.51
N LYS F 177 16.16 -10.97 51.69
CA LYS F 177 16.78 -11.68 50.58
C LYS F 177 16.08 -11.31 49.28
N PRO F 178 16.81 -11.25 48.18
CA PRO F 178 16.21 -10.89 46.90
C PRO F 178 15.29 -11.99 46.38
N GLY F 179 14.35 -11.57 45.52
CA GLY F 179 13.41 -12.51 44.94
C GLY F 179 12.50 -11.87 43.93
N GLN F 180 11.24 -12.32 43.89
CA GLN F 180 10.24 -11.80 42.98
C GLN F 180 9.24 -10.95 43.75
N PHE F 181 8.88 -9.81 43.18
CA PHE F 181 7.94 -8.88 43.80
C PHE F 181 6.80 -8.60 42.83
N ARG F 182 5.57 -8.75 43.32
CA ARG F 182 4.37 -8.52 42.53
C ARG F 182 3.63 -7.33 43.11
N LEU F 183 3.28 -6.38 42.25
CA LEU F 183 2.52 -5.21 42.67
C LEU F 183 1.12 -5.61 43.11
N ILE F 184 0.60 -4.88 44.09
CA ILE F 184 -0.75 -5.12 44.59
C ILE F 184 -1.60 -3.90 44.31
N PRO F 185 -2.33 -3.88 43.20
CA PRO F 185 -3.11 -2.68 42.85
C PRO F 185 -4.16 -2.31 43.89
N GLU F 186 -4.71 -3.29 44.60
CA GLU F 186 -5.76 -3.00 45.57
C GLU F 186 -5.26 -2.10 46.69
N LYS F 187 -4.05 -2.37 47.18
CA LYS F 187 -3.46 -1.57 48.25
C LYS F 187 -2.63 -0.41 47.73
N THR F 188 -2.43 -0.31 46.43
CA THR F 188 -1.65 0.79 45.86
C THR F 188 -2.45 2.08 45.95
N LYS F 189 -1.75 3.17 46.24
CA LYS F 189 -2.36 4.49 46.36
C LYS F 189 -2.05 5.30 45.11
N LEU F 190 -3.07 5.95 44.55
CA LEU F 190 -2.96 6.62 43.27
C LEU F 190 -3.24 8.11 43.41
N ILE F 191 -2.83 8.86 42.40
CA ILE F 191 -3.09 10.29 42.30
C ILE F 191 -3.54 10.61 40.89
N ASP F 192 -4.57 11.45 40.77
CA ASP F 192 -5.02 11.90 39.47
C ASP F 192 -3.89 12.62 38.74
N TRP F 193 -3.71 12.31 37.47
CA TRP F 193 -2.59 12.81 36.69
C TRP F 193 -3.09 13.37 35.37
N GLN F 194 -2.38 14.39 34.88
CA GLN F 194 -2.77 15.08 33.66
C GLN F 194 -1.59 15.88 33.14
N LYS F 195 -1.34 15.79 31.84
CA LYS F 195 -0.23 16.47 31.20
C LYS F 195 -0.74 17.39 30.10
N ALA F 196 -0.18 18.59 30.02
CA ALA F 196 -0.60 19.56 29.04
C ALA F 196 0.63 20.28 28.48
N VAL F 197 0.46 20.86 27.30
CA VAL F 197 1.51 21.61 26.61
C VAL F 197 0.99 23.02 26.35
N ILE F 198 1.79 24.01 26.71
CA ILE F 198 1.42 25.40 26.52
C ILE F 198 2.40 26.05 25.55
N GLN F 199 1.97 27.17 24.97
CA GLN F 199 2.77 27.91 24.00
C GLN F 199 2.65 29.40 24.31
N GLU F 200 3.73 30.12 24.06
CA GLU F 200 3.73 31.56 24.28
C GLU F 200 2.80 32.26 23.30
N ARG F 201 2.23 33.38 23.74
CA ARG F 201 1.32 34.13 22.89
C ARG F 201 2.06 34.68 21.67
N PRO F 202 1.50 34.56 20.48
CA PRO F 202 2.24 34.96 19.26
C PRO F 202 2.58 36.44 19.23
N GLU F 203 1.82 37.29 19.92
CA GLU F 203 2.13 38.71 19.93
C GLU F 203 3.47 38.99 20.61
N GLU F 204 3.77 38.24 21.68
CA GLU F 204 5.05 38.40 22.35
C GLU F 204 6.17 37.63 21.65
N VAL F 205 5.84 36.75 20.73
CA VAL F 205 6.86 35.99 19.99
C VAL F 205 7.56 36.92 19.00
N PRO F 206 8.88 36.99 18.99
CA PRO F 206 9.57 37.75 17.93
C PRO F 206 9.21 37.19 16.56
N SER F 207 9.12 38.10 15.59
CA SER F 207 8.70 37.71 14.25
C SER F 207 9.80 36.91 13.54
N GLY F 208 9.38 35.92 12.75
CA GLY F 208 10.26 35.19 11.89
C GLY F 208 10.67 33.81 12.36
N GLN F 209 10.46 33.49 13.64
CA GLN F 209 10.86 32.20 14.18
C GLN F 209 9.72 31.58 14.98
N LEU F 210 9.76 30.25 15.07
CA LEU F 210 8.68 29.49 15.67
C LEU F 210 8.65 29.70 17.19
N PRO F 211 7.48 29.96 17.77
CA PRO F 211 7.40 30.09 19.23
C PRO F 211 7.76 28.78 19.93
N ARG F 212 8.32 28.93 21.13
CA ARG F 212 8.74 27.80 21.94
C ARG F 212 7.63 27.40 22.90
N GLN F 213 7.53 26.10 23.17
CA GLN F 213 6.49 25.54 24.00
C GLN F 213 7.06 25.07 25.34
N LEU F 214 6.19 24.51 26.16
CA LEU F 214 6.58 23.99 27.47
C LEU F 214 5.57 22.94 27.91
N GLU F 215 6.05 21.98 28.69
CA GLU F 215 5.23 20.91 29.20
C GLU F 215 4.85 21.18 30.66
N ILE F 216 3.57 21.02 30.97
CA ILE F 216 3.08 21.23 32.33
C ILE F 216 2.30 19.99 32.77
N ILE F 217 2.24 19.80 34.09
CA ILE F 217 1.61 18.64 34.68
C ILE F 217 0.52 19.11 35.62
N LEU F 218 -0.71 18.66 35.38
CA LEU F 218 -1.83 18.94 36.25
C LEU F 218 -2.04 17.74 37.16
N GLU F 219 -2.15 17.99 38.46
CA GLU F 219 -2.21 16.94 39.46
C GLU F 219 -3.45 17.11 40.32
N ASP F 220 -4.17 16.02 40.53
CA ASP F 220 -5.29 15.94 41.47
C ASP F 220 -6.38 16.91 41.04
N ASP F 221 -6.83 17.83 41.89
CA ASP F 221 -7.95 18.70 41.55
C ASP F 221 -7.63 19.64 40.39
N LEU F 222 -6.36 19.89 40.12
CA LEU F 222 -5.98 20.77 39.02
C LEU F 222 -6.30 20.17 37.65
N VAL F 223 -6.63 18.88 37.60
CA VAL F 223 -6.93 18.22 36.34
C VAL F 223 -8.20 18.81 35.73
N ASP F 224 -8.19 18.96 34.40
CA ASP F 224 -9.35 19.46 33.66
C ASP F 224 -9.76 20.85 34.12
N SER F 225 -8.79 21.69 34.43
CA SER F 225 -9.03 23.08 34.80
C SER F 225 -8.91 24.03 33.63
N ALA F 226 -8.67 23.53 32.42
CA ALA F 226 -8.51 24.39 31.25
C ALA F 226 -8.81 23.59 30.01
N ARG F 227 -8.80 24.27 28.87
CA ARG F 227 -9.07 23.69 27.57
C ARG F 227 -8.04 24.22 26.58
N PRO F 228 -7.81 23.50 25.48
CA PRO F 228 -6.83 23.96 24.50
C PRO F 228 -7.24 25.29 23.88
N GLY F 229 -6.23 26.07 23.50
CA GLY F 229 -6.46 27.36 22.88
C GLY F 229 -7.08 28.40 23.78
N ASP F 230 -6.61 28.49 25.03
CA ASP F 230 -7.09 29.50 25.97
C ASP F 230 -5.89 30.16 26.64
N ARG F 231 -5.93 31.48 26.73
CA ARG F 231 -4.87 32.22 27.40
C ARG F 231 -5.01 32.05 28.90
N VAL F 232 -3.99 31.47 29.53
CA VAL F 232 -4.04 31.14 30.95
C VAL F 232 -2.78 31.65 31.63
N LYS F 233 -2.79 31.57 32.96
CA LYS F 233 -1.64 31.90 33.80
C LYS F 233 -1.43 30.76 34.79
N VAL F 234 -0.19 30.28 34.89
CA VAL F 234 0.10 29.11 35.71
C VAL F 234 1.13 29.49 36.77
N THR F 235 1.28 28.60 37.75
CA THR F 235 2.23 28.79 38.83
C THR F 235 2.71 27.43 39.30
N GLY F 236 3.99 27.35 39.66
CA GLY F 236 4.56 26.09 40.10
C GLY F 236 6.08 26.15 40.04
N ILE F 237 6.69 24.96 40.05
CA ILE F 237 8.13 24.83 40.10
C ILE F 237 8.62 24.20 38.80
N LEU F 238 9.85 24.52 38.44
CA LEU F 238 10.50 23.97 37.26
C LEU F 238 11.39 22.79 37.66
N ASP F 239 11.44 21.80 36.77
CA ASP F 239 12.25 20.62 37.02
C ASP F 239 12.62 19.99 35.69
N ILE F 240 13.62 19.12 35.73
CA ILE F 240 14.14 18.45 34.54
C ILE F 240 13.41 17.14 34.33
N LYS F 241 12.96 16.89 33.11
CA LYS F 241 12.26 15.67 32.79
C LYS F 241 13.20 14.47 32.81
N GLN F 242 12.64 13.30 33.13
CA GLN F 242 13.38 12.05 33.11
C GLN F 242 12.61 11.07 32.24
N ASP F 243 13.28 10.54 31.21
CA ASP F 243 12.66 9.62 30.27
C ASP F 243 13.13 8.18 30.47
N SER F 244 14.43 7.94 30.48
CA SER F 244 14.99 6.61 30.72
C SER F 244 16.33 6.76 31.42
N PRO F 245 16.32 7.09 32.72
CA PRO F 245 17.58 7.28 33.43
C PRO F 245 18.43 6.02 33.49
N VAL F 246 17.80 4.84 33.54
CA VAL F 246 18.56 3.60 33.56
C VAL F 246 19.30 3.41 32.24
N LYS F 247 18.66 3.74 31.12
CA LYS F 247 19.28 3.57 29.82
C LYS F 247 20.50 4.47 29.67
N ARG F 248 21.57 3.89 29.14
CA ARG F 248 22.81 4.61 28.91
C ARG F 248 22.79 5.22 27.51
N GLY F 249 23.94 5.71 27.06
CA GLY F 249 24.03 6.33 25.75
C GLY F 249 24.38 7.81 25.85
N SER F 250 25.17 8.16 26.85
CA SER F 250 25.59 9.54 27.10
C SER F 250 24.34 10.37 27.35
N ARG F 251 24.20 11.56 26.74
CA ARG F 251 23.01 12.39 26.87
C ARG F 251 22.73 12.74 28.32
N ALA F 252 23.66 13.48 28.91
CA ALA F 252 23.49 14.05 30.23
C ALA F 252 22.64 15.32 30.22
N VAL F 253 21.91 15.55 29.14
CA VAL F 253 21.06 16.72 29.00
C VAL F 253 19.61 16.30 29.22
N PHE F 254 18.80 17.25 29.67
CA PHE F 254 17.39 17.00 29.90
C PHE F 254 16.58 18.23 29.53
N ASP F 255 15.30 18.01 29.25
CA ASP F 255 14.37 19.09 28.97
C ASP F 255 13.91 19.69 30.31
N ILE F 256 12.90 20.55 30.24
CA ILE F 256 12.35 21.19 31.43
C ILE F 256 10.84 21.00 31.42
N TYR F 257 10.31 20.45 32.50
CA TYR F 257 8.88 20.31 32.68
C TYR F 257 8.45 21.11 33.91
N MET F 258 7.23 21.62 33.87
CA MET F 258 6.78 22.67 34.77
C MET F 258 5.57 22.13 35.54
N LYS F 259 5.80 21.64 36.74
CA LYS F 259 4.70 21.17 37.57
C LYS F 259 3.86 22.35 38.03
N VAL F 260 2.55 22.17 38.05
CA VAL F 260 1.60 23.25 38.25
C VAL F 260 1.07 23.21 39.67
N SER F 261 1.07 24.36 40.34
CA SER F 261 0.46 24.50 41.65
C SER F 261 -0.78 25.38 41.65
N SER F 262 -0.90 26.29 40.69
CA SER F 262 -2.07 27.15 40.59
C SER F 262 -2.28 27.52 39.13
N ILE F 263 -3.48 27.28 38.61
CA ILE F 263 -3.81 27.53 37.22
C ILE F 263 -5.01 28.48 37.17
N GLU F 264 -4.86 29.56 36.40
CA GLU F 264 -5.92 30.55 36.22
C GLU F 264 -6.17 30.74 34.73
N VAL F 265 -7.43 30.61 34.33
CA VAL F 265 -7.83 30.75 32.93
C VAL F 265 -8.26 32.20 32.72
N SER F 266 -7.64 32.86 31.75
CA SER F 266 -7.94 34.25 31.41
C SER F 266 -7.81 35.16 32.61
N SER F 273 -19.18 38.92 40.51
CA SER F 273 -19.95 37.71 40.77
C SER F 273 -21.36 38.03 41.24
N GLU F 274 -21.45 38.69 42.40
CA GLU F 274 -22.74 39.08 42.96
C GLU F 274 -23.19 40.46 42.49
N GLU F 275 -22.39 41.13 41.66
CA GLU F 275 -22.72 42.47 41.17
C GLU F 275 -23.33 42.46 39.78
N ASP F 276 -23.06 41.44 38.97
CA ASP F 276 -23.49 41.47 37.57
C ASP F 276 -25.01 41.46 37.44
N GLU F 277 -25.69 40.63 38.23
CA GLU F 277 -27.15 40.60 38.14
C GLU F 277 -27.75 41.94 38.58
N LYS F 278 -27.18 42.55 39.61
CA LYS F 278 -27.59 43.89 39.99
C LYS F 278 -27.30 44.88 38.87
N LYS F 279 -26.14 44.74 38.22
CA LYS F 279 -25.82 45.54 37.05
C LYS F 279 -26.70 45.20 35.86
N ILE F 280 -27.44 44.11 35.93
CA ILE F 280 -28.28 43.65 34.82
C ILE F 280 -29.76 43.88 35.13
N LYS F 281 -30.21 43.47 36.32
CA LYS F 281 -31.63 43.57 36.65
C LYS F 281 -32.11 45.02 36.60
N ASP F 282 -31.25 45.97 36.95
CA ASP F 282 -31.62 47.38 36.85
C ASP F 282 -31.88 47.77 35.40
N LEU F 283 -31.07 47.27 34.47
CA LEU F 283 -31.25 47.60 33.07
C LEU F 283 -32.60 47.09 32.56
N ALA F 284 -33.00 45.90 33.02
CA ALA F 284 -34.30 45.36 32.63
C ALA F 284 -35.44 46.23 33.15
N LYS F 285 -35.19 47.00 34.23
CA LYS F 285 -36.22 47.89 34.73
C LYS F 285 -36.50 49.03 33.77
N ASP F 286 -35.52 49.39 32.95
CA ASP F 286 -35.72 50.44 31.96
C ASP F 286 -36.76 49.98 30.93
N PRO F 287 -37.84 50.74 30.71
CA PRO F 287 -38.86 50.31 29.75
C PRO F 287 -38.42 50.41 28.30
N TRP F 288 -37.26 51.01 28.02
CA TRP F 288 -36.75 51.15 26.67
C TRP F 288 -35.34 50.58 26.53
N ILE F 289 -35.03 49.56 27.34
CA ILE F 289 -33.71 48.94 27.29
C ILE F 289 -33.48 48.27 25.95
N ARG F 290 -34.53 47.77 25.31
CA ARG F 290 -34.38 47.11 24.02
C ARG F 290 -33.75 48.06 23.00
N ASP F 291 -34.27 49.29 22.92
CA ASP F 291 -33.69 50.25 21.99
C ASP F 291 -32.29 50.65 22.42
N ARG F 292 -32.00 50.62 23.73
CA ARG F 292 -30.63 50.80 24.18
C ARG F 292 -29.73 49.70 23.66
N ILE F 293 -30.23 48.46 23.64
CA ILE F 293 -29.47 47.35 23.08
C ILE F 293 -29.21 47.57 21.60
N ILE F 294 -30.22 48.01 20.86
CA ILE F 294 -30.06 48.24 19.43
C ILE F 294 -29.01 49.31 19.19
N SER F 295 -29.09 50.41 19.94
CA SER F 295 -28.07 51.46 19.83
C SER F 295 -26.72 50.98 20.32
N SER F 296 -26.71 50.09 21.32
CA SER F 296 -25.45 49.54 21.81
C SER F 296 -24.73 48.75 20.74
N ILE F 297 -25.47 47.98 19.93
CA ILE F 297 -24.87 47.14 18.91
C ILE F 297 -24.21 48.00 17.85
N ALA F 298 -22.96 47.65 17.51
CA ALA F 298 -22.17 48.34 16.49
C ALA F 298 -22.08 49.83 16.78
N PRO F 299 -21.39 50.24 17.85
CA PRO F 299 -21.27 51.68 18.12
C PRO F 299 -20.57 52.45 17.01
N SER F 300 -19.59 51.82 16.35
CA SER F 300 -18.79 52.50 15.33
C SER F 300 -19.46 52.50 13.95
N ILE F 301 -20.76 52.24 13.87
CA ILE F 301 -21.47 52.20 12.60
C ILE F 301 -22.68 53.12 12.70
N TYR F 302 -22.86 53.96 11.69
CA TYR F 302 -23.99 54.87 11.62
C TYR F 302 -25.16 54.21 10.90
N GLY F 303 -26.37 54.45 11.41
CA GLY F 303 -27.56 53.93 10.76
C GLY F 303 -27.64 52.41 10.83
N HIS F 304 -28.35 51.84 9.85
CA HIS F 304 -28.56 50.39 9.76
C HIS F 304 -29.17 49.85 11.06
N TRP F 305 -30.18 50.57 11.56
CA TRP F 305 -30.85 50.14 12.79
C TRP F 305 -31.54 48.80 12.60
N GLU F 306 -32.16 48.59 11.43
CA GLU F 306 -32.75 47.30 11.14
C GLU F 306 -31.69 46.20 11.11
N LEU F 307 -30.52 46.51 10.56
CA LEU F 307 -29.43 45.54 10.56
C LEU F 307 -28.90 45.32 11.97
N LYS F 308 -28.71 46.40 12.74
CA LYS F 308 -28.25 46.25 14.11
C LYS F 308 -29.26 45.47 14.94
N GLU F 309 -30.56 45.71 14.71
CA GLU F 309 -31.59 44.97 15.43
C GLU F 309 -31.50 43.48 15.14
N ALA F 310 -31.09 43.11 13.92
CA ALA F 310 -30.96 41.70 13.58
C ALA F 310 -29.87 41.02 14.41
N LEU F 311 -28.71 41.68 14.54
CA LEU F 311 -27.62 41.08 15.28
C LEU F 311 -27.96 40.90 16.75
N ALA F 312 -28.74 41.83 17.32
CA ALA F 312 -29.20 41.66 18.69
C ALA F 312 -30.07 40.43 18.81
N LEU F 313 -30.94 40.20 17.84
CA LEU F 313 -31.81 39.03 17.86
C LEU F 313 -31.00 37.74 17.81
N ALA F 314 -29.97 37.70 16.96
CA ALA F 314 -29.18 36.49 16.81
C ALA F 314 -28.43 36.14 18.09
N LEU F 315 -27.88 37.15 18.78
CA LEU F 315 -27.12 36.88 19.99
C LEU F 315 -28.00 36.26 21.07
N PHE F 316 -29.24 36.73 21.20
CA PHE F 316 -30.14 36.17 22.19
C PHE F 316 -30.70 34.84 21.73
N GLY F 317 -31.44 34.85 20.62
CA GLY F 317 -31.97 33.62 20.05
C GLY F 317 -33.15 33.06 20.81
N GLY F 318 -34.12 32.51 20.09
CA GLY F 318 -35.29 31.95 20.73
C GLY F 318 -34.95 30.68 21.50
N VAL F 319 -35.89 30.29 22.35
CA VAL F 319 -35.69 29.07 23.15
C VAL F 319 -35.84 27.85 22.25
N PRO F 320 -34.99 26.84 22.39
CA PRO F 320 -35.19 25.59 21.64
C PRO F 320 -36.12 24.64 22.38
N LYS F 321 -36.99 24.00 21.60
CA LYS F 321 -38.00 23.12 22.16
C LYS F 321 -37.58 21.66 21.98
N VAL F 322 -37.55 20.93 23.08
CA VAL F 322 -37.22 19.51 23.08
C VAL F 322 -38.43 18.73 23.56
N LEU F 323 -38.86 17.76 22.77
CA LEU F 323 -40.02 16.95 23.08
C LEU F 323 -39.62 15.48 23.12
N GLU F 324 -40.58 14.63 23.45
CA GLU F 324 -40.33 13.19 23.45
C GLU F 324 -40.06 12.68 22.03
N ASP F 325 -40.80 13.18 21.05
CA ASP F 325 -40.70 12.67 19.69
C ASP F 325 -39.71 13.47 18.84
N THR F 326 -39.86 14.78 18.77
CA THR F 326 -39.07 15.62 17.87
C THR F 326 -38.27 16.64 18.68
N ARG F 327 -37.58 17.51 17.95
CA ARG F 327 -36.79 18.57 18.54
C ARG F 327 -36.75 19.75 17.57
N ILE F 328 -36.95 20.96 18.10
CA ILE F 328 -37.06 22.16 17.29
C ILE F 328 -35.89 23.07 17.61
N ARG F 329 -35.20 23.55 16.57
CA ARG F 329 -34.09 24.47 16.76
C ARG F 329 -34.57 25.81 17.29
N GLY F 330 -33.81 26.36 18.23
CA GLY F 330 -34.17 27.66 18.80
C GLY F 330 -33.31 28.81 18.31
N ASP F 331 -32.22 28.50 17.62
CA ASP F 331 -31.31 29.54 17.15
C ASP F 331 -31.91 30.28 15.96
N ILE F 332 -31.34 31.45 15.68
CA ILE F 332 -31.81 32.32 14.60
C ILE F 332 -30.64 32.56 13.65
N HIS F 333 -30.88 32.34 12.36
CA HIS F 333 -29.87 32.47 11.33
C HIS F 333 -30.13 33.73 10.50
N ILE F 334 -29.10 34.54 10.31
CA ILE F 334 -29.22 35.83 9.64
C ILE F 334 -28.28 35.86 8.44
N LEU F 335 -28.81 36.25 7.29
CA LEU F 335 -28.02 36.44 6.08
C LEU F 335 -28.18 37.88 5.61
N ILE F 336 -27.06 38.52 5.29
CA ILE F 336 -27.09 39.85 4.69
C ILE F 336 -26.12 39.89 3.51
N ILE F 337 -26.39 40.81 2.59
CA ILE F 337 -25.61 40.96 1.36
C ILE F 337 -25.09 42.39 1.30
N GLY F 338 -23.80 42.54 1.09
CA GLY F 338 -23.19 43.85 1.00
C GLY F 338 -22.30 43.96 -0.22
N ASP F 339 -22.24 45.17 -0.76
CA ASP F 339 -21.36 45.45 -1.89
C ASP F 339 -19.90 45.38 -1.45
N PRO F 340 -18.99 45.12 -2.38
CA PRO F 340 -17.57 45.11 -2.01
C PRO F 340 -17.14 46.47 -1.48
N GLY F 341 -16.30 46.44 -0.44
CA GLY F 341 -15.83 47.65 0.19
C GLY F 341 -16.78 48.28 1.17
N THR F 342 -17.95 47.68 1.42
CA THR F 342 -18.90 48.22 2.38
C THR F 342 -18.53 47.90 3.83
N ALA F 343 -17.31 47.42 4.06
CA ALA F 343 -16.78 47.19 5.41
C ALA F 343 -17.68 46.24 6.21
N LYS F 344 -18.01 45.12 5.59
CA LYS F 344 -18.81 44.09 6.24
C LYS F 344 -18.00 43.23 7.19
N SER F 345 -16.68 43.42 7.25
CA SER F 345 -15.83 42.67 8.15
C SER F 345 -15.60 43.36 9.49
N GLN F 346 -16.19 44.55 9.69
CA GLN F 346 -15.98 45.28 10.93
C GLN F 346 -16.89 44.74 12.04
N MET F 347 -18.20 44.74 11.80
CA MET F 347 -19.12 44.17 12.77
C MET F 347 -18.87 42.67 12.96
N LEU F 348 -18.45 41.98 11.89
CA LEU F 348 -18.09 40.58 12.02
C LEU F 348 -16.91 40.41 12.96
N GLN F 349 -15.90 41.28 12.83
CA GLN F 349 -14.84 41.31 13.84
C GLN F 349 -15.40 41.72 15.20
N PHE F 350 -16.30 42.69 15.22
CA PHE F 350 -16.88 43.15 16.47
C PHE F 350 -17.73 42.07 17.13
N ILE F 351 -18.54 41.36 16.35
CA ILE F 351 -19.45 40.38 16.93
C ILE F 351 -18.67 39.23 17.58
N SER F 352 -17.48 38.94 17.07
CA SER F 352 -16.66 37.90 17.67
C SER F 352 -16.23 38.27 19.08
N ARG F 353 -15.84 39.54 19.29
CA ARG F 353 -15.36 39.97 20.60
C ARG F 353 -16.47 39.90 21.64
N VAL F 354 -17.64 40.42 21.32
CA VAL F 354 -18.72 40.47 22.30
C VAL F 354 -19.24 39.08 22.62
N ALA F 355 -19.31 38.21 21.62
CA ALA F 355 -19.84 36.87 21.83
C ALA F 355 -18.89 36.05 22.69
N PRO F 356 -19.40 35.35 23.71
CA PRO F 356 -18.50 34.53 24.54
C PRO F 356 -17.79 33.43 23.77
N ARG F 357 -18.44 32.83 22.77
CA ARG F 357 -17.84 31.75 21.98
C ARG F 357 -18.32 31.88 20.55
N ALA F 358 -17.39 32.15 19.63
CA ALA F 358 -17.74 32.29 18.23
C ALA F 358 -16.54 31.94 17.37
N VAL F 359 -16.83 31.58 16.12
CA VAL F 359 -15.81 31.27 15.12
C VAL F 359 -16.14 32.03 13.85
N TYR F 360 -15.13 32.21 13.01
CA TYR F 360 -15.29 32.94 11.75
C TYR F 360 -14.69 32.13 10.61
N THR F 361 -15.34 32.18 9.45
CA THR F 361 -14.84 31.51 8.26
C THR F 361 -15.28 32.30 7.04
N THR F 362 -14.59 32.06 5.92
CA THR F 362 -14.86 32.71 4.66
C THR F 362 -15.32 31.68 3.63
N GLY F 363 -16.19 32.13 2.72
CA GLY F 363 -16.73 31.21 1.73
C GLY F 363 -15.67 30.65 0.79
N LYS F 364 -14.83 31.53 0.26
CA LYS F 364 -13.82 31.08 -0.70
C LYS F 364 -12.78 30.18 -0.03
N GLY F 365 -12.48 30.42 1.25
CA GLY F 365 -11.53 29.60 1.98
C GLY F 365 -12.10 28.32 2.55
N SER F 366 -13.37 28.04 2.33
CA SER F 366 -14.02 26.85 2.87
C SER F 366 -14.75 26.11 1.76
N THR F 367 -14.99 24.82 2.00
CA THR F 367 -15.70 23.99 1.04
C THR F 367 -16.79 23.18 1.72
N ALA F 368 -17.39 22.24 0.98
CA ALA F 368 -18.43 21.39 1.58
C ALA F 368 -17.86 20.54 2.70
N ALA F 369 -16.68 19.95 2.49
CA ALA F 369 -16.09 19.09 3.50
C ALA F 369 -15.47 19.88 4.65
N GLY F 370 -14.87 21.03 4.35
CA GLY F 370 -14.19 21.81 5.38
C GLY F 370 -15.11 22.55 6.33
N LEU F 371 -16.40 22.63 6.00
CA LEU F 371 -17.36 23.34 6.84
C LEU F 371 -18.01 22.42 7.87
N THR F 372 -18.48 21.26 7.44
CA THR F 372 -19.23 20.36 8.32
C THR F 372 -18.31 19.34 9.00
N ALA F 373 -17.63 18.51 8.21
CA ALA F 373 -16.73 17.48 8.71
C ALA F 373 -16.02 16.85 7.53
N ALA F 374 -14.88 16.22 7.82
CA ALA F 374 -14.10 15.57 6.79
C ALA F 374 -13.30 14.42 7.38
N VAL F 375 -12.88 13.50 6.52
CA VAL F 375 -12.08 12.35 6.91
C VAL F 375 -10.73 12.44 6.23
N VAL F 376 -9.66 12.38 7.02
CA VAL F 376 -8.28 12.49 6.54
C VAL F 376 -7.39 11.54 7.33
N ARG F 377 -6.15 11.41 6.86
CA ARG F 377 -5.13 10.62 7.53
C ARG F 377 -3.86 11.46 7.68
N GLU F 378 -3.23 11.37 8.83
CA GLU F 378 -2.05 12.17 9.13
C GLU F 378 -0.79 11.47 8.63
N LYS F 379 0.24 12.28 8.39
CA LYS F 379 1.53 11.73 7.92
C LYS F 379 2.15 10.80 8.95
N GLY F 380 2.08 11.19 10.23
CA GLY F 380 2.70 10.38 11.27
C GLY F 380 2.08 9.01 11.43
N THR F 381 0.75 8.92 11.25
CA THR F 381 0.02 7.68 11.45
C THR F 381 -0.51 7.08 10.16
N GLY F 382 -1.21 7.87 9.35
CA GLY F 382 -1.85 7.35 8.16
C GLY F 382 -3.21 6.72 8.39
N GLU F 383 -3.68 6.69 9.64
CA GLU F 383 -4.98 6.12 9.95
C GLU F 383 -6.09 7.11 9.61
N TYR F 384 -7.19 6.58 9.06
CA TYR F 384 -8.34 7.42 8.77
C TYR F 384 -9.01 7.89 10.06
N TYR F 385 -9.34 9.17 10.09
CA TYR F 385 -10.04 9.74 11.24
C TYR F 385 -10.89 10.91 10.77
N LEU F 386 -11.86 11.28 11.59
CA LEU F 386 -12.83 12.31 11.24
C LEU F 386 -12.37 13.67 11.76
N GLU F 387 -12.39 14.67 10.88
CA GLU F 387 -12.01 16.02 11.23
C GLU F 387 -13.25 16.84 11.52
N ALA F 388 -13.23 17.54 12.65
CA ALA F 388 -14.36 18.41 13.01
C ALA F 388 -14.38 19.65 12.13
N GLY F 389 -15.57 19.99 11.64
CA GLY F 389 -15.74 21.15 10.81
C GLY F 389 -15.95 22.41 11.62
N ALA F 390 -16.21 23.52 10.90
CA ALA F 390 -16.42 24.80 11.56
C ALA F 390 -17.67 24.78 12.42
N LEU F 391 -18.76 24.21 11.90
CA LEU F 391 -20.04 24.26 12.61
C LEU F 391 -19.97 23.51 13.93
N VAL F 392 -19.31 22.35 13.96
CA VAL F 392 -19.24 21.55 15.17
C VAL F 392 -18.50 22.30 16.26
N LEU F 393 -17.39 22.95 15.91
CA LEU F 393 -16.67 23.76 16.88
C LEU F 393 -17.49 24.91 17.40
N ALA F 394 -18.48 25.37 16.63
CA ALA F 394 -19.32 26.49 17.01
C ALA F 394 -20.55 26.05 17.79
N ASP F 395 -20.67 24.77 18.12
CA ASP F 395 -21.83 24.29 18.86
C ASP F 395 -21.97 25.03 20.18
N GLY F 396 -23.18 25.48 20.49
CA GLY F 396 -23.42 26.30 21.65
C GLY F 396 -23.05 27.76 21.47
N GLY F 397 -22.64 28.17 20.27
CA GLY F 397 -22.24 29.55 20.04
C GLY F 397 -22.73 30.08 18.72
N ILE F 398 -21.92 30.89 18.06
CA ILE F 398 -22.28 31.55 16.80
C ILE F 398 -21.16 31.36 15.80
N ALA F 399 -21.51 31.15 14.54
CA ALA F 399 -20.56 31.06 13.44
C ALA F 399 -20.93 32.08 12.37
N VAL F 400 -19.93 32.68 11.75
CA VAL F 400 -20.12 33.71 10.73
C VAL F 400 -19.40 33.29 9.46
N ILE F 401 -20.08 33.43 8.33
CA ILE F 401 -19.57 32.99 7.03
C ILE F 401 -19.66 34.16 6.06
N ASP F 402 -18.61 34.33 5.27
CA ASP F 402 -18.54 35.38 4.26
C ASP F 402 -18.73 34.80 2.87
N GLU F 403 -19.07 35.69 1.93
CA GLU F 403 -19.22 35.39 0.50
C GLU F 403 -19.93 34.05 0.26
N ILE F 404 -21.10 33.90 0.87
CA ILE F 404 -21.91 32.71 0.66
C ILE F 404 -22.71 32.80 -0.64
N ASP F 405 -23.02 34.01 -1.12
CA ASP F 405 -23.75 34.14 -2.38
C ASP F 405 -22.94 33.61 -3.55
N LYS F 406 -21.64 33.89 -3.56
CA LYS F 406 -20.76 33.40 -4.61
C LYS F 406 -20.40 31.93 -4.46
N MET F 407 -20.81 31.29 -3.36
CA MET F 407 -20.57 29.87 -3.18
C MET F 407 -21.30 29.06 -4.25
N ARG F 408 -20.70 27.94 -4.63
CA ARG F 408 -21.28 27.04 -5.60
C ARG F 408 -22.33 26.14 -4.93
N ASP F 409 -22.92 25.24 -5.71
CA ASP F 409 -24.06 24.46 -5.23
C ASP F 409 -23.63 23.34 -4.29
N GLU F 410 -22.46 22.75 -4.50
CA GLU F 410 -22.09 21.56 -3.74
C GLU F 410 -21.94 21.86 -2.25
N ASP F 411 -21.37 23.02 -1.92
CA ASP F 411 -21.19 23.38 -0.52
C ASP F 411 -22.53 23.61 0.16
N ARG F 412 -23.48 24.21 -0.55
CA ARG F 412 -24.79 24.51 0.05
C ARG F 412 -25.48 23.23 0.51
N VAL F 413 -25.31 22.14 -0.24
CA VAL F 413 -25.93 20.89 0.16
C VAL F 413 -25.28 20.36 1.45
N ALA F 414 -24.00 20.67 1.67
CA ALA F 414 -23.32 20.17 2.86
C ALA F 414 -23.96 20.70 4.14
N ILE F 415 -24.36 21.96 4.14
CA ILE F 415 -24.92 22.59 5.33
C ILE F 415 -26.45 22.70 5.27
N HIS F 416 -27.09 22.00 4.33
CA HIS F 416 -28.55 22.03 4.28
C HIS F 416 -29.15 21.46 5.56
N GLU F 417 -28.59 20.36 6.07
CA GLU F 417 -29.10 19.72 7.27
C GLU F 417 -28.35 20.13 8.52
N ALA F 418 -27.10 20.56 8.39
CA ALA F 418 -26.31 20.91 9.58
C ALA F 418 -26.95 22.05 10.37
N MET F 419 -27.43 23.07 9.67
CA MET F 419 -28.02 24.24 10.31
C MET F 419 -29.54 24.23 10.32
N GLU F 420 -30.16 23.10 10.00
CA GLU F 420 -31.60 22.94 10.15
C GLU F 420 -31.96 21.95 11.25
N GLN F 421 -31.40 20.75 11.21
CA GLN F 421 -31.61 19.76 12.26
C GLN F 421 -30.57 19.87 13.38
N GLN F 422 -29.63 20.81 13.26
CA GLN F 422 -28.61 21.07 14.27
C GLN F 422 -27.67 19.88 14.48
N THR F 423 -27.65 18.94 13.54
CA THR F 423 -26.74 17.80 13.60
C THR F 423 -26.08 17.62 12.24
N VAL F 424 -24.90 17.01 12.25
CA VAL F 424 -24.16 16.68 11.04
C VAL F 424 -23.95 15.19 11.00
N SER F 425 -24.35 14.56 9.89
CA SER F 425 -24.23 13.12 9.70
C SER F 425 -23.31 12.86 8.52
N ILE F 426 -22.34 11.97 8.72
CA ILE F 426 -21.32 11.69 7.71
C ILE F 426 -21.20 10.18 7.56
N ALA F 427 -21.03 9.72 6.31
CA ALA F 427 -20.85 8.30 6.00
C ALA F 427 -19.74 8.21 4.96
N LYS F 428 -18.50 8.07 5.43
CA LYS F 428 -17.34 8.08 4.56
C LYS F 428 -16.37 6.99 4.99
N ALA F 429 -15.90 6.21 4.01
CA ALA F 429 -14.78 5.29 4.20
C ALA F 429 -14.98 4.38 5.42
N GLY F 430 -16.18 3.82 5.54
CA GLY F 430 -16.46 2.93 6.64
C GLY F 430 -16.60 3.60 7.99
N ILE F 431 -16.71 4.93 8.03
CA ILE F 431 -16.90 5.68 9.26
C ILE F 431 -18.23 6.41 9.15
N VAL F 432 -19.12 6.15 10.10
CA VAL F 432 -20.44 6.80 10.16
C VAL F 432 -20.58 7.45 11.53
N ALA F 433 -20.95 8.73 11.55
CA ALA F 433 -21.04 9.46 12.79
C ALA F 433 -22.07 10.58 12.66
N LYS F 434 -22.63 10.96 13.81
CA LYS F 434 -23.53 12.10 13.92
C LYS F 434 -23.03 13.00 15.03
N LEU F 435 -22.85 14.29 14.72
CA LEU F 435 -22.29 15.24 15.67
C LEU F 435 -23.20 16.44 15.80
N ASN F 436 -23.24 17.00 17.00
CA ASN F 436 -24.09 18.16 17.29
C ASN F 436 -23.56 19.41 16.59
N ALA F 437 -24.47 20.19 16.04
CA ALA F 437 -24.12 21.46 15.39
C ALA F 437 -25.10 22.54 15.83
N ARG F 438 -25.40 22.61 17.12
CA ARG F 438 -26.33 23.60 17.64
C ARG F 438 -25.68 24.97 17.68
N ALA F 439 -25.90 25.77 16.64
CA ALA F 439 -25.30 27.09 16.55
C ALA F 439 -26.13 27.95 15.63
N ALA F 440 -25.90 29.25 15.69
CA ALA F 440 -26.53 30.23 14.82
C ALA F 440 -25.50 30.73 13.82
N VAL F 441 -25.91 30.84 12.56
CA VAL F 441 -25.01 31.23 11.47
C VAL F 441 -25.37 32.63 11.01
N ILE F 442 -24.33 33.42 10.69
CA ILE F 442 -24.49 34.75 10.11
C ILE F 442 -23.76 34.74 8.77
N ALA F 443 -24.47 35.09 7.71
CA ALA F 443 -23.96 34.97 6.35
C ALA F 443 -23.85 36.33 5.69
N ALA F 444 -22.69 36.61 5.10
CA ALA F 444 -22.44 37.85 4.38
C ALA F 444 -22.00 37.51 2.96
N GLY F 445 -22.52 38.27 1.99
CA GLY F 445 -22.21 38.00 0.61
C GLY F 445 -22.37 39.20 -0.31
N ASN F 446 -22.23 38.97 -1.62
CA ASN F 446 -22.33 39.99 -2.64
C ASN F 446 -23.44 39.65 -3.62
N PRO F 447 -24.04 40.66 -4.27
CA PRO F 447 -25.12 40.36 -5.23
C PRO F 447 -24.65 39.55 -6.42
N LYS F 448 -25.57 39.23 -7.33
CA LYS F 448 -25.22 38.40 -8.48
C LYS F 448 -24.15 39.05 -9.34
N PHE F 449 -24.28 40.35 -9.59
CA PHE F 449 -23.31 41.10 -10.39
C PHE F 449 -22.65 42.21 -9.59
N GLY F 450 -22.60 42.08 -8.27
CA GLY F 450 -22.06 43.11 -7.43
C GLY F 450 -23.03 44.21 -7.05
N ARG F 451 -24.26 44.17 -7.56
CA ARG F 451 -25.26 45.18 -7.26
C ARG F 451 -26.63 44.61 -7.58
N TYR F 452 -27.66 45.27 -7.03
CA TYR F 452 -29.04 44.92 -7.38
C TYR F 452 -29.28 45.17 -8.86
N ILE F 453 -30.00 44.24 -9.49
CA ILE F 453 -30.34 44.34 -10.90
C ILE F 453 -31.85 44.55 -10.99
N SER F 454 -32.26 45.73 -11.45
CA SER F 454 -33.68 46.05 -11.50
C SER F 454 -34.38 45.31 -12.63
N GLU F 455 -33.76 45.24 -13.80
CA GLU F 455 -34.38 44.56 -14.93
C GLU F 455 -34.56 43.07 -14.65
N ARG F 456 -33.59 42.47 -13.97
CA ARG F 456 -33.74 41.07 -13.58
C ARG F 456 -34.84 40.94 -12.53
N PRO F 457 -35.62 39.87 -12.57
CA PRO F 457 -36.69 39.70 -11.58
C PRO F 457 -36.12 39.49 -10.18
N VAL F 458 -36.96 39.80 -9.19
CA VAL F 458 -36.55 39.68 -7.80
C VAL F 458 -36.22 38.24 -7.42
N SER F 459 -36.74 37.26 -8.18
CA SER F 459 -36.54 35.86 -7.82
C SER F 459 -35.06 35.47 -7.85
N ASP F 460 -34.38 35.76 -8.96
CA ASP F 460 -33.00 35.37 -9.12
C ASP F 460 -32.02 36.47 -8.73
N ASN F 461 -32.51 37.62 -8.25
CA ASN F 461 -31.61 38.68 -7.81
C ASN F 461 -30.74 38.21 -6.65
N ILE F 462 -31.33 37.40 -5.75
CA ILE F 462 -30.55 36.83 -4.66
C ILE F 462 -29.48 35.89 -5.19
N ASN F 463 -29.78 35.18 -6.28
CA ASN F 463 -28.83 34.25 -6.92
C ASN F 463 -28.44 33.12 -5.97
N LEU F 464 -29.44 32.55 -5.30
CA LEU F 464 -29.23 31.42 -4.41
C LEU F 464 -30.40 30.46 -4.55
N PRO F 465 -30.18 29.17 -4.28
CA PRO F 465 -31.27 28.20 -4.35
C PRO F 465 -32.37 28.54 -3.34
N PRO F 466 -33.63 28.33 -3.71
CA PRO F 466 -34.72 28.61 -2.76
C PRO F 466 -34.64 27.79 -1.49
N THR F 467 -34.06 26.58 -1.56
CA THR F 467 -34.03 25.71 -0.39
C THR F 467 -33.17 26.29 0.72
N ILE F 468 -31.94 26.68 0.39
CA ILE F 468 -31.05 27.23 1.40
C ILE F 468 -31.56 28.58 1.90
N LEU F 469 -32.18 29.36 1.01
CA LEU F 469 -32.72 30.65 1.43
C LEU F 469 -33.89 30.49 2.39
N SER F 470 -34.69 29.44 2.24
CA SER F 470 -35.85 29.26 3.09
C SER F 470 -35.48 28.99 4.53
N ARG F 471 -34.23 28.61 4.81
CA ARG F 471 -33.79 28.30 6.16
C ARG F 471 -33.27 29.51 6.91
N PHE F 472 -33.24 30.68 6.29
CA PHE F 472 -32.71 31.89 6.92
C PHE F 472 -33.87 32.73 7.45
N ASP F 473 -33.75 33.15 8.72
CA ASP F 473 -34.82 33.90 9.35
C ASP F 473 -34.98 35.28 8.73
N LEU F 474 -33.88 36.01 8.58
CA LEU F 474 -33.92 37.38 8.10
C LEU F 474 -32.83 37.59 7.06
N ILE F 475 -33.20 38.21 5.94
CA ILE F 475 -32.28 38.52 4.86
C ILE F 475 -32.40 40.00 4.53
N PHE F 476 -31.26 40.68 4.42
CA PHE F 476 -31.21 42.08 4.02
C PHE F 476 -30.11 42.26 2.99
N ILE F 477 -30.44 42.83 1.85
CA ILE F 477 -29.48 43.10 0.80
C ILE F 477 -29.11 44.58 0.86
N LEU F 478 -27.81 44.85 1.05
CA LEU F 478 -27.29 46.20 1.20
C LEU F 478 -26.32 46.51 0.08
N LYS F 479 -26.37 47.74 -0.41
CA LYS F 479 -25.57 48.16 -1.56
C LYS F 479 -24.75 49.38 -1.19
N ASP F 480 -23.71 49.63 -1.98
CA ASP F 480 -22.89 50.83 -1.85
C ASP F 480 -23.40 51.95 -2.75
N GLN F 481 -24.68 52.29 -2.59
CA GLN F 481 -25.33 53.27 -3.46
C GLN F 481 -24.90 54.68 -3.07
N PRO F 482 -24.35 55.46 -3.99
CA PRO F 482 -24.03 56.86 -3.68
C PRO F 482 -25.27 57.69 -3.48
N GLY F 483 -25.14 58.73 -2.66
CA GLY F 483 -26.27 59.60 -2.38
C GLY F 483 -25.97 60.52 -1.21
N GLU F 484 -27.04 60.89 -0.50
CA GLU F 484 -26.89 61.77 0.66
C GLU F 484 -26.06 61.09 1.76
N GLN F 485 -26.17 59.77 1.88
CA GLN F 485 -25.44 59.05 2.92
C GLN F 485 -23.94 59.17 2.78
N ASP F 486 -23.43 59.46 1.57
CA ASP F 486 -21.99 59.48 1.36
C ASP F 486 -21.32 60.52 2.23
N ARG F 487 -21.89 61.72 2.30
CA ARG F 487 -21.23 62.81 3.02
C ARG F 487 -21.26 62.58 4.52
N GLU F 488 -22.41 62.22 5.07
CA GLU F 488 -22.53 62.04 6.52
C GLU F 488 -21.68 60.88 7.00
N LEU F 489 -21.64 59.78 6.24
CA LEU F 489 -20.78 58.66 6.61
C LEU F 489 -19.31 59.00 6.41
N ALA F 490 -18.98 59.87 5.45
CA ALA F 490 -17.59 60.27 5.27
C ALA F 490 -17.06 61.00 6.49
N ASN F 491 -17.86 61.89 7.08
CA ASN F 491 -17.44 62.56 8.29
C ASN F 491 -17.50 61.63 9.49
N TYR F 492 -18.37 60.61 9.45
CA TYR F 492 -18.47 59.67 10.56
C TYR F 492 -17.19 58.88 10.73
N ILE F 493 -16.59 58.41 9.63
CA ILE F 493 -15.33 57.67 9.73
C ILE F 493 -14.21 58.62 10.12
N LEU F 494 -14.31 59.89 9.73
CA LEU F 494 -13.37 60.89 10.24
C LEU F 494 -13.45 61.00 11.75
N ASP F 495 -14.67 60.99 12.29
CA ASP F 495 -14.83 60.97 13.74
C ASP F 495 -14.22 59.70 14.34
N VAL F 496 -14.45 58.56 13.68
CA VAL F 496 -13.85 57.31 14.14
C VAL F 496 -12.33 57.37 14.01
N HIS F 497 -11.83 57.89 12.89
CA HIS F 497 -10.39 58.00 12.70
C HIS F 497 -9.78 58.97 13.69
N SER F 498 -10.48 60.08 13.96
CA SER F 498 -9.94 61.07 14.90
C SER F 498 -9.84 60.50 16.31
N GLY F 499 -10.83 59.72 16.73
CA GLY F 499 -10.83 59.17 18.07
C GLY F 499 -12.05 59.51 18.89
N LYS F 500 -13.17 59.76 18.22
CA LYS F 500 -14.42 60.07 18.93
C LYS F 500 -14.86 58.86 19.76
N SER F 501 -15.44 59.15 20.92
CA SER F 501 -15.93 58.12 21.83
C SER F 501 -17.40 58.39 22.13
N THR F 502 -18.29 57.67 21.44
CA THR F 502 -19.72 57.83 21.65
C THR F 502 -20.12 57.24 23.00
N LYS F 503 -20.94 57.99 23.73
CA LYS F 503 -21.40 57.58 25.05
C LYS F 503 -22.86 57.13 24.97
N ASN F 504 -23.46 56.88 26.14
CA ASN F 504 -24.83 56.38 26.24
C ASN F 504 -25.02 55.05 25.52
N ILE F 505 -23.98 54.21 25.59
CA ILE F 505 -24.03 52.86 25.04
C ILE F 505 -23.57 51.89 26.11
N ILE F 506 -24.28 50.79 26.26
CA ILE F 506 -23.90 49.78 27.25
C ILE F 506 -22.54 49.23 26.90
N ASP F 507 -21.67 49.11 27.90
CA ASP F 507 -20.29 48.72 27.66
C ASP F 507 -20.22 47.30 27.06
N ILE F 508 -19.24 47.10 26.19
CA ILE F 508 -19.09 45.82 25.52
C ILE F 508 -18.81 44.71 26.52
N ASP F 509 -18.14 45.03 27.63
CA ASP F 509 -17.89 44.03 28.66
C ASP F 509 -19.17 43.72 29.42
N THR F 510 -19.92 44.77 29.79
CA THR F 510 -21.19 44.56 30.49
C THR F 510 -22.20 43.86 29.59
N LEU F 511 -22.22 44.22 28.31
CA LEU F 511 -23.15 43.58 27.38
C LEU F 511 -22.88 42.09 27.27
N ARG F 512 -21.60 41.71 27.21
CA ARG F 512 -21.26 40.28 27.17
C ARG F 512 -21.80 39.56 28.38
N LYS F 513 -21.62 40.14 29.57
CA LYS F 513 -22.22 39.56 30.76
C LYS F 513 -23.74 39.62 30.72
N TYR F 514 -24.28 40.68 30.11
CA TYR F 514 -25.73 40.82 30.05
C TYR F 514 -26.36 39.72 29.19
N ILE F 515 -25.82 39.51 28.00
CA ILE F 515 -26.39 38.52 27.09
C ILE F 515 -26.25 37.12 27.66
N ALA F 516 -25.08 36.79 28.20
CA ALA F 516 -24.85 35.46 28.73
C ALA F 516 -25.80 35.13 29.87
N TYR F 517 -26.05 36.10 30.75
CA TYR F 517 -27.00 35.86 31.84
C TYR F 517 -28.41 35.63 31.30
N ALA F 518 -28.82 36.41 30.32
CA ALA F 518 -30.20 36.31 29.82
C ALA F 518 -30.46 34.95 29.19
N ARG F 519 -29.51 34.43 28.43
CA ARG F 519 -29.67 33.15 27.76
C ARG F 519 -29.76 31.98 28.72
N LYS F 520 -29.43 32.20 30.00
CA LYS F 520 -29.43 31.13 30.98
C LYS F 520 -30.63 31.14 31.91
N TYR F 521 -31.45 32.19 31.89
CA TYR F 521 -32.55 32.29 32.84
C TYR F 521 -33.84 32.85 32.27
N VAL F 522 -33.90 33.13 30.96
CA VAL F 522 -35.10 33.69 30.35
C VAL F 522 -35.68 32.68 29.38
N THR F 523 -36.90 32.22 29.67
CA THR F 523 -37.60 31.26 28.83
C THR F 523 -39.01 31.79 28.59
N PRO F 524 -39.17 32.72 27.64
CA PRO F 524 -40.50 33.29 27.38
C PRO F 524 -41.47 32.21 26.91
N LYS F 525 -42.73 32.42 27.26
CA LYS F 525 -43.80 31.46 26.93
C LYS F 525 -44.88 32.16 26.13
N ILE F 526 -45.35 31.47 25.08
CA ILE F 526 -46.36 32.04 24.19
C ILE F 526 -47.71 32.02 24.88
N THR F 527 -48.43 33.14 24.80
CA THR F 527 -49.76 33.27 25.37
C THR F 527 -50.80 33.34 24.26
N SER F 528 -52.07 33.25 24.67
CA SER F 528 -53.16 33.20 23.70
C SER F 528 -53.25 34.48 22.89
N GLU F 529 -53.09 35.63 23.53
CA GLU F 529 -53.20 36.89 22.80
C GLU F 529 -52.11 37.04 21.76
N ALA F 530 -50.88 36.66 22.10
CA ALA F 530 -49.77 36.81 21.16
C ALA F 530 -49.93 35.89 19.96
N LYS F 531 -50.44 34.68 20.17
CA LYS F 531 -50.60 33.73 19.08
C LYS F 531 -51.66 34.17 18.09
N ASN F 532 -52.61 35.01 18.49
CA ASN F 532 -53.68 35.42 17.59
C ASN F 532 -53.13 36.30 16.48
N LEU F 533 -52.27 37.26 16.81
CA LEU F 533 -51.68 38.12 15.79
C LEU F 533 -50.81 37.32 14.84
N ILE F 534 -50.01 36.40 15.38
CA ILE F 534 -49.09 35.62 14.54
C ILE F 534 -49.87 34.74 13.58
N THR F 535 -50.91 34.05 14.09
CA THR F 535 -51.69 33.17 13.25
C THR F 535 -52.32 33.92 12.09
N ASP F 536 -52.98 35.05 12.39
CA ASP F 536 -53.62 35.83 11.33
C ASP F 536 -52.59 36.39 10.36
N PHE F 537 -51.45 36.84 10.88
CA PHE F 537 -50.43 37.43 10.00
C PHE F 537 -49.86 36.38 9.05
N PHE F 538 -49.65 35.16 9.54
CA PHE F 538 -49.10 34.11 8.67
C PHE F 538 -50.11 33.70 7.59
N VAL F 539 -51.40 33.71 7.91
CA VAL F 539 -52.40 33.29 6.93
C VAL F 539 -52.36 34.20 5.72
N GLU F 540 -52.33 35.52 5.94
CA GLU F 540 -52.21 36.44 4.82
C GLU F 540 -50.81 36.44 4.22
N MET F 541 -49.82 36.04 5.01
CA MET F 541 -48.47 35.87 4.47
C MET F 541 -48.46 34.88 3.30
N ARG F 542 -49.00 33.69 3.52
CA ARG F 542 -49.03 32.69 2.46
C ARG F 542 -50.10 33.03 1.42
N LYS F 543 -51.14 33.74 1.83
CA LYS F 543 -52.19 34.13 0.90
C LYS F 543 -51.64 35.08 -0.18
N LYS F 544 -50.76 35.99 0.21
CA LYS F 544 -50.20 36.93 -0.75
C LYS F 544 -49.38 36.21 -1.82
N SER F 545 -48.45 35.36 -1.40
CA SER F 545 -47.57 34.71 -2.36
C SER F 545 -48.33 33.78 -3.28
N SER F 546 -49.48 33.27 -2.84
CA SER F 546 -50.34 32.52 -3.74
C SER F 546 -50.85 33.40 -4.87
N GLU F 547 -51.21 34.65 -4.56
CA GLU F 547 -51.71 35.55 -5.58
C GLU F 547 -50.61 35.97 -6.55
N THR F 548 -49.40 36.23 -6.03
CA THR F 548 -48.30 36.69 -6.86
C THR F 548 -47.36 35.53 -7.15
N PRO F 549 -47.33 34.99 -8.37
CA PRO F 549 -46.44 33.87 -8.67
C PRO F 549 -44.98 34.26 -8.81
N ASP F 550 -44.66 35.54 -8.78
CA ASP F 550 -43.29 36.02 -8.92
C ASP F 550 -42.63 36.33 -7.59
N SER F 551 -43.02 35.60 -6.54
CA SER F 551 -42.44 35.84 -5.23
C SER F 551 -40.97 35.45 -5.23
N PRO F 552 -40.06 36.36 -4.89
CA PRO F 552 -38.62 36.01 -4.92
C PRO F 552 -38.25 34.90 -3.96
N ILE F 553 -38.90 34.83 -2.79
CA ILE F 553 -38.58 33.83 -1.77
C ILE F 553 -39.85 33.07 -1.44
N LEU F 554 -39.74 31.75 -1.35
CA LEU F 554 -40.87 30.92 -0.98
C LEU F 554 -41.28 31.20 0.46
N ILE F 555 -42.58 31.18 0.71
CA ILE F 555 -43.14 31.39 2.05
C ILE F 555 -43.44 30.02 2.62
N THR F 556 -42.45 29.45 3.29
CA THR F 556 -42.54 28.12 3.87
C THR F 556 -42.86 28.21 5.35
N PRO F 557 -43.38 27.12 5.94
CA PRO F 557 -43.61 27.11 7.40
C PRO F 557 -42.34 27.38 8.21
N ARG F 558 -41.16 27.32 7.58
CA ARG F 558 -39.96 27.77 8.27
C ARG F 558 -40.05 29.23 8.67
N GLN F 559 -40.78 30.03 7.88
CA GLN F 559 -40.98 31.44 8.23
C GLN F 559 -41.77 31.57 9.51
N LEU F 560 -42.81 30.74 9.69
CA LEU F 560 -43.58 30.78 10.93
C LEU F 560 -42.70 30.45 12.13
N GLU F 561 -41.84 29.43 12.01
CA GLU F 561 -40.93 29.12 13.09
C GLU F 561 -39.98 30.27 13.36
N ALA F 562 -39.47 30.90 12.30
CA ALA F 562 -38.62 32.07 12.49
C ALA F 562 -39.38 33.19 13.19
N LEU F 563 -40.63 33.41 12.79
CA LEU F 563 -41.43 34.47 13.41
C LEU F 563 -41.64 34.19 14.90
N ILE F 564 -41.91 32.93 15.25
CA ILE F 564 -42.10 32.59 16.66
C ILE F 564 -40.80 32.78 17.42
N ARG F 565 -39.67 32.41 16.82
CA ARG F 565 -38.38 32.57 17.50
C ARG F 565 -38.09 34.03 17.76
N ILE F 566 -38.43 34.91 16.83
CA ILE F 566 -38.16 36.34 17.01
C ILE F 566 -38.92 36.88 18.22
N SER F 567 -40.19 36.52 18.34
CA SER F 567 -40.98 37.00 19.48
C SER F 567 -40.40 36.50 20.79
N GLU F 568 -39.97 35.24 20.83
CA GLU F 568 -39.34 34.72 22.05
C GLU F 568 -38.05 35.47 22.36
N ALA F 569 -37.25 35.76 21.34
CA ALA F 569 -36.01 36.49 21.56
C ALA F 569 -36.27 37.93 21.97
N TYR F 570 -37.35 38.54 21.47
CA TYR F 570 -37.66 39.92 21.83
C TYR F 570 -37.97 40.05 23.32
N ALA F 571 -38.66 39.07 23.88
CA ALA F 571 -38.93 39.08 25.32
C ALA F 571 -37.68 38.81 26.14
N LYS F 572 -36.58 38.41 25.50
CA LYS F 572 -35.40 38.00 26.27
C LYS F 572 -34.61 39.20 26.79
N MET F 573 -34.24 40.14 25.91
CA MET F 573 -33.51 41.29 26.44
C MET F 573 -34.38 42.18 27.32
N ALA F 574 -35.70 42.00 27.27
CA ALA F 574 -36.59 42.60 28.26
C ALA F 574 -36.67 41.77 29.53
N LEU F 575 -36.01 40.61 29.56
CA LEU F 575 -36.01 39.72 30.72
C LEU F 575 -37.44 39.36 31.13
N LYS F 576 -38.27 39.06 30.14
CA LYS F 576 -39.66 38.71 30.37
C LYS F 576 -39.84 37.21 30.24
N ALA F 577 -40.55 36.62 31.19
CA ALA F 577 -40.86 35.20 31.16
C ALA F 577 -42.16 34.91 30.43
N GLU F 578 -42.79 35.91 29.84
CA GLU F 578 -44.06 35.75 29.14
C GLU F 578 -44.05 36.62 27.90
N VAL F 579 -44.56 36.08 26.80
CA VAL F 579 -44.62 36.82 25.54
C VAL F 579 -45.85 37.70 25.55
N THR F 580 -45.64 39.01 25.42
CA THR F 580 -46.71 39.99 25.53
C THR F 580 -47.23 40.38 24.16
N ARG F 581 -48.24 41.24 24.15
CA ARG F 581 -48.82 41.71 22.89
C ARG F 581 -47.82 42.53 22.10
N GLU F 582 -47.06 43.39 22.77
CA GLU F 582 -46.13 44.26 22.05
C GLU F 582 -45.01 43.47 21.41
N ASP F 583 -44.62 42.34 22.01
CA ASP F 583 -43.53 41.54 21.45
C ASP F 583 -43.92 40.97 20.10
N ALA F 584 -45.12 40.42 19.98
CA ALA F 584 -45.59 39.92 18.69
C ALA F 584 -45.68 41.05 17.68
N GLU F 585 -46.23 42.19 18.10
CA GLU F 585 -46.29 43.36 17.21
C GLU F 585 -44.89 43.83 16.84
N ARG F 586 -43.98 43.89 17.83
CA ARG F 586 -42.63 44.35 17.58
C ARG F 586 -41.86 43.42 16.66
N ALA F 587 -42.28 42.16 16.54
CA ALA F 587 -41.63 41.21 15.65
C ALA F 587 -42.18 41.26 14.23
N ILE F 588 -43.42 41.72 14.05
CA ILE F 588 -44.01 41.71 12.72
C ILE F 588 -43.36 42.76 11.83
N ASN F 589 -43.03 43.93 12.38
CA ASN F 589 -42.49 45.00 11.54
C ASN F 589 -41.12 44.64 11.00
N ILE F 590 -40.26 44.04 11.82
CA ILE F 590 -38.86 43.85 11.42
C ILE F 590 -38.76 42.90 10.23
N MET F 591 -39.51 41.79 10.28
CA MET F 591 -39.48 40.89 9.13
C MET F 591 -40.38 41.39 7.99
N ARG F 592 -41.28 42.32 8.27
CA ARG F 592 -41.93 43.05 7.19
C ARG F 592 -40.91 43.88 6.42
N LEU F 593 -39.98 44.52 7.14
CA LEU F 593 -38.87 45.21 6.47
C LEU F 593 -38.03 44.24 5.68
N PHE F 594 -37.94 42.98 6.13
CA PHE F 594 -37.23 41.97 5.36
C PHE F 594 -37.86 41.76 4.00
N LEU F 595 -39.20 41.76 3.95
CA LEU F 595 -39.90 41.56 2.68
C LEU F 595 -39.54 42.65 1.67
N GLU F 596 -39.68 43.91 2.09
CA GLU F 596 -39.38 45.02 1.19
C GLU F 596 -37.89 45.11 0.89
N SER F 597 -37.03 44.56 1.75
CA SER F 597 -35.61 44.58 1.47
C SER F 597 -35.29 43.80 0.20
N VAL F 598 -35.90 42.63 0.03
CA VAL F 598 -35.65 41.82 -1.16
C VAL F 598 -36.53 42.21 -2.34
N GLY F 599 -37.64 42.91 -2.09
CA GLY F 599 -38.52 43.31 -3.18
C GLY F 599 -39.88 42.67 -3.11
N VAL F 600 -40.35 42.37 -1.90
CA VAL F 600 -41.67 41.78 -1.70
C VAL F 600 -42.65 42.90 -1.37
N ASP F 601 -43.69 43.03 -2.19
CA ASP F 601 -44.72 44.04 -1.99
C ASP F 601 -45.74 43.52 -0.99
N MET F 602 -46.34 44.43 -0.22
CA MET F 602 -47.25 44.04 0.84
C MET F 602 -48.67 43.90 0.33
#